data_8R98
#
_entry.id   8R98
#
_cell.length_a   150.108
_cell.length_b   84.964
_cell.length_c   296.943
_cell.angle_alpha   90.00
_cell.angle_beta   96.87
_cell.angle_gamma   90.00
#
_symmetry.space_group_name_H-M   'C 1 2 1'
#
loop_
_entity.id
_entity.type
_entity.pdbx_description
1 polymer 'cryorhodopsin CryoR2'
2 non-polymer EICOSANE
3 non-polymer 'PHOSPHATE ION'
4 non-polymer RETINAL
5 non-polymer 'OLEIC ACID'
#
_entity_poly.entity_id   1
_entity_poly.type   'polypeptide(L)'
_entity_poly.pdbx_seq_one_letter_code
;MRLTNVSVPWGATLSNAEHQLIFYFLVVAALAFVAGFIRTYITRNEVGSRYRTAVSARLGMLGVALLAYILIIVAFLLGY
DSTAGGWVPNDGAINIFSTRYIEWTVSVPLLTIELLAVCATLGVQARRNTAIAVTATGAMIFCGFLGAIVIDNGTNTGAF
ILWAVISCVFWVIANVVLIRAVRQSLPTLTPESHTMLKSAAIVLLAGWVVYPIVYFLPLFGASGGLTTTILITLTVADVI
VKLGFSTQTHRVAKLRTAEDVRAGDDVHPESIWISSVKQSDAGLPREVYLAEGAAVHDRRTKPPTSAAVASPEAPLPPDS
TPLDGGY
;
_entity_poly.pdbx_strand_id   A,B,C,D,E,H,G,F,I,K
#
loop_
_chem_comp.id
_chem_comp.type
_chem_comp.name
_chem_comp.formula
LFA non-polymer EICOSANE 'C20 H42'
OLA non-polymer 'OLEIC ACID' 'C18 H34 O2'
PO4 non-polymer 'PHOSPHATE ION' 'O4 P -3'
RET non-polymer RETINAL 'C20 H28 O'
#
# COMPACT_ATOMS: atom_id res chain seq x y z
N THR A 4 -50.55 14.28 56.87
CA THR A 4 -50.95 15.47 57.66
C THR A 4 -51.71 16.45 56.76
N ASN A 5 -51.02 17.49 56.24
CA ASN A 5 -51.63 18.55 55.40
C ASN A 5 -50.70 18.89 54.22
N VAL A 6 -51.22 18.84 52.99
CA VAL A 6 -50.46 19.22 51.76
C VAL A 6 -50.64 20.73 51.53
N SER A 7 -49.53 21.47 51.47
CA SER A 7 -49.49 22.95 51.24
C SER A 7 -48.72 23.22 49.93
N VAL A 8 -49.42 23.38 48.81
CA VAL A 8 -48.83 23.61 47.46
C VAL A 8 -47.74 24.68 47.57
N PRO A 9 -46.52 24.40 47.04
CA PRO A 9 -45.41 25.34 47.14
C PRO A 9 -45.57 26.61 46.28
N TRP A 10 -46.34 26.52 45.20
CA TRP A 10 -46.58 27.62 44.23
C TRP A 10 -47.59 28.62 44.79
N GLY A 11 -47.98 28.44 46.06
CA GLY A 11 -48.92 29.33 46.78
C GLY A 11 -48.17 30.37 47.61
N ALA A 12 -46.94 30.05 48.01
CA ALA A 12 -46.07 30.89 48.87
C ALA A 12 -45.56 32.12 48.11
N THR A 13 -45.58 33.29 48.75
CA THR A 13 -44.96 34.55 48.25
C THR A 13 -43.46 34.48 48.55
N LEU A 14 -42.63 34.93 47.61
CA LEU A 14 -41.14 34.84 47.70
C LEU A 14 -40.54 36.24 47.85
N SER A 15 -39.49 36.34 48.66
CA SER A 15 -38.75 37.61 48.93
C SER A 15 -37.90 37.96 47.69
N ASN A 16 -37.49 39.22 47.55
CA ASN A 16 -36.65 39.70 46.42
C ASN A 16 -35.34 38.91 46.43
N ALA A 17 -34.78 38.66 47.61
CA ALA A 17 -33.54 37.88 47.82
C ALA A 17 -33.76 36.44 47.31
N GLU A 18 -34.83 35.79 47.78
CA GLU A 18 -35.21 34.41 47.38
C GLU A 18 -35.37 34.35 45.86
N HIS A 19 -36.13 35.28 45.27
CA HIS A 19 -36.40 35.38 43.81
C HIS A 19 -35.07 35.41 43.05
N GLN A 20 -34.08 36.17 43.55
CA GLN A 20 -32.75 36.32 42.91
C GLN A 20 -32.00 34.97 42.96
N LEU A 21 -31.94 34.36 44.16
CA LEU A 21 -31.27 33.05 44.40
C LEU A 21 -31.79 32.01 43.39
N ILE A 22 -33.10 31.80 43.34
CA ILE A 22 -33.76 30.79 42.47
C ILE A 22 -33.29 31.03 41.03
N PHE A 23 -33.37 32.27 40.54
CA PHE A 23 -32.95 32.68 39.18
C PHE A 23 -31.48 32.28 38.96
N TYR A 24 -30.62 32.67 39.90
CA TYR A 24 -29.16 32.40 39.90
C TYR A 24 -28.91 30.91 39.62
N PHE A 25 -29.42 30.03 40.48
CA PHE A 25 -29.23 28.55 40.42
C PHE A 25 -29.80 27.99 39.12
N LEU A 26 -31.02 28.38 38.76
CA LEU A 26 -31.71 27.88 37.53
C LEU A 26 -30.83 28.15 36.31
N VAL A 27 -30.43 29.40 36.08
CA VAL A 27 -29.60 29.84 34.92
C VAL A 27 -28.25 29.11 34.99
N VAL A 28 -27.55 29.21 36.13
CA VAL A 28 -26.24 28.54 36.36
C VAL A 28 -26.36 27.09 35.90
N ALA A 29 -27.40 26.39 36.34
CA ALA A 29 -27.71 24.98 35.98
C ALA A 29 -27.76 24.85 34.46
N ALA A 30 -28.63 25.62 33.81
CA ALA A 30 -28.83 25.64 32.34
C ALA A 30 -27.48 25.80 31.64
N LEU A 31 -26.69 26.80 32.06
CA LEU A 31 -25.35 27.10 31.50
C LEU A 31 -24.41 25.91 31.73
N ALA A 32 -24.46 25.33 32.94
CA ALA A 32 -23.65 24.16 33.34
C ALA A 32 -23.93 23.01 32.35
N PHE A 33 -25.19 22.85 31.95
CA PHE A 33 -25.64 21.81 30.99
C PHE A 33 -25.07 22.12 29.60
N VAL A 34 -25.10 23.40 29.19
CA VAL A 34 -24.53 23.88 27.90
C VAL A 34 -23.06 23.47 27.85
N ALA A 35 -22.31 23.77 28.90
CA ALA A 35 -20.88 23.43 29.07
C ALA A 35 -20.71 21.91 28.98
N GLY A 36 -21.58 21.17 29.67
CA GLY A 36 -21.58 19.70 29.67
C GLY A 36 -21.89 19.14 28.29
N PHE A 37 -22.95 19.65 27.66
CA PHE A 37 -23.42 19.25 26.30
C PHE A 37 -22.26 19.42 25.31
N ILE A 38 -21.61 20.59 25.35
CA ILE A 38 -20.44 20.92 24.47
C ILE A 38 -19.33 19.90 24.69
N ARG A 39 -18.96 19.67 25.96
CA ARG A 39 -17.89 18.69 26.33
C ARG A 39 -18.24 17.31 25.78
N THR A 40 -19.44 16.81 26.10
CA THR A 40 -19.93 15.47 25.69
C THR A 40 -19.79 15.31 24.18
N TYR A 41 -20.23 16.32 23.41
CA TYR A 41 -20.21 16.33 21.93
C TYR A 41 -18.76 16.23 21.43
N ILE A 42 -17.86 17.10 21.91
CA ILE A 42 -16.43 17.14 21.50
C ILE A 42 -15.76 15.82 21.85
N THR A 43 -16.08 15.24 23.01
CA THR A 43 -15.52 13.95 23.50
C THR A 43 -16.51 12.82 23.18
N ARG A 44 -16.95 12.72 21.93
CA ARG A 44 -17.93 11.69 21.48
C ARG A 44 -17.20 10.56 20.75
N ASN A 45 -16.11 10.89 20.05
CA ASN A 45 -15.33 9.94 19.21
C ASN A 45 -14.23 9.29 20.06
N GLU A 46 -14.21 9.55 21.37
CA GLU A 46 -13.26 8.94 22.34
C GLU A 46 -13.75 7.52 22.67
N VAL A 47 -14.96 7.17 22.20
CA VAL A 47 -15.63 5.87 22.47
C VAL A 47 -15.83 5.12 21.15
N GLY A 48 -15.85 3.78 21.21
CA GLY A 48 -16.06 2.89 20.05
C GLY A 48 -17.52 2.82 19.65
N SER A 49 -17.82 2.13 18.55
CA SER A 49 -19.20 1.98 17.99
C SER A 49 -20.08 1.18 18.94
N ARG A 50 -19.50 0.15 19.59
CA ARG A 50 -20.20 -0.82 20.47
C ARG A 50 -20.93 -0.09 21.60
N TYR A 51 -20.29 0.94 22.20
CA TYR A 51 -20.79 1.65 23.40
C TYR A 51 -21.24 3.07 23.04
N ARG A 52 -21.51 3.34 21.76
CA ARG A 52 -21.88 4.70 21.28
C ARG A 52 -23.24 5.10 21.86
N THR A 53 -24.11 4.12 22.14
CA THR A 53 -25.47 4.36 22.69
C THR A 53 -25.34 5.17 23.98
N ALA A 54 -24.30 4.91 24.77
CA ALA A 54 -23.99 5.61 26.04
C ALA A 54 -23.80 7.10 25.76
N VAL A 55 -23.00 7.45 24.75
CA VAL A 55 -22.70 8.86 24.34
C VAL A 55 -24.00 9.52 23.87
N SER A 56 -24.72 8.88 22.94
CA SER A 56 -25.99 9.38 22.36
C SER A 56 -26.99 9.70 23.48
N ALA A 57 -27.13 8.81 24.46
CA ALA A 57 -28.08 8.92 25.60
C ALA A 57 -27.71 10.15 26.44
N ARG A 58 -26.45 10.27 26.86
CA ARG A 58 -26.00 11.37 27.74
C ARG A 58 -26.20 12.71 27.02
N LEU A 59 -25.71 12.84 25.78
CA LEU A 59 -25.86 14.09 24.98
C LEU A 59 -27.34 14.45 24.91
N GLY A 60 -28.21 13.46 24.69
CA GLY A 60 -29.68 13.64 24.65
C GLY A 60 -30.20 14.17 25.98
N MET A 61 -29.84 13.51 27.08
CA MET A 61 -30.23 13.89 28.46
C MET A 61 -29.86 15.36 28.71
N LEU A 62 -28.60 15.72 28.45
CA LEU A 62 -28.07 17.09 28.63
C LEU A 62 -28.88 18.07 27.77
N GLY A 63 -29.09 17.74 26.49
CA GLY A 63 -29.90 18.54 25.56
C GLY A 63 -31.29 18.80 26.11
N VAL A 64 -31.97 17.75 26.57
CA VAL A 64 -33.34 17.81 27.17
C VAL A 64 -33.30 18.74 28.39
N ALA A 65 -32.34 18.51 29.29
CA ALA A 65 -32.13 19.30 30.53
C ALA A 65 -32.01 20.79 30.19
N LEU A 66 -31.11 21.13 29.26
CA LEU A 66 -30.84 22.52 28.81
C LEU A 66 -32.17 23.19 28.43
N LEU A 67 -32.87 22.63 27.43
CA LEU A 67 -34.17 23.15 26.92
C LEU A 67 -35.19 23.23 28.06
N ALA A 68 -35.29 22.16 28.86
CA ALA A 68 -36.22 22.05 30.01
C ALA A 68 -35.98 23.23 30.96
N TYR A 69 -34.74 23.42 31.42
CA TYR A 69 -34.34 24.48 32.37
C TYR A 69 -34.61 25.86 31.77
N ILE A 70 -34.57 25.98 30.43
CA ILE A 70 -34.93 27.25 29.72
C ILE A 70 -36.41 27.52 29.98
N LEU A 71 -37.26 26.49 29.83
CA LEU A 71 -38.72 26.57 30.07
C LEU A 71 -38.95 26.92 31.54
N ILE A 72 -38.28 26.21 32.46
CA ILE A 72 -38.37 26.43 33.93
C ILE A 72 -38.08 27.90 34.22
N ILE A 73 -36.99 28.43 33.66
CA ILE A 73 -36.55 29.85 33.83
C ILE A 73 -37.68 30.77 33.34
N VAL A 74 -38.18 30.54 32.13
CA VAL A 74 -39.28 31.33 31.50
C VAL A 74 -40.48 31.33 32.45
N ALA A 75 -40.95 30.13 32.85
CA ALA A 75 -42.10 29.93 33.77
C ALA A 75 -41.89 30.76 35.04
N PHE A 76 -40.67 30.72 35.60
CA PHE A 76 -40.27 31.45 36.83
C PHE A 76 -40.44 32.96 36.61
N LEU A 77 -40.07 33.45 35.42
CA LEU A 77 -40.13 34.89 35.07
C LEU A 77 -41.59 35.32 34.85
N LEU A 78 -42.43 34.42 34.32
CA LEU A 78 -43.86 34.70 33.99
C LEU A 78 -44.77 34.15 35.08
N GLY A 79 -44.20 33.43 36.06
CA GLY A 79 -44.94 32.72 37.12
C GLY A 79 -45.16 33.59 38.36
N TYR A 80 -44.34 34.63 38.53
CA TYR A 80 -44.37 35.54 39.70
C TYR A 80 -44.52 36.99 39.25
N ASP A 81 -45.17 37.80 40.09
CA ASP A 81 -45.38 39.26 39.87
C ASP A 81 -44.82 39.99 41.10
N SER A 82 -44.07 41.08 40.88
CA SER A 82 -43.41 41.88 41.95
C SER A 82 -44.44 42.77 42.64
N THR A 83 -44.50 42.74 43.98
CA THR A 83 -45.50 43.46 44.81
C THR A 83 -44.78 44.19 45.94
N ALA A 84 -45.53 44.70 46.92
CA ALA A 84 -45.02 45.41 48.11
C ALA A 84 -44.49 44.39 49.13
N GLY A 85 -45.03 43.17 49.11
CA GLY A 85 -44.69 42.09 50.06
C GLY A 85 -43.67 41.12 49.47
N GLY A 86 -43.23 41.37 48.24
CA GLY A 86 -42.30 40.50 47.49
C GLY A 86 -42.90 40.05 46.17
N TRP A 87 -42.55 38.84 45.72
CA TRP A 87 -43.02 38.25 44.44
C TRP A 87 -44.20 37.31 44.69
N VAL A 88 -45.42 37.72 44.31
CA VAL A 88 -46.68 36.96 44.55
C VAL A 88 -46.91 36.00 43.39
N PRO A 89 -47.12 34.70 43.68
CA PRO A 89 -47.38 33.70 42.65
C PRO A 89 -48.65 33.99 41.86
N ASN A 90 -48.64 33.67 40.56
CA ASN A 90 -49.80 33.81 39.64
C ASN A 90 -50.29 32.41 39.25
N ASP A 91 -51.07 32.30 38.17
CA ASP A 91 -51.66 31.03 37.67
C ASP A 91 -50.57 30.13 37.08
N GLY A 92 -49.50 30.74 36.57
CA GLY A 92 -48.40 30.04 35.86
C GLY A 92 -47.32 29.52 36.79
N ALA A 93 -47.34 29.91 38.06
CA ALA A 93 -46.34 29.51 39.08
C ALA A 93 -46.22 27.98 39.11
N ILE A 94 -47.35 27.28 39.07
CA ILE A 94 -47.45 25.78 39.11
C ILE A 94 -46.59 25.18 37.99
N ASN A 95 -46.51 25.87 36.85
CA ASN A 95 -45.78 25.41 35.63
C ASN A 95 -44.32 25.10 35.98
N ILE A 96 -43.71 25.92 36.85
CA ILE A 96 -42.27 25.78 37.26
C ILE A 96 -42.03 24.34 37.74
N PHE A 97 -42.88 23.88 38.67
CA PHE A 97 -42.81 22.52 39.29
C PHE A 97 -43.15 21.47 38.23
N SER A 98 -44.22 21.72 37.47
CA SER A 98 -44.71 20.85 36.38
C SER A 98 -43.59 20.54 35.39
N THR A 99 -42.90 21.60 34.91
CA THR A 99 -41.83 21.50 33.88
C THR A 99 -40.74 20.52 34.33
N ARG A 100 -40.34 20.57 35.61
CA ARG A 100 -39.23 19.72 36.14
C ARG A 100 -39.63 18.25 35.98
N TYR A 101 -40.89 17.91 36.25
CA TYR A 101 -41.45 16.54 36.09
C TYR A 101 -41.25 16.10 34.63
N ILE A 102 -41.65 16.95 33.69
CA ILE A 102 -41.50 16.70 32.23
C ILE A 102 -40.05 16.32 31.96
N GLU A 103 -39.11 17.17 32.41
CA GLU A 103 -37.65 16.91 32.31
C GLU A 103 -37.35 15.49 32.77
N TRP A 104 -37.70 15.17 34.02
CA TRP A 104 -37.43 13.84 34.65
C TRP A 104 -38.05 12.73 33.81
N THR A 105 -39.29 12.89 33.34
CA THR A 105 -40.01 11.86 32.56
C THR A 105 -39.15 11.39 31.37
N VAL A 106 -38.47 12.32 30.69
CA VAL A 106 -37.64 12.04 29.48
C VAL A 106 -36.19 11.77 29.92
N SER A 107 -35.66 12.57 30.84
CA SER A 107 -34.23 12.50 31.29
C SER A 107 -33.93 11.15 31.96
N VAL A 108 -34.72 10.74 32.95
CA VAL A 108 -34.49 9.50 33.75
C VAL A 108 -34.40 8.31 32.79
N PRO A 109 -35.39 8.08 31.91
CA PRO A 109 -35.36 6.94 31.00
C PRO A 109 -34.05 6.85 30.21
N LEU A 110 -33.56 7.97 29.69
CA LEU A 110 -32.29 8.06 28.90
C LEU A 110 -31.12 7.56 29.76
N LEU A 111 -31.09 7.97 31.04
CA LEU A 111 -30.04 7.53 32.00
C LEU A 111 -30.01 6.00 32.03
N THR A 112 -31.17 5.37 32.22
CA THR A 112 -31.34 3.89 32.23
C THR A 112 -30.58 3.30 31.05
N ILE A 113 -30.91 3.75 29.83
CA ILE A 113 -30.33 3.27 28.54
C ILE A 113 -28.80 3.41 28.62
N GLU A 114 -28.32 4.56 29.12
CA GLU A 114 -26.88 4.90 29.23
C GLU A 114 -26.17 3.81 30.06
N LEU A 115 -26.70 3.49 31.25
CA LEU A 115 -26.12 2.46 32.14
C LEU A 115 -26.22 1.09 31.47
N LEU A 116 -27.40 0.78 30.92
CA LEU A 116 -27.68 -0.51 30.24
C LEU A 116 -26.75 -0.66 29.02
N ALA A 117 -26.39 0.45 28.37
CA ALA A 117 -25.48 0.49 27.20
C ALA A 117 -24.10 -0.04 27.61
N VAL A 118 -23.53 0.46 28.70
CA VAL A 118 -22.21 0.03 29.25
C VAL A 118 -22.35 -1.41 29.75
N CYS A 119 -23.53 -1.76 30.26
CA CYS A 119 -23.85 -3.14 30.74
C CYS A 119 -23.84 -4.10 29.54
N ALA A 120 -23.48 -5.36 29.76
CA ALA A 120 -23.50 -6.43 28.74
C ALA A 120 -24.81 -6.37 27.95
N GLY A 123 -27.39 -9.37 25.92
CA GLY A 123 -27.87 -10.27 24.87
C GLY A 123 -29.23 -9.84 24.36
N VAL A 124 -30.14 -10.80 24.10
CA VAL A 124 -31.53 -10.53 23.64
C VAL A 124 -32.33 -9.97 24.83
N GLN A 125 -32.15 -10.57 26.01
CA GLN A 125 -32.87 -10.21 27.26
C GLN A 125 -32.53 -8.77 27.68
N ALA A 126 -31.50 -8.18 27.05
CA ALA A 126 -31.06 -6.78 27.27
C ALA A 126 -32.15 -5.83 26.78
N ARG A 127 -32.70 -6.08 25.58
CA ARG A 127 -33.82 -5.29 25.00
C ARG A 127 -34.99 -5.27 25.99
N ARG A 128 -35.38 -6.42 26.53
CA ARG A 128 -36.49 -6.56 27.52
C ARG A 128 -36.18 -5.64 28.72
N ASN A 129 -34.97 -5.73 29.27
CA ASN A 129 -34.50 -4.93 30.42
C ASN A 129 -34.74 -3.44 30.14
N THR A 130 -34.30 -2.97 28.98
CA THR A 130 -34.44 -1.55 28.54
C THR A 130 -35.91 -1.14 28.61
N ALA A 131 -36.81 -1.92 27.99
CA ALA A 131 -38.27 -1.68 27.94
C ALA A 131 -38.81 -1.49 29.37
N ILE A 132 -38.45 -2.39 30.29
CA ILE A 132 -38.89 -2.36 31.71
C ILE A 132 -38.42 -1.05 32.35
N ALA A 133 -37.11 -0.78 32.29
CA ALA A 133 -36.46 0.41 32.87
C ALA A 133 -37.17 1.69 32.38
N VAL A 134 -37.27 1.86 31.06
CA VAL A 134 -37.87 3.06 30.40
C VAL A 134 -39.31 3.23 30.91
N THR A 135 -40.15 2.20 30.73
CA THR A 135 -41.59 2.20 31.13
C THR A 135 -41.70 2.50 32.63
N ALA A 136 -40.90 1.81 33.45
CA ALA A 136 -40.86 1.95 34.93
C ALA A 136 -40.54 3.41 35.29
N THR A 137 -39.36 3.89 34.84
CA THR A 137 -38.86 5.27 35.09
C THR A 137 -39.92 6.28 34.63
N GLY A 138 -40.43 6.12 33.42
CA GLY A 138 -41.47 6.99 32.83
C GLY A 138 -42.69 7.07 33.74
N ALA A 139 -43.22 5.92 34.14
CA ALA A 139 -44.41 5.81 35.02
C ALA A 139 -44.10 6.42 36.38
N MET A 140 -42.94 6.12 36.95
CA MET A 140 -42.55 6.62 38.30
C MET A 140 -42.81 8.13 38.35
N ILE A 141 -42.24 8.88 37.41
CA ILE A 141 -42.36 10.37 37.36
C ILE A 141 -43.83 10.74 37.11
N PHE A 142 -44.49 10.06 36.17
CA PHE A 142 -45.89 10.37 35.80
C PHE A 142 -46.76 10.22 37.05
N CYS A 143 -46.57 9.15 37.81
CA CYS A 143 -47.38 8.89 39.03
C CYS A 143 -47.23 10.08 39.99
N GLY A 144 -46.00 10.53 40.22
CA GLY A 144 -45.72 11.70 41.08
C GLY A 144 -46.40 12.93 40.55
N PHE A 145 -46.33 13.16 39.23
CA PHE A 145 -46.97 14.30 38.53
C PHE A 145 -48.47 14.28 38.80
N LEU A 146 -49.11 13.11 38.65
CA LEU A 146 -50.58 12.96 38.85
C LEU A 146 -50.93 13.39 40.27
N GLY A 147 -50.24 12.83 41.27
CA GLY A 147 -50.53 13.08 42.69
C GLY A 147 -50.21 14.51 43.10
N ALA A 148 -49.02 15.01 42.75
CA ALA A 148 -48.52 16.32 43.18
C ALA A 148 -49.24 17.47 42.46
N ILE A 149 -49.50 17.34 41.16
CA ILE A 149 -50.02 18.48 40.34
C ILE A 149 -51.41 18.18 39.75
N VAL A 150 -51.55 17.07 39.02
CA VAL A 150 -52.78 16.74 38.24
C VAL A 150 -53.99 16.56 39.17
N ILE A 151 -53.87 15.80 40.25
CA ILE A 151 -55.03 15.43 41.12
C ILE A 151 -55.39 16.58 42.05
N ASP A 152 -56.63 17.08 41.92
CA ASP A 152 -57.21 18.10 42.82
C ASP A 152 -56.23 19.28 42.95
N ASN A 153 -55.55 19.60 41.84
CA ASN A 153 -54.64 20.77 41.79
C ASN A 153 -53.57 20.61 42.88
N GLY A 154 -53.22 19.35 43.21
CA GLY A 154 -52.17 19.00 44.18
C GLY A 154 -52.51 19.43 45.59
N THR A 155 -53.80 19.50 45.92
CA THR A 155 -54.27 19.95 47.26
C THR A 155 -54.75 18.76 48.09
N ASN A 156 -54.64 17.53 47.58
CA ASN A 156 -55.16 16.31 48.25
C ASN A 156 -54.01 15.54 48.88
N THR A 157 -54.01 15.41 50.21
CA THR A 157 -52.96 14.65 50.95
C THR A 157 -53.02 13.16 50.58
N GLY A 158 -54.23 12.59 50.47
CA GLY A 158 -54.44 11.15 50.19
C GLY A 158 -53.71 10.69 48.94
N ALA A 159 -53.95 11.36 47.80
CA ALA A 159 -53.35 10.96 46.52
C ALA A 159 -51.86 11.29 46.52
N PHE A 160 -51.50 12.48 47.00
CA PHE A 160 -50.10 12.96 47.09
C PHE A 160 -49.24 11.83 47.66
N ILE A 161 -49.80 11.03 48.57
CA ILE A 161 -49.07 9.91 49.25
C ILE A 161 -49.28 8.60 48.47
N LEU A 162 -50.54 8.23 48.22
CA LEU A 162 -50.88 6.97 47.51
C LEU A 162 -50.01 6.84 46.25
N TRP A 163 -50.09 7.81 45.34
CA TRP A 163 -49.38 7.83 44.04
C TRP A 163 -47.86 7.80 44.26
N ALA A 164 -47.38 8.47 45.31
CA ALA A 164 -45.94 8.47 45.69
C ALA A 164 -45.50 7.02 45.96
N VAL A 165 -46.34 6.27 46.67
CA VAL A 165 -46.10 4.82 47.00
C VAL A 165 -46.07 4.03 45.69
N ILE A 166 -47.07 4.23 44.82
CA ILE A 166 -47.17 3.56 43.49
C ILE A 166 -45.86 3.82 42.74
N SER A 167 -45.41 5.07 42.72
CA SER A 167 -44.15 5.52 42.07
C SER A 167 -42.97 4.72 42.64
N CYS A 168 -42.85 4.68 43.98
CA CYS A 168 -41.79 3.94 44.70
C CYS A 168 -41.72 2.50 44.19
N VAL A 169 -42.87 1.89 43.93
CA VAL A 169 -42.99 0.50 43.40
C VAL A 169 -42.18 0.44 42.09
N PHE A 170 -42.42 1.37 41.18
CA PHE A 170 -41.74 1.49 39.87
C PHE A 170 -40.23 1.73 40.11
N TRP A 171 -39.91 2.61 41.07
CA TRP A 171 -38.51 2.95 41.44
C TRP A 171 -37.75 1.67 41.80
N VAL A 172 -38.38 0.79 42.58
CA VAL A 172 -37.81 -0.52 43.02
C VAL A 172 -37.57 -1.40 41.78
N ILE A 173 -38.57 -1.48 40.89
CA ILE A 173 -38.50 -2.29 39.64
C ILE A 173 -37.29 -1.85 38.82
N ALA A 174 -37.15 -0.55 38.61
CA ALA A 174 -36.04 0.07 37.84
C ALA A 174 -34.68 -0.31 38.46
N ASN A 175 -34.50 0.02 39.75
CA ASN A 175 -33.23 -0.23 40.50
C ASN A 175 -32.86 -1.72 40.40
N VAL A 176 -33.85 -2.62 40.57
CA VAL A 176 -33.64 -4.10 40.53
C VAL A 176 -33.05 -4.50 39.17
N VAL A 177 -33.75 -4.19 38.07
CA VAL A 177 -33.33 -4.54 36.68
C VAL A 177 -31.89 -4.06 36.45
N LEU A 178 -31.62 -2.79 36.73
CA LEU A 178 -30.29 -2.15 36.53
C LEU A 178 -29.24 -2.86 37.41
N ILE A 179 -29.52 -3.01 38.71
CA ILE A 179 -28.62 -3.70 39.70
C ILE A 179 -28.29 -5.11 39.17
N ARG A 180 -29.31 -5.85 38.70
CA ARG A 180 -29.13 -7.21 38.15
C ARG A 180 -28.18 -7.15 36.95
N ALA A 181 -28.45 -6.24 36.01
CA ALA A 181 -27.65 -6.01 34.77
C ALA A 181 -26.18 -5.77 35.14
N VAL A 182 -25.94 -4.88 36.10
CA VAL A 182 -24.56 -4.53 36.59
C VAL A 182 -23.93 -5.79 37.21
N ARG A 183 -24.67 -6.46 38.09
CA ARG A 183 -24.22 -7.70 38.81
C ARG A 183 -23.89 -8.80 37.80
N GLN A 184 -24.75 -8.99 36.80
CA GLN A 184 -24.61 -10.06 35.77
C GLN A 184 -23.40 -9.77 34.88
N SER A 185 -23.16 -8.50 34.58
CA SER A 185 -22.09 -8.03 33.66
C SER A 185 -20.73 -7.97 34.36
N LEU A 186 -20.71 -7.64 35.65
CA LEU A 186 -19.47 -7.42 36.46
C LEU A 186 -18.50 -8.61 36.29
N PRO A 187 -18.96 -9.87 36.44
CA PRO A 187 -18.08 -11.03 36.35
C PRO A 187 -17.38 -11.20 35.00
N THR A 188 -18.06 -10.85 33.91
CA THR A 188 -17.57 -11.01 32.51
C THR A 188 -16.48 -9.97 32.22
N LEU A 189 -16.64 -8.75 32.75
CA LEU A 189 -15.70 -7.61 32.52
C LEU A 189 -14.37 -7.88 33.22
N THR A 190 -13.33 -7.13 32.84
CA THR A 190 -11.99 -7.17 33.48
C THR A 190 -12.11 -6.55 34.87
N PRO A 191 -11.13 -6.79 35.77
CA PRO A 191 -11.19 -6.22 37.13
C PRO A 191 -11.34 -4.69 37.09
N GLU A 192 -10.49 -4.02 36.29
CA GLU A 192 -10.48 -2.54 36.12
C GLU A 192 -11.87 -2.07 35.67
N SER A 193 -12.45 -2.74 34.66
CA SER A 193 -13.80 -2.43 34.11
C SER A 193 -14.88 -2.73 35.16
N HIS A 194 -14.79 -3.90 35.80
CA HIS A 194 -15.71 -4.36 36.88
C HIS A 194 -15.89 -3.22 37.91
N THR A 195 -14.79 -2.70 38.44
CA THR A 195 -14.77 -1.62 39.45
C THR A 195 -15.53 -0.39 38.92
N MET A 196 -15.20 0.06 37.70
CA MET A 196 -15.82 1.23 37.02
C MET A 196 -17.34 1.10 36.99
N LEU A 197 -17.85 0.03 36.37
CA LEU A 197 -19.31 -0.20 36.19
C LEU A 197 -20.00 -0.13 37.55
N LYS A 198 -19.58 -0.95 38.50
CA LYS A 198 -20.13 -0.98 39.88
C LYS A 198 -20.17 0.46 40.42
N SER A 199 -19.03 1.14 40.37
CA SER A 199 -18.88 2.55 40.82
C SER A 199 -19.95 3.44 40.17
N ALA A 200 -20.04 3.38 38.84
CA ALA A 200 -21.00 4.16 38.01
C ALA A 200 -22.44 3.84 38.45
N ALA A 201 -22.77 2.54 38.53
CA ALA A 201 -24.11 2.03 38.92
C ALA A 201 -24.49 2.63 40.28
N ILE A 202 -23.63 2.50 41.28
CA ILE A 202 -23.86 2.98 42.67
C ILE A 202 -24.12 4.49 42.66
N VAL A 203 -23.22 5.26 42.03
CA VAL A 203 -23.27 6.75 41.97
C VAL A 203 -24.58 7.20 41.31
N LEU A 204 -24.95 6.58 40.18
CA LEU A 204 -26.14 6.95 39.37
C LEU A 204 -27.45 6.69 40.14
N LEU A 205 -27.55 5.56 40.85
CA LEU A 205 -28.79 5.09 41.52
C LEU A 205 -28.96 5.75 42.90
N ALA A 206 -27.88 5.89 43.66
CA ALA A 206 -27.88 6.42 45.05
C ALA A 206 -28.65 7.75 45.14
N GLY A 207 -28.22 8.76 44.39
CA GLY A 207 -28.76 10.13 44.42
C GLY A 207 -30.28 10.19 44.36
N TRP A 208 -30.88 9.27 43.60
CA TRP A 208 -32.35 9.21 43.32
C TRP A 208 -33.17 9.51 44.59
N VAL A 209 -32.71 9.06 45.75
CA VAL A 209 -33.43 9.17 47.06
C VAL A 209 -33.82 10.63 47.32
N VAL A 210 -32.95 11.59 47.00
CA VAL A 210 -33.16 13.05 47.28
C VAL A 210 -34.53 13.49 46.75
N TYR A 211 -34.86 13.12 45.52
CA TYR A 211 -36.10 13.52 44.81
C TYR A 211 -37.33 13.15 45.63
N PRO A 212 -37.52 11.87 46.01
CA PRO A 212 -38.66 11.47 46.82
C PRO A 212 -38.74 12.26 48.13
N ILE A 213 -37.59 12.49 48.78
CA ILE A 213 -37.47 13.23 50.07
C ILE A 213 -38.04 14.64 49.90
N VAL A 214 -37.61 15.36 48.86
CA VAL A 214 -38.02 16.76 48.55
C VAL A 214 -39.53 16.78 48.27
N TYR A 215 -40.04 15.72 47.64
CA TYR A 215 -41.46 15.57 47.24
C TYR A 215 -42.38 15.70 48.47
N PHE A 216 -42.02 15.07 49.59
CA PHE A 216 -42.84 14.97 50.83
C PHE A 216 -42.64 16.18 51.75
N LEU A 217 -41.78 17.14 51.39
CA LEU A 217 -41.47 18.32 52.23
C LEU A 217 -42.72 19.18 52.42
N PRO A 218 -43.51 19.45 51.35
CA PRO A 218 -44.71 20.28 51.46
C PRO A 218 -45.67 19.85 52.57
N LEU A 219 -45.67 18.57 52.95
CA LEU A 219 -46.55 18.00 54.01
C LEU A 219 -46.27 18.71 55.35
N PHE A 220 -45.01 19.08 55.59
CA PHE A 220 -44.54 19.73 56.84
C PHE A 220 -44.85 21.23 56.80
N GLY A 221 -45.75 21.65 55.91
CA GLY A 221 -46.23 23.05 55.78
C GLY A 221 -45.75 23.71 54.50
N ALA A 222 -45.99 25.02 54.37
CA ALA A 222 -45.58 25.86 53.23
C ALA A 222 -44.99 27.17 53.74
N SER A 223 -44.03 27.74 52.99
CA SER A 223 -43.35 29.02 53.29
C SER A 223 -42.44 29.42 52.13
N GLY A 224 -42.16 30.72 51.99
CA GLY A 224 -41.25 31.27 50.96
C GLY A 224 -39.88 30.59 51.02
N GLY A 225 -39.39 30.37 52.24
CA GLY A 225 -38.11 29.67 52.52
C GLY A 225 -38.15 28.22 52.08
N LEU A 226 -39.20 27.47 52.49
CA LEU A 226 -39.38 26.03 52.12
C LEU A 226 -39.42 25.92 50.59
N THR A 227 -40.35 26.65 49.96
CA THR A 227 -40.51 26.68 48.48
C THR A 227 -39.11 26.86 47.85
N THR A 228 -38.34 27.84 48.34
CA THR A 228 -36.95 28.13 47.90
C THR A 228 -36.08 26.87 48.03
N THR A 229 -36.08 26.26 49.22
CA THR A 229 -35.29 25.04 49.54
C THR A 229 -35.62 23.95 48.52
N ILE A 230 -36.91 23.66 48.32
CA ILE A 230 -37.42 22.62 47.39
C ILE A 230 -36.81 22.84 46.00
N LEU A 231 -37.01 24.03 45.43
CA LEU A 231 -36.55 24.40 44.06
C LEU A 231 -35.03 24.27 43.96
N ILE A 232 -34.27 24.99 44.79
CA ILE A 232 -32.78 25.01 44.76
C ILE A 232 -32.23 23.59 44.91
N THR A 233 -32.67 22.86 45.95
CA THR A 233 -32.21 21.48 46.24
C THR A 233 -32.35 20.62 44.97
N LEU A 234 -33.55 20.62 44.37
CA LEU A 234 -33.86 19.85 43.13
C LEU A 234 -32.89 20.28 42.01
N THR A 235 -32.69 21.59 41.84
CA THR A 235 -31.76 22.16 40.82
C THR A 235 -30.36 21.59 41.04
N VAL A 236 -29.82 21.75 42.25
CA VAL A 236 -28.46 21.26 42.64
C VAL A 236 -28.40 19.75 42.35
N ALA A 237 -29.45 19.02 42.73
CA ALA A 237 -29.57 17.55 42.54
C ALA A 237 -29.47 17.22 41.05
N ASP A 238 -30.28 17.89 40.22
CA ASP A 238 -30.31 17.69 38.75
C ASP A 238 -28.90 17.87 38.17
N VAL A 239 -28.23 18.97 38.52
CA VAL A 239 -26.86 19.32 38.01
C VAL A 239 -25.87 18.24 38.48
N ILE A 240 -25.82 17.97 39.79
CA ILE A 240 -24.88 16.98 40.40
C ILE A 240 -25.00 15.63 39.69
N VAL A 241 -26.23 15.11 39.55
CA VAL A 241 -26.52 13.78 38.95
C VAL A 241 -26.27 13.83 37.44
N LYS A 242 -27.05 14.66 36.75
CA LYS A 242 -27.05 14.70 35.29
C LYS A 242 -25.70 15.15 34.75
N LEU A 243 -24.85 15.73 35.59
CA LEU A 243 -23.55 16.21 35.14
C LEU A 243 -22.41 15.32 35.70
N GLY A 244 -22.10 15.46 36.98
CA GLY A 244 -21.00 14.72 37.64
C GLY A 244 -21.05 13.23 37.34
N PHE A 245 -22.26 12.65 37.35
CA PHE A 245 -22.55 11.21 37.15
C PHE A 245 -22.43 10.83 35.68
N SER A 246 -22.63 11.80 34.79
CA SER A 246 -22.55 11.63 33.30
C SER A 246 -21.18 11.08 32.90
N THR A 247 -20.10 11.64 33.47
CA THR A 247 -18.69 11.26 33.18
C THR A 247 -18.47 9.76 33.47
N GLN A 248 -19.03 9.28 34.58
CA GLN A 248 -18.89 7.87 35.07
C GLN A 248 -19.15 6.89 33.92
N THR A 249 -20.32 6.97 33.29
CA THR A 249 -20.73 6.07 32.16
C THR A 249 -19.71 6.15 31.03
N HIS A 250 -19.37 7.37 30.61
CA HIS A 250 -18.42 7.65 29.51
C HIS A 250 -17.09 6.94 29.77
N ARG A 251 -16.52 7.12 30.96
CA ARG A 251 -15.21 6.49 31.37
C ARG A 251 -15.26 4.98 31.10
N VAL A 252 -16.29 4.29 31.61
CA VAL A 252 -16.46 2.82 31.45
C VAL A 252 -16.34 2.48 29.96
N ALA A 253 -17.12 3.18 29.13
CA ALA A 253 -17.18 3.00 27.66
C ALA A 253 -15.77 3.12 27.08
N LYS A 254 -15.03 4.18 27.43
CA LYS A 254 -13.66 4.46 26.94
C LYS A 254 -12.74 3.29 27.29
N LEU A 255 -12.71 2.87 28.55
CA LEU A 255 -11.85 1.74 29.03
C LEU A 255 -12.20 0.49 28.23
N ARG A 256 -13.49 0.14 28.18
CA ARG A 256 -14.00 -1.05 27.46
C ARG A 256 -13.58 -0.97 25.99
N THR A 257 -13.50 0.26 25.44
CA THR A 257 -13.05 0.51 24.04
C THR A 257 -11.55 0.20 23.94
N ALA A 258 -10.76 0.79 24.83
CA ALA A 258 -9.29 0.60 24.92
C ALA A 258 -8.96 -0.88 25.11
N GLU A 259 -9.70 -1.57 25.99
CA GLU A 259 -9.54 -3.03 26.27
C GLU A 259 -9.72 -3.80 24.96
N ASP A 260 -10.79 -3.52 24.22
CA ASP A 260 -11.10 -4.15 22.91
C ASP A 260 -9.93 -3.93 21.95
N VAL A 261 -9.28 -2.75 22.03
CA VAL A 261 -8.11 -2.37 21.20
C VAL A 261 -6.91 -3.21 21.63
N ARG A 262 -6.54 -3.14 22.91
CA ARG A 262 -5.39 -3.89 23.49
C ARG A 262 -5.57 -5.39 23.20
N ALA A 263 -6.76 -5.92 23.49
CA ALA A 263 -7.12 -7.35 23.31
C ALA A 263 -7.03 -7.74 21.83
N GLY A 264 -7.07 -6.76 20.93
CA GLY A 264 -6.94 -6.98 19.48
C GLY A 264 -8.28 -7.27 18.83
N ASP A 265 -9.38 -7.15 19.57
CA ASP A 265 -10.75 -7.45 19.07
C ASP A 265 -11.18 -6.41 18.03
N ASP A 266 -10.88 -5.13 18.26
CA ASP A 266 -11.26 -4.03 17.32
C ASP A 266 -10.20 -2.93 17.35
N VAL A 267 -10.25 -1.99 16.40
CA VAL A 267 -9.24 -0.90 16.27
C VAL A 267 -9.95 0.46 16.40
N HIS A 268 -9.31 1.42 17.07
CA HIS A 268 -9.82 2.81 17.26
C HIS A 268 -8.87 3.78 16.58
N PRO A 269 -9.38 4.79 15.86
CA PRO A 269 -8.52 5.72 15.11
C PRO A 269 -7.57 6.57 15.95
N GLU A 270 -8.01 7.00 17.13
CA GLU A 270 -7.23 7.91 18.00
C GLU A 270 -6.84 7.19 19.30
N SER A 271 -5.77 7.65 19.93
CA SER A 271 -5.31 7.13 21.24
C SER A 271 -6.34 7.47 22.31
N ILE A 272 -6.62 6.53 23.21
CA ILE A 272 -7.61 6.73 24.31
C ILE A 272 -6.84 6.92 25.62
N TRP A 273 -7.05 8.04 26.30
CA TRP A 273 -6.37 8.39 27.56
C TRP A 273 -7.41 8.51 28.68
N ILE A 274 -7.16 7.87 29.82
CA ILE A 274 -8.02 7.99 31.04
C ILE A 274 -7.15 8.42 32.22
N SER A 275 -7.51 9.50 32.90
CA SER A 275 -6.80 9.99 34.09
C SER A 275 -5.36 10.36 33.71
N SER A 276 -5.14 10.84 32.49
CA SER A 276 -3.80 11.24 32.00
C SER A 276 -2.92 10.01 31.79
N VAL A 277 -3.53 8.84 31.65
CA VAL A 277 -2.82 7.54 31.43
C VAL A 277 -3.32 6.94 30.12
N LYS A 278 -2.41 6.60 29.20
CA LYS A 278 -2.80 6.04 27.89
C LYS A 278 -3.35 4.62 28.09
N GLN A 279 -4.54 4.34 27.57
CA GLN A 279 -5.19 3.01 27.66
C GLN A 279 -5.02 2.28 26.34
N SER A 280 -5.16 2.98 25.21
CA SER A 280 -5.02 2.38 23.86
C SER A 280 -4.18 3.27 22.95
N ASP A 281 -3.31 2.66 22.14
CA ASP A 281 -2.51 3.38 21.13
C ASP A 281 -3.36 3.49 19.86
N ALA A 282 -3.14 4.53 19.04
CA ALA A 282 -3.93 4.78 17.81
C ALA A 282 -3.75 3.62 16.83
N GLY A 283 -4.83 3.24 16.14
CA GLY A 283 -4.80 2.17 15.12
C GLY A 283 -5.75 2.45 13.98
N LEU A 284 -5.42 1.99 12.77
CA LEU A 284 -6.30 2.12 11.57
C LEU A 284 -6.63 0.72 11.05
N PRO A 285 -7.86 0.52 10.54
CA PRO A 285 -8.27 -0.78 10.01
C PRO A 285 -7.44 -1.16 8.78
N ARG A 286 -7.22 -2.46 8.57
CA ARG A 286 -6.46 -3.01 7.41
C ARG A 286 -7.20 -2.66 6.11
N GLU A 287 -6.47 -2.13 5.11
CA GLU A 287 -7.01 -1.79 3.77
C GLU A 287 -7.61 -3.05 3.15
N VAL A 288 -8.80 -2.94 2.56
CA VAL A 288 -9.56 -4.10 2.00
C VAL A 288 -9.78 -3.90 0.49
N TYR A 289 -9.54 -4.95 -0.29
CA TYR A 289 -9.77 -5.02 -1.75
C TYR A 289 -11.14 -5.66 -1.99
N LEU A 290 -11.92 -5.13 -2.94
CA LEU A 290 -13.31 -5.60 -3.23
C LEU A 290 -13.38 -6.20 -4.64
N ASN B 5 -23.96 53.00 54.90
CA ASN B 5 -24.80 52.27 53.92
C ASN B 5 -24.01 52.14 52.61
N VAL B 6 -24.11 50.99 51.93
CA VAL B 6 -23.43 50.69 50.63
C VAL B 6 -24.26 51.33 49.50
N SER B 7 -23.61 52.15 48.68
CA SER B 7 -24.24 52.88 47.55
C SER B 7 -24.35 51.96 46.33
N VAL B 8 -25.39 51.13 46.29
CA VAL B 8 -25.68 50.16 45.19
C VAL B 8 -25.51 50.89 43.86
N PRO B 9 -24.76 50.29 42.90
CA PRO B 9 -24.50 50.92 41.60
C PRO B 9 -25.74 51.04 40.69
N TRP B 10 -26.71 50.13 40.86
CA TRP B 10 -27.95 50.05 40.05
C TRP B 10 -28.94 51.12 40.48
N GLY B 11 -28.54 52.00 41.40
CA GLY B 11 -29.37 53.11 41.91
C GLY B 11 -29.04 54.41 41.20
N ALA B 12 -27.82 54.53 40.67
CA ALA B 12 -27.30 55.72 39.97
C ALA B 12 -27.92 55.83 38.57
N THR B 13 -28.30 57.05 38.18
CA THR B 13 -28.88 57.39 36.85
C THR B 13 -27.73 57.57 35.85
N LEU B 14 -27.92 57.12 34.62
CA LEU B 14 -26.88 57.15 33.55
C LEU B 14 -27.24 58.16 32.46
N SER B 15 -26.23 58.85 31.92
CA SER B 15 -26.36 59.81 30.79
C SER B 15 -26.56 59.01 29.49
N ASN B 16 -27.08 59.65 28.44
CA ASN B 16 -27.31 59.02 27.11
C ASN B 16 -25.96 58.47 26.61
N ALA B 17 -24.89 59.27 26.76
CA ALA B 17 -23.51 58.91 26.37
C ALA B 17 -23.09 57.65 27.11
N GLU B 18 -23.20 57.66 28.44
CA GLU B 18 -22.84 56.52 29.34
C GLU B 18 -23.61 55.27 28.90
N HIS B 19 -24.94 55.39 28.76
CA HIS B 19 -25.85 54.28 28.36
C HIS B 19 -25.37 53.66 27.05
N GLN B 20 -24.93 54.49 26.10
CA GLN B 20 -24.47 54.05 24.76
C GLN B 20 -23.17 53.26 24.90
N LEU B 21 -22.20 53.82 25.65
CA LEU B 21 -20.87 53.20 25.89
C LEU B 21 -21.04 51.80 26.46
N ILE B 22 -21.79 51.66 27.56
CA ILE B 22 -22.05 50.36 28.25
C ILE B 22 -22.55 49.34 27.21
N PHE B 23 -23.58 49.72 26.45
CA PHE B 23 -24.21 48.88 25.40
C PHE B 23 -23.13 48.45 24.39
N TYR B 24 -22.37 49.41 23.88
CA TYR B 24 -21.27 49.22 22.91
C TYR B 24 -20.36 48.08 23.36
N PHE B 25 -19.74 48.22 24.54
CA PHE B 25 -18.77 47.27 25.14
C PHE B 25 -19.43 45.90 25.36
N LEU B 26 -20.64 45.87 25.95
CA LEU B 26 -21.39 44.62 26.24
C LEU B 26 -21.54 43.80 24.94
N VAL B 27 -22.13 44.39 23.91
CA VAL B 27 -22.40 43.73 22.59
C VAL B 27 -21.05 43.32 21.98
N VAL B 28 -20.12 44.26 21.84
CA VAL B 28 -18.75 44.02 21.29
C VAL B 28 -18.19 42.75 21.94
N ALA B 29 -18.25 42.69 23.27
CA ALA B 29 -17.80 41.54 24.10
C ALA B 29 -18.47 40.27 23.59
N ALA B 30 -19.81 40.23 23.61
CA ALA B 30 -20.64 39.10 23.17
C ALA B 30 -20.18 38.63 21.78
N LEU B 31 -20.07 39.55 20.83
CA LEU B 31 -19.63 39.28 19.43
C LEU B 31 -18.22 38.72 19.44
N ALA B 32 -17.33 39.32 20.24
CA ALA B 32 -15.92 38.90 20.40
C ALA B 32 -15.88 37.43 20.81
N PHE B 33 -16.80 37.02 21.69
CA PHE B 33 -16.91 35.63 22.21
C PHE B 33 -17.38 34.71 21.07
N VAL B 34 -18.36 35.17 20.28
CA VAL B 34 -18.89 34.42 19.10
C VAL B 34 -17.72 34.10 18.17
N ALA B 35 -16.92 35.11 17.85
CA ALA B 35 -15.70 35.02 17.01
C ALA B 35 -14.73 34.01 17.64
N GLY B 36 -14.52 34.12 18.95
CA GLY B 36 -13.66 33.24 19.74
C GLY B 36 -14.17 31.81 19.72
N PHE B 37 -15.46 31.62 20.02
CA PHE B 37 -16.15 30.30 20.05
C PHE B 37 -15.97 29.61 18.71
N ILE B 38 -16.22 30.33 17.61
CA ILE B 38 -16.09 29.82 16.22
C ILE B 38 -14.65 29.36 15.98
N ARG B 39 -13.67 30.22 16.31
CA ARG B 39 -12.23 29.91 16.14
C ARG B 39 -11.88 28.65 16.92
N THR B 40 -12.20 28.62 18.22
CA THR B 40 -11.91 27.49 19.15
C THR B 40 -12.42 26.18 18.54
N TYR B 41 -13.67 26.18 18.04
CA TYR B 41 -14.35 25.00 17.46
C TYR B 41 -13.58 24.51 16.23
N ILE B 42 -13.30 25.40 15.27
CA ILE B 42 -12.57 25.08 14.01
C ILE B 42 -11.17 24.55 14.34
N THR B 43 -10.51 25.17 15.32
CA THR B 43 -9.13 24.79 15.77
C THR B 43 -9.24 23.89 17.00
N ARG B 44 -10.03 22.82 16.91
CA ARG B 44 -10.25 21.85 18.03
C ARG B 44 -9.41 20.58 17.78
N ASN B 45 -9.24 20.21 16.51
CA ASN B 45 -8.51 18.98 16.09
C ASN B 45 -7.02 19.31 15.90
N GLU B 46 -6.59 20.52 16.25
CA GLU B 46 -5.16 20.92 16.22
C GLU B 46 -4.48 20.40 17.48
N VAL B 47 -5.26 19.81 18.39
CA VAL B 47 -4.80 19.26 19.70
C VAL B 47 -5.04 17.74 19.74
N GLY B 48 -4.25 17.02 20.53
CA GLY B 48 -4.36 15.56 20.72
C GLY B 48 -5.50 15.20 21.67
N SER B 49 -5.76 13.90 21.83
CA SER B 49 -6.81 13.35 22.73
C SER B 49 -6.46 13.64 24.19
N ARG B 50 -5.16 13.58 24.52
CA ARG B 50 -4.65 13.72 25.91
C ARG B 50 -5.04 15.07 26.52
N TYR B 51 -5.00 16.15 25.72
CA TYR B 51 -5.23 17.53 26.19
C TYR B 51 -6.56 18.08 25.65
N ARG B 52 -7.47 17.19 25.25
CA ARG B 52 -8.80 17.57 24.68
C ARG B 52 -9.63 18.29 25.74
N THR B 53 -9.43 17.97 27.02
CA THR B 53 -10.18 18.58 28.16
C THR B 53 -10.01 20.09 28.10
N ALA B 54 -8.82 20.57 27.72
CA ALA B 54 -8.46 22.00 27.58
C ALA B 54 -9.38 22.65 26.55
N VAL B 55 -9.54 22.00 25.39
CA VAL B 55 -10.38 22.50 24.25
C VAL B 55 -11.84 22.54 24.72
N SER B 56 -12.34 21.42 25.27
CA SER B 56 -13.74 21.28 25.78
C SER B 56 -14.06 22.41 26.76
N ALA B 57 -13.15 22.68 27.69
CA ALA B 57 -13.30 23.70 28.75
C ALA B 57 -13.41 25.10 28.13
N ARG B 58 -12.46 25.48 27.27
CA ARG B 58 -12.44 26.84 26.66
C ARG B 58 -13.70 27.04 25.82
N LEU B 59 -14.03 26.10 24.93
CA LEU B 59 -15.23 26.18 24.07
C LEU B 59 -16.46 26.38 24.96
N GLY B 60 -16.53 25.63 26.07
CA GLY B 60 -17.62 25.73 27.07
C GLY B 60 -17.68 27.13 27.66
N MET B 61 -16.54 27.61 28.17
CA MET B 61 -16.40 28.96 28.78
C MET B 61 -16.92 30.02 27.80
N LEU B 62 -16.42 30.00 26.56
CA LEU B 62 -16.80 30.96 25.48
C LEU B 62 -18.32 30.85 25.24
N GLY B 63 -18.84 29.64 25.09
CA GLY B 63 -20.28 29.37 24.89
C GLY B 63 -21.10 29.99 25.99
N VAL B 64 -20.74 29.72 27.25
CA VAL B 64 -21.41 30.24 28.48
C VAL B 64 -21.37 31.77 28.43
N ALA B 65 -20.19 32.34 28.20
CA ALA B 65 -19.95 33.81 28.13
C ALA B 65 -20.90 34.45 27.11
N LEU B 66 -20.92 33.92 25.89
CA LEU B 66 -21.78 34.42 24.77
C LEU B 66 -23.23 34.55 25.26
N LEU B 67 -23.83 33.41 25.66
CA LEU B 67 -25.24 33.32 26.14
C LEU B 67 -25.44 34.25 27.34
N ALA B 68 -24.51 34.21 28.31
CA ALA B 68 -24.54 35.03 29.54
C ALA B 68 -24.63 36.51 29.16
N TYR B 69 -23.70 36.99 28.34
CA TYR B 69 -23.60 38.40 27.88
C TYR B 69 -24.87 38.79 27.13
N ILE B 70 -25.55 37.83 26.48
CA ILE B 70 -26.86 38.06 25.80
C ILE B 70 -27.88 38.43 26.87
N LEU B 71 -27.92 37.68 27.97
CA LEU B 71 -28.81 37.93 29.14
C LEU B 71 -28.47 39.30 29.74
N ILE B 72 -27.19 39.57 29.96
CA ILE B 72 -26.68 40.85 30.53
C ILE B 72 -27.20 42.00 29.66
N ILE B 73 -27.06 41.88 28.34
CA ILE B 73 -27.52 42.89 27.35
C ILE B 73 -29.03 43.10 27.51
N VAL B 74 -29.81 42.01 27.53
CA VAL B 74 -31.29 42.04 27.69
C VAL B 74 -31.63 42.81 28.98
N ALA B 75 -31.05 42.39 30.11
CA ALA B 75 -31.25 43.00 31.44
C ALA B 75 -30.98 44.51 31.36
N PHE B 76 -29.89 44.89 30.69
CA PHE B 76 -29.45 46.30 30.50
C PHE B 76 -30.54 47.09 29.76
N LEU B 77 -31.16 46.47 28.75
CA LEU B 77 -32.21 47.08 27.91
C LEU B 77 -33.52 47.22 28.70
N LEU B 78 -33.79 46.28 29.61
CA LEU B 78 -35.04 46.26 30.43
C LEU B 78 -34.79 46.85 31.82
N GLY B 79 -33.53 47.18 32.14
CA GLY B 79 -33.12 47.66 33.47
C GLY B 79 -33.21 49.17 33.63
N TYR B 80 -33.18 49.92 32.52
CA TYR B 80 -33.19 51.41 32.52
C TYR B 80 -34.33 51.95 31.65
N ASP B 81 -34.83 53.14 32.00
CA ASP B 81 -35.92 53.87 31.28
C ASP B 81 -35.40 55.27 30.93
N SER B 82 -35.66 55.73 29.70
CA SER B 82 -35.16 57.02 29.16
C SER B 82 -36.00 58.18 29.68
N THR B 83 -35.33 59.23 30.18
CA THR B 83 -35.96 60.47 30.73
C THR B 83 -35.30 61.71 30.13
N ALA B 84 -35.35 61.85 28.80
CA ALA B 84 -34.89 63.04 28.04
C ALA B 84 -33.42 63.37 28.32
N GLY B 85 -32.51 62.49 27.87
CA GLY B 85 -31.05 62.69 27.99
C GLY B 85 -30.47 61.89 29.14
N GLY B 86 -31.33 61.34 30.00
CA GLY B 86 -30.94 60.53 31.17
C GLY B 86 -31.68 59.20 31.19
N TRP B 87 -31.06 58.16 31.73
CA TRP B 87 -31.62 56.79 31.88
C TRP B 87 -31.77 56.45 33.36
N VAL B 88 -33.00 56.46 33.87
CA VAL B 88 -33.33 56.22 35.30
C VAL B 88 -33.44 54.71 35.55
N PRO B 89 -32.69 54.18 36.54
CA PRO B 89 -32.75 52.76 36.88
C PRO B 89 -34.15 52.34 37.34
N ASN B 90 -34.55 51.11 37.00
CA ASN B 90 -35.85 50.51 37.43
C ASN B 90 -35.54 49.37 38.42
N ASP B 91 -36.52 48.51 38.68
CA ASP B 91 -36.42 47.40 39.66
C ASP B 91 -35.51 46.30 39.10
N GLY B 92 -35.43 46.19 37.77
CA GLY B 92 -34.68 45.13 37.06
C GLY B 92 -33.22 45.45 36.84
N ALA B 93 -32.80 46.69 37.11
CA ALA B 93 -31.42 47.18 36.92
C ALA B 93 -30.43 46.25 37.64
N ILE B 94 -30.78 45.82 38.85
CA ILE B 94 -29.94 44.93 39.71
C ILE B 94 -29.57 43.66 38.94
N ASN B 95 -30.47 43.18 38.08
CA ASN B 95 -30.32 41.92 37.30
C ASN B 95 -29.03 41.97 36.47
N ILE B 96 -28.68 43.14 35.94
CA ILE B 96 -27.47 43.34 35.08
C ILE B 96 -26.25 42.82 35.82
N PHE B 97 -26.07 43.29 37.05
CA PHE B 97 -24.92 42.92 37.95
C PHE B 97 -25.05 41.44 38.33
N SER B 98 -26.26 41.01 38.71
CA SER B 98 -26.58 39.62 39.10
C SER B 98 -26.15 38.64 38.00
N THR B 99 -26.54 38.92 36.75
CA THR B 99 -26.26 38.05 35.58
C THR B 99 -24.75 37.80 35.43
N ARG B 100 -23.92 38.82 35.64
CA ARG B 100 -22.44 38.71 35.48
C ARG B 100 -21.91 37.66 36.46
N TYR B 101 -22.43 37.65 37.69
CA TYR B 101 -22.08 36.67 38.75
C TYR B 101 -22.36 35.26 38.22
N ILE B 102 -23.55 35.04 37.66
CA ILE B 102 -23.98 33.75 37.05
C ILE B 102 -22.88 33.31 36.07
N GLU B 103 -22.53 34.20 35.14
CA GLU B 103 -21.45 33.97 34.14
C GLU B 103 -20.21 33.44 34.87
N TRP B 104 -19.69 34.25 35.81
CA TRP B 104 -18.46 33.96 36.59
C TRP B 104 -18.59 32.59 37.28
N THR B 105 -19.74 32.32 37.91
CA THR B 105 -19.97 31.06 38.67
C THR B 105 -19.59 29.85 37.82
N VAL B 106 -19.97 29.85 36.54
CA VAL B 106 -19.74 28.71 35.60
C VAL B 106 -18.41 28.92 34.86
N SER B 107 -18.15 30.15 34.40
CA SER B 107 -16.98 30.49 33.55
C SER B 107 -15.66 30.24 34.30
N VAL B 108 -15.50 30.82 35.50
CA VAL B 108 -14.25 30.74 36.31
C VAL B 108 -13.87 29.27 36.52
N PRO B 109 -14.79 28.42 37.04
CA PRO B 109 -14.45 27.02 37.30
C PRO B 109 -13.86 26.32 36.07
N LEU B 110 -14.46 26.54 34.89
CA LEU B 110 -14.04 25.93 33.60
C LEU B 110 -12.59 26.33 33.30
N LEU B 111 -12.26 27.61 33.53
CA LEU B 111 -10.87 28.14 33.34
C LEU B 111 -9.90 27.27 34.13
N THR B 112 -10.18 27.07 35.41
CA THR B 112 -9.36 26.24 36.33
C THR B 112 -9.03 24.91 35.64
N ILE B 113 -10.06 24.18 35.23
CA ILE B 113 -9.95 22.85 34.56
C ILE B 113 -9.02 22.97 33.35
N GLU B 114 -9.21 24.03 32.55
CA GLU B 114 -8.45 24.30 31.31
C GLU B 114 -6.95 24.34 31.63
N LEU B 115 -6.57 25.14 32.63
CA LEU B 115 -5.15 25.32 33.07
C LEU B 115 -4.65 23.97 33.61
N LEU B 116 -5.44 23.32 34.45
CA LEU B 116 -5.10 22.02 35.08
C LEU B 116 -4.94 20.94 34.00
N ALA B 117 -5.72 21.05 32.93
CA ALA B 117 -5.71 20.10 31.79
C ALA B 117 -4.34 20.15 31.10
N VAL B 118 -3.86 21.36 30.77
CA VAL B 118 -2.54 21.58 30.11
C VAL B 118 -1.43 21.23 31.11
N CYS B 119 -1.69 21.41 32.40
CA CYS B 119 -0.76 21.01 33.50
C CYS B 119 -0.52 19.50 33.44
N ALA B 120 0.70 19.08 33.77
CA ALA B 120 1.23 17.69 33.68
C ALA B 120 0.80 16.84 34.88
N THR B 121 0.03 17.41 35.82
CA THR B 121 -0.49 16.71 37.03
C THR B 121 -1.16 15.40 36.57
N LEU B 122 -0.68 14.26 37.07
CA LEU B 122 -1.14 12.90 36.69
C LEU B 122 -1.88 12.24 37.85
N GLY B 123 -2.71 11.24 37.53
CA GLY B 123 -3.44 10.38 38.49
C GLY B 123 -4.43 11.17 39.33
N VAL B 124 -4.53 10.82 40.62
CA VAL B 124 -5.46 11.44 41.61
C VAL B 124 -5.03 12.90 41.86
N GLN B 125 -3.71 13.11 42.04
CA GLN B 125 -3.10 14.43 42.30
C GLN B 125 -3.81 15.48 41.46
N ALA B 126 -4.01 15.18 40.17
CA ALA B 126 -4.68 16.06 39.17
C ALA B 126 -6.16 16.19 39.53
N ARG B 127 -6.82 15.04 39.69
CA ARG B 127 -8.29 14.95 39.96
C ARG B 127 -8.62 15.76 41.21
N ARG B 128 -7.89 15.52 42.30
CA ARG B 128 -8.09 16.21 43.61
C ARG B 128 -8.01 17.73 43.39
N ASN B 129 -6.93 18.17 42.72
CA ASN B 129 -6.66 19.60 42.42
C ASN B 129 -7.89 20.22 41.76
N THR B 130 -8.39 19.58 40.70
CA THR B 130 -9.55 20.06 39.92
C THR B 130 -10.74 20.31 40.86
N ALA B 131 -11.10 19.31 41.66
CA ALA B 131 -12.24 19.36 42.61
C ALA B 131 -12.13 20.60 43.51
N ILE B 132 -10.94 20.82 44.09
CA ILE B 132 -10.66 21.96 45.01
C ILE B 132 -10.86 23.29 44.25
N ALA B 133 -10.18 23.44 43.12
CA ALA B 133 -10.22 24.65 42.27
C ALA B 133 -11.67 25.00 41.91
N VAL B 134 -12.39 24.04 41.33
CA VAL B 134 -13.81 24.21 40.87
C VAL B 134 -14.67 24.66 42.05
N THR B 135 -14.68 23.87 43.13
CA THR B 135 -15.48 24.14 44.36
C THR B 135 -15.12 25.51 44.92
N ALA B 136 -13.82 25.80 45.04
CA ALA B 136 -13.29 27.07 45.56
C ALA B 136 -13.80 28.23 44.70
N THR B 137 -13.48 28.21 43.40
CA THR B 137 -13.90 29.25 42.41
C THR B 137 -15.42 29.43 42.46
N GLY B 138 -16.17 28.33 42.42
CA GLY B 138 -17.65 28.34 42.47
C GLY B 138 -18.16 29.07 43.70
N ALA B 139 -17.64 28.71 44.88
CA ALA B 139 -18.04 29.32 46.17
C ALA B 139 -17.65 30.80 46.18
N MET B 140 -16.43 31.11 45.72
CA MET B 140 -15.91 32.49 45.70
C MET B 140 -16.94 33.43 45.08
N ILE B 141 -17.43 33.10 43.87
CA ILE B 141 -18.43 33.92 43.14
C ILE B 141 -19.74 33.93 43.93
N PHE B 142 -20.17 32.78 44.43
CA PHE B 142 -21.46 32.66 45.17
C PHE B 142 -21.42 33.59 46.39
N CYS B 143 -20.31 33.57 47.12
CA CYS B 143 -20.14 34.42 48.34
C CYS B 143 -20.31 35.89 47.97
N GLY B 144 -19.64 36.32 46.90
CA GLY B 144 -19.73 37.71 46.40
C GLY B 144 -21.16 38.06 46.04
N PHE B 145 -21.84 37.16 45.32
CA PHE B 145 -23.25 37.34 44.89
C PHE B 145 -24.13 37.54 46.13
N LEU B 146 -23.95 36.70 47.15
CA LEU B 146 -24.78 36.76 48.37
C LEU B 146 -24.64 38.15 49.02
N GLY B 147 -23.41 38.60 49.22
CA GLY B 147 -23.13 39.89 49.90
C GLY B 147 -23.55 41.07 49.06
N ALA B 148 -23.19 41.09 47.78
CA ALA B 148 -23.43 42.22 46.86
C ALA B 148 -24.91 42.34 46.47
N ILE B 149 -25.60 41.23 46.22
CA ILE B 149 -26.99 41.29 45.65
C ILE B 149 -28.01 40.68 46.61
N VAL B 150 -27.82 39.42 47.04
CA VAL B 150 -28.86 38.67 47.80
C VAL B 150 -29.16 39.33 49.14
N ILE B 151 -28.16 39.51 50.00
CA ILE B 151 -28.37 40.00 51.39
C ILE B 151 -28.82 41.46 51.39
N ASP B 152 -29.98 41.72 51.99
CA ASP B 152 -30.52 43.09 52.19
C ASP B 152 -30.52 43.84 50.87
N ASN B 153 -30.76 43.13 49.76
CA ASN B 153 -30.83 43.74 48.41
C ASN B 153 -29.52 44.49 48.13
N GLY B 154 -28.40 43.99 48.70
CA GLY B 154 -27.06 44.53 48.48
C GLY B 154 -26.83 45.84 49.19
N THR B 155 -27.67 46.19 50.16
CA THR B 155 -27.58 47.50 50.87
C THR B 155 -26.88 47.36 52.23
N ASN B 156 -26.45 46.16 52.62
CA ASN B 156 -25.81 45.94 53.95
C ASN B 156 -24.29 46.02 53.82
N THR B 157 -23.67 47.03 54.44
CA THR B 157 -22.20 47.25 54.33
C THR B 157 -21.44 46.11 55.01
N GLY B 158 -21.88 45.66 56.19
CA GLY B 158 -21.17 44.60 56.94
C GLY B 158 -21.07 43.31 56.13
N ALA B 159 -22.21 42.84 55.62
CA ALA B 159 -22.31 41.62 54.79
C ALA B 159 -21.44 41.77 53.53
N PHE B 160 -21.56 42.92 52.87
CA PHE B 160 -20.81 43.25 51.63
C PHE B 160 -19.32 43.00 51.87
N ILE B 161 -18.82 43.40 53.05
CA ILE B 161 -17.40 43.23 53.45
C ILE B 161 -17.17 41.78 53.91
N LEU B 162 -18.00 41.29 54.84
CA LEU B 162 -17.81 39.94 55.43
C LEU B 162 -17.66 38.91 54.32
N TRP B 163 -18.67 38.81 53.45
CA TRP B 163 -18.75 37.78 52.38
C TRP B 163 -17.57 37.93 51.41
N ALA B 164 -17.16 39.16 51.12
CA ALA B 164 -16.01 39.43 50.24
C ALA B 164 -14.75 38.82 50.87
N VAL B 165 -14.59 38.94 52.19
CA VAL B 165 -13.44 38.38 52.93
C VAL B 165 -13.48 36.85 52.80
N ILE B 166 -14.65 36.26 53.03
CA ILE B 166 -14.88 34.79 52.89
C ILE B 166 -14.46 34.39 51.48
N SER B 167 -14.92 35.14 50.47
CA SER B 167 -14.59 34.90 49.05
C SER B 167 -13.08 34.87 48.85
N CYS B 168 -12.38 35.90 49.36
CA CYS B 168 -10.91 36.02 49.25
C CYS B 168 -10.24 34.75 49.77
N VAL B 169 -10.77 34.18 50.85
CA VAL B 169 -10.26 32.92 51.46
C VAL B 169 -10.25 31.84 50.37
N PHE B 170 -11.38 31.67 49.68
CA PHE B 170 -11.54 30.70 48.57
C PHE B 170 -10.59 31.07 47.42
N TRP B 171 -10.50 32.36 47.10
CA TRP B 171 -9.62 32.88 46.02
C TRP B 171 -8.19 32.42 46.30
N VAL B 172 -7.73 32.51 47.55
CA VAL B 172 -6.37 32.09 48.00
C VAL B 172 -6.23 30.58 47.79
N ILE B 173 -7.23 29.80 48.21
CA ILE B 173 -7.25 28.30 48.10
C ILE B 173 -7.04 27.93 46.62
N ALA B 174 -7.84 28.53 45.74
CA ALA B 174 -7.81 28.31 44.28
C ALA B 174 -6.41 28.61 43.73
N ASN B 175 -5.94 29.85 43.91
CA ASN B 175 -4.63 30.34 43.42
C ASN B 175 -3.52 29.40 43.88
N VAL B 176 -3.53 28.99 45.16
CA VAL B 176 -2.48 28.12 45.76
C VAL B 176 -2.41 26.80 44.97
N VAL B 177 -3.53 26.07 44.91
CA VAL B 177 -3.62 24.75 44.22
C VAL B 177 -3.09 24.88 42.79
N LEU B 178 -3.63 25.83 42.03
CA LEU B 178 -3.26 26.10 40.62
C LEU B 178 -1.77 26.41 40.52
N ILE B 179 -1.30 27.40 41.30
CA ILE B 179 0.13 27.85 41.32
C ILE B 179 1.03 26.64 41.59
N ARG B 180 0.66 25.82 42.58
CA ARG B 180 1.44 24.60 42.94
C ARG B 180 1.51 23.67 41.72
N ALA B 181 0.35 23.37 41.12
CA ALA B 181 0.20 22.49 39.93
C ALA B 181 1.09 22.99 38.79
N VAL B 182 1.06 24.30 38.50
CA VAL B 182 1.87 24.93 37.43
C VAL B 182 3.36 24.78 37.78
N ARG B 183 3.72 25.11 39.03
CA ARG B 183 5.12 25.04 39.54
C ARG B 183 5.63 23.60 39.47
N GLN B 184 4.80 22.62 39.87
CA GLN B 184 5.14 21.17 39.90
C GLN B 184 5.35 20.66 38.46
N SER B 185 4.55 21.16 37.52
CA SER B 185 4.53 20.72 36.10
C SER B 185 5.67 21.36 35.30
N LEU B 186 6.00 22.62 35.61
CA LEU B 186 6.99 23.43 34.83
C LEU B 186 8.30 22.67 34.64
N PRO B 187 8.88 22.06 35.69
CA PRO B 187 10.15 21.33 35.56
C PRO B 187 10.13 20.17 34.56
N THR B 188 9.02 19.45 34.49
CA THR B 188 8.84 18.23 33.64
C THR B 188 8.71 18.65 32.17
N LEU B 189 8.04 19.77 31.90
CA LEU B 189 7.77 20.28 30.53
C LEU B 189 9.07 20.76 29.87
N THR B 190 9.07 20.87 28.54
CA THR B 190 10.20 21.40 27.74
C THR B 190 10.30 22.90 27.98
N PRO B 191 11.44 23.54 27.64
CA PRO B 191 11.60 24.98 27.84
C PRO B 191 10.47 25.77 27.16
N GLU B 192 10.20 25.48 25.89
CA GLU B 192 9.15 26.18 25.08
C GLU B 192 7.79 26.02 25.78
N SER B 193 7.45 24.80 26.22
CA SER B 193 6.19 24.49 26.94
C SER B 193 6.19 25.20 28.30
N HIS B 194 7.29 25.08 29.06
CA HIS B 194 7.50 25.71 30.39
C HIS B 194 7.10 27.19 30.31
N THR B 195 7.68 27.94 29.37
CA THR B 195 7.42 29.39 29.17
C THR B 195 5.92 29.62 28.97
N MET B 196 5.29 28.89 28.05
CA MET B 196 3.84 29.04 27.70
C MET B 196 3.00 28.78 28.95
N LEU B 197 3.15 27.62 29.59
CA LEU B 197 2.35 27.22 30.79
C LEU B 197 2.51 28.31 31.86
N LYS B 198 3.75 28.61 32.25
CA LYS B 198 4.07 29.66 33.26
C LYS B 198 3.34 30.94 32.85
N SER B 199 3.54 31.38 31.60
CA SER B 199 2.91 32.59 31.01
C SER B 199 1.39 32.51 31.19
N ALA B 200 0.77 31.40 30.76
CA ALA B 200 -0.68 31.13 30.86
C ALA B 200 -1.11 31.21 32.33
N ALA B 201 -0.43 30.49 33.23
CA ALA B 201 -0.72 30.45 34.68
C ALA B 201 -0.69 31.87 35.23
N ILE B 202 0.42 32.59 35.01
CA ILE B 202 0.64 33.99 35.48
C ILE B 202 -0.43 34.89 34.87
N VAL B 203 -0.58 34.84 33.54
CA VAL B 203 -1.54 35.70 32.77
C VAL B 203 -2.96 35.43 33.27
N LEU B 204 -3.33 34.15 33.42
CA LEU B 204 -4.71 33.71 33.78
C LEU B 204 -5.08 34.19 35.19
N LEU B 205 -4.15 34.08 36.15
CA LEU B 205 -4.39 34.37 37.59
C LEU B 205 -4.27 35.86 37.91
N ALA B 206 -3.29 36.55 37.33
CA ALA B 206 -2.96 37.96 37.62
C ALA B 206 -4.22 38.84 37.51
N GLY B 207 -4.88 38.85 36.35
CA GLY B 207 -6.06 39.69 36.07
C GLY B 207 -7.12 39.63 37.16
N TRP B 208 -7.30 38.46 37.79
CA TRP B 208 -8.32 38.18 38.82
C TRP B 208 -8.45 39.34 39.81
N VAL B 209 -7.34 39.99 40.17
CA VAL B 209 -7.31 41.07 41.20
C VAL B 209 -8.31 42.18 40.85
N VAL B 210 -8.44 42.52 39.56
CA VAL B 210 -9.33 43.61 39.06
C VAL B 210 -10.74 43.42 39.61
N TYR B 211 -11.29 42.20 39.55
CA TYR B 211 -12.68 41.86 39.95
C TYR B 211 -12.92 42.29 41.40
N PRO B 212 -12.12 41.81 42.38
CA PRO B 212 -12.30 42.20 43.78
C PRO B 212 -12.24 43.73 43.95
N ILE B 213 -11.31 44.39 43.26
CA ILE B 213 -11.10 45.87 43.32
C ILE B 213 -12.39 46.58 42.92
N VAL B 214 -12.96 46.19 41.78
CA VAL B 214 -14.21 46.79 41.21
C VAL B 214 -15.38 46.55 42.17
N TYR B 215 -15.37 45.41 42.85
CA TYR B 215 -16.44 44.98 43.81
C TYR B 215 -16.60 46.03 44.93
N PHE B 216 -15.48 46.52 45.47
CA PHE B 216 -15.43 47.44 46.64
C PHE B 216 -15.56 48.90 46.23
N LEU B 217 -15.69 49.21 44.94
CA LEU B 217 -15.78 50.60 44.42
C LEU B 217 -17.03 51.28 44.97
N PRO B 218 -18.20 50.61 44.98
CA PRO B 218 -19.44 51.20 45.49
C PRO B 218 -19.32 51.84 46.88
N LEU B 219 -18.41 51.33 47.72
CA LEU B 219 -18.17 51.82 49.10
C LEU B 219 -17.74 53.29 49.07
N PHE B 220 -16.99 53.69 48.05
CA PHE B 220 -16.44 55.07 47.87
C PHE B 220 -17.53 56.00 47.30
N GLY B 221 -18.79 55.58 47.36
CA GLY B 221 -19.95 56.36 46.88
C GLY B 221 -20.61 55.74 45.65
N ALA B 222 -21.59 56.44 45.09
CA ALA B 222 -22.36 56.03 43.88
C ALA B 222 -22.45 57.22 42.91
N SER B 223 -22.46 56.94 41.60
CA SER B 223 -22.54 57.96 40.53
C SER B 223 -22.70 57.28 39.16
N GLY B 224 -23.32 57.98 38.22
CA GLY B 224 -23.51 57.49 36.83
C GLY B 224 -22.17 57.13 36.21
N GLY B 225 -21.15 57.94 36.47
CA GLY B 225 -19.76 57.72 36.01
C GLY B 225 -19.16 56.46 36.62
N LEU B 226 -19.23 56.34 37.94
CA LEU B 226 -18.72 55.16 38.70
C LEU B 226 -19.39 53.90 38.16
N THR B 227 -20.72 53.84 38.20
CA THR B 227 -21.53 52.70 37.69
C THR B 227 -21.01 52.30 36.31
N THR B 228 -20.82 53.29 35.42
CA THR B 228 -20.28 53.10 34.05
C THR B 228 -18.91 52.42 34.13
N THR B 229 -18.00 52.98 34.93
CA THR B 229 -16.62 52.47 35.13
C THR B 229 -16.69 50.99 35.54
N ILE B 230 -17.47 50.69 36.58
CA ILE B 230 -17.66 49.33 37.14
C ILE B 230 -18.01 48.36 36.01
N LEU B 231 -19.11 48.63 35.29
CA LEU B 231 -19.64 47.76 34.21
C LEU B 231 -18.59 47.57 33.11
N ILE B 232 -18.14 48.67 32.49
CA ILE B 232 -17.17 48.65 31.35
C ILE B 232 -15.90 47.90 31.76
N THR B 233 -15.28 48.30 32.88
CA THR B 233 -14.02 47.70 33.40
C THR B 233 -14.18 46.18 33.47
N LEU B 234 -15.24 45.71 34.13
CA LEU B 234 -15.55 44.26 34.29
C LEU B 234 -15.65 43.62 32.90
N THR B 235 -16.39 44.25 31.98
CA THR B 235 -16.60 43.76 30.59
C THR B 235 -15.24 43.61 29.90
N VAL B 236 -14.43 44.68 29.88
CA VAL B 236 -13.07 44.70 29.26
C VAL B 236 -12.25 43.57 29.88
N ALA B 237 -12.31 43.42 31.21
CA ALA B 237 -11.59 42.40 31.99
C ALA B 237 -12.02 41.01 31.51
N ASP B 238 -13.34 40.75 31.46
CA ASP B 238 -13.93 39.46 31.02
C ASP B 238 -13.40 39.10 29.62
N VAL B 239 -13.45 40.04 28.67
CA VAL B 239 -13.03 39.83 27.26
C VAL B 239 -11.53 39.57 27.22
N ILE B 240 -10.73 40.45 27.83
CA ILE B 240 -9.23 40.35 27.85
C ILE B 240 -8.83 38.97 28.38
N VAL B 241 -9.38 38.55 29.53
CA VAL B 241 -9.05 37.27 30.20
C VAL B 241 -9.60 36.10 29.40
N LYS B 242 -10.93 36.04 29.28
CA LYS B 242 -11.62 34.92 28.66
C LYS B 242 -11.23 34.76 27.19
N LEU B 243 -10.64 35.79 26.58
CA LEU B 243 -10.29 35.72 25.18
C LEU B 243 -8.77 35.65 24.99
N GLY B 244 -8.06 36.76 25.18
CA GLY B 244 -6.59 36.84 24.99
C GLY B 244 -5.86 35.71 25.71
N PHE B 245 -6.31 35.39 26.92
CA PHE B 245 -5.71 34.36 27.82
C PHE B 245 -6.10 32.95 27.35
N SER B 246 -7.23 32.83 26.66
CA SER B 246 -7.75 31.55 26.10
C SER B 246 -6.71 30.91 25.20
N THR B 247 -6.09 31.71 24.32
CA THR B 247 -5.05 31.26 23.35
C THR B 247 -3.89 30.59 24.08
N GLN B 248 -3.42 31.21 25.18
CA GLN B 248 -2.24 30.75 25.96
C GLN B 248 -2.38 29.25 26.28
N THR B 249 -3.47 28.86 26.94
CA THR B 249 -3.75 27.46 27.34
C THR B 249 -3.73 26.54 26.10
N HIS B 250 -4.47 26.94 25.05
CA HIS B 250 -4.59 26.17 23.78
C HIS B 250 -3.20 25.90 23.20
N ARG B 251 -2.37 26.95 23.08
CA ARG B 251 -0.99 26.86 22.53
C ARG B 251 -0.22 25.77 23.26
N VAL B 252 -0.20 25.79 24.60
CA VAL B 252 0.49 24.76 25.45
C VAL B 252 0.09 23.38 24.94
N ALA B 253 -1.22 23.12 24.86
CA ALA B 253 -1.81 21.84 24.41
C ALA B 253 -1.25 21.45 23.04
N LYS B 254 -1.26 22.37 22.09
CA LYS B 254 -0.77 22.16 20.70
C LYS B 254 0.71 21.74 20.72
N LEU B 255 1.55 22.53 21.39
CA LEU B 255 3.01 22.26 21.48
C LEU B 255 3.21 20.89 22.12
N ARG B 256 2.57 20.66 23.27
CA ARG B 256 2.65 19.38 24.03
C ARG B 256 2.23 18.22 23.11
N THR B 257 1.30 18.47 22.19
CA THR B 257 0.82 17.50 21.17
C THR B 257 1.95 17.23 20.17
N ALA B 258 2.53 18.30 19.61
CA ALA B 258 3.65 18.25 18.64
C ALA B 258 4.84 17.52 19.25
N GLU B 259 5.16 17.84 20.52
CA GLU B 259 6.27 17.22 21.29
C GLU B 259 6.05 15.70 21.34
N ASP B 260 4.84 15.27 21.71
CA ASP B 260 4.43 13.84 21.80
C ASP B 260 4.64 13.19 20.42
N VAL B 261 4.39 13.93 19.34
CA VAL B 261 4.55 13.47 17.93
C VAL B 261 6.05 13.31 17.64
N ARG B 262 6.83 14.39 17.81
CA ARG B 262 8.30 14.39 17.56
C ARG B 262 8.96 13.29 18.41
N ALA B 263 8.62 13.22 19.70
CA ALA B 263 9.16 12.25 20.67
C ALA B 263 8.81 10.82 20.25
N GLY B 264 7.82 10.67 19.37
CA GLY B 264 7.38 9.35 18.86
C GLY B 264 6.40 8.67 19.79
N ASP B 265 5.91 9.39 20.80
CA ASP B 265 4.93 8.86 21.79
C ASP B 265 3.57 8.64 21.12
N ASP B 266 3.15 9.54 20.23
CA ASP B 266 1.80 9.43 19.59
C ASP B 266 1.84 10.01 18.18
N VAL B 267 0.77 9.78 17.40
CA VAL B 267 0.63 10.24 15.98
C VAL B 267 -0.56 11.19 15.87
N HIS B 268 -0.41 12.26 15.07
CA HIS B 268 -1.49 13.23 14.80
C HIS B 268 -1.79 13.22 13.30
N PRO B 269 -3.08 13.27 12.88
CA PRO B 269 -3.43 13.22 11.46
C PRO B 269 -2.90 14.40 10.62
N GLU B 270 -2.83 15.59 11.20
CA GLU B 270 -2.42 16.82 10.46
C GLU B 270 -1.19 17.45 11.10
N SER B 271 -0.45 18.25 10.33
CA SER B 271 0.73 19.01 10.80
C SER B 271 0.25 20.09 11.77
N ILE B 272 1.01 20.32 12.85
CA ILE B 272 0.68 21.33 13.89
C ILE B 272 1.63 22.52 13.71
N TRP B 273 1.07 23.72 13.55
CA TRP B 273 1.84 24.97 13.32
C TRP B 273 1.57 25.96 14.44
N ILE B 274 2.63 26.56 15.00
CA ILE B 274 2.50 27.65 16.02
C ILE B 274 3.32 28.85 15.52
N SER B 275 2.68 30.00 15.35
CA SER B 275 3.35 31.24 14.90
C SER B 275 4.03 31.04 13.55
N SER B 276 3.41 30.25 12.66
CA SER B 276 3.91 30.04 11.28
C SER B 276 5.19 29.17 11.29
N VAL B 277 5.45 28.45 12.38
CA VAL B 277 6.62 27.53 12.47
C VAL B 277 6.08 26.12 12.72
N LYS B 278 6.48 25.16 11.88
CA LYS B 278 6.01 23.75 11.98
C LYS B 278 6.54 23.14 13.28
N GLN B 279 5.65 22.54 14.08
CA GLN B 279 6.02 21.89 15.37
C GLN B 279 5.91 20.38 15.20
N SER B 280 5.08 19.90 14.27
CA SER B 280 4.84 18.45 14.06
C SER B 280 4.47 18.19 12.61
N ASP B 281 4.70 16.96 12.14
CA ASP B 281 4.39 16.56 10.73
C ASP B 281 3.19 15.62 10.76
N ALA B 282 2.40 15.61 9.68
CA ALA B 282 1.19 14.78 9.57
C ALA B 282 1.58 13.31 9.64
N GLY B 283 0.83 12.52 10.41
CA GLY B 283 1.07 11.09 10.59
C GLY B 283 -0.22 10.31 10.65
N LEU B 284 -0.20 9.07 10.17
CA LEU B 284 -1.38 8.17 10.21
C LEU B 284 -1.05 6.96 11.08
N PRO B 285 -2.01 6.50 11.90
CA PRO B 285 -1.81 5.31 12.73
C PRO B 285 -1.55 4.09 11.84
N ARG B 286 -0.70 3.16 12.28
CA ARG B 286 -0.34 1.97 11.48
C ARG B 286 -1.56 1.05 11.34
N GLU B 287 -1.83 0.58 10.11
CA GLU B 287 -2.96 -0.35 9.83
C GLU B 287 -2.69 -1.64 10.60
N VAL B 288 -3.73 -2.19 11.23
CA VAL B 288 -3.65 -3.45 12.03
C VAL B 288 -4.58 -4.49 11.40
N TYR B 289 -4.10 -5.72 11.23
CA TYR B 289 -4.94 -6.84 10.76
C TYR B 289 -5.45 -7.58 11.99
N LEU B 290 -6.75 -7.41 12.28
CA LEU B 290 -7.41 -8.09 13.43
C LEU B 290 -7.54 -9.57 13.09
N ALA B 291 -7.77 -10.42 14.09
CA ALA B 291 -7.82 -11.89 13.90
C ALA B 291 -8.78 -12.25 12.77
N GLU B 292 -9.96 -11.61 12.73
CA GLU B 292 -10.99 -11.84 11.68
C GLU B 292 -11.42 -13.31 11.70
N THR C 4 -22.60 74.77 16.02
CA THR C 4 -22.93 73.39 15.56
C THR C 4 -23.32 73.41 14.08
N ASN C 5 -22.80 72.45 13.31
CA ASN C 5 -23.08 72.30 11.85
C ASN C 5 -23.47 70.84 11.56
N VAL C 6 -23.42 70.00 12.59
CA VAL C 6 -23.71 68.53 12.51
C VAL C 6 -25.22 68.32 12.59
N SER C 7 -25.78 67.63 11.59
CA SER C 7 -27.23 67.29 11.49
C SER C 7 -27.39 65.77 11.61
N VAL C 8 -27.55 65.27 12.84
CA VAL C 8 -27.68 63.81 13.17
C VAL C 8 -28.66 63.18 12.19
N PRO C 9 -28.29 62.05 11.56
CA PRO C 9 -29.14 61.38 10.58
C PRO C 9 -30.40 60.73 11.17
N TRP C 10 -30.35 60.33 12.44
CA TRP C 10 -31.47 59.64 13.17
C TRP C 10 -32.55 60.65 13.56
N GLY C 11 -32.40 61.91 13.13
CA GLY C 11 -33.36 62.99 13.40
C GLY C 11 -34.31 63.20 12.24
N ALA C 12 -33.86 62.85 11.03
CA ALA C 12 -34.60 63.00 9.75
C ALA C 12 -35.72 61.97 9.66
N THR C 13 -36.90 62.40 9.20
CA THR C 13 -38.11 61.56 8.99
C THR C 13 -37.97 60.82 7.65
N LEU C 14 -38.39 59.55 7.59
CA LEU C 14 -38.25 58.69 6.40
C LEU C 14 -39.62 58.42 5.76
N SER C 15 -39.67 58.40 4.43
CA SER C 15 -40.87 58.07 3.63
C SER C 15 -41.13 56.56 3.71
N ASN C 16 -42.35 56.11 3.41
CA ASN C 16 -42.73 54.67 3.42
C ASN C 16 -41.82 53.91 2.45
N ALA C 17 -41.56 54.51 1.29
CA ALA C 17 -40.68 53.95 0.23
C ALA C 17 -39.26 53.79 0.80
N GLU C 18 -38.71 54.86 1.38
CA GLU C 18 -37.36 54.88 1.99
C GLU C 18 -37.28 53.79 3.07
N HIS C 19 -38.24 53.76 4.00
CA HIS C 19 -38.33 52.80 5.12
C HIS C 19 -38.26 51.35 4.57
N GLN C 20 -38.94 51.09 3.47
CA GLN C 20 -39.01 49.76 2.81
C GLN C 20 -37.62 49.39 2.27
N LEU C 21 -37.01 50.31 1.50
CA LEU C 21 -35.67 50.14 0.86
C LEU C 21 -34.64 49.76 1.93
N ILE C 22 -34.52 50.56 2.99
CA ILE C 22 -33.55 50.34 4.11
C ILE C 22 -33.71 48.91 4.62
N PHE C 23 -34.94 48.51 4.95
CA PHE C 23 -35.30 47.16 5.46
C PHE C 23 -34.80 46.10 4.47
N TYR C 24 -35.16 46.26 3.19
CA TYR C 24 -34.80 45.36 2.06
C TYR C 24 -33.30 45.06 2.11
N PHE C 25 -32.47 46.10 2.00
CA PHE C 25 -30.98 46.01 1.94
C PHE C 25 -30.44 45.37 3.22
N LEU C 26 -30.89 45.83 4.39
CA LEU C 26 -30.44 45.32 5.72
C LEU C 26 -30.61 43.80 5.76
N VAL C 27 -31.83 43.31 5.55
CA VAL C 27 -32.19 41.86 5.60
C VAL C 27 -31.37 41.11 4.54
N VAL C 28 -31.45 41.56 3.28
CA VAL C 28 -30.70 40.95 2.14
C VAL C 28 -29.25 40.73 2.58
N ALA C 29 -28.63 41.78 3.16
CA ALA C 29 -27.24 41.75 3.68
C ALA C 29 -27.09 40.60 4.67
N ALA C 30 -27.90 40.60 5.73
CA ALA C 30 -27.90 39.58 6.81
C ALA C 30 -27.96 38.18 6.17
N LEU C 31 -28.92 37.95 5.27
CA LEU C 31 -29.13 36.67 4.56
C LEU C 31 -27.87 36.33 3.74
N ALA C 32 -27.33 37.32 3.04
CA ALA C 32 -26.10 37.20 2.21
C ALA C 32 -24.97 36.67 3.08
N PHE C 33 -24.86 37.14 4.33
CA PHE C 33 -23.82 36.74 5.31
C PHE C 33 -24.07 35.29 5.72
N VAL C 34 -25.33 34.91 5.96
CA VAL C 34 -25.73 33.53 6.33
C VAL C 34 -25.24 32.58 5.24
N ALA C 35 -25.53 32.92 3.97
CA ALA C 35 -25.10 32.17 2.76
C ALA C 35 -23.58 32.09 2.74
N GLY C 36 -22.90 33.21 3.00
CA GLY C 36 -21.43 33.31 3.06
C GLY C 36 -20.86 32.46 4.17
N PHE C 37 -21.41 32.59 5.38
CA PHE C 37 -21.01 31.84 6.59
C PHE C 37 -21.08 30.33 6.30
N ILE C 38 -22.21 29.89 5.73
CA ILE C 38 -22.45 28.46 5.35
C ILE C 38 -21.36 28.00 4.38
N ARG C 39 -21.13 28.78 3.30
CA ARG C 39 -20.11 28.47 2.27
C ARG C 39 -18.74 28.32 2.93
N THR C 40 -18.32 29.34 3.69
CA THR C 40 -17.00 29.41 4.38
C THR C 40 -16.80 28.14 5.22
N TYR C 41 -17.82 27.75 6.00
CA TYR C 41 -17.78 26.58 6.90
C TYR C 41 -17.56 25.30 6.09
N ILE C 42 -18.39 25.07 5.07
CA ILE C 42 -18.33 23.85 4.19
C ILE C 42 -16.96 23.79 3.49
N THR C 43 -16.46 24.94 3.03
CA THR C 43 -15.16 25.07 2.33
C THR C 43 -14.09 25.50 3.33
N ARG C 44 -13.96 24.79 4.46
CA ARG C 44 -12.98 25.12 5.53
C ARG C 44 -11.79 24.15 5.44
N ASN C 45 -12.03 22.91 5.02
CA ASN C 45 -11.00 21.83 4.94
C ASN C 45 -10.33 21.85 3.56
N GLU C 46 -10.65 22.86 2.74
CA GLU C 46 -10.01 23.07 1.40
C GLU C 46 -8.65 23.74 1.62
N VAL C 47 -8.36 24.14 2.87
CA VAL C 47 -7.12 24.84 3.28
C VAL C 47 -6.36 23.96 4.27
N GLY C 48 -5.03 24.11 4.31
CA GLY C 48 -4.13 23.35 5.20
C GLY C 48 -4.17 23.90 6.61
N SER C 49 -3.51 23.21 7.55
CA SER C 49 -3.47 23.60 8.99
C SER C 49 -2.69 24.91 9.15
N ARG C 50 -1.65 25.10 8.33
CA ARG C 50 -0.73 26.26 8.34
C ARG C 50 -1.50 27.58 8.22
N TYR C 51 -2.50 27.65 7.34
CA TYR C 51 -3.25 28.89 7.01
C TYR C 51 -4.70 28.82 7.53
N ARG C 52 -4.95 27.94 8.51
CA ARG C 52 -6.31 27.74 9.08
C ARG C 52 -6.79 29.03 9.77
N THR C 53 -5.85 29.83 10.30
CA THR C 53 -6.15 31.11 10.99
C THR C 53 -7.01 31.99 10.08
N ALA C 54 -6.72 31.97 8.77
CA ALA C 54 -7.43 32.74 7.73
C ALA C 54 -8.90 32.34 7.72
N VAL C 55 -9.17 31.03 7.71
CA VAL C 55 -10.53 30.43 7.68
C VAL C 55 -11.26 30.84 8.97
N SER C 56 -10.64 30.59 10.13
CA SER C 56 -11.19 30.90 11.47
C SER C 56 -11.62 32.37 11.54
N ALA C 57 -10.77 33.27 11.07
CA ALA C 57 -10.98 34.74 11.09
C ALA C 57 -12.20 35.11 10.24
N ARG C 58 -12.24 34.65 8.98
CA ARG C 58 -13.34 35.00 8.04
C ARG C 58 -14.66 34.47 8.59
N LEU C 59 -14.73 33.19 8.98
CA LEU C 59 -15.96 32.57 9.53
C LEU C 59 -16.43 33.40 10.73
N GLY C 60 -15.50 33.83 11.59
CA GLY C 60 -15.78 34.69 12.75
C GLY C 60 -16.38 36.02 12.31
N MET C 61 -15.72 36.70 11.38
CA MET C 61 -16.16 38.01 10.81
C MET C 61 -17.60 37.88 10.31
N LEU C 62 -17.85 36.88 9.46
CA LEU C 62 -19.19 36.60 8.87
C LEU C 62 -20.21 36.39 10.00
N GLY C 63 -19.87 35.52 10.97
CA GLY C 63 -20.71 35.24 12.15
C GLY C 63 -21.09 36.52 12.87
N VAL C 64 -20.10 37.35 13.18
CA VAL C 64 -20.27 38.67 13.88
C VAL C 64 -21.22 39.54 13.05
N ALA C 65 -20.93 39.69 11.75
CA ALA C 65 -21.71 40.50 10.79
C ALA C 65 -23.18 40.08 10.83
N LEU C 66 -23.44 38.79 10.67
CA LEU C 66 -24.80 38.18 10.65
C LEU C 66 -25.57 38.63 11.90
N LEU C 67 -25.05 38.32 13.09
CA LEU C 67 -25.67 38.64 14.40
C LEU C 67 -25.84 40.16 14.53
N ALA C 68 -24.79 40.92 14.18
CA ALA C 68 -24.78 42.40 14.24
C ALA C 68 -25.95 42.94 13.42
N TYR C 69 -26.05 42.54 12.14
CA TYR C 69 -27.10 42.98 11.19
C TYR C 69 -28.49 42.59 11.71
N ILE C 70 -28.57 41.51 12.48
CA ILE C 70 -29.85 41.08 13.13
C ILE C 70 -30.26 42.16 14.13
N LEU C 71 -29.30 42.63 14.95
CA LEU C 71 -29.51 43.72 15.93
C LEU C 71 -29.93 44.99 15.20
N ILE C 72 -29.17 45.36 14.15
CA ILE C 72 -29.43 46.56 13.30
C ILE C 72 -30.88 46.51 12.82
N ILE C 73 -31.29 45.36 12.27
CA ILE C 73 -32.66 45.13 11.73
C ILE C 73 -33.69 45.35 12.84
N VAL C 74 -33.48 44.71 14.00
CA VAL C 74 -34.41 44.82 15.16
C VAL C 74 -34.54 46.28 15.55
N ALA C 75 -33.41 46.97 15.76
CA ALA C 75 -33.37 48.40 16.14
C ALA C 75 -34.19 49.21 15.14
N PHE C 76 -34.02 48.94 13.84
CA PHE C 76 -34.74 49.64 12.74
C PHE C 76 -36.26 49.44 12.91
N LEU C 77 -36.66 48.22 13.25
CA LEU C 77 -38.10 47.85 13.42
C LEU C 77 -38.66 48.49 14.69
N LEU C 78 -37.86 48.54 15.75
CA LEU C 78 -38.28 49.09 17.07
C LEU C 78 -37.81 50.54 17.21
N GLY C 79 -37.05 51.04 16.24
CA GLY C 79 -36.46 52.38 16.29
C GLY C 79 -37.30 53.42 15.58
N TYR C 80 -38.36 53.04 14.87
CA TYR C 80 -39.19 53.98 14.08
C TYR C 80 -40.68 53.72 14.29
N ASP C 81 -41.50 54.76 14.13
CA ASP C 81 -42.98 54.70 14.25
C ASP C 81 -43.61 55.40 13.04
N SER C 82 -44.77 54.95 12.59
CA SER C 82 -45.45 55.52 11.40
C SER C 82 -46.40 56.64 11.82
N THR C 83 -46.27 57.83 11.24
CA THR C 83 -47.12 59.02 11.58
C THR C 83 -48.10 59.34 10.47
N ALA C 84 -48.12 58.55 9.40
CA ALA C 84 -48.98 58.77 8.21
C ALA C 84 -48.32 59.81 7.31
N GLY C 85 -47.34 60.55 7.84
CA GLY C 85 -46.51 61.50 7.05
C GLY C 85 -45.13 60.91 6.79
N GLY C 86 -44.93 59.66 7.22
CA GLY C 86 -43.64 58.95 7.15
C GLY C 86 -43.37 58.24 8.46
N TRP C 87 -42.10 57.96 8.75
CA TRP C 87 -41.66 57.25 9.99
C TRP C 87 -40.89 58.23 10.88
N VAL C 88 -41.40 58.48 12.08
CA VAL C 88 -40.77 59.39 13.08
C VAL C 88 -39.87 58.57 14.00
N PRO C 89 -38.60 58.99 14.17
CA PRO C 89 -37.64 58.26 14.99
C PRO C 89 -38.06 58.12 16.46
N ASN C 90 -37.79 56.96 17.07
CA ASN C 90 -37.94 56.73 18.52
C ASN C 90 -36.64 57.20 19.18
N ASP C 91 -36.54 57.10 20.51
CA ASP C 91 -35.32 57.47 21.25
C ASP C 91 -34.19 56.48 20.92
N GLY C 92 -34.54 55.25 20.53
CA GLY C 92 -33.57 54.17 20.27
C GLY C 92 -33.13 54.11 18.82
N ALA C 93 -33.63 54.97 17.93
CA ALA C 93 -33.28 54.93 16.49
C ALA C 93 -31.76 55.09 16.33
N ILE C 94 -31.16 55.99 17.10
CA ILE C 94 -29.68 56.21 17.12
C ILE C 94 -28.99 54.85 17.21
N ASN C 95 -29.62 53.88 17.86
CA ASN C 95 -29.08 52.50 18.08
C ASN C 95 -28.72 51.87 16.72
N ILE C 96 -29.51 52.12 15.67
CA ILE C 96 -29.28 51.56 14.31
C ILE C 96 -27.84 51.89 13.88
N PHE C 97 -27.46 53.17 13.96
CA PHE C 97 -26.12 53.69 13.58
C PHE C 97 -25.07 53.16 14.56
N SER C 98 -25.38 53.20 15.86
CA SER C 98 -24.51 52.71 16.97
C SER C 98 -24.11 51.26 16.71
N THR C 99 -25.09 50.40 16.43
CA THR C 99 -24.91 48.93 16.22
C THR C 99 -23.86 48.68 15.13
N ARG C 100 -23.91 49.44 14.03
CA ARG C 100 -22.99 49.24 12.88
C ARG C 100 -21.55 49.43 13.35
N TYR C 101 -21.30 50.43 14.20
CA TYR C 101 -19.98 50.73 14.80
C TYR C 101 -19.50 49.48 15.55
N ILE C 102 -20.37 48.92 16.40
CA ILE C 102 -20.09 47.68 17.20
C ILE C 102 -19.60 46.61 16.23
N GLU C 103 -20.36 46.35 15.16
CA GLU C 103 -20.00 45.40 14.08
C GLU C 103 -18.55 45.66 13.65
N TRP C 104 -18.28 46.88 13.18
CA TRP C 104 -16.95 47.30 12.65
C TRP C 104 -15.88 47.09 13.72
N THR C 105 -16.15 47.46 14.97
CA THR C 105 -15.17 47.36 16.09
C THR C 105 -14.60 45.94 16.16
N VAL C 106 -15.44 44.92 15.98
CA VAL C 106 -15.04 43.48 16.07
C VAL C 106 -14.66 42.96 14.68
N SER C 107 -15.45 43.30 13.66
CA SER C 107 -15.27 42.80 12.26
C SER C 107 -13.91 43.23 11.69
N VAL C 108 -13.60 44.53 11.72
CA VAL C 108 -12.35 45.10 11.12
C VAL C 108 -11.13 44.39 11.68
N PRO C 109 -10.97 44.29 13.02
CA PRO C 109 -9.81 43.64 13.62
C PRO C 109 -9.58 42.22 13.07
N LEU C 110 -10.66 41.44 12.95
CA LEU C 110 -10.63 40.04 12.43
C LEU C 110 -10.06 40.04 11.00
N LEU C 111 -10.48 41.00 10.17
CA LEU C 111 -10.00 41.15 8.78
C LEU C 111 -8.47 41.24 8.81
N THR C 112 -7.93 42.14 9.63
CA THR C 112 -6.46 42.33 9.83
C THR C 112 -5.79 40.95 9.97
N ILE C 113 -6.24 40.17 10.96
CA ILE C 113 -5.69 38.82 11.28
C ILE C 113 -5.74 37.95 10.03
N GLU C 114 -6.86 38.00 9.30
CA GLU C 114 -7.09 37.19 8.07
C GLU C 114 -5.99 37.49 7.05
N LEU C 115 -5.74 38.76 6.75
CA LEU C 115 -4.70 39.18 5.79
C LEU C 115 -3.32 38.78 6.32
N LEU C 116 -3.06 39.03 7.61
CA LEU C 116 -1.77 38.70 8.29
C LEU C 116 -1.56 37.18 8.24
N ALA C 117 -2.64 36.41 8.33
CA ALA C 117 -2.62 34.92 8.31
C ALA C 117 -2.09 34.43 6.96
N VAL C 118 -2.62 34.95 5.85
CA VAL C 118 -2.19 34.59 4.47
C VAL C 118 -0.77 35.14 4.25
N CYS C 119 -0.43 36.25 4.90
CA CYS C 119 0.94 36.85 4.88
C CYS C 119 1.91 35.84 5.52
N ALA C 120 3.13 35.73 4.98
CA ALA C 120 4.15 34.75 5.42
C ALA C 120 5.00 35.33 6.56
N THR C 121 4.70 36.55 7.00
CA THR C 121 5.39 37.21 8.14
C THR C 121 5.37 36.25 9.33
N LEU C 122 6.54 35.84 9.82
CA LEU C 122 6.69 34.83 10.90
C LEU C 122 7.54 35.42 12.03
N GLY C 123 7.55 34.77 13.19
CA GLY C 123 8.27 35.24 14.39
C GLY C 123 7.44 36.25 15.17
N VAL C 124 8.05 36.92 16.15
CA VAL C 124 7.38 37.90 17.05
C VAL C 124 7.06 39.18 16.25
N GLN C 125 7.98 39.63 15.40
CA GLN C 125 7.81 40.84 14.54
C GLN C 125 6.39 40.83 13.96
N ALA C 126 5.95 39.66 13.47
CA ALA C 126 4.59 39.45 12.90
C ALA C 126 3.55 39.53 14.03
N ARG C 127 3.83 38.91 15.18
CA ARG C 127 2.97 38.97 16.39
C ARG C 127 2.75 40.44 16.78
N ARG C 128 3.82 41.24 16.85
CA ARG C 128 3.74 42.70 17.17
C ARG C 128 2.80 43.38 16.18
N ASN C 129 2.98 43.11 14.88
CA ASN C 129 2.16 43.67 13.77
C ASN C 129 0.67 43.40 14.07
N THR C 130 0.33 42.15 14.39
CA THR C 130 -1.07 41.72 14.70
C THR C 130 -1.64 42.62 15.80
N ALA C 131 -0.94 42.74 16.92
CA ALA C 131 -1.33 43.54 18.11
C ALA C 131 -1.62 44.98 17.68
N ILE C 132 -0.72 45.58 16.90
CA ILE C 132 -0.84 46.99 16.40
C ILE C 132 -2.11 47.12 15.54
N ALA C 133 -2.25 46.26 14.53
CA ALA C 133 -3.39 46.24 13.58
C ALA C 133 -4.71 46.18 14.37
N VAL C 134 -4.85 45.17 15.24
CA VAL C 134 -6.09 44.94 16.04
C VAL C 134 -6.39 46.18 16.88
N THR C 135 -5.44 46.62 17.70
CA THR C 135 -5.58 47.80 18.60
C THR C 135 -5.92 49.04 17.75
N ALA C 136 -5.18 49.26 16.67
CA ALA C 136 -5.36 50.40 15.74
C ALA C 136 -6.78 50.38 15.19
N THR C 137 -7.16 49.29 14.50
CA THR C 137 -8.50 49.10 13.88
C THR C 137 -9.58 49.29 14.95
N GLY C 138 -9.43 48.64 16.10
CA GLY C 138 -10.36 48.74 17.24
C GLY C 138 -10.57 50.19 17.65
N ALA C 139 -9.47 50.90 17.89
CA ALA C 139 -9.48 52.33 18.30
C ALA C 139 -10.09 53.17 17.18
N MET C 140 -9.71 52.91 15.92
CA MET C 140 -10.22 53.67 14.75
C MET C 140 -11.74 53.79 14.85
N ILE C 141 -12.43 52.65 14.94
CA ILE C 141 -13.92 52.61 15.00
C ILE C 141 -14.39 53.29 16.30
N PHE C 142 -13.75 52.98 17.43
CA PHE C 142 -14.16 53.53 18.75
C PHE C 142 -14.11 55.05 18.69
N CYS C 143 -13.03 55.61 18.15
CA CYS C 143 -12.85 57.08 18.09
C CYS C 143 -14.01 57.68 17.30
N GLY C 144 -14.34 57.08 16.14
CA GLY C 144 -15.47 57.53 15.30
C GLY C 144 -16.78 57.48 16.06
N PHE C 145 -17.01 56.38 16.78
CA PHE C 145 -18.24 56.17 17.59
C PHE C 145 -18.35 57.27 18.64
N LEU C 146 -17.24 57.58 19.31
CA LEU C 146 -17.23 58.60 20.39
C LEU C 146 -17.70 59.94 19.81
N GLY C 147 -17.11 60.36 18.69
CA GLY C 147 -17.43 61.65 18.05
C GLY C 147 -18.83 61.69 17.47
N ALA C 148 -19.23 60.65 16.72
CA ALA C 148 -20.53 60.61 16.01
C ALA C 148 -21.70 60.43 16.98
N ILE C 149 -21.56 59.59 18.00
CA ILE C 149 -22.70 59.22 18.89
C ILE C 149 -22.48 59.66 20.34
N VAL C 150 -21.38 59.25 20.96
CA VAL C 150 -21.17 59.40 22.43
C VAL C 150 -21.13 60.87 22.84
N ILE C 151 -20.37 61.72 22.15
CA ILE C 151 -20.14 63.12 22.60
C ILE C 151 -21.30 64.03 22.18
N ASP C 152 -21.94 64.65 23.18
CA ASP C 152 -23.04 65.65 22.97
C ASP C 152 -24.11 65.02 22.09
N ASN C 153 -24.29 63.71 22.18
CA ASN C 153 -25.34 62.98 21.42
C ASN C 153 -25.17 63.27 19.93
N GLY C 154 -23.91 63.44 19.49
CA GLY C 154 -23.58 63.67 18.07
C GLY C 154 -24.01 65.05 17.59
N THR C 155 -24.23 65.99 18.52
CA THR C 155 -24.65 67.38 18.18
C THR C 155 -23.43 68.31 18.11
N ASN C 156 -22.25 67.83 18.48
CA ASN C 156 -21.03 68.69 18.55
C ASN C 156 -20.21 68.52 17.28
N THR C 157 -20.11 69.57 16.47
CA THR C 157 -19.32 69.55 15.21
C THR C 157 -17.83 69.38 15.51
N GLY C 158 -17.31 70.05 16.54
CA GLY C 158 -15.87 70.02 16.89
C GLY C 158 -15.37 68.60 17.14
N ALA C 159 -16.02 67.88 18.06
CA ALA C 159 -15.66 66.49 18.41
C ALA C 159 -15.84 65.60 17.17
N PHE C 160 -16.99 65.75 16.50
CA PHE C 160 -17.35 64.98 15.29
C PHE C 160 -16.17 64.95 14.31
N ILE C 161 -15.44 66.07 14.20
CA ILE C 161 -14.30 66.22 13.25
C ILE C 161 -13.01 65.82 13.95
N LEU C 162 -12.73 66.40 15.12
CA LEU C 162 -11.50 66.14 15.91
C LEU C 162 -11.25 64.62 15.97
N TRP C 163 -12.19 63.87 16.54
CA TRP C 163 -12.10 62.40 16.75
C TRP C 163 -11.97 61.67 15.41
N ALA C 164 -12.63 62.17 14.36
CA ALA C 164 -12.52 61.62 12.98
C ALA C 164 -11.06 61.67 12.55
N VAL C 165 -10.39 62.79 12.83
CA VAL C 165 -8.95 63.02 12.50
C VAL C 165 -8.10 62.03 13.30
N ILE C 166 -8.36 61.92 14.61
CA ILE C 166 -7.67 60.96 15.52
C ILE C 166 -7.80 59.56 14.92
N SER C 167 -9.02 59.18 14.51
CA SER C 167 -9.34 57.88 13.87
C SER C 167 -8.45 57.71 12.63
N CYS C 168 -8.44 58.69 11.73
CA CYS C 168 -7.63 58.69 10.49
C CYS C 168 -6.17 58.34 10.81
N VAL C 169 -5.66 58.89 11.92
CA VAL C 169 -4.28 58.61 12.42
C VAL C 169 -4.12 57.09 12.55
N PHE C 170 -5.06 56.44 13.25
CA PHE C 170 -5.09 54.98 13.48
C PHE C 170 -5.22 54.26 12.12
N TRP C 171 -6.08 54.77 11.23
CA TRP C 171 -6.31 54.20 9.89
C TRP C 171 -4.98 54.12 9.14
N VAL C 172 -4.17 55.17 9.22
CA VAL C 172 -2.82 55.26 8.57
C VAL C 172 -1.91 54.19 9.20
N ILE C 173 -1.89 54.09 10.54
CA ILE C 173 -1.07 53.12 11.30
C ILE C 173 -1.39 51.70 10.80
N ALA C 174 -2.68 51.36 10.74
CA ALA C 174 -3.20 50.05 10.30
C ALA C 174 -2.72 49.76 8.88
N ASN C 175 -3.07 50.63 7.92
CA ASN C 175 -2.73 50.48 6.48
C ASN C 175 -1.22 50.28 6.32
N VAL C 176 -0.40 51.07 7.03
CA VAL C 176 1.09 51.00 6.96
C VAL C 176 1.55 49.59 7.34
N VAL C 177 1.21 49.14 8.56
CA VAL C 177 1.63 47.81 9.11
C VAL C 177 1.23 46.72 8.12
N LEU C 178 -0.04 46.70 7.69
CA LEU C 178 -0.59 45.69 6.74
C LEU C 178 0.19 45.74 5.43
N ILE C 179 0.28 46.93 4.82
CA ILE C 179 0.99 47.16 3.52
C ILE C 179 2.43 46.64 3.66
N ARG C 180 3.11 46.98 4.75
CA ARG C 180 4.50 46.53 5.03
C ARG C 180 4.54 45.00 5.05
N ALA C 181 3.65 44.38 5.84
CA ALA C 181 3.54 42.91 6.02
C ALA C 181 3.36 42.23 4.66
N VAL C 182 2.45 42.75 3.83
CA VAL C 182 2.17 42.22 2.47
C VAL C 182 3.43 42.39 1.61
N ARG C 183 4.02 43.58 1.62
CA ARG C 183 5.25 43.91 0.83
C ARG C 183 6.42 43.03 1.26
N GLN C 184 6.58 42.79 2.58
CA GLN C 184 7.68 41.97 3.16
C GLN C 184 7.50 40.51 2.77
N SER C 185 6.25 40.04 2.70
CA SER C 185 5.87 38.64 2.39
C SER C 185 5.91 38.35 0.88
N LEU C 186 5.56 39.35 0.06
CA LEU C 186 5.44 39.24 -1.43
C LEU C 186 6.68 38.57 -2.04
N PRO C 187 7.91 39.02 -1.69
CA PRO C 187 9.13 38.45 -2.29
C PRO C 187 9.32 36.94 -2.05
N THR C 188 8.91 36.45 -0.88
CA THR C 188 9.09 35.04 -0.45
C THR C 188 8.13 34.11 -1.20
N LEU C 189 6.91 34.60 -1.48
CA LEU C 189 5.83 33.82 -2.16
C LEU C 189 6.24 33.54 -3.62
N THR C 190 5.63 32.53 -4.23
CA THR C 190 5.79 32.20 -5.68
C THR C 190 5.17 33.31 -6.52
N PRO C 191 5.47 33.41 -7.83
CA PRO C 191 4.88 34.46 -8.66
C PRO C 191 3.35 34.47 -8.59
N GLU C 192 2.73 33.30 -8.78
CA GLU C 192 1.25 33.12 -8.77
C GLU C 192 0.71 33.58 -7.41
N SER C 193 1.36 33.16 -6.31
CA SER C 193 0.97 33.54 -4.92
C SER C 193 1.20 35.04 -4.70
N HIS C 194 2.37 35.56 -5.12
CA HIS C 194 2.75 36.98 -5.03
C HIS C 194 1.61 37.86 -5.55
N THR C 195 1.14 37.58 -6.77
CA THR C 195 0.03 38.31 -7.45
C THR C 195 -1.22 38.28 -6.55
N MET C 196 -1.63 37.10 -6.08
CA MET C 196 -2.84 36.89 -5.25
C MET C 196 -2.78 37.76 -3.99
N LEU C 197 -1.72 37.64 -3.18
CA LEU C 197 -1.59 38.41 -1.91
C LEU C 197 -1.77 39.90 -2.19
N LYS C 198 -0.96 40.46 -3.09
CA LYS C 198 -1.02 41.88 -3.50
C LYS C 198 -2.48 42.22 -3.85
N SER C 199 -3.09 41.43 -4.74
CA SER C 199 -4.51 41.57 -5.17
C SER C 199 -5.42 41.67 -3.95
N ALA C 200 -5.34 40.68 -3.05
CA ALA C 200 -6.13 40.58 -1.81
C ALA C 200 -5.92 41.83 -0.95
N ALA C 201 -4.66 42.18 -0.68
CA ALA C 201 -4.26 43.34 0.13
C ALA C 201 -4.91 44.61 -0.42
N ILE C 202 -4.74 44.87 -1.71
CA ILE C 202 -5.27 46.09 -2.41
C ILE C 202 -6.80 46.13 -2.27
N VAL C 203 -7.48 45.03 -2.62
CA VAL C 203 -8.97 44.93 -2.62
C VAL C 203 -9.50 45.17 -1.19
N LEU C 204 -8.88 44.55 -0.19
CA LEU C 204 -9.32 44.59 1.24
C LEU C 204 -9.20 46.02 1.81
N LEU C 205 -8.09 46.71 1.50
CA LEU C 205 -7.72 48.01 2.13
C LEU C 205 -8.40 49.18 1.38
N ALA C 206 -8.46 49.11 0.05
CA ALA C 206 -9.01 50.17 -0.84
C ALA C 206 -10.41 50.61 -0.36
N GLY C 207 -11.36 49.66 -0.29
CA GLY C 207 -12.78 49.91 0.04
C GLY C 207 -12.96 50.80 1.27
N TRP C 208 -12.07 50.65 2.27
CA TRP C 208 -12.12 51.33 3.59
C TRP C 208 -12.51 52.81 3.42
N VAL C 209 -12.07 53.47 2.35
CA VAL C 209 -12.27 54.92 2.10
C VAL C 209 -13.76 55.28 2.18
N VAL C 210 -14.64 54.41 1.66
CA VAL C 210 -16.12 54.65 1.59
C VAL C 210 -16.64 55.07 2.97
N TYR C 211 -16.25 54.35 4.01
CA TYR C 211 -16.74 54.52 5.41
C TYR C 211 -16.48 55.95 5.87
N PRO C 212 -15.22 56.45 5.84
CA PRO C 212 -14.92 57.81 6.26
C PRO C 212 -15.75 58.84 5.47
N ILE C 213 -15.91 58.63 4.16
CA ILE C 213 -16.67 59.54 3.24
C ILE C 213 -18.11 59.67 3.76
N VAL C 214 -18.77 58.55 4.03
CA VAL C 214 -20.18 58.47 4.48
C VAL C 214 -20.31 59.15 5.86
N TYR C 215 -19.27 59.04 6.69
CA TYR C 215 -19.21 59.59 8.07
C TYR C 215 -19.44 61.11 8.04
N PHE C 216 -18.82 61.82 7.10
CA PHE C 216 -18.80 63.30 7.00
C PHE C 216 -20.01 63.84 6.23
N LEU C 217 -20.89 62.97 5.72
CA LEU C 217 -22.07 63.38 4.91
C LEU C 217 -23.02 64.24 5.75
N PRO C 218 -23.32 63.85 7.02
CA PRO C 218 -24.24 64.62 7.86
C PRO C 218 -23.92 66.12 7.94
N LEU C 219 -22.64 66.50 7.79
CA LEU C 219 -22.16 67.91 7.86
C LEU C 219 -22.84 68.74 6.77
N PHE C 220 -23.11 68.13 5.60
CA PHE C 220 -23.72 68.80 4.42
C PHE C 220 -25.24 68.89 4.59
N GLY C 221 -25.73 68.71 5.82
CA GLY C 221 -27.16 68.82 6.17
C GLY C 221 -27.77 67.48 6.55
N ALA C 222 -29.09 67.47 6.77
CA ALA C 222 -29.89 66.28 7.13
C ALA C 222 -31.14 66.21 6.25
N SER C 223 -31.59 64.99 5.92
CA SER C 223 -32.77 64.73 5.06
C SER C 223 -33.09 63.23 5.05
N GLY C 224 -34.36 62.87 4.84
CA GLY C 224 -34.82 61.47 4.73
C GLY C 224 -34.04 60.75 3.66
N GLY C 225 -33.78 61.43 2.53
CA GLY C 225 -33.00 60.90 1.39
C GLY C 225 -31.55 60.66 1.77
N LEU C 226 -30.90 61.65 2.38
CA LEU C 226 -29.49 61.56 2.84
C LEU C 226 -29.36 60.38 3.81
N THR C 227 -30.15 60.39 4.89
CA THR C 227 -30.17 59.32 5.91
C THR C 227 -30.24 57.96 5.20
N THR C 228 -31.16 57.83 4.24
CA THR C 228 -31.35 56.60 3.41
C THR C 228 -30.03 56.25 2.71
N THR C 229 -29.43 57.22 2.01
CA THR C 229 -28.15 57.06 1.26
C THR C 229 -27.09 56.52 2.21
N ILE C 230 -26.90 57.19 3.36
CA ILE C 230 -25.89 56.82 4.40
C ILE C 230 -26.05 55.34 4.75
N LEU C 231 -27.24 54.94 5.20
CA LEU C 231 -27.55 53.56 5.66
C LEU C 231 -27.29 52.55 4.54
N ILE C 232 -27.97 52.69 3.40
CA ILE C 232 -27.90 51.75 2.24
C ILE C 232 -26.43 51.63 1.78
N THR C 233 -25.77 52.76 1.52
CA THR C 233 -24.36 52.79 1.04
C THR C 233 -23.49 51.93 1.97
N LEU C 234 -23.55 52.21 3.27
CA LEU C 234 -22.78 51.48 4.32
C LEU C 234 -23.10 49.98 4.23
N THR C 235 -24.39 49.63 4.14
CA THR C 235 -24.87 48.22 4.03
C THR C 235 -24.22 47.55 2.80
N VAL C 236 -24.38 48.16 1.62
CA VAL C 236 -23.81 47.64 0.34
C VAL C 236 -22.30 47.47 0.51
N ALA C 237 -21.65 48.47 1.12
CA ALA C 237 -20.19 48.48 1.38
C ALA C 237 -19.81 47.27 2.26
N ASP C 238 -20.51 47.10 3.37
CA ASP C 238 -20.29 45.97 4.34
C ASP C 238 -20.36 44.64 3.60
N VAL C 239 -21.41 44.43 2.81
CA VAL C 239 -21.65 43.16 2.06
C VAL C 239 -20.53 42.96 1.03
N ILE C 240 -20.29 43.97 0.19
CA ILE C 240 -19.25 43.94 -0.89
C ILE C 240 -17.90 43.54 -0.29
N VAL C 241 -17.47 44.22 0.78
CA VAL C 241 -16.15 44.02 1.44
C VAL C 241 -16.13 42.68 2.17
N LYS C 242 -17.01 42.56 3.18
CA LYS C 242 -17.01 41.42 4.09
C LYS C 242 -17.33 40.13 3.33
N LEU C 243 -17.88 40.23 2.11
CA LEU C 243 -18.23 39.04 1.35
C LEU C 243 -17.27 38.86 0.16
N GLY C 244 -17.43 39.65 -0.89
CA GLY C 244 -16.62 39.54 -2.13
C GLY C 244 -15.13 39.46 -1.83
N PHE C 245 -14.66 40.24 -0.87
CA PHE C 245 -13.22 40.37 -0.46
C PHE C 245 -12.80 39.15 0.37
N SER C 246 -13.76 38.50 1.03
CA SER C 246 -13.54 37.30 1.89
C SER C 246 -12.88 36.18 1.08
N THR C 247 -13.40 35.95 -0.15
CA THR C 247 -12.90 34.88 -1.08
C THR C 247 -11.41 35.07 -1.35
N GLN C 248 -10.98 36.32 -1.58
CA GLN C 248 -9.59 36.71 -1.94
C GLN C 248 -8.61 35.98 -1.00
N THR C 249 -8.72 36.23 0.31
CA THR C 249 -7.84 35.65 1.36
C THR C 249 -7.85 34.12 1.26
N HIS C 250 -9.05 33.53 1.22
CA HIS C 250 -9.26 32.05 1.16
C HIS C 250 -8.48 31.47 -0.02
N ARG C 251 -8.66 32.01 -1.23
CA ARG C 251 -7.99 31.52 -2.46
C ARG C 251 -6.47 31.43 -2.24
N VAL C 252 -5.87 32.52 -1.76
CA VAL C 252 -4.40 32.60 -1.48
C VAL C 252 -4.01 31.40 -0.62
N ALA C 253 -4.72 31.20 0.49
CA ALA C 253 -4.50 30.09 1.47
C ALA C 253 -4.52 28.75 0.73
N LYS C 254 -5.53 28.51 -0.09
CA LYS C 254 -5.71 27.23 -0.86
C LYS C 254 -4.48 27.00 -1.74
N LEU C 255 -4.11 27.99 -2.56
CA LEU C 255 -2.95 27.89 -3.49
C LEU C 255 -1.68 27.62 -2.67
N ARG C 256 -1.43 28.44 -1.65
CA ARG C 256 -0.25 28.32 -0.74
C ARG C 256 -0.21 26.90 -0.16
N THR C 257 -1.39 26.32 0.09
CA THR C 257 -1.52 24.94 0.63
C THR C 257 -1.09 23.94 -0.45
N ALA C 258 -1.67 24.07 -1.66
CA ALA C 258 -1.37 23.23 -2.85
C ALA C 258 0.13 23.28 -3.16
N GLU C 259 0.71 24.48 -3.14
CA GLU C 259 2.16 24.71 -3.41
C GLU C 259 3.00 23.89 -2.42
N ASP C 260 2.66 23.98 -1.12
CA ASP C 260 3.34 23.22 -0.04
C ASP C 260 3.23 21.72 -0.33
N VAL C 261 2.11 21.29 -0.90
CA VAL C 261 1.85 19.87 -1.27
C VAL C 261 2.75 19.49 -2.44
N ARG C 262 2.66 20.24 -3.54
CA ARG C 262 3.48 20.00 -4.77
C ARG C 262 4.97 20.01 -4.42
N ALA C 263 5.42 21.01 -3.65
CA ALA C 263 6.81 21.19 -3.21
C ALA C 263 7.26 19.99 -2.35
N GLY C 264 6.30 19.21 -1.83
CA GLY C 264 6.56 18.04 -0.99
C GLY C 264 6.77 18.41 0.46
N ASP C 265 6.51 19.67 0.81
CA ASP C 265 6.68 20.21 2.18
C ASP C 265 5.61 19.60 3.10
N ASP C 266 4.37 19.44 2.63
CA ASP C 266 3.25 18.92 3.46
C ASP C 266 2.27 18.12 2.59
N VAL C 267 1.34 17.40 3.22
CA VAL C 267 0.34 16.53 2.53
C VAL C 267 -1.07 17.01 2.87
N HIS C 268 -1.98 17.02 1.88
CA HIS C 268 -3.40 17.39 2.07
C HIS C 268 -4.28 16.21 1.69
N PRO C 269 -5.32 15.92 2.49
CA PRO C 269 -6.19 14.76 2.25
C PRO C 269 -6.97 14.77 0.93
N GLU C 270 -7.41 15.95 0.48
CA GLU C 270 -8.26 16.07 -0.72
C GLU C 270 -7.58 16.91 -1.79
N SER C 271 -7.99 16.73 -3.06
CA SER C 271 -7.49 17.54 -4.20
C SER C 271 -7.97 18.98 -4.01
N ILE C 272 -7.09 19.95 -4.26
CA ILE C 272 -7.42 21.40 -4.16
C ILE C 272 -7.63 21.92 -5.59
N TRP C 273 -8.82 22.46 -5.85
CA TRP C 273 -9.19 23.01 -7.18
C TRP C 273 -9.43 24.51 -7.06
N ILE C 274 -8.80 25.31 -7.91
CA ILE C 274 -9.03 26.78 -7.97
C ILE C 274 -9.38 27.15 -9.40
N SER C 275 -10.52 27.82 -9.60
CA SER C 275 -10.94 28.27 -10.94
C SER C 275 -11.19 27.06 -11.84
N SER C 276 -11.55 25.92 -11.26
CA SER C 276 -11.82 24.67 -12.01
C SER C 276 -10.52 24.09 -12.56
N VAL C 277 -9.36 24.52 -12.03
CA VAL C 277 -8.02 24.00 -12.41
C VAL C 277 -7.40 23.38 -11.16
N LYS C 278 -7.02 22.10 -11.24
CA LYS C 278 -6.44 21.37 -10.09
C LYS C 278 -5.10 22.00 -9.72
N GLN C 279 -4.90 22.28 -8.42
CA GLN C 279 -3.64 22.86 -7.90
C GLN C 279 -2.88 21.81 -7.08
N SER C 280 -3.59 20.85 -6.49
CA SER C 280 -2.95 19.77 -5.69
C SER C 280 -3.71 18.47 -5.85
N ASP C 281 -3.03 17.34 -5.66
CA ASP C 281 -3.64 15.99 -5.77
C ASP C 281 -3.85 15.45 -4.35
N ALA C 282 -4.77 14.50 -4.20
CA ALA C 282 -5.07 13.84 -2.91
C ALA C 282 -3.80 13.18 -2.36
N GLY C 283 -3.53 13.35 -1.08
CA GLY C 283 -2.34 12.76 -0.42
C GLY C 283 -2.66 12.36 1.01
N LEU C 284 -2.08 11.25 1.48
CA LEU C 284 -2.22 10.75 2.86
C LEU C 284 -0.86 10.67 3.51
N PRO C 285 -0.74 11.03 4.81
CA PRO C 285 0.53 10.96 5.52
C PRO C 285 1.02 9.50 5.63
N ARG C 286 2.33 9.30 5.70
CA ARG C 286 2.97 7.96 5.86
C ARG C 286 2.58 7.36 7.21
N GLU C 287 2.17 6.08 7.22
CA GLU C 287 1.87 5.31 8.45
C GLU C 287 3.15 5.29 9.31
N VAL C 288 3.01 5.50 10.63
CA VAL C 288 4.15 5.62 11.58
C VAL C 288 4.09 4.52 12.64
N TYR C 289 5.23 3.89 12.89
CA TYR C 289 5.43 2.82 13.91
C TYR C 289 6.01 3.44 15.19
N LEU C 290 5.61 2.92 16.35
CA LEU C 290 6.09 3.37 17.68
C LEU C 290 6.71 2.18 18.42
N THR D 4 -54.15 54.38 -11.40
CA THR D 4 -53.92 53.39 -10.31
C THR D 4 -54.76 52.14 -10.57
N ASN D 5 -54.69 51.59 -11.79
CA ASN D 5 -55.40 50.36 -12.22
C ASN D 5 -54.85 49.17 -11.42
N VAL D 6 -53.81 49.40 -10.62
CA VAL D 6 -53.15 48.41 -9.74
C VAL D 6 -53.97 48.27 -8.45
N SER D 7 -54.39 47.04 -8.12
CA SER D 7 -55.16 46.70 -6.90
C SER D 7 -54.26 45.91 -5.94
N VAL D 8 -53.48 46.61 -5.11
CA VAL D 8 -52.50 46.02 -4.16
C VAL D 8 -53.16 44.86 -3.42
N PRO D 9 -52.50 43.68 -3.38
CA PRO D 9 -53.09 42.48 -2.74
C PRO D 9 -53.19 42.59 -1.21
N TRP D 10 -52.33 43.39 -0.59
CA TRP D 10 -52.26 43.57 0.89
C TRP D 10 -53.40 44.49 1.36
N GLY D 11 -54.30 44.89 0.46
CA GLY D 11 -55.45 45.74 0.77
C GLY D 11 -56.72 44.92 0.96
N ALA D 12 -56.76 43.73 0.36
CA ALA D 12 -57.90 42.78 0.40
C ALA D 12 -57.99 42.12 1.77
N THR D 13 -59.21 41.99 2.31
CA THR D 13 -59.52 41.32 3.60
C THR D 13 -59.60 39.80 3.36
N LEU D 14 -59.12 39.00 4.30
CA LEU D 14 -59.05 37.52 4.19
C LEU D 14 -60.05 36.84 5.14
N SER D 15 -60.66 35.74 4.69
CA SER D 15 -61.57 34.88 5.49
C SER D 15 -60.73 34.05 6.46
N ASN D 16 -61.35 33.53 7.52
CA ASN D 16 -60.66 32.68 8.54
C ASN D 16 -60.05 31.46 7.83
N ALA D 17 -60.80 30.87 6.90
CA ALA D 17 -60.37 29.70 6.08
C ALA D 17 -59.12 30.09 5.27
N GLU D 18 -59.20 31.19 4.53
CA GLU D 18 -58.08 31.72 3.70
C GLU D 18 -56.85 31.94 4.58
N HIS D 19 -57.02 32.65 5.69
CA HIS D 19 -55.96 32.98 6.67
C HIS D 19 -55.24 31.70 7.12
N GLN D 20 -56.01 30.64 7.36
CA GLN D 20 -55.50 29.31 7.84
C GLN D 20 -54.66 28.68 6.73
N LEU D 21 -55.21 28.61 5.51
CA LEU D 21 -54.55 28.01 4.32
C LEU D 21 -53.17 28.63 4.12
N ILE D 22 -53.10 29.96 4.02
CA ILE D 22 -51.85 30.73 3.80
C ILE D 22 -50.82 30.30 4.85
N PHE D 23 -51.20 30.33 6.13
CA PHE D 23 -50.35 29.94 7.28
C PHE D 23 -49.83 28.52 7.09
N TYR D 24 -50.74 27.58 6.80
CA TYR D 24 -50.48 26.14 6.56
C TYR D 24 -49.31 25.99 5.58
N PHE D 25 -49.47 26.51 4.36
CA PHE D 25 -48.50 26.41 3.23
C PHE D 25 -47.17 27.07 3.62
N LEU D 26 -47.22 28.29 4.18
CA LEU D 26 -46.01 29.05 4.60
C LEU D 26 -45.15 28.19 5.54
N VAL D 27 -45.73 27.72 6.65
CA VAL D 27 -45.03 26.89 7.68
C VAL D 27 -44.54 25.60 7.03
N VAL D 28 -45.43 24.86 6.37
CA VAL D 28 -45.10 23.59 5.66
C VAL D 28 -43.84 23.83 4.83
N ALA D 29 -43.83 24.91 4.04
CA ALA D 29 -42.69 25.32 3.18
C ALA D 29 -41.43 25.43 4.04
N ALA D 30 -41.46 26.27 5.07
CA ALA D 30 -40.34 26.52 6.02
C ALA D 30 -39.81 25.18 6.52
N LEU D 31 -40.68 24.30 7.01
CA LEU D 31 -40.34 22.96 7.55
C LEU D 31 -39.72 22.11 6.44
N ALA D 32 -40.29 22.16 5.24
CA ALA D 32 -39.81 21.43 4.04
C ALA D 32 -38.35 21.83 3.77
N PHE D 33 -38.03 23.11 3.95
CA PHE D 33 -36.66 23.67 3.75
C PHE D 33 -35.73 23.13 4.84
N VAL D 34 -36.20 23.08 6.08
CA VAL D 34 -35.45 22.52 7.25
C VAL D 34 -35.03 21.09 6.89
N ALA D 35 -35.99 20.28 6.44
CA ALA D 35 -35.79 18.88 6.01
C ALA D 35 -34.77 18.84 4.86
N GLY D 36 -34.91 19.74 3.90
CA GLY D 36 -34.00 19.88 2.74
C GLY D 36 -32.61 20.26 3.18
N PHE D 37 -32.51 21.30 4.02
CA PHE D 37 -31.23 21.83 4.57
C PHE D 37 -30.48 20.69 5.27
N ILE D 38 -31.18 19.94 6.14
CA ILE D 38 -30.62 18.79 6.90
C ILE D 38 -30.08 17.76 5.91
N ARG D 39 -30.89 17.36 4.93
CA ARG D 39 -30.50 16.36 3.88
C ARG D 39 -29.23 16.84 3.18
N THR D 40 -29.26 18.05 2.63
CA THR D 40 -28.14 18.65 1.86
C THR D 40 -26.85 18.59 2.67
N TYR D 41 -26.91 18.96 3.95
CA TYR D 41 -25.75 19.00 4.88
C TYR D 41 -25.17 17.59 5.05
N ILE D 42 -26.02 16.61 5.40
CA ILE D 42 -25.63 15.20 5.64
C ILE D 42 -25.04 14.61 4.35
N THR D 43 -25.65 14.93 3.20
CA THR D 43 -25.20 14.43 1.86
C THR D 43 -24.33 15.52 1.19
N ARG D 44 -23.31 15.99 1.90
CA ARG D 44 -22.39 17.06 1.40
C ARG D 44 -21.08 16.43 0.93
N ASN D 45 -20.66 15.33 1.59
CA ASN D 45 -19.37 14.62 1.30
C ASN D 45 -19.60 13.54 0.24
N GLU D 46 -20.80 13.48 -0.34
CA GLU D 46 -21.14 12.54 -1.44
C GLU D 46 -20.62 13.13 -2.76
N VAL D 47 -20.11 14.36 -2.70
CA VAL D 47 -19.59 15.12 -3.88
C VAL D 47 -18.09 15.39 -3.68
N GLY D 48 -17.35 15.53 -4.79
CA GLY D 48 -15.90 15.81 -4.78
C GLY D 48 -15.60 17.26 -4.47
N SER D 49 -14.31 17.60 -4.31
CA SER D 49 -13.82 18.96 -3.99
C SER D 49 -14.12 19.91 -5.15
N ARG D 50 -13.98 19.41 -6.38
CA ARG D 50 -14.11 20.18 -7.65
C ARG D 50 -15.50 20.83 -7.75
N TYR D 51 -16.55 20.12 -7.33
CA TYR D 51 -17.97 20.57 -7.48
C TYR D 51 -18.58 20.93 -6.12
N ARG D 52 -17.75 21.21 -5.11
CA ARG D 52 -18.21 21.54 -3.74
C ARG D 52 -19.01 22.85 -3.74
N THR D 53 -18.69 23.76 -4.67
CA THR D 53 -19.38 25.08 -4.78
C THR D 53 -20.88 24.85 -4.97
N ALA D 54 -21.26 23.79 -5.67
CA ALA D 54 -22.67 23.40 -5.94
C ALA D 54 -23.37 23.12 -4.61
N VAL D 55 -22.72 22.35 -3.73
CA VAL D 55 -23.26 21.97 -2.39
C VAL D 55 -23.40 23.25 -1.54
N SER D 56 -22.32 24.04 -1.44
CA SER D 56 -22.27 25.31 -0.68
C SER D 56 -23.43 26.23 -1.09
N ALA D 57 -23.67 26.38 -2.40
CA ALA D 57 -24.72 27.25 -2.98
C ALA D 57 -26.11 26.77 -2.54
N ARG D 58 -26.42 25.48 -2.75
CA ARG D 58 -27.75 24.91 -2.42
C ARG D 58 -28.01 25.05 -0.92
N LEU D 59 -27.06 24.60 -0.08
CA LEU D 59 -27.21 24.67 1.40
C LEU D 59 -27.49 26.13 1.80
N GLY D 60 -26.78 27.08 1.18
CA GLY D 60 -26.97 28.52 1.40
C GLY D 60 -28.38 28.94 1.04
N MET D 61 -28.83 28.60 -0.18
CA MET D 61 -30.19 28.90 -0.70
C MET D 61 -31.24 28.41 0.29
N LEU D 62 -31.15 27.12 0.68
CA LEU D 62 -32.09 26.47 1.63
C LEU D 62 -32.07 27.23 2.96
N GLY D 63 -30.88 27.51 3.49
CA GLY D 63 -30.70 28.27 4.75
C GLY D 63 -31.41 29.61 4.68
N VAL D 64 -31.16 30.37 3.61
CA VAL D 64 -31.77 31.70 3.36
C VAL D 64 -33.29 31.55 3.32
N ALA D 65 -33.80 30.59 2.55
CA ALA D 65 -35.24 30.30 2.38
C ALA D 65 -35.89 30.07 3.75
N LEU D 66 -35.31 29.17 4.56
CA LEU D 66 -35.82 28.82 5.91
C LEU D 66 -36.02 30.10 6.73
N LEU D 67 -34.95 30.86 6.94
CA LEU D 67 -34.95 32.13 7.74
C LEU D 67 -35.94 33.12 7.11
N ALA D 68 -35.89 33.28 5.78
CA ALA D 68 -36.77 34.20 5.02
C ALA D 68 -38.24 33.87 5.32
N TYR D 69 -38.63 32.61 5.13
CA TYR D 69 -40.01 32.11 5.33
C TYR D 69 -40.43 32.32 6.80
N ILE D 70 -39.47 32.30 7.73
CA ILE D 70 -39.73 32.59 9.16
C ILE D 70 -40.19 34.06 9.28
N LEU D 71 -39.49 34.96 8.60
CA LEU D 71 -39.82 36.42 8.55
C LEU D 71 -41.20 36.58 7.91
N ILE D 72 -41.42 35.93 6.76
CA ILE D 72 -42.70 35.95 6.00
C ILE D 72 -43.83 35.56 6.95
N ILE D 73 -43.66 34.46 7.68
CA ILE D 73 -44.64 33.91 8.67
C ILE D 73 -44.92 34.98 9.72
N VAL D 74 -43.88 35.55 10.33
CA VAL D 74 -43.97 36.61 11.37
C VAL D 74 -44.80 37.77 10.82
N ALA D 75 -44.40 38.31 9.65
CA ALA D 75 -45.08 39.43 8.97
C ALA D 75 -46.56 39.10 8.80
N PHE D 76 -46.88 37.88 8.37
CA PHE D 76 -48.25 37.37 8.14
C PHE D 76 -49.05 37.44 9.44
N LEU D 77 -48.42 37.09 10.56
CA LEU D 77 -49.05 37.06 11.91
C LEU D 77 -49.27 38.49 12.41
N LEU D 78 -48.38 39.42 12.07
CA LEU D 78 -48.44 40.84 12.52
C LEU D 78 -49.06 41.73 11.44
N GLY D 79 -49.34 41.17 10.25
CA GLY D 79 -49.83 41.93 9.09
C GLY D 79 -51.35 42.01 9.02
N TYR D 80 -52.05 41.10 9.70
CA TYR D 80 -53.54 41.03 9.70
C TYR D 80 -54.08 41.04 11.13
N ASP D 81 -55.29 41.58 11.30
CA ASP D 81 -56.03 41.68 12.58
C ASP D 81 -57.40 41.01 12.39
N SER D 82 -57.81 40.19 13.36
CA SER D 82 -59.08 39.42 13.33
C SER D 82 -60.26 40.33 13.72
N THR D 83 -61.31 40.36 12.89
CA THR D 83 -62.52 41.21 13.09
C THR D 83 -63.76 40.35 12.88
N ALA D 84 -64.93 41.00 12.74
CA ALA D 84 -66.24 40.36 12.50
C ALA D 84 -66.34 39.96 11.02
N GLY D 85 -65.59 40.65 10.15
CA GLY D 85 -65.60 40.45 8.69
C GLY D 85 -64.47 39.55 8.22
N GLY D 86 -63.68 39.02 9.15
CA GLY D 86 -62.54 38.13 8.86
C GLY D 86 -61.23 38.69 9.40
N TRP D 87 -60.18 38.74 8.55
CA TRP D 87 -58.84 39.27 8.89
C TRP D 87 -58.56 40.52 8.05
N VAL D 88 -58.61 41.70 8.69
CA VAL D 88 -58.44 43.04 8.03
C VAL D 88 -56.96 43.37 7.95
N PRO D 89 -56.43 43.69 6.74
CA PRO D 89 -55.03 44.07 6.59
C PRO D 89 -54.67 45.33 7.37
N ASN D 90 -53.44 45.39 7.90
CA ASN D 90 -52.91 46.57 8.64
C ASN D 90 -51.80 47.20 7.80
N ASP D 91 -50.97 48.05 8.41
CA ASP D 91 -49.87 48.79 7.73
C ASP D 91 -48.73 47.83 7.38
N GLY D 92 -48.58 46.74 8.15
CA GLY D 92 -47.47 45.77 8.03
C GLY D 92 -47.74 44.67 7.02
N ALA D 93 -48.98 44.56 6.52
CA ALA D 93 -49.43 43.52 5.56
C ALA D 93 -48.50 43.50 4.35
N ILE D 94 -48.11 44.68 3.86
CA ILE D 94 -47.24 44.86 2.66
C ILE D 94 -45.93 44.10 2.86
N ASN D 95 -45.45 44.04 4.12
CA ASN D 95 -44.16 43.40 4.50
C ASN D 95 -44.13 41.94 4.02
N ILE D 96 -45.27 41.25 4.08
CA ILE D 96 -45.38 39.80 3.69
C ILE D 96 -44.84 39.63 2.27
N PHE D 97 -45.34 40.45 1.34
CA PHE D 97 -44.96 40.44 -0.10
C PHE D 97 -43.51 40.90 -0.23
N SER D 98 -43.15 41.98 0.46
CA SER D 98 -41.79 42.58 0.48
C SER D 98 -40.75 41.51 0.86
N THR D 99 -40.99 40.77 1.94
CA THR D 99 -40.07 39.74 2.48
C THR D 99 -39.74 38.69 1.41
N ARG D 100 -40.72 38.26 0.63
CA ARG D 100 -40.53 37.21 -0.41
C ARG D 100 -39.51 37.70 -1.44
N TYR D 101 -39.58 38.99 -1.81
CA TYR D 101 -38.63 39.65 -2.74
C TYR D 101 -37.21 39.50 -2.17
N ILE D 102 -37.03 39.84 -0.89
CA ILE D 102 -35.73 39.73 -0.17
C ILE D 102 -35.20 38.31 -0.38
N GLU D 103 -36.02 37.30 -0.08
CA GLU D 103 -35.70 35.86 -0.29
C GLU D 103 -35.14 35.69 -1.71
N TRP D 104 -35.96 36.05 -2.72
CA TRP D 104 -35.62 35.90 -4.16
C TRP D 104 -34.31 36.61 -4.48
N THR D 105 -34.12 37.83 -3.97
CA THR D 105 -32.91 38.66 -4.24
C THR D 105 -31.65 37.84 -3.96
N VAL D 106 -31.63 37.07 -2.87
CA VAL D 106 -30.45 36.27 -2.43
C VAL D 106 -30.56 34.85 -3.02
N SER D 107 -31.75 34.24 -2.97
CA SER D 107 -32.00 32.84 -3.38
C SER D 107 -31.68 32.63 -4.88
N VAL D 108 -32.29 33.44 -5.76
CA VAL D 108 -32.15 33.31 -7.25
C VAL D 108 -30.66 33.32 -7.61
N PRO D 109 -29.89 34.36 -7.20
CA PRO D 109 -28.48 34.45 -7.56
C PRO D 109 -27.70 33.17 -7.23
N LEU D 110 -27.92 32.62 -6.04
CA LEU D 110 -27.24 31.39 -5.55
C LEU D 110 -27.54 30.23 -6.49
N LEU D 111 -28.79 30.10 -6.95
CA LEU D 111 -29.22 29.06 -7.91
C LEU D 111 -28.30 29.13 -9.13
N THR D 112 -28.17 30.32 -9.72
CA THR D 112 -27.31 30.59 -10.90
C THR D 112 -25.93 29.96 -10.67
N ILE D 113 -25.28 30.33 -9.55
CA ILE D 113 -23.92 29.84 -9.17
C ILE D 113 -23.93 28.31 -9.13
N GLU D 114 -24.98 27.72 -8.55
CA GLU D 114 -25.16 26.25 -8.41
C GLU D 114 -25.08 25.59 -9.79
N LEU D 115 -25.87 26.08 -10.76
CA LEU D 115 -25.89 25.57 -12.16
C LEU D 115 -24.51 25.81 -12.80
N LEU D 116 -23.96 27.00 -12.65
CA LEU D 116 -22.64 27.39 -13.20
C LEU D 116 -21.55 26.50 -12.59
N ALA D 117 -21.71 26.11 -11.33
CA ALA D 117 -20.76 25.26 -10.58
C ALA D 117 -20.68 23.88 -11.23
N VAL D 118 -21.83 23.26 -11.51
CA VAL D 118 -21.91 21.92 -12.19
C VAL D 118 -21.44 22.09 -13.64
N CYS D 119 -21.68 23.27 -14.24
CA CYS D 119 -21.18 23.61 -15.61
C CYS D 119 -19.65 23.64 -15.57
N ALA D 120 -18.96 23.16 -16.62
CA ALA D 120 -17.48 23.02 -16.60
C ALA D 120 -16.80 24.21 -17.29
N THR D 121 -17.47 25.36 -17.37
CA THR D 121 -16.88 26.60 -17.96
C THR D 121 -15.54 26.86 -17.25
N LEU D 122 -14.44 26.93 -18.01
CA LEU D 122 -13.06 27.03 -17.46
C LEU D 122 -12.52 28.45 -17.57
N GLY D 123 -11.69 28.84 -16.60
CA GLY D 123 -10.94 30.11 -16.58
C GLY D 123 -11.82 31.35 -16.57
N VAL D 124 -11.46 32.32 -17.43
CA VAL D 124 -12.04 33.70 -17.52
C VAL D 124 -13.53 33.65 -17.90
N GLN D 125 -13.87 32.92 -18.96
CA GLN D 125 -15.25 32.87 -19.50
C GLN D 125 -16.23 32.70 -18.33
N ALA D 126 -15.90 31.81 -17.40
CA ALA D 126 -16.75 31.38 -16.27
C ALA D 126 -16.95 32.53 -15.29
N ARG D 127 -15.86 33.20 -14.88
CA ARG D 127 -15.90 34.30 -13.88
C ARG D 127 -16.87 35.39 -14.33
N ARG D 128 -16.71 35.88 -15.57
CA ARG D 128 -17.56 36.96 -16.13
C ARG D 128 -19.02 36.49 -16.10
N ASN D 129 -19.27 35.25 -16.56
CA ASN D 129 -20.62 34.63 -16.61
C ASN D 129 -21.27 34.73 -15.22
N THR D 130 -20.56 34.29 -14.18
CA THR D 130 -21.04 34.32 -12.77
C THR D 130 -21.51 35.73 -12.42
N ALA D 131 -20.64 36.73 -12.62
CA ALA D 131 -20.88 38.16 -12.32
C ALA D 131 -22.17 38.61 -13.00
N ILE D 132 -22.32 38.30 -14.29
CA ILE D 132 -23.51 38.69 -15.11
C ILE D 132 -24.76 38.07 -14.49
N ALA D 133 -24.77 36.74 -14.32
CA ALA D 133 -25.91 35.95 -13.78
C ALA D 133 -26.35 36.54 -12.44
N VAL D 134 -25.42 36.65 -11.49
CA VAL D 134 -25.69 37.15 -10.10
C VAL D 134 -26.29 38.55 -10.19
N THR D 135 -25.59 39.49 -10.83
CA THR D 135 -26.00 40.91 -10.98
C THR D 135 -27.36 40.97 -11.69
N ALA D 136 -27.53 40.22 -12.78
CA ALA D 136 -28.79 40.15 -13.57
C ALA D 136 -29.94 39.69 -12.67
N THR D 137 -29.81 38.50 -12.08
CA THR D 137 -30.82 37.89 -11.17
C THR D 137 -31.13 38.86 -10.02
N GLY D 138 -30.08 39.40 -9.39
CA GLY D 138 -30.21 40.38 -8.29
C GLY D 138 -31.03 41.58 -8.71
N ALA D 139 -30.68 42.19 -9.84
CA ALA D 139 -31.35 43.36 -10.44
C ALA D 139 -32.80 42.99 -10.77
N MET D 140 -33.00 41.86 -11.44
CA MET D 140 -34.35 41.35 -11.82
C MET D 140 -35.31 41.54 -10.64
N ILE D 141 -34.98 40.93 -9.49
CA ILE D 141 -35.85 40.98 -8.29
C ILE D 141 -35.94 42.42 -7.77
N PHE D 142 -34.82 43.15 -7.72
CA PHE D 142 -34.82 44.54 -7.19
C PHE D 142 -35.80 45.39 -8.00
N CYS D 143 -35.75 45.26 -9.33
CA CYS D 143 -36.65 46.04 -10.23
C CYS D 143 -38.11 45.74 -9.88
N GLY D 144 -38.45 44.46 -9.72
CA GLY D 144 -39.81 44.03 -9.35
C GLY D 144 -40.22 44.64 -8.02
N PHE D 145 -39.33 44.59 -7.03
CA PHE D 145 -39.57 45.14 -5.67
C PHE D 145 -39.83 46.64 -5.79
N LEU D 146 -39.00 47.34 -6.59
CA LEU D 146 -39.13 48.81 -6.78
C LEU D 146 -40.53 49.12 -7.31
N GLY D 147 -40.94 48.44 -8.38
CA GLY D 147 -42.23 48.67 -9.05
C GLY D 147 -43.42 48.27 -8.19
N ALA D 148 -43.39 47.07 -7.61
CA ALA D 148 -44.53 46.51 -6.85
C ALA D 148 -44.68 47.18 -5.47
N ILE D 149 -43.58 47.48 -4.78
CA ILE D 149 -43.66 47.96 -3.36
C ILE D 149 -43.09 49.37 -3.20
N VAL D 150 -41.86 49.63 -3.64
CA VAL D 150 -41.13 50.88 -3.31
C VAL D 150 -41.82 52.11 -3.92
N ILE D 151 -42.19 52.07 -5.21
CA ILE D 151 -42.71 53.28 -5.92
C ILE D 151 -44.18 53.51 -5.57
N ASP D 152 -44.47 54.68 -4.99
CA ASP D 152 -45.86 55.12 -4.69
C ASP D 152 -46.58 54.02 -3.91
N ASN D 153 -45.86 53.30 -3.05
CA ASN D 153 -46.46 52.21 -2.24
C ASN D 153 -47.11 51.19 -3.18
N GLY D 154 -46.52 51.03 -4.37
CA GLY D 154 -46.97 50.08 -5.40
C GLY D 154 -48.33 50.44 -5.97
N THR D 155 -48.66 51.73 -6.01
CA THR D 155 -49.99 52.19 -6.48
C THR D 155 -49.92 52.80 -7.90
N ASN D 156 -48.72 52.86 -8.50
CA ASN D 156 -48.57 53.43 -9.87
C ASN D 156 -48.63 52.30 -10.89
N THR D 157 -49.67 52.29 -11.74
CA THR D 157 -49.90 51.20 -12.72
C THR D 157 -48.74 51.14 -13.74
N GLY D 158 -48.32 52.30 -14.26
CA GLY D 158 -47.28 52.36 -15.30
C GLY D 158 -45.97 51.78 -14.84
N ALA D 159 -45.47 52.20 -13.67
CA ALA D 159 -44.18 51.75 -13.11
C ALA D 159 -44.25 50.24 -12.83
N PHE D 160 -45.34 49.79 -12.21
CA PHE D 160 -45.59 48.36 -11.90
C PHE D 160 -45.27 47.54 -13.16
N ILE D 161 -45.57 48.11 -14.34
CA ILE D 161 -45.36 47.45 -15.66
C ILE D 161 -43.96 47.79 -16.20
N LEU D 162 -43.62 49.07 -16.27
CA LEU D 162 -42.30 49.56 -16.77
C LEU D 162 -41.18 48.71 -16.16
N TRP D 163 -41.06 48.73 -14.84
CA TRP D 163 -39.99 48.02 -14.07
C TRP D 163 -40.06 46.51 -14.30
N ALA D 164 -41.28 45.96 -14.44
CA ALA D 164 -41.50 44.53 -14.75
C ALA D 164 -40.80 44.20 -16.08
N VAL D 165 -40.95 45.09 -17.08
CA VAL D 165 -40.32 44.96 -18.42
C VAL D 165 -38.80 45.02 -18.26
N ILE D 166 -38.30 46.00 -17.51
CA ILE D 166 -36.83 46.16 -17.22
C ILE D 166 -36.33 44.85 -16.63
N SER D 167 -37.06 44.31 -15.65
CA SER D 167 -36.74 43.02 -14.99
C SER D 167 -36.66 41.90 -16.03
N CYS D 168 -37.68 41.77 -16.90
CA CYS D 168 -37.74 40.76 -17.98
C CYS D 168 -36.45 40.82 -18.81
N VAL D 169 -35.94 42.03 -19.07
CA VAL D 169 -34.67 42.27 -19.81
C VAL D 169 -33.57 41.47 -19.11
N PHE D 170 -33.44 41.65 -17.79
CA PHE D 170 -32.44 40.97 -16.94
C PHE D 170 -32.69 39.46 -16.97
N TRP D 171 -33.96 39.03 -16.89
CA TRP D 171 -34.36 37.60 -16.94
C TRP D 171 -33.78 36.95 -18.21
N VAL D 172 -33.89 37.64 -19.35
CA VAL D 172 -33.38 37.18 -20.67
C VAL D 172 -31.85 37.07 -20.61
N ILE D 173 -31.19 38.10 -20.07
CA ILE D 173 -29.70 38.17 -19.94
C ILE D 173 -29.22 36.94 -19.16
N ALA D 174 -29.84 36.69 -18.01
CA ALA D 174 -29.51 35.56 -17.10
C ALA D 174 -29.65 34.24 -17.86
N ASN D 175 -30.85 33.96 -18.40
CA ASN D 175 -31.19 32.71 -19.13
C ASN D 175 -30.16 32.48 -20.25
N VAL D 176 -29.83 33.53 -21.01
CA VAL D 176 -28.87 33.45 -22.17
C VAL D 176 -27.51 32.93 -21.67
N VAL D 177 -26.90 33.64 -20.72
CA VAL D 177 -25.55 33.31 -20.16
C VAL D 177 -25.55 31.85 -19.70
N LEU D 178 -26.51 31.48 -18.85
CA LEU D 178 -26.65 30.11 -18.27
C LEU D 178 -26.80 29.09 -19.41
N ILE D 179 -27.78 29.31 -20.30
CA ILE D 179 -28.08 28.41 -21.45
C ILE D 179 -26.80 28.21 -22.28
N ARG D 180 -26.08 29.30 -22.57
CA ARG D 180 -24.80 29.24 -23.34
C ARG D 180 -23.80 28.32 -22.62
N ALA D 181 -23.59 28.57 -21.32
CA ALA D 181 -22.67 27.82 -20.44
C ALA D 181 -23.02 26.32 -20.46
N VAL D 182 -24.31 26.00 -20.31
CA VAL D 182 -24.84 24.59 -20.34
C VAL D 182 -24.56 23.99 -21.73
N ARG D 183 -24.90 24.73 -22.78
CA ARG D 183 -24.72 24.30 -24.21
C ARG D 183 -23.24 24.05 -24.50
N GLN D 184 -22.35 24.94 -24.03
CA GLN D 184 -20.88 24.85 -24.26
C GLN D 184 -20.31 23.63 -23.52
N SER D 185 -20.82 23.33 -22.32
CA SER D 185 -20.33 22.23 -21.45
C SER D 185 -20.92 20.87 -21.87
N LEU D 186 -22.14 20.85 -22.40
CA LEU D 186 -22.87 19.60 -22.78
C LEU D 186 -22.00 18.68 -23.64
N PRO D 187 -21.34 19.19 -24.71
CA PRO D 187 -20.53 18.35 -25.58
C PRO D 187 -19.34 17.65 -24.89
N THR D 188 -18.73 18.32 -23.90
CA THR D 188 -17.52 17.85 -23.16
C THR D 188 -17.91 16.71 -22.22
N LEU D 189 -19.09 16.77 -21.60
CA LEU D 189 -19.60 15.77 -20.64
C LEU D 189 -19.86 14.43 -21.35
N THR D 190 -19.91 13.34 -20.59
CA THR D 190 -20.25 11.98 -21.08
C THR D 190 -21.73 11.97 -21.47
N PRO D 191 -22.22 10.97 -22.23
CA PRO D 191 -23.63 10.93 -22.61
C PRO D 191 -24.56 11.01 -21.39
N GLU D 192 -24.31 10.16 -20.39
CA GLU D 192 -25.09 10.08 -19.13
C GLU D 192 -25.10 11.46 -18.45
N SER D 193 -23.93 12.09 -18.33
CA SER D 193 -23.76 13.44 -17.72
C SER D 193 -24.47 14.50 -18.57
N HIS D 194 -24.24 14.47 -19.89
CA HIS D 194 -24.84 15.39 -20.89
C HIS D 194 -26.34 15.50 -20.64
N THR D 195 -27.04 14.35 -20.62
CA THR D 195 -28.50 14.27 -20.43
C THR D 195 -28.91 14.96 -19.11
N MET D 196 -28.24 14.62 -18.01
CA MET D 196 -28.56 15.14 -16.65
C MET D 196 -28.44 16.67 -16.63
N LEU D 197 -27.30 17.24 -17.05
CA LEU D 197 -27.08 18.71 -17.03
C LEU D 197 -28.23 19.41 -17.77
N LYS D 198 -28.47 19.04 -19.02
CA LYS D 198 -29.57 19.60 -19.86
C LYS D 198 -30.87 19.53 -19.05
N SER D 199 -31.21 18.34 -18.54
CA SER D 199 -32.41 18.08 -17.70
C SER D 199 -32.47 19.11 -16.56
N ALA D 200 -31.39 19.22 -15.77
CA ALA D 200 -31.27 20.14 -14.62
C ALA D 200 -31.49 21.59 -15.08
N ALA D 201 -30.77 22.02 -16.13
CA ALA D 201 -30.84 23.37 -16.70
C ALA D 201 -32.31 23.70 -17.06
N ILE D 202 -32.96 22.82 -17.82
CA ILE D 202 -34.36 22.99 -18.30
C ILE D 202 -35.30 23.11 -17.08
N VAL D 203 -35.21 22.17 -16.14
CA VAL D 203 -36.08 22.12 -14.93
C VAL D 203 -35.92 23.41 -14.11
N LEU D 204 -34.69 23.86 -13.90
CA LEU D 204 -34.35 25.04 -13.05
C LEU D 204 -34.92 26.33 -13.66
N LEU D 205 -34.82 26.49 -14.98
CA LEU D 205 -35.17 27.74 -15.72
C LEU D 205 -36.68 27.80 -16.01
N ALA D 206 -37.30 26.67 -16.39
CA ALA D 206 -38.73 26.57 -16.79
C ALA D 206 -39.64 27.25 -15.76
N GLY D 207 -39.60 26.80 -14.49
CA GLY D 207 -40.47 27.29 -13.40
C GLY D 207 -40.53 28.81 -13.31
N TRP D 208 -39.41 29.49 -13.60
CA TRP D 208 -39.24 30.96 -13.46
C TRP D 208 -40.47 31.72 -14.00
N VAL D 209 -41.09 31.23 -15.07
CA VAL D 209 -42.22 31.91 -15.77
C VAL D 209 -43.36 32.19 -14.78
N VAL D 210 -43.64 31.25 -13.87
CA VAL D 210 -44.75 31.33 -12.89
C VAL D 210 -44.70 32.67 -12.15
N TYR D 211 -43.51 33.07 -11.67
CA TYR D 211 -43.29 34.29 -10.85
C TYR D 211 -43.80 35.53 -11.60
N PRO D 212 -43.33 35.81 -12.83
CA PRO D 212 -43.81 36.97 -13.58
C PRO D 212 -45.34 36.95 -13.75
N ILE D 213 -45.90 35.76 -14.03
CA ILE D 213 -47.36 35.56 -14.25
C ILE D 213 -48.12 36.01 -12.99
N VAL D 214 -47.70 35.53 -11.81
CA VAL D 214 -48.34 35.83 -10.50
C VAL D 214 -48.20 37.33 -10.19
N TYR D 215 -47.11 37.94 -10.63
CA TYR D 215 -46.79 39.38 -10.41
C TYR D 215 -47.89 40.27 -10.99
N PHE D 216 -48.37 39.94 -12.19
CA PHE D 216 -49.36 40.74 -12.96
C PHE D 216 -50.82 40.38 -12.59
N LEU D 217 -51.03 39.43 -11.67
CA LEU D 217 -52.38 38.99 -11.25
C LEU D 217 -53.15 40.13 -10.59
N PRO D 218 -52.53 40.93 -9.70
CA PRO D 218 -53.23 42.03 -9.05
C PRO D 218 -53.95 42.98 -10.03
N LEU D 219 -53.45 43.09 -11.26
CA LEU D 219 -54.00 43.98 -12.32
C LEU D 219 -55.43 43.54 -12.67
N PHE D 220 -55.72 42.23 -12.60
CA PHE D 220 -57.04 41.63 -12.93
C PHE D 220 -58.05 41.93 -11.80
N GLY D 221 -57.66 42.74 -10.81
CA GLY D 221 -58.52 43.16 -9.69
C GLY D 221 -57.94 42.76 -8.35
N ALA D 222 -58.72 42.94 -7.29
CA ALA D 222 -58.37 42.62 -5.88
C ALA D 222 -59.42 41.68 -5.28
N SER D 223 -59.01 40.78 -4.39
CA SER D 223 -59.89 39.78 -3.74
C SER D 223 -59.14 39.06 -2.63
N GLY D 224 -59.84 38.71 -1.55
CA GLY D 224 -59.29 37.85 -0.48
C GLY D 224 -58.84 36.53 -1.09
N GLY D 225 -59.61 36.02 -2.05
CA GLY D 225 -59.33 34.77 -2.79
C GLY D 225 -58.07 34.92 -3.62
N LEU D 226 -58.00 35.98 -4.43
CA LEU D 226 -56.84 36.30 -5.31
C LEU D 226 -55.58 36.39 -4.44
N THR D 227 -55.57 37.28 -3.44
CA THR D 227 -54.44 37.46 -2.49
C THR D 227 -53.96 36.08 -2.02
N THR D 228 -54.90 35.24 -1.58
CA THR D 228 -54.62 33.85 -1.11
C THR D 228 -53.92 33.06 -2.23
N THR D 229 -54.50 33.06 -3.42
CA THR D 229 -53.97 32.34 -4.62
C THR D 229 -52.52 32.79 -4.89
N ILE D 230 -52.30 34.10 -4.97
CA ILE D 230 -50.96 34.73 -5.21
C ILE D 230 -49.94 34.14 -4.22
N LEU D 231 -50.21 34.28 -2.92
CA LEU D 231 -49.30 33.84 -1.82
C LEU D 231 -49.04 32.33 -1.94
N ILE D 232 -50.08 31.49 -1.89
CA ILE D 232 -49.98 30.00 -1.93
C ILE D 232 -49.19 29.58 -3.18
N THR D 233 -49.61 30.04 -4.37
CA THR D 233 -48.97 29.69 -5.67
C THR D 233 -47.46 29.93 -5.57
N LEU D 234 -47.07 31.15 -5.16
CA LEU D 234 -45.66 31.56 -5.00
C LEU D 234 -44.95 30.60 -4.03
N THR D 235 -45.58 30.31 -2.89
CA THR D 235 -45.04 29.39 -1.85
C THR D 235 -44.78 28.01 -2.47
N VAL D 236 -45.79 27.42 -3.11
CA VAL D 236 -45.71 26.09 -3.78
C VAL D 236 -44.57 26.14 -4.80
N ALA D 237 -44.50 27.23 -5.58
CA ALA D 237 -43.46 27.47 -6.61
C ALA D 237 -42.07 27.46 -5.96
N ASP D 238 -41.89 28.24 -4.89
CA ASP D 238 -40.61 28.35 -4.12
C ASP D 238 -40.16 26.96 -3.67
N VAL D 239 -41.07 26.19 -3.06
CA VAL D 239 -40.80 24.83 -2.52
C VAL D 239 -40.44 23.90 -3.68
N ILE D 240 -41.29 23.82 -4.71
CA ILE D 240 -41.11 22.95 -5.90
C ILE D 240 -39.72 23.19 -6.51
N VAL D 241 -39.37 24.45 -6.77
CA VAL D 241 -38.10 24.85 -7.43
C VAL D 241 -36.93 24.64 -6.47
N LYS D 242 -36.95 25.38 -5.36
CA LYS D 242 -35.84 25.41 -4.42
C LYS D 242 -35.60 24.04 -3.79
N LEU D 243 -36.58 23.13 -3.89
CA LEU D 243 -36.43 21.82 -3.29
C LEU D 243 -36.25 20.74 -4.37
N GLY D 244 -37.33 20.37 -5.07
CA GLY D 244 -37.31 19.31 -6.10
C GLY D 244 -36.17 19.49 -7.09
N PHE D 245 -35.92 20.73 -7.50
CA PHE D 245 -34.91 21.12 -8.51
C PHE D 245 -33.51 21.10 -7.90
N SER D 246 -33.41 21.26 -6.57
CA SER D 246 -32.13 21.23 -5.80
C SER D 246 -31.40 19.90 -6.04
N THR D 247 -32.14 18.79 -5.99
CA THR D 247 -31.60 17.42 -6.20
C THR D 247 -30.95 17.30 -7.58
N GLN D 248 -31.59 17.83 -8.62
CA GLN D 248 -31.11 17.76 -10.03
C GLN D 248 -29.64 18.19 -10.10
N THR D 249 -29.31 19.40 -9.62
CA THR D 249 -27.92 19.94 -9.63
C THR D 249 -26.98 18.98 -8.89
N HIS D 250 -27.35 18.56 -7.69
CA HIS D 250 -26.59 17.63 -6.81
C HIS D 250 -26.25 16.35 -7.58
N ARG D 251 -27.24 15.72 -8.21
CA ARG D 251 -27.08 14.45 -8.98
C ARG D 251 -25.94 14.62 -10.00
N VAL D 252 -26.00 15.68 -10.82
CA VAL D 252 -24.97 15.98 -11.86
C VAL D 252 -23.59 15.94 -11.20
N ALA D 253 -23.42 16.69 -10.11
CA ALA D 253 -22.17 16.79 -9.32
C ALA D 253 -21.69 15.39 -8.92
N LYS D 254 -22.58 14.57 -8.35
CA LYS D 254 -22.28 13.20 -7.87
C LYS D 254 -21.77 12.35 -9.03
N LEU D 255 -22.49 12.31 -10.15
CA LEU D 255 -22.12 11.51 -11.35
C LEU D 255 -20.74 11.99 -11.83
N ARG D 256 -20.59 13.30 -12.03
CA ARG D 256 -19.32 13.96 -12.47
C ARG D 256 -18.19 13.54 -11.53
N THR D 257 -18.49 13.37 -10.23
CA THR D 257 -17.53 12.93 -9.18
C THR D 257 -17.15 11.47 -9.43
N ALA D 258 -18.16 10.59 -9.57
CA ALA D 258 -18.00 9.15 -9.82
C ALA D 258 -17.20 8.93 -11.11
N GLU D 259 -17.53 9.69 -12.16
CA GLU D 259 -16.85 9.63 -13.48
C GLU D 259 -15.36 9.92 -13.30
N ASP D 260 -15.03 11.00 -12.57
CA ASP D 260 -13.64 11.41 -12.26
C ASP D 260 -12.93 10.26 -11.53
N VAL D 261 -13.66 9.52 -10.69
CA VAL D 261 -13.13 8.36 -9.92
C VAL D 261 -12.86 7.21 -10.91
N ARG D 262 -13.89 6.79 -11.65
CA ARG D 262 -13.78 5.68 -12.64
C ARG D 262 -12.67 5.99 -13.65
N ALA D 263 -12.67 7.22 -14.18
CA ALA D 263 -11.70 7.71 -15.19
C ALA D 263 -10.28 7.69 -14.62
N GLY D 264 -10.16 7.65 -13.28
CA GLY D 264 -8.87 7.60 -12.58
C GLY D 264 -8.28 8.99 -12.38
N ASP D 265 -9.09 10.03 -12.63
CA ASP D 265 -8.66 11.45 -12.49
C ASP D 265 -8.46 11.79 -11.01
N ASP D 266 -9.33 11.30 -10.12
CA ASP D 266 -9.24 11.61 -8.67
C ASP D 266 -9.78 10.44 -7.85
N VAL D 267 -9.54 10.46 -6.53
CA VAL D 267 -9.98 9.39 -5.58
C VAL D 267 -10.96 9.99 -4.57
N HIS D 268 -12.05 9.29 -4.29
CA HIS D 268 -13.11 9.71 -3.33
C HIS D 268 -13.15 8.71 -2.17
N PRO D 269 -13.33 9.19 -0.92
CA PRO D 269 -13.29 8.32 0.26
C PRO D 269 -14.35 7.22 0.31
N GLU D 270 -15.56 7.51 -0.15
CA GLU D 270 -16.71 6.58 -0.02
C GLU D 270 -17.27 6.22 -1.40
N SER D 271 -17.99 5.09 -1.47
CA SER D 271 -18.69 4.64 -2.70
C SER D 271 -19.82 5.64 -3.00
N ILE D 272 -20.01 5.99 -4.27
CA ILE D 272 -21.08 6.94 -4.71
C ILE D 272 -22.18 6.13 -5.38
N TRP D 273 -23.41 6.28 -4.88
CA TRP D 273 -24.60 5.56 -5.38
C TRP D 273 -25.63 6.57 -5.89
N ILE D 274 -26.18 6.33 -7.08
CA ILE D 274 -27.30 7.14 -7.65
C ILE D 274 -28.41 6.16 -8.05
N SER D 275 -29.62 6.38 -7.54
CA SER D 275 -30.79 5.52 -7.87
C SER D 275 -30.51 4.08 -7.47
N SER D 276 -29.74 3.88 -6.39
CA SER D 276 -29.43 2.53 -5.85
C SER D 276 -28.52 1.76 -6.82
N VAL D 277 -27.76 2.49 -7.64
CA VAL D 277 -26.78 1.90 -8.61
C VAL D 277 -25.40 2.42 -8.27
N LYS D 278 -24.40 1.53 -8.13
CA LYS D 278 -23.03 1.95 -7.74
C LYS D 278 -22.38 2.64 -8.93
N GLN D 279 -21.94 3.89 -8.75
CA GLN D 279 -21.30 4.69 -9.82
C GLN D 279 -19.78 4.68 -9.58
N SER D 280 -19.36 4.68 -8.32
CA SER D 280 -17.92 4.68 -7.94
C SER D 280 -17.70 3.77 -6.72
N ASP D 281 -16.48 3.23 -6.59
CA ASP D 281 -16.10 2.38 -5.44
C ASP D 281 -15.18 3.20 -4.53
N ALA D 282 -15.16 2.88 -3.24
CA ALA D 282 -14.38 3.62 -2.23
C ALA D 282 -12.89 3.53 -2.55
N GLY D 283 -12.18 4.65 -2.44
CA GLY D 283 -10.73 4.73 -2.71
C GLY D 283 -10.05 5.71 -1.78
N LEU D 284 -8.78 5.46 -1.46
CA LEU D 284 -7.97 6.35 -0.58
C LEU D 284 -6.74 6.81 -1.34
N PRO D 285 -6.30 8.08 -1.13
CA PRO D 285 -5.10 8.60 -1.79
C PRO D 285 -3.85 7.81 -1.37
N ARG D 286 -2.87 7.68 -2.26
CA ARG D 286 -1.61 6.93 -1.99
C ARG D 286 -0.81 7.67 -0.91
N GLU D 287 -0.34 6.93 0.11
CA GLU D 287 0.50 7.48 1.22
C GLU D 287 1.77 8.09 0.61
N VAL D 288 2.15 9.29 1.07
CA VAL D 288 3.32 10.04 0.53
C VAL D 288 4.33 10.27 1.66
N TYR D 289 5.62 10.00 1.37
CA TYR D 289 6.78 10.24 2.28
C TYR D 289 7.42 11.57 1.89
N LEU D 290 7.29 12.58 2.74
CA LEU D 290 7.78 13.97 2.48
C LEU D 290 9.30 14.04 2.64
N ALA D 291 9.94 14.99 1.94
CA ALA D 291 11.40 15.26 1.98
C ALA D 291 11.72 16.21 3.14
N ASN E 5 -72.90 21.27 12.93
CA ASN E 5 -73.38 19.89 13.26
C ASN E 5 -72.26 19.11 13.92
N VAL E 6 -71.02 19.32 13.45
CA VAL E 6 -69.78 18.69 14.01
C VAL E 6 -69.33 19.51 15.22
N SER E 7 -69.16 18.84 16.38
CA SER E 7 -68.77 19.46 17.67
C SER E 7 -67.26 19.68 17.72
N VAL E 8 -66.79 20.79 17.14
CA VAL E 8 -65.35 21.19 17.09
C VAL E 8 -64.74 21.02 18.48
N PRO E 9 -63.58 20.35 18.59
CA PRO E 9 -62.94 20.10 19.90
C PRO E 9 -62.39 21.35 20.58
N TRP E 10 -62.03 22.37 19.79
CA TRP E 10 -61.43 23.64 20.27
C TRP E 10 -62.51 24.56 20.87
N GLY E 11 -63.75 24.06 20.98
CA GLY E 11 -64.88 24.79 21.56
C GLY E 11 -65.10 24.42 23.02
N ALA E 12 -64.66 23.21 23.40
CA ALA E 12 -64.80 22.63 24.75
C ALA E 12 -63.83 23.31 25.71
N THR E 13 -64.30 23.62 26.92
CA THR E 13 -63.52 24.22 28.04
C THR E 13 -62.76 23.10 28.76
N LEU E 14 -61.52 23.36 29.19
CA LEU E 14 -60.64 22.35 29.84
C LEU E 14 -60.43 22.68 31.32
N SER E 15 -60.37 21.63 32.15
CA SER E 15 -60.09 21.72 33.61
C SER E 15 -58.59 22.01 33.80
N ASN E 16 -58.20 22.52 34.96
CA ASN E 16 -56.78 22.83 35.29
C ASN E 16 -55.95 21.55 35.15
N ALA E 17 -56.50 20.42 35.63
CA ALA E 17 -55.87 19.09 35.56
C ALA E 17 -55.64 18.71 34.09
N GLU E 18 -56.71 18.79 33.27
CA GLU E 18 -56.67 18.47 31.82
C GLU E 18 -55.61 19.34 31.14
N HIS E 19 -55.66 20.66 31.36
CA HIS E 19 -54.72 21.66 30.79
C HIS E 19 -53.28 21.26 31.09
N GLN E 20 -53.01 20.80 32.31
CA GLN E 20 -51.67 20.40 32.79
C GLN E 20 -51.21 19.16 32.03
N LEU E 21 -52.07 18.13 31.97
CA LEU E 21 -51.79 16.82 31.30
C LEU E 21 -51.36 17.09 29.85
N ILE E 22 -52.19 17.81 29.08
CA ILE E 22 -51.94 18.13 27.65
C ILE E 22 -50.54 18.74 27.51
N PHE E 23 -50.24 19.76 28.32
CA PHE E 23 -48.93 20.47 28.34
C PHE E 23 -47.81 19.46 28.59
N TYR E 24 -47.97 18.64 29.62
CA TYR E 24 -47.00 17.59 30.04
C TYR E 24 -46.58 16.75 28.84
N PHE E 25 -47.56 16.09 28.20
CA PHE E 25 -47.36 15.17 27.04
C PHE E 25 -46.74 15.92 25.85
N LEU E 26 -47.27 17.09 25.51
CA LEU E 26 -46.77 17.93 24.38
C LEU E 26 -45.26 18.18 24.54
N VAL E 27 -44.85 18.75 25.67
CA VAL E 27 -43.44 19.10 25.98
C VAL E 27 -42.61 17.81 25.98
N VAL E 28 -43.01 16.81 26.77
CA VAL E 28 -42.34 15.49 26.86
C VAL E 28 -42.03 15.00 25.44
N ALA E 29 -43.04 15.03 24.56
CA ALA E 29 -42.95 14.63 23.15
C ALA E 29 -41.82 15.41 22.47
N ALA E 30 -41.91 16.74 22.50
CA ALA E 30 -40.91 17.68 21.91
C ALA E 30 -39.51 17.29 22.38
N LEU E 31 -39.32 17.13 23.70
CA LEU E 31 -38.03 16.75 24.33
C LEU E 31 -37.58 15.38 23.82
N ALA E 32 -38.52 14.43 23.75
CA ALA E 32 -38.29 13.06 23.25
C ALA E 32 -37.70 13.12 21.84
N PHE E 33 -38.20 14.04 21.01
CA PHE E 33 -37.76 14.26 19.61
C PHE E 33 -36.33 14.83 19.62
N VAL E 34 -36.07 15.78 20.51
CA VAL E 34 -34.73 16.41 20.69
C VAL E 34 -33.71 15.29 20.96
N ALA E 35 -34.03 14.42 21.91
CA ALA E 35 -33.22 13.24 22.31
C ALA E 35 -33.03 12.33 21.09
N GLY E 36 -34.12 12.08 20.35
CA GLY E 36 -34.12 11.25 19.13
C GLY E 36 -33.25 11.87 18.05
N PHE E 37 -33.46 13.17 17.78
CA PHE E 37 -32.73 13.95 16.75
C PHE E 37 -31.22 13.86 17.04
N ILE E 38 -30.83 14.09 18.29
CA ILE E 38 -29.41 14.05 18.76
C ILE E 38 -28.85 12.65 18.48
N ARG E 39 -29.56 11.61 18.92
CA ARG E 39 -29.13 10.19 18.73
C ARG E 39 -28.93 9.91 17.24
N THR E 40 -29.96 10.19 16.43
CA THR E 40 -29.96 9.96 14.96
C THR E 40 -28.72 10.58 14.32
N TYR E 41 -28.41 11.84 14.69
CA TYR E 41 -27.28 12.62 14.14
C TYR E 41 -25.96 11.93 14.49
N ILE E 42 -25.74 11.63 15.77
CA ILE E 42 -24.50 10.97 16.28
C ILE E 42 -24.33 9.60 15.62
N THR E 43 -25.43 8.86 15.47
CA THR E 43 -25.45 7.50 14.85
C THR E 43 -25.85 7.62 13.38
N ARG E 44 -25.18 8.50 12.63
CA ARG E 44 -25.47 8.74 11.19
C ARG E 44 -24.44 8.00 10.33
N ASN E 45 -23.21 7.88 10.82
CA ASN E 45 -22.07 7.24 10.10
C ASN E 45 -22.02 5.74 10.43
N GLU E 46 -23.02 5.24 11.16
CA GLU E 46 -23.17 3.79 11.46
C GLU E 46 -23.78 3.09 10.24
N VAL E 47 -24.18 3.88 9.23
CA VAL E 47 -24.82 3.40 7.98
C VAL E 47 -23.92 3.75 6.79
N GLY E 48 -23.99 2.95 5.72
CA GLY E 48 -23.21 3.13 4.49
C GLY E 48 -23.77 4.26 3.63
N SER E 49 -23.06 4.64 2.57
CA SER E 49 -23.47 5.71 1.62
C SER E 49 -24.73 5.28 0.87
N ARG E 50 -24.83 3.99 0.55
CA ARG E 50 -25.95 3.38 -0.23
C ARG E 50 -27.31 3.67 0.41
N TYR E 51 -27.41 3.58 1.74
CA TYR E 51 -28.69 3.72 2.50
C TYR E 51 -28.72 5.01 3.31
N ARG E 52 -27.89 6.00 2.94
CA ARG E 52 -27.80 7.29 3.67
C ARG E 52 -29.12 8.05 3.59
N THR E 53 -29.87 7.86 2.50
CA THR E 53 -31.18 8.53 2.27
C THR E 53 -32.11 8.26 3.46
N ALA E 54 -32.03 7.05 4.02
CA ALA E 54 -32.83 6.60 5.19
C ALA E 54 -32.52 7.49 6.39
N VAL E 55 -31.23 7.72 6.65
CA VAL E 55 -30.72 8.57 7.78
C VAL E 55 -31.21 10.00 7.58
N SER E 56 -30.94 10.56 6.40
CA SER E 56 -31.32 11.96 6.02
C SER E 56 -32.82 12.18 6.26
N ALA E 57 -33.66 11.23 5.83
CA ALA E 57 -35.13 11.29 5.94
C ALA E 57 -35.55 11.32 7.42
N ARG E 58 -35.07 10.37 8.23
CA ARG E 58 -35.46 10.26 9.66
C ARG E 58 -35.02 11.53 10.40
N LEU E 59 -33.76 11.94 10.26
CA LEU E 59 -33.23 13.17 10.92
C LEU E 59 -34.13 14.35 10.56
N GLY E 60 -34.52 14.45 9.29
CA GLY E 60 -35.43 15.50 8.79
C GLY E 60 -36.77 15.44 9.49
N MET E 61 -37.39 14.26 9.50
CA MET E 61 -38.69 13.99 10.15
C MET E 61 -38.64 14.46 11.61
N LEU E 62 -37.64 13.99 12.35
CA LEU E 62 -37.43 14.33 13.78
C LEU E 62 -37.30 15.84 13.94
N GLY E 63 -36.45 16.47 13.11
CA GLY E 63 -36.25 17.94 13.10
C GLY E 63 -37.56 18.67 12.93
N VAL E 64 -38.33 18.28 11.92
CA VAL E 64 -39.67 18.87 11.60
C VAL E 64 -40.60 18.72 12.82
N ALA E 65 -40.67 17.50 13.36
CA ALA E 65 -41.51 17.14 14.53
C ALA E 65 -41.19 18.06 15.71
N LEU E 66 -39.91 18.17 16.06
CA LEU E 66 -39.39 19.00 17.18
C LEU E 66 -39.95 20.42 17.04
N LEU E 67 -39.63 21.09 15.92
CA LEU E 67 -40.04 22.49 15.63
C LEU E 67 -41.58 22.59 15.63
N ALA E 68 -42.25 21.65 14.98
CA ALA E 68 -43.73 21.57 14.88
C ALA E 68 -44.33 21.58 16.29
N TYR E 69 -43.89 20.64 17.14
CA TYR E 69 -44.39 20.47 18.53
C TYR E 69 -44.11 21.74 19.35
N ILE E 70 -43.06 22.49 19.01
CA ILE E 70 -42.75 23.80 19.65
C ILE E 70 -43.90 24.77 19.33
N LEU E 71 -44.31 24.81 18.06
CA LEU E 71 -45.44 25.66 17.57
C LEU E 71 -46.72 25.21 18.28
N ILE E 72 -46.99 23.90 18.30
CA ILE E 72 -48.18 23.29 18.95
C ILE E 72 -48.25 23.78 20.41
N ILE E 73 -47.12 23.68 21.12
CA ILE E 73 -46.99 24.11 22.54
C ILE E 73 -47.34 25.60 22.65
N VAL E 74 -46.75 26.44 21.81
CA VAL E 74 -46.99 27.92 21.77
C VAL E 74 -48.50 28.16 21.60
N ALA E 75 -49.09 27.57 20.55
CA ALA E 75 -50.53 27.68 20.22
C ALA E 75 -51.37 27.33 21.45
N PHE E 76 -51.01 26.23 22.13
CA PHE E 76 -51.70 25.71 23.34
C PHE E 76 -51.67 26.76 24.45
N LEU E 77 -50.54 27.46 24.60
CA LEU E 77 -50.33 28.49 25.64
C LEU E 77 -51.12 29.76 25.30
N LEU E 78 -51.28 30.07 24.02
CA LEU E 78 -51.99 31.29 23.54
C LEU E 78 -53.42 30.95 23.12
N GLY E 79 -53.79 29.67 23.14
CA GLY E 79 -55.11 29.19 22.66
C GLY E 79 -56.17 29.17 23.75
N TYR E 80 -55.76 29.13 25.02
CA TYR E 80 -56.68 29.04 26.19
C TYR E 80 -56.40 30.17 27.18
N ASP E 81 -57.45 30.61 27.89
CA ASP E 81 -57.41 31.66 28.93
C ASP E 81 -57.96 31.06 30.24
N SER E 82 -57.28 31.31 31.36
CA SER E 82 -57.64 30.78 32.69
C SER E 82 -58.78 31.63 33.29
N THR E 83 -59.85 30.98 33.74
CA THR E 83 -61.05 31.62 34.32
C THR E 83 -61.46 30.90 35.60
N ALA E 84 -62.68 31.17 36.09
CA ALA E 84 -63.27 30.54 37.29
C ALA E 84 -63.80 29.14 36.93
N GLY E 85 -64.10 28.93 35.65
CA GLY E 85 -64.66 27.66 35.13
C GLY E 85 -63.59 26.74 34.56
N GLY E 86 -62.32 27.15 34.63
CA GLY E 86 -61.18 26.38 34.11
C GLY E 86 -60.40 27.17 33.07
N TRP E 87 -60.13 26.54 31.91
CA TRP E 87 -59.42 27.18 30.75
C TRP E 87 -60.39 27.30 29.57
N VAL E 88 -60.86 28.51 29.28
CA VAL E 88 -61.86 28.81 28.22
C VAL E 88 -61.13 28.99 26.89
N PRO E 89 -61.53 28.24 25.83
CA PRO E 89 -60.92 28.38 24.51
C PRO E 89 -61.11 29.79 23.93
N ASN E 90 -60.12 30.29 23.20
CA ASN E 90 -60.17 31.59 22.51
C ASN E 90 -60.21 31.33 21.00
N ASP E 91 -59.95 32.36 20.19
CA ASP E 91 -60.01 32.27 18.70
C ASP E 91 -58.82 31.46 18.18
N GLY E 92 -57.72 31.42 18.92
CA GLY E 92 -56.46 30.76 18.51
C GLY E 92 -56.40 29.29 18.88
N ALA E 93 -57.36 28.80 19.67
CA ALA E 93 -57.43 27.39 20.13
C ALA E 93 -57.34 26.44 18.93
N ILE E 94 -58.04 26.78 17.85
CA ILE E 94 -58.11 25.97 16.58
C ILE E 94 -56.69 25.72 16.07
N ASN E 95 -55.78 26.68 16.28
CA ASN E 95 -54.37 26.62 15.78
C ASN E 95 -53.68 25.35 16.29
N ILE E 96 -53.98 24.93 17.52
CA ILE E 96 -53.35 23.74 18.16
C ILE E 96 -53.54 22.53 17.24
N PHE E 97 -54.78 22.29 16.81
CA PHE E 97 -55.18 21.17 15.92
C PHE E 97 -54.58 21.40 14.53
N SER E 98 -54.68 22.64 14.02
CA SER E 98 -54.13 23.06 12.70
C SER E 98 -52.64 22.71 12.62
N THR E 99 -51.87 23.09 13.63
CA THR E 99 -50.39 22.91 13.67
C THR E 99 -50.03 21.42 13.50
N ARG E 100 -50.77 20.52 14.14
CA ARG E 100 -50.48 19.06 14.08
C ARG E 100 -50.56 18.59 12.62
N TYR E 101 -51.56 19.08 11.87
CA TYR E 101 -51.74 18.78 10.42
C TYR E 101 -50.48 19.19 9.67
N ILE E 102 -49.99 20.41 9.91
CA ILE E 102 -48.74 20.95 9.30
C ILE E 102 -47.62 19.93 9.52
N GLU E 103 -47.42 19.53 10.78
CA GLU E 103 -46.43 18.49 11.16
C GLU E 103 -46.58 17.28 10.24
N TRP E 104 -47.78 16.68 10.25
CA TRP E 104 -48.12 15.45 9.48
C TRP E 104 -47.84 15.68 7.98
N THR E 105 -48.23 16.84 7.44
CA THR E 105 -48.06 17.18 6.01
C THR E 105 -46.61 16.92 5.57
N VAL E 106 -45.63 17.31 6.40
CA VAL E 106 -44.18 17.18 6.07
C VAL E 106 -43.65 15.85 6.64
N SER E 107 -44.03 15.51 7.87
CA SER E 107 -43.51 14.31 8.60
C SER E 107 -43.87 13.01 7.86
N VAL E 108 -45.15 12.79 7.56
CA VAL E 108 -45.67 11.54 6.92
C VAL E 108 -44.89 11.29 5.63
N PRO E 109 -44.84 12.26 4.69
CA PRO E 109 -44.16 12.06 3.41
C PRO E 109 -42.72 11.56 3.59
N LEU E 110 -41.98 12.16 4.53
CA LEU E 110 -40.55 11.80 4.81
C LEU E 110 -40.47 10.33 5.24
N LEU E 111 -41.41 9.88 6.06
CA LEU E 111 -41.49 8.47 6.52
C LEU E 111 -41.50 7.57 5.29
N THR E 112 -42.42 7.84 4.36
CA THR E 112 -42.57 7.09 3.08
C THR E 112 -41.19 6.91 2.45
N ILE E 113 -40.47 8.02 2.21
CA ILE E 113 -39.12 8.06 1.58
C ILE E 113 -38.19 7.14 2.37
N GLU E 114 -38.23 7.23 3.70
CA GLU E 114 -37.37 6.44 4.62
C GLU E 114 -37.57 4.95 4.36
N LEU E 115 -38.82 4.48 4.35
CA LEU E 115 -39.15 3.06 4.13
C LEU E 115 -38.75 2.68 2.70
N LEU E 116 -39.10 3.52 1.73
CA LEU E 116 -38.78 3.31 0.30
C LEU E 116 -37.25 3.26 0.12
N ALA E 117 -36.52 4.07 0.89
CA ALA E 117 -35.04 4.15 0.83
C ALA E 117 -34.43 2.82 1.25
N VAL E 118 -34.88 2.24 2.38
CA VAL E 118 -34.42 0.92 2.87
C VAL E 118 -34.87 -0.15 1.88
N CYS E 119 -36.04 0.04 1.26
CA CYS E 119 -36.57 -0.87 0.21
C CYS E 119 -35.61 -0.88 -0.97
N ALA E 120 -35.44 -2.02 -1.63
CA ALA E 120 -34.42 -2.22 -2.69
C ALA E 120 -35.03 -2.01 -4.08
N THR E 121 -36.21 -1.38 -4.20
CA THR E 121 -36.77 -1.06 -5.55
C THR E 121 -35.71 -0.25 -6.30
N LEU E 122 -35.34 -0.69 -7.51
CA LEU E 122 -34.25 -0.07 -8.30
C LEU E 122 -34.82 0.59 -9.57
N GLY E 123 -34.08 1.54 -10.13
CA GLY E 123 -34.48 2.28 -11.34
C GLY E 123 -35.52 3.34 -10.99
N VAL E 124 -36.25 3.80 -12.01
CA VAL E 124 -37.28 4.86 -11.87
C VAL E 124 -38.44 4.32 -11.04
N GLN E 125 -38.65 3.00 -11.02
CA GLN E 125 -39.78 2.36 -10.31
C GLN E 125 -39.85 2.93 -8.89
N ALA E 126 -38.71 2.96 -8.18
CA ALA E 126 -38.62 3.50 -6.80
C ALA E 126 -38.89 5.01 -6.85
N ARG E 127 -38.31 5.70 -7.83
CA ARG E 127 -38.53 7.16 -8.01
C ARG E 127 -40.02 7.41 -8.26
N ARG E 128 -40.64 6.62 -9.13
CA ARG E 128 -42.12 6.71 -9.38
C ARG E 128 -42.84 6.44 -8.06
N ASN E 129 -42.45 5.36 -7.37
CA ASN E 129 -43.02 4.97 -6.06
C ASN E 129 -42.90 6.15 -5.10
N THR E 130 -41.70 6.77 -5.03
CA THR E 130 -41.45 7.91 -4.12
C THR E 130 -42.46 9.02 -4.40
N ALA E 131 -42.59 9.43 -5.67
CA ALA E 131 -43.47 10.54 -6.09
C ALA E 131 -44.91 10.26 -5.65
N ILE E 132 -45.40 9.04 -5.89
CA ILE E 132 -46.80 8.67 -5.56
C ILE E 132 -46.99 8.74 -4.05
N ALA E 133 -46.10 8.10 -3.28
CA ALA E 133 -46.18 8.04 -1.80
C ALA E 133 -46.17 9.46 -1.22
N VAL E 134 -45.19 10.28 -1.62
CA VAL E 134 -45.03 11.68 -1.13
C VAL E 134 -46.33 12.44 -1.40
N THR E 135 -46.79 12.43 -2.66
CA THR E 135 -47.99 13.19 -3.08
C THR E 135 -49.22 12.64 -2.37
N ALA E 136 -49.38 11.30 -2.34
CA ALA E 136 -50.52 10.61 -1.72
C ALA E 136 -50.61 11.02 -0.25
N THR E 137 -49.55 10.77 0.53
CA THR E 137 -49.45 11.13 1.97
C THR E 137 -49.71 12.62 2.16
N GLY E 138 -49.05 13.48 1.35
CA GLY E 138 -49.22 14.93 1.39
C GLY E 138 -50.68 15.33 1.23
N ALA E 139 -51.34 14.80 0.18
CA ALA E 139 -52.75 15.05 -0.16
C ALA E 139 -53.63 14.54 0.99
N MET E 140 -53.39 13.31 1.43
CA MET E 140 -54.14 12.67 2.55
C MET E 140 -54.34 13.70 3.67
N ILE E 141 -53.24 14.23 4.22
CA ILE E 141 -53.28 15.19 5.36
C ILE E 141 -53.99 16.48 4.92
N PHE E 142 -53.68 16.99 3.73
CA PHE E 142 -54.29 18.25 3.23
C PHE E 142 -55.81 18.09 3.23
N CYS E 143 -56.30 16.97 2.71
CA CYS E 143 -57.77 16.71 2.65
C CYS E 143 -58.37 16.79 4.05
N GLY E 144 -57.76 16.13 5.03
CA GLY E 144 -58.21 16.14 6.42
C GLY E 144 -58.24 17.55 6.97
N PHE E 145 -57.16 18.32 6.73
CA PHE E 145 -57.04 19.72 7.20
C PHE E 145 -58.18 20.55 6.60
N LEU E 146 -58.42 20.37 5.30
CA LEU E 146 -59.49 21.10 4.57
C LEU E 146 -60.84 20.87 5.28
N GLY E 147 -61.19 19.61 5.51
CA GLY E 147 -62.49 19.23 6.10
C GLY E 147 -62.60 19.63 7.56
N ALA E 148 -61.58 19.34 8.35
CA ALA E 148 -61.56 19.56 9.83
C ALA E 148 -61.49 21.06 10.18
N ILE E 149 -60.67 21.84 9.46
CA ILE E 149 -60.42 23.26 9.86
C ILE E 149 -60.90 24.23 8.79
N VAL E 150 -60.46 24.07 7.54
CA VAL E 150 -60.69 25.08 6.47
C VAL E 150 -62.17 25.21 6.13
N ILE E 151 -62.91 24.11 5.98
CA ILE E 151 -64.33 24.17 5.52
C ILE E 151 -65.26 24.58 6.65
N ASP E 152 -65.89 25.75 6.51
CA ASP E 152 -66.90 26.27 7.47
C ASP E 152 -66.34 26.20 8.88
N ASN E 153 -65.04 26.44 9.04
CA ASN E 153 -64.38 26.44 10.38
C ASN E 153 -64.59 25.07 11.02
N GLY E 154 -64.67 24.02 10.19
CA GLY E 154 -64.86 22.62 10.63
C GLY E 154 -66.26 22.38 11.17
N THR E 155 -67.23 23.21 10.75
CA THR E 155 -68.62 23.12 11.26
C THR E 155 -69.52 22.35 10.29
N ASN E 156 -69.02 21.99 9.10
CA ASN E 156 -69.83 21.26 8.09
C ASN E 156 -69.60 19.76 8.26
N THR E 157 -70.62 19.01 8.68
CA THR E 157 -70.50 17.56 8.93
C THR E 157 -70.23 16.81 7.62
N GLY E 158 -70.89 17.17 6.53
CA GLY E 158 -70.73 16.49 5.23
C GLY E 158 -69.29 16.52 4.76
N ALA E 159 -68.68 17.70 4.75
CA ALA E 159 -67.26 17.89 4.35
C ALA E 159 -66.36 17.10 5.31
N PHE E 160 -66.58 17.25 6.61
CA PHE E 160 -65.82 16.55 7.68
C PHE E 160 -65.70 15.07 7.29
N ILE E 161 -66.74 14.53 6.65
CA ILE E 161 -66.80 13.10 6.25
C ILE E 161 -66.33 12.93 4.80
N LEU E 162 -66.91 13.67 3.86
CA LEU E 162 -66.58 13.58 2.41
C LEU E 162 -65.05 13.58 2.24
N TRP E 163 -64.39 14.64 2.68
CA TRP E 163 -62.92 14.85 2.55
C TRP E 163 -62.15 13.73 3.25
N ALA E 164 -62.66 13.26 4.41
CA ALA E 164 -62.08 12.14 5.16
C ALA E 164 -62.03 10.91 4.26
N VAL E 165 -63.11 10.65 3.52
CA VAL E 165 -63.24 9.52 2.55
C VAL E 165 -62.21 9.72 1.44
N ILE E 166 -62.15 10.92 0.85
CA ILE E 166 -61.18 11.28 -0.23
C ILE E 166 -59.78 10.97 0.29
N SER E 167 -59.48 11.41 1.51
CA SER E 167 -58.17 11.18 2.20
C SER E 167 -57.90 9.67 2.27
N CYS E 168 -58.86 8.89 2.78
CA CYS E 168 -58.76 7.42 2.90
C CYS E 168 -58.35 6.81 1.55
N VAL E 169 -58.89 7.34 0.45
CA VAL E 169 -58.56 6.91 -0.94
C VAL E 169 -57.03 7.02 -1.12
N PHE E 170 -56.46 8.19 -0.78
CA PHE E 170 -55.01 8.48 -0.85
C PHE E 170 -54.26 7.53 0.09
N TRP E 171 -54.79 7.31 1.30
CA TRP E 171 -54.20 6.42 2.33
C TRP E 171 -54.03 5.02 1.72
N VAL E 172 -55.04 4.52 1.00
CA VAL E 172 -55.03 3.19 0.32
C VAL E 172 -53.93 3.19 -0.74
N ILE E 173 -53.87 4.24 -1.56
CA ILE E 173 -52.86 4.39 -2.66
C ILE E 173 -51.46 4.28 -2.05
N ALA E 174 -51.19 5.04 -0.98
CA ALA E 174 -49.91 5.07 -0.26
C ALA E 174 -49.55 3.67 0.24
N ASN E 175 -50.42 3.06 1.04
CA ASN E 175 -50.22 1.71 1.66
C ASN E 175 -49.88 0.70 0.55
N VAL E 176 -50.64 0.72 -0.55
CA VAL E 176 -50.47 -0.22 -1.70
C VAL E 176 -49.05 -0.09 -2.25
N VAL E 177 -48.67 1.11 -2.71
CA VAL E 177 -47.34 1.40 -3.32
C VAL E 177 -46.23 0.90 -2.37
N LEU E 178 -46.26 1.33 -1.11
CA LEU E 178 -45.25 0.96 -0.08
C LEU E 178 -45.21 -0.57 0.08
N ILE E 179 -46.36 -1.18 0.34
CA ILE E 179 -46.48 -2.66 0.54
C ILE E 179 -45.92 -3.39 -0.69
N ARG E 180 -46.27 -2.92 -1.89
CA ARG E 180 -45.77 -3.49 -3.18
C ARG E 180 -44.25 -3.40 -3.21
N ALA E 181 -43.69 -2.21 -2.94
CA ALA E 181 -42.24 -1.92 -2.90
C ALA E 181 -41.53 -2.87 -1.94
N VAL E 182 -42.08 -3.05 -0.74
CA VAL E 182 -41.54 -3.98 0.31
C VAL E 182 -41.59 -5.40 -0.23
N ARG E 183 -42.75 -5.81 -0.78
CA ARG E 183 -42.98 -7.17 -1.34
C ARG E 183 -42.02 -7.44 -2.51
N GLN E 184 -41.81 -6.46 -3.39
CA GLN E 184 -40.94 -6.56 -4.59
C GLN E 184 -39.48 -6.69 -4.16
N SER E 185 -39.09 -6.00 -3.09
CA SER E 185 -37.70 -5.93 -2.57
C SER E 185 -37.37 -7.15 -1.70
N LEU E 186 -38.36 -7.67 -0.98
CA LEU E 186 -38.23 -8.77 0.02
C LEU E 186 -37.47 -9.95 -0.57
N PRO E 187 -37.82 -10.44 -1.79
CA PRO E 187 -37.16 -11.60 -2.37
C PRO E 187 -35.64 -11.45 -2.57
N THR E 188 -35.19 -10.24 -2.93
CA THR E 188 -33.77 -9.92 -3.25
C THR E 188 -32.94 -9.92 -1.96
N LEU E 189 -33.51 -9.44 -0.85
CA LEU E 189 -32.82 -9.30 0.46
C LEU E 189 -32.52 -10.68 1.07
N THR E 190 -31.57 -10.73 2.00
CA THR E 190 -31.19 -11.96 2.75
C THR E 190 -32.33 -12.29 3.72
N PRO E 191 -32.43 -13.54 4.21
CA PRO E 191 -33.50 -13.92 5.13
C PRO E 191 -33.54 -13.00 6.36
N GLU E 192 -32.38 -12.80 7.01
CA GLU E 192 -32.21 -11.97 8.23
C GLU E 192 -32.74 -10.55 7.93
N SER E 193 -32.31 -9.98 6.80
CA SER E 193 -32.70 -8.60 6.37
C SER E 193 -34.21 -8.59 6.04
N HIS E 194 -34.66 -9.57 5.24
CA HIS E 194 -36.06 -9.75 4.81
C HIS E 194 -37.01 -9.60 6.00
N THR E 195 -36.75 -10.34 7.09
CA THR E 195 -37.59 -10.33 8.31
C THR E 195 -37.73 -8.90 8.86
N MET E 196 -36.61 -8.20 9.04
CA MET E 196 -36.59 -6.82 9.62
C MET E 196 -37.44 -5.86 8.78
N LEU E 197 -37.19 -5.79 7.46
CA LEU E 197 -37.93 -4.85 6.57
C LEU E 197 -39.42 -5.06 6.73
N LYS E 198 -39.91 -6.30 6.54
CA LYS E 198 -41.34 -6.66 6.72
C LYS E 198 -41.83 -6.12 8.06
N SER E 199 -41.12 -6.43 9.16
CA SER E 199 -41.45 -5.95 10.53
C SER E 199 -41.57 -4.43 10.53
N ALA E 200 -40.55 -3.73 10.02
CA ALA E 200 -40.51 -2.25 9.91
C ALA E 200 -41.70 -1.75 9.08
N ALA E 201 -41.93 -2.32 7.89
CA ALA E 201 -43.06 -1.97 6.99
C ALA E 201 -44.38 -2.12 7.74
N ILE E 202 -44.62 -3.28 8.37
CA ILE E 202 -45.85 -3.60 9.14
C ILE E 202 -46.00 -2.59 10.29
N VAL E 203 -44.95 -2.40 11.09
CA VAL E 203 -44.93 -1.50 12.29
C VAL E 203 -45.26 -0.07 11.83
N LEU E 204 -44.61 0.41 10.77
CA LEU E 204 -44.73 1.81 10.26
C LEU E 204 -46.16 2.09 9.77
N LEU E 205 -46.77 1.15 9.04
CA LEU E 205 -48.08 1.32 8.37
C LEU E 205 -49.27 1.08 9.33
N ALA E 206 -49.17 0.06 10.18
CA ALA E 206 -50.26 -0.38 11.08
C ALA E 206 -50.81 0.80 11.90
N GLY E 207 -49.95 1.48 12.66
CA GLY E 207 -50.31 2.59 13.56
C GLY E 207 -51.21 3.63 12.91
N TRP E 208 -51.01 3.89 11.62
CA TRP E 208 -51.72 4.94 10.82
C TRP E 208 -53.22 4.97 11.16
N VAL E 209 -53.84 3.81 11.42
CA VAL E 209 -55.30 3.65 11.66
C VAL E 209 -55.75 4.59 12.79
N VAL E 210 -54.94 4.74 13.84
CA VAL E 210 -55.26 5.55 15.05
C VAL E 210 -55.73 6.95 14.64
N TYR E 211 -54.99 7.59 13.72
CA TYR E 211 -55.22 8.99 13.28
C TYR E 211 -56.63 9.14 12.74
N PRO E 212 -57.05 8.35 11.73
CA PRO E 212 -58.41 8.43 11.20
C PRO E 212 -59.47 8.25 12.30
N ILE E 213 -59.25 7.29 13.21
CA ILE E 213 -60.16 6.96 14.34
C ILE E 213 -60.39 8.22 15.19
N VAL E 214 -59.30 8.88 15.59
CA VAL E 214 -59.32 10.09 16.47
C VAL E 214 -60.02 11.23 15.74
N TYR E 215 -59.87 11.29 14.41
CA TYR E 215 -60.45 12.34 13.53
C TYR E 215 -61.97 12.37 13.67
N PHE E 216 -62.62 11.21 13.70
CA PHE E 216 -64.09 11.04 13.69
C PHE E 216 -64.69 11.09 15.11
N LEU E 217 -63.86 11.23 16.15
CA LEU E 217 -64.32 11.25 17.56
C LEU E 217 -65.26 12.44 17.81
N PRO E 218 -64.91 13.66 17.32
CA PRO E 218 -65.75 14.84 17.53
C PRO E 218 -67.23 14.64 17.17
N LEU E 219 -67.52 13.75 16.22
CA LEU E 219 -68.90 13.45 15.75
C LEU E 219 -69.75 12.93 16.90
N PHE E 220 -69.15 12.19 17.83
CA PHE E 220 -69.83 11.57 19.00
C PHE E 220 -70.03 12.61 20.11
N GLY E 221 -69.89 13.89 19.78
CA GLY E 221 -70.09 15.02 20.72
C GLY E 221 -68.79 15.76 21.02
N ALA E 222 -68.85 16.73 21.93
CA ALA E 222 -67.71 17.56 22.38
C ALA E 222 -67.69 17.61 23.91
N SER E 223 -66.50 17.67 24.51
CA SER E 223 -66.28 17.72 25.98
C SER E 223 -64.81 17.97 26.31
N GLY E 224 -64.53 18.58 27.46
CA GLY E 224 -63.17 18.84 27.95
C GLY E 224 -62.36 17.55 27.99
N GLY E 225 -62.99 16.46 28.43
CA GLY E 225 -62.39 15.10 28.51
C GLY E 225 -62.05 14.58 27.13
N LEU E 226 -63.02 14.61 26.20
CA LEU E 226 -62.84 14.15 24.79
C LEU E 226 -61.68 14.92 24.16
N THR E 227 -61.78 16.26 24.14
CA THR E 227 -60.73 17.17 23.60
C THR E 227 -59.36 16.71 24.12
N THR E 228 -59.26 16.50 25.43
CA THR E 228 -58.03 16.01 26.12
C THR E 228 -57.57 14.69 25.49
N THR E 229 -58.48 13.72 25.42
CA THR E 229 -58.23 12.36 24.86
C THR E 229 -57.65 12.51 23.44
N ILE E 230 -58.34 13.27 22.59
CA ILE E 230 -57.94 13.52 21.16
C ILE E 230 -56.48 13.96 21.12
N LEU E 231 -56.16 15.07 21.81
CA LEU E 231 -54.81 15.69 21.81
C LEU E 231 -53.76 14.70 22.31
N ILE E 232 -53.91 14.21 23.55
CA ILE E 232 -52.94 13.29 24.21
C ILE E 232 -52.72 12.06 23.34
N THR E 233 -53.79 11.37 22.94
CA THR E 233 -53.73 10.13 22.14
C THR E 233 -52.87 10.38 20.90
N LEU E 234 -53.19 11.43 20.13
CA LEU E 234 -52.44 11.84 18.91
C LEU E 234 -50.97 12.04 19.25
N THR E 235 -50.67 12.77 20.34
CA THR E 235 -49.29 13.07 20.80
C THR E 235 -48.55 11.75 21.07
N VAL E 236 -49.13 10.87 21.90
CA VAL E 236 -48.55 9.55 22.25
C VAL E 236 -48.30 8.76 20.95
N ALA E 237 -49.28 8.78 20.04
CA ALA E 237 -49.22 8.12 18.71
C ALA E 237 -48.03 8.65 17.92
N ASP E 238 -47.92 9.98 17.79
CA ASP E 238 -46.83 10.67 17.05
C ASP E 238 -45.48 10.21 17.59
N VAL E 239 -45.30 10.24 18.91
CA VAL E 239 -44.01 9.88 19.59
C VAL E 239 -43.71 8.40 19.33
N ILE E 240 -44.68 7.51 19.64
CA ILE E 240 -44.53 6.04 19.49
C ILE E 240 -44.10 5.70 18.06
N VAL E 241 -44.80 6.25 17.06
CA VAL E 241 -44.54 5.97 15.61
C VAL E 241 -43.24 6.64 15.17
N LYS E 242 -43.21 7.98 15.25
CA LYS E 242 -42.09 8.75 14.75
C LYS E 242 -40.79 8.44 15.48
N LEU E 243 -40.89 7.81 16.66
CA LEU E 243 -39.69 7.51 17.44
C LEU E 243 -39.39 6.01 17.43
N GLY E 244 -40.17 5.21 18.16
CA GLY E 244 -39.98 3.75 18.27
C GLY E 244 -39.79 3.09 16.91
N PHE E 245 -40.58 3.52 15.92
CA PHE E 245 -40.62 2.99 14.54
C PHE E 245 -39.41 3.50 13.74
N SER E 246 -38.85 4.65 14.12
CA SER E 246 -37.66 5.28 13.49
C SER E 246 -36.49 4.30 13.52
N THR E 247 -36.25 3.67 14.67
CA THR E 247 -35.14 2.69 14.89
C THR E 247 -35.27 1.53 13.91
N GLN E 248 -36.49 1.00 13.72
CA GLN E 248 -36.76 -0.18 12.87
C GLN E 248 -36.12 0.03 11.49
N THR E 249 -36.46 1.12 10.80
CA THR E 249 -35.92 1.46 9.45
C THR E 249 -34.39 1.53 9.49
N HIS E 250 -33.85 2.30 10.46
CA HIS E 250 -32.40 2.53 10.65
C HIS E 250 -31.68 1.18 10.79
N ARG E 251 -32.17 0.31 11.68
CA ARG E 251 -31.58 -1.02 11.98
C ARG E 251 -31.41 -1.80 10.67
N VAL E 252 -32.47 -1.88 9.86
CA VAL E 252 -32.47 -2.59 8.54
C VAL E 252 -31.28 -2.07 7.72
N ALA E 253 -31.17 -0.75 7.59
CA ALA E 253 -30.09 -0.06 6.84
C ALA E 253 -28.72 -0.51 7.35
N LYS E 254 -28.53 -0.50 8.67
CA LYS E 254 -27.26 -0.91 9.33
C LYS E 254 -26.90 -2.35 8.93
N LEU E 255 -27.84 -3.30 9.09
CA LEU E 255 -27.60 -4.72 8.73
C LEU E 255 -27.25 -4.82 7.25
N ARG E 256 -28.07 -4.21 6.38
CA ARG E 256 -27.86 -4.18 4.90
C ARG E 256 -26.46 -3.65 4.61
N THR E 257 -25.96 -2.71 5.43
CA THR E 257 -24.60 -2.11 5.30
C THR E 257 -23.57 -3.18 5.68
N ALA E 258 -23.73 -3.80 6.85
CA ALA E 258 -22.83 -4.85 7.38
C ALA E 258 -22.77 -6.02 6.39
N GLU E 259 -23.92 -6.43 5.85
CA GLU E 259 -24.03 -7.53 4.85
C GLU E 259 -23.17 -7.19 3.63
N ASP E 260 -23.31 -5.96 3.11
CA ASP E 260 -22.51 -5.46 1.95
C ASP E 260 -21.03 -5.54 2.29
N VAL E 261 -20.66 -5.30 3.56
CA VAL E 261 -19.25 -5.37 4.05
C VAL E 261 -18.80 -6.84 4.05
N ARG E 262 -19.53 -7.70 4.77
CA ARG E 262 -19.22 -9.15 4.87
C ARG E 262 -19.14 -9.76 3.46
N ALA E 263 -20.14 -9.47 2.62
CA ALA E 263 -20.27 -9.99 1.24
C ALA E 263 -19.09 -9.50 0.38
N GLY E 264 -18.41 -8.43 0.82
CA GLY E 264 -17.29 -7.83 0.08
C GLY E 264 -17.74 -6.87 -1.00
N ASP E 265 -19.03 -6.50 -0.99
CA ASP E 265 -19.62 -5.55 -1.96
C ASP E 265 -19.07 -4.15 -1.71
N ASP E 266 -18.88 -3.75 -0.44
CA ASP E 266 -18.40 -2.38 -0.08
C ASP E 266 -17.57 -2.44 1.21
N VAL E 267 -16.88 -1.34 1.53
CA VAL E 267 -16.03 -1.21 2.75
C VAL E 267 -16.60 -0.10 3.63
N HIS E 268 -16.68 -0.34 4.95
CA HIS E 268 -17.15 0.66 5.95
C HIS E 268 -16.01 0.96 6.92
N PRO E 269 -15.80 2.25 7.28
CA PRO E 269 -14.68 2.65 8.13
C PRO E 269 -14.68 2.05 9.54
N GLU E 270 -15.85 1.91 10.16
CA GLU E 270 -15.97 1.46 11.57
C GLU E 270 -16.75 0.14 11.64
N SER E 271 -16.56 -0.60 12.73
CA SER E 271 -17.35 -1.82 13.00
C SER E 271 -18.82 -1.44 13.21
N ILE E 272 -19.74 -2.23 12.66
CA ILE E 272 -21.21 -2.01 12.80
C ILE E 272 -21.74 -3.03 13.82
N TRP E 273 -22.39 -2.53 14.87
CA TRP E 273 -22.92 -3.37 15.97
C TRP E 273 -24.44 -3.21 16.04
N ILE E 274 -25.17 -4.31 16.08
CA ILE E 274 -26.65 -4.30 16.28
C ILE E 274 -26.97 -5.18 17.48
N SER E 275 -27.64 -4.63 18.49
CA SER E 275 -28.07 -5.41 19.68
C SER E 275 -26.85 -5.99 20.39
N SER E 276 -25.71 -5.28 20.34
CA SER E 276 -24.47 -5.69 21.07
C SER E 276 -23.83 -6.89 20.38
N VAL E 277 -24.20 -7.17 19.12
CA VAL E 277 -23.59 -8.28 18.33
C VAL E 277 -22.91 -7.66 17.11
N LYS E 278 -21.62 -7.95 16.93
CA LYS E 278 -20.82 -7.40 15.81
C LYS E 278 -21.38 -7.94 14.49
N GLN E 279 -21.70 -7.05 13.55
CA GLN E 279 -22.24 -7.46 12.23
C GLN E 279 -21.13 -7.33 11.20
N SER E 280 -20.37 -6.24 11.24
CA SER E 280 -19.27 -5.99 10.27
C SER E 280 -18.02 -5.50 10.98
N ASP E 281 -16.84 -5.94 10.52
CA ASP E 281 -15.53 -5.51 11.09
C ASP E 281 -15.11 -4.24 10.34
N ALA E 282 -14.25 -3.43 10.96
CA ALA E 282 -13.74 -2.17 10.37
C ALA E 282 -12.94 -2.49 9.11
N GLY E 283 -13.13 -1.70 8.05
CA GLY E 283 -12.37 -1.83 6.79
C GLY E 283 -12.04 -0.47 6.21
N LEU E 284 -10.86 -0.34 5.58
CA LEU E 284 -10.44 0.93 4.92
C LEU E 284 -10.26 0.65 3.43
N PRO E 285 -10.71 1.58 2.55
CA PRO E 285 -10.59 1.40 1.11
C PRO E 285 -9.11 1.31 0.69
N ARG E 286 -8.81 0.52 -0.34
CA ARG E 286 -7.41 0.33 -0.83
C ARG E 286 -6.89 1.65 -1.42
N GLU E 287 -5.68 2.07 -1.03
CA GLU E 287 -5.02 3.28 -1.57
C GLU E 287 -4.82 3.08 -3.08
N VAL E 288 -5.14 4.10 -3.89
CA VAL E 288 -5.13 4.01 -5.38
C VAL E 288 -4.15 5.04 -5.96
N TYR E 289 -3.37 4.62 -6.96
CA TYR E 289 -2.45 5.47 -7.77
C TYR E 289 -3.20 6.02 -9.00
N LEU E 290 -2.97 7.29 -9.35
CA LEU E 290 -3.63 7.97 -10.49
C LEU E 290 -2.59 8.30 -11.57
N THR F 4 67.50 -38.87 9.35
CA THR F 4 66.11 -38.91 8.79
C THR F 4 65.28 -39.95 9.55
N ASN F 5 64.06 -39.57 9.94
CA ASN F 5 63.09 -40.43 10.69
C ASN F 5 61.73 -40.36 10.00
N VAL F 6 61.63 -39.55 8.94
CA VAL F 6 60.38 -39.31 8.16
C VAL F 6 60.23 -40.44 7.13
N SER F 7 59.08 -41.13 7.16
CA SER F 7 58.71 -42.22 6.23
C SER F 7 57.54 -41.77 5.36
N VAL F 8 57.84 -41.14 4.22
CA VAL F 8 56.85 -40.58 3.25
C VAL F 8 55.75 -41.60 3.04
N PRO F 9 54.45 -41.19 3.15
CA PRO F 9 53.33 -42.10 2.99
C PRO F 9 53.12 -42.64 1.57
N TRP F 10 53.55 -41.87 0.56
CA TRP F 10 53.40 -42.20 -0.89
C TRP F 10 54.43 -43.26 -1.30
N GLY F 11 55.20 -43.78 -0.34
CA GLY F 11 56.21 -44.82 -0.58
C GLY F 11 55.67 -46.20 -0.25
N ALA F 12 54.69 -46.27 0.65
CA ALA F 12 54.06 -47.51 1.17
C ALA F 12 53.15 -48.11 0.09
N THR F 13 53.20 -49.44 -0.09
CA THR F 13 52.36 -50.23 -1.03
C THR F 13 51.01 -50.48 -0.37
N LEU F 14 49.91 -50.41 -1.16
CA LEU F 14 48.52 -50.56 -0.66
C LEU F 14 47.92 -51.87 -1.15
N SER F 15 47.13 -52.53 -0.29
CA SER F 15 46.38 -53.78 -0.58
C SER F 15 45.18 -53.42 -1.47
N ASN F 16 44.61 -54.40 -2.17
CA ASN F 16 43.44 -54.21 -3.06
C ASN F 16 42.28 -53.63 -2.23
N ALA F 17 42.09 -54.15 -1.02
CA ALA F 17 41.05 -53.72 -0.05
C ALA F 17 41.29 -52.24 0.29
N GLU F 18 42.51 -51.90 0.71
CA GLU F 18 42.93 -50.52 1.09
C GLU F 18 42.66 -49.58 -0.10
N HIS F 19 43.15 -49.94 -1.28
CA HIS F 19 43.02 -49.16 -2.55
C HIS F 19 41.53 -48.84 -2.79
N GLN F 20 40.65 -49.81 -2.56
CA GLN F 20 39.18 -49.69 -2.78
C GLN F 20 38.61 -48.68 -1.77
N LEU F 21 38.93 -48.86 -0.48
CA LEU F 21 38.45 -48.01 0.63
C LEU F 21 38.78 -46.53 0.33
N ILE F 22 40.05 -46.24 0.05
CA ILE F 22 40.54 -44.85 -0.26
C ILE F 22 39.66 -44.25 -1.35
N PHE F 23 39.49 -44.97 -2.46
CA PHE F 23 38.68 -44.55 -3.63
C PHE F 23 37.25 -44.24 -3.16
N TYR F 24 36.64 -45.18 -2.43
CA TYR F 24 35.26 -45.09 -1.87
C TYR F 24 35.07 -43.73 -1.18
N PHE F 25 35.86 -43.47 -0.15
CA PHE F 25 35.79 -42.25 0.71
C PHE F 25 36.02 -40.99 -0.14
N LEU F 26 37.07 -40.99 -0.99
CA LEU F 26 37.42 -39.82 -1.85
C LEU F 26 36.20 -39.41 -2.68
N VAL F 27 35.65 -40.34 -3.46
CA VAL F 27 34.49 -40.10 -4.37
C VAL F 27 33.29 -39.66 -3.52
N VAL F 28 32.92 -40.46 -2.52
CA VAL F 28 31.79 -40.16 -1.58
C VAL F 28 31.90 -38.69 -1.15
N ALA F 29 33.09 -38.29 -0.70
CA ALA F 29 33.41 -36.91 -0.26
C ALA F 29 33.04 -35.92 -1.36
N ALA F 30 33.64 -36.10 -2.54
CA ALA F 30 33.42 -35.24 -3.74
C ALA F 30 31.91 -35.09 -3.99
N LEU F 31 31.18 -36.21 -4.03
CA LEU F 31 29.73 -36.24 -4.27
C LEU F 31 29.00 -35.49 -3.15
N ALA F 32 29.41 -35.73 -1.90
CA ALA F 32 28.86 -35.08 -0.69
C ALA F 32 28.95 -33.55 -0.86
N PHE F 33 30.07 -33.07 -1.41
CA PHE F 33 30.32 -31.62 -1.66
C PHE F 33 29.36 -31.12 -2.74
N VAL F 34 29.17 -31.91 -3.81
CA VAL F 34 28.24 -31.59 -4.93
C VAL F 34 26.84 -31.37 -4.34
N ALA F 35 26.39 -32.30 -3.49
CA ALA F 35 25.09 -32.26 -2.78
C ALA F 35 25.03 -30.99 -1.92
N GLY F 36 26.12 -30.71 -1.19
CA GLY F 36 26.26 -29.52 -0.33
C GLY F 36 26.22 -28.25 -1.16
N PHE F 37 27.01 -28.18 -2.22
CA PHE F 37 27.10 -27.03 -3.16
C PHE F 37 25.70 -26.71 -3.70
N ILE F 38 24.98 -27.73 -4.16
CA ILE F 38 23.59 -27.60 -4.71
C ILE F 38 22.69 -27.00 -3.63
N ARG F 39 22.71 -27.58 -2.42
CA ARG F 39 21.87 -27.12 -1.27
C ARG F 39 22.18 -25.64 -0.99
N THR F 40 23.46 -25.31 -0.79
CA THR F 40 23.94 -23.94 -0.46
C THR F 40 23.40 -22.94 -1.49
N TYR F 41 23.51 -23.27 -2.77
CA TYR F 41 23.07 -22.41 -3.92
C TYR F 41 21.56 -22.16 -3.82
N ILE F 42 20.75 -23.23 -3.71
CA ILE F 42 19.27 -23.16 -3.65
C ILE F 42 18.85 -22.35 -2.41
N THR F 43 19.53 -22.55 -1.28
CA THR F 43 19.26 -21.86 0.00
C THR F 43 20.22 -20.66 0.15
N ARG F 44 20.30 -19.80 -0.86
CA ARG F 44 21.20 -18.62 -0.87
C ARG F 44 20.41 -17.36 -0.55
N ASN F 45 19.14 -17.30 -0.97
CA ASN F 45 18.24 -16.12 -0.80
C ASN F 45 17.50 -16.21 0.53
N GLU F 46 17.84 -17.20 1.36
CA GLU F 46 17.27 -17.37 2.73
C GLU F 46 17.97 -16.39 3.67
N VAL F 47 19.02 -15.71 3.17
CA VAL F 47 19.87 -14.76 3.94
C VAL F 47 19.77 -13.37 3.33
N GLY F 48 19.95 -12.33 4.16
CA GLY F 48 19.93 -10.90 3.75
C GLY F 48 21.23 -10.48 3.08
N SER F 49 21.30 -9.24 2.58
CA SER F 49 22.47 -8.67 1.87
C SER F 49 23.65 -8.51 2.83
N ARG F 50 23.36 -8.13 4.07
CA ARG F 50 24.37 -7.82 5.13
C ARG F 50 25.30 -9.02 5.37
N TYR F 51 24.75 -10.24 5.36
CA TYR F 51 25.49 -11.49 5.68
C TYR F 51 25.68 -12.36 4.44
N ARG F 52 25.55 -11.78 3.25
CA ARG F 52 25.64 -12.54 1.96
C ARG F 52 27.06 -13.07 1.77
N THR F 53 28.06 -12.36 2.30
CA THR F 53 29.49 -12.74 2.18
C THR F 53 29.66 -14.18 2.72
N ALA F 54 28.91 -14.53 3.77
CA ALA F 54 28.93 -15.86 4.42
C ALA F 54 28.51 -16.92 3.39
N VAL F 55 27.42 -16.67 2.65
CA VAL F 55 26.87 -17.58 1.60
C VAL F 55 27.91 -17.73 0.49
N SER F 56 28.39 -16.61 -0.05
CA SER F 56 29.40 -16.55 -1.15
C SER F 56 30.63 -17.38 -0.77
N ALA F 57 31.14 -17.22 0.45
CA ALA F 57 32.35 -17.89 0.98
C ALA F 57 32.12 -19.41 1.01
N ARG F 58 31.02 -19.86 1.63
CA ARG F 58 30.73 -21.32 1.79
C ARG F 58 30.58 -21.95 0.40
N LEU F 59 29.75 -21.37 -0.48
CA LEU F 59 29.53 -21.89 -1.86
C LEU F 59 30.90 -22.02 -2.54
N GLY F 60 31.76 -21.01 -2.39
CA GLY F 60 33.13 -21.00 -2.94
C GLY F 60 33.94 -22.15 -2.39
N MET F 61 33.99 -22.29 -1.06
CA MET F 61 34.71 -23.38 -0.34
C MET F 61 34.29 -24.73 -0.89
N LEU F 62 32.97 -24.99 -0.93
CA LEU F 62 32.37 -26.25 -1.44
C LEU F 62 32.81 -26.47 -2.88
N GLY F 63 32.67 -25.45 -3.73
CA GLY F 63 33.09 -25.48 -5.14
C GLY F 63 34.54 -25.90 -5.28
N VAL F 64 35.44 -25.22 -4.54
CA VAL F 64 36.90 -25.49 -4.52
C VAL F 64 37.14 -26.95 -4.12
N ALA F 65 36.52 -27.38 -3.01
CA ALA F 65 36.62 -28.75 -2.44
C ALA F 65 36.25 -29.78 -3.51
N LEU F 66 35.09 -29.62 -4.13
CA LEU F 66 34.56 -30.54 -5.17
C LEU F 66 35.63 -30.73 -6.26
N LEU F 67 36.04 -29.64 -6.92
CA LEU F 67 37.05 -29.65 -8.01
C LEU F 67 38.37 -30.23 -7.50
N ALA F 68 38.82 -29.81 -6.32
CA ALA F 68 40.06 -30.28 -5.68
C ALA F 68 40.02 -31.80 -5.55
N TYR F 69 38.97 -32.33 -4.92
CA TYR F 69 38.77 -33.79 -4.68
C TYR F 69 38.71 -34.54 -6.01
N ILE F 70 38.26 -33.88 -7.08
CA ILE F 70 38.24 -34.47 -8.45
C ILE F 70 39.70 -34.71 -8.87
N LEU F 71 40.57 -33.71 -8.65
CA LEU F 71 42.02 -33.80 -8.95
C LEU F 71 42.63 -34.92 -8.10
N ILE F 72 42.35 -34.91 -6.79
CA ILE F 72 42.84 -35.93 -5.82
C ILE F 72 42.48 -37.33 -6.36
N ILE F 73 41.22 -37.52 -6.74
CA ILE F 73 40.69 -38.81 -7.27
C ILE F 73 41.49 -39.20 -8.51
N VAL F 74 41.62 -38.27 -9.47
CA VAL F 74 42.35 -38.51 -10.75
C VAL F 74 43.77 -38.93 -10.42
N ALA F 75 44.47 -38.15 -9.59
CA ALA F 75 45.86 -38.42 -9.17
C ALA F 75 45.96 -39.84 -8.60
N PHE F 76 45.00 -40.21 -7.75
CA PHE F 76 44.93 -41.56 -7.11
C PHE F 76 44.86 -42.65 -8.19
N LEU F 77 44.06 -42.41 -9.23
CA LEU F 77 43.85 -43.37 -10.35
C LEU F 77 45.12 -43.45 -11.22
N LEU F 78 45.80 -42.33 -11.43
CA LEU F 78 47.01 -42.25 -12.30
C LEU F 78 48.28 -42.32 -11.43
N GLY F 79 48.12 -42.31 -10.11
CA GLY F 79 49.25 -42.26 -9.16
C GLY F 79 49.67 -43.64 -8.69
N TYR F 80 48.90 -44.69 -8.97
CA TYR F 80 49.20 -46.07 -8.51
C TYR F 80 49.06 -47.05 -9.68
N ASP F 81 49.89 -48.10 -9.66
CA ASP F 81 49.87 -49.21 -10.65
C ASP F 81 49.80 -50.53 -9.87
N SER F 82 48.97 -51.48 -10.32
CA SER F 82 48.80 -52.80 -9.68
C SER F 82 50.02 -53.69 -9.98
N THR F 83 50.56 -54.38 -8.97
CA THR F 83 51.72 -55.31 -9.13
C THR F 83 51.25 -56.76 -9.03
N ALA F 84 49.93 -57.00 -9.09
CA ALA F 84 49.34 -58.33 -8.89
C ALA F 84 49.45 -58.67 -7.40
N GLY F 85 50.65 -58.56 -6.84
CA GLY F 85 50.89 -58.72 -5.39
C GLY F 85 50.26 -57.58 -4.62
N GLY F 86 50.38 -56.36 -5.16
CA GLY F 86 49.77 -55.15 -4.56
C GLY F 86 49.86 -53.94 -5.48
N TRP F 87 49.18 -52.85 -5.14
CA TRP F 87 49.26 -51.57 -5.89
C TRP F 87 50.60 -50.89 -5.54
N VAL F 88 51.38 -50.51 -6.56
CA VAL F 88 52.74 -49.92 -6.38
C VAL F 88 52.68 -48.43 -6.75
N PRO F 89 53.19 -47.53 -5.87
CA PRO F 89 53.15 -46.10 -6.12
C PRO F 89 53.88 -45.68 -7.40
N ASN F 90 53.35 -44.68 -8.11
CA ASN F 90 53.99 -44.09 -9.31
C ASN F 90 54.77 -42.85 -8.84
N ASP F 91 55.45 -42.15 -9.76
CA ASP F 91 56.24 -40.94 -9.43
C ASP F 91 55.31 -39.79 -9.03
N GLY F 92 54.10 -39.76 -9.58
CA GLY F 92 53.14 -38.66 -9.37
C GLY F 92 52.19 -38.91 -8.20
N ALA F 93 52.32 -40.03 -7.49
CA ALA F 93 51.46 -40.35 -6.33
C ALA F 93 51.60 -39.26 -5.27
N ILE F 94 52.82 -38.77 -5.03
CA ILE F 94 53.07 -37.63 -4.08
C ILE F 94 52.02 -36.56 -4.34
N ASN F 95 51.60 -36.39 -5.60
CA ASN F 95 50.63 -35.36 -6.04
C ASN F 95 49.30 -35.52 -5.28
N ILE F 96 48.89 -36.76 -4.96
CA ILE F 96 47.63 -37.04 -4.21
C ILE F 96 47.63 -36.21 -2.92
N PHE F 97 48.71 -36.32 -2.14
CA PHE F 97 48.91 -35.60 -0.84
C PHE F 97 49.04 -34.10 -1.10
N SER F 98 49.84 -33.75 -2.11
CA SER F 98 50.10 -32.35 -2.55
C SER F 98 48.78 -31.63 -2.82
N THR F 99 47.89 -32.26 -3.60
CA THR F 99 46.59 -31.66 -4.02
C THR F 99 45.77 -31.25 -2.80
N ARG F 100 45.74 -32.07 -1.74
CA ARG F 100 44.92 -31.78 -0.53
C ARG F 100 45.39 -30.44 0.08
N TYR F 101 46.71 -30.21 0.11
CA TYR F 101 47.32 -28.95 0.61
C TYR F 101 46.78 -27.77 -0.20
N ILE F 102 46.79 -27.90 -1.53
CA ILE F 102 46.25 -26.87 -2.47
C ILE F 102 44.83 -26.52 -2.03
N GLU F 103 43.98 -27.55 -1.87
CA GLU F 103 42.59 -27.41 -1.38
C GLU F 103 42.59 -26.55 -0.12
N TRP F 104 43.32 -26.98 0.91
CA TRP F 104 43.40 -26.29 2.24
C TRP F 104 43.86 -24.84 2.04
N THR F 105 44.89 -24.61 1.21
CA THR F 105 45.46 -23.26 0.99
C THR F 105 44.35 -22.26 0.62
N VAL F 106 43.40 -22.67 -0.22
CA VAL F 106 42.27 -21.82 -0.70
C VAL F 106 41.06 -21.98 0.24
N SER F 107 40.74 -23.22 0.62
CA SER F 107 39.53 -23.55 1.44
C SER F 107 39.59 -22.88 2.81
N VAL F 108 40.67 -23.07 3.56
CA VAL F 108 40.83 -22.55 4.96
C VAL F 108 40.59 -21.04 4.97
N PRO F 109 41.30 -20.26 4.13
CA PRO F 109 41.12 -18.81 4.11
C PRO F 109 39.65 -18.40 3.95
N LEU F 110 38.92 -19.04 3.04
CA LEU F 110 37.49 -18.78 2.76
C LEU F 110 36.67 -18.99 4.04
N LEU F 111 36.96 -20.07 4.79
CA LEU F 111 36.28 -20.38 6.07
C LEU F 111 36.40 -19.15 6.99
N THR F 112 37.63 -18.66 7.17
CA THR F 112 37.93 -17.45 8.00
C THR F 112 36.92 -16.35 7.65
N ILE F 113 36.87 -15.97 6.37
CA ILE F 113 35.97 -14.91 5.82
C ILE F 113 34.53 -15.20 6.22
N GLU F 114 34.11 -16.46 6.08
CA GLU F 114 32.73 -16.94 6.39
C GLU F 114 32.40 -16.61 7.84
N LEU F 115 33.25 -16.99 8.79
CA LEU F 115 33.04 -16.73 10.23
C LEU F 115 33.09 -15.23 10.49
N LEU F 116 34.07 -14.54 9.90
CA LEU F 116 34.25 -13.06 10.04
C LEU F 116 33.03 -12.33 9.46
N ALA F 117 32.42 -12.89 8.41
CA ALA F 117 31.22 -12.35 7.73
C ALA F 117 30.04 -12.34 8.71
N VAL F 118 29.79 -13.48 9.37
CA VAL F 118 28.69 -13.66 10.36
C VAL F 118 29.02 -12.78 11.58
N CYS F 119 30.31 -12.61 11.89
CA CYS F 119 30.80 -11.71 12.98
C CYS F 119 30.36 -10.27 12.66
N ALA F 120 29.93 -9.52 13.67
CA ALA F 120 29.31 -8.18 13.51
C ALA F 120 30.36 -7.07 13.53
N THR F 121 31.64 -7.43 13.66
CA THR F 121 32.76 -6.44 13.68
C THR F 121 32.63 -5.56 12.44
N LEU F 122 32.52 -4.24 12.66
CA LEU F 122 32.30 -3.23 11.59
C LEU F 122 33.58 -2.39 11.39
N GLY F 123 33.68 -1.72 10.24
CA GLY F 123 34.81 -0.82 9.92
C GLY F 123 36.05 -1.58 9.47
N VAL F 124 37.20 -0.89 9.47
CA VAL F 124 38.52 -1.41 9.00
C VAL F 124 39.01 -2.51 9.94
N GLN F 125 38.86 -2.31 11.26
CA GLN F 125 39.28 -3.28 12.30
C GLN F 125 38.94 -4.71 11.82
N ALA F 126 37.72 -4.89 11.31
CA ALA F 126 37.21 -6.18 10.78
C ALA F 126 37.96 -6.51 9.48
N ARG F 127 38.09 -5.54 8.58
CA ARG F 127 38.80 -5.67 7.28
C ARG F 127 40.25 -6.13 7.53
N ARG F 128 40.96 -5.46 8.43
CA ARG F 128 42.38 -5.80 8.76
C ARG F 128 42.43 -7.25 9.28
N ASN F 129 41.50 -7.60 10.18
CA ASN F 129 41.39 -8.97 10.76
C ASN F 129 41.29 -9.99 9.63
N THR F 130 40.42 -9.77 8.65
CA THR F 130 40.24 -10.68 7.47
C THR F 130 41.60 -10.91 6.80
N ALA F 131 42.31 -9.84 6.45
CA ALA F 131 43.64 -9.87 5.78
C ALA F 131 44.61 -10.75 6.59
N ILE F 132 44.66 -10.56 7.91
CA ILE F 132 45.55 -11.31 8.83
C ILE F 132 45.17 -12.80 8.81
N ALA F 133 43.89 -13.11 9.04
CA ALA F 133 43.34 -14.48 9.04
C ALA F 133 43.70 -15.20 7.73
N VAL F 134 43.35 -14.60 6.59
CA VAL F 134 43.60 -15.16 5.24
C VAL F 134 45.09 -15.43 5.06
N THR F 135 45.93 -14.41 5.24
CA THR F 135 47.41 -14.50 5.10
C THR F 135 47.95 -15.58 6.06
N ALA F 136 47.52 -15.55 7.32
CA ALA F 136 47.94 -16.51 8.38
C ALA F 136 47.57 -17.93 7.93
N THR F 137 46.28 -18.19 7.68
CA THR F 137 45.76 -19.51 7.24
C THR F 137 46.50 -19.95 5.97
N GLY F 138 46.62 -19.07 4.98
CA GLY F 138 47.33 -19.33 3.71
C GLY F 138 48.75 -19.78 3.97
N ALA F 139 49.49 -19.03 4.78
CA ALA F 139 50.89 -19.31 5.18
C ALA F 139 50.95 -20.65 5.91
N MET F 140 50.09 -20.82 6.91
CA MET F 140 50.01 -22.07 7.72
C MET F 140 50.11 -23.28 6.78
N ILE F 141 49.19 -23.39 5.83
CA ILE F 141 49.12 -24.55 4.89
C ILE F 141 50.38 -24.58 4.03
N PHE F 142 50.80 -23.42 3.50
CA PHE F 142 51.98 -23.34 2.61
C PHE F 142 53.20 -23.88 3.34
N CYS F 143 53.38 -23.45 4.59
CA CYS F 143 54.57 -23.86 5.40
C CYS F 143 54.58 -25.39 5.53
N GLY F 144 53.43 -25.98 5.86
CA GLY F 144 53.28 -27.44 6.01
C GLY F 144 53.62 -28.14 4.71
N PHE F 145 53.11 -27.62 3.59
CA PHE F 145 53.35 -28.17 2.24
C PHE F 145 54.85 -28.18 1.96
N LEU F 146 55.53 -27.07 2.26
CA LEU F 146 56.98 -26.93 1.98
C LEU F 146 57.73 -28.04 2.71
N GLY F 147 57.48 -28.21 4.01
CA GLY F 147 58.20 -29.20 4.84
C GLY F 147 57.86 -30.63 4.48
N ALA F 148 56.57 -30.95 4.33
CA ALA F 148 56.09 -32.33 4.09
C ALA F 148 56.44 -32.80 2.68
N ILE F 149 56.29 -31.93 1.67
CA ILE F 149 56.44 -32.36 0.24
C ILE F 149 57.57 -31.61 -0.47
N VAL F 150 57.55 -30.28 -0.47
CA VAL F 150 58.48 -29.45 -1.30
C VAL F 150 59.94 -29.70 -0.92
N ILE F 151 60.29 -29.66 0.38
CA ILE F 151 61.72 -29.70 0.79
C ILE F 151 62.23 -31.14 0.85
N ASP F 152 63.29 -31.41 0.08
CA ASP F 152 64.00 -32.72 0.07
C ASP F 152 62.98 -33.83 -0.18
N ASN F 153 61.94 -33.54 -0.98
CA ASN F 153 60.92 -34.54 -1.37
C ASN F 153 60.29 -35.12 -0.10
N GLY F 154 60.23 -34.32 0.98
CA GLY F 154 59.62 -34.72 2.26
C GLY F 154 60.45 -35.77 2.97
N THR F 155 61.73 -35.89 2.65
CA THR F 155 62.64 -36.90 3.25
C THR F 155 63.41 -36.29 4.43
N ASN F 156 63.29 -34.98 4.67
CA ASN F 156 64.07 -34.30 5.73
C ASN F 156 63.22 -34.19 7.00
N THR F 157 63.63 -34.89 8.06
CA THR F 157 62.89 -34.90 9.35
C THR F 157 62.91 -33.52 9.99
N GLY F 158 64.06 -32.82 9.95
CA GLY F 158 64.19 -31.49 10.56
C GLY F 158 63.19 -30.50 10.00
N ALA F 159 63.12 -30.37 8.67
CA ALA F 159 62.19 -29.46 7.97
C ALA F 159 60.75 -29.88 8.28
N PHE F 160 60.46 -31.18 8.16
CA PHE F 160 59.13 -31.76 8.43
C PHE F 160 58.61 -31.22 9.76
N ILE F 161 59.53 -30.98 10.72
CA ILE F 161 59.16 -30.51 12.09
C ILE F 161 59.28 -28.99 12.16
N LEU F 162 60.44 -28.44 11.78
CA LEU F 162 60.72 -26.98 11.83
C LEU F 162 59.51 -26.22 11.26
N TRP F 163 59.19 -26.47 9.99
CA TRP F 163 58.12 -25.77 9.23
C TRP F 163 56.76 -26.03 9.88
N ALA F 164 56.54 -27.23 10.42
CA ALA F 164 55.30 -27.59 11.15
C ALA F 164 55.12 -26.62 12.33
N VAL F 165 56.22 -26.35 13.05
CA VAL F 165 56.25 -25.41 14.22
C VAL F 165 55.92 -24.00 13.71
N ILE F 166 56.58 -23.56 12.63
CA ILE F 166 56.35 -22.23 12.00
C ILE F 166 54.85 -22.12 11.67
N SER F 167 54.29 -23.17 11.05
CA SER F 167 52.85 -23.27 10.70
C SER F 167 51.99 -23.07 11.96
N CYS F 168 52.28 -23.83 13.02
CA CYS F 168 51.57 -23.75 14.33
C CYS F 168 51.52 -22.30 14.81
N VAL F 169 52.61 -21.55 14.62
CA VAL F 169 52.73 -20.11 14.98
C VAL F 169 51.58 -19.37 14.28
N PHE F 170 51.44 -19.57 12.97
CA PHE F 170 50.38 -18.96 12.13
C PHE F 170 49.00 -19.42 12.62
N TRP F 171 48.87 -20.72 12.93
CA TRP F 171 47.61 -21.33 13.43
C TRP F 171 47.15 -20.56 14.67
N VAL F 172 48.08 -20.26 15.58
CA VAL F 172 47.79 -19.51 16.85
C VAL F 172 47.31 -18.10 16.49
N ILE F 173 48.02 -17.43 15.57
CA ILE F 173 47.69 -16.04 15.10
C ILE F 173 46.26 -16.03 14.59
N ALA F 174 45.92 -16.97 13.70
CA ALA F 174 44.59 -17.11 13.07
C ALA F 174 43.51 -17.29 14.15
N ASN F 175 43.65 -18.33 14.97
CA ASN F 175 42.68 -18.68 16.05
C ASN F 175 42.44 -17.46 16.96
N VAL F 176 43.52 -16.76 17.35
CA VAL F 176 43.46 -15.57 18.24
C VAL F 176 42.56 -14.50 17.62
N VAL F 177 42.90 -14.03 16.42
CA VAL F 177 42.18 -12.95 15.69
C VAL F 177 40.69 -13.33 15.58
N LEU F 178 40.40 -14.53 15.09
CA LEU F 178 39.02 -15.05 14.90
C LEU F 178 38.29 -15.08 16.26
N ILE F 179 38.89 -15.73 17.26
CA ILE F 179 38.32 -15.86 18.62
C ILE F 179 38.02 -14.46 19.18
N ARG F 180 38.96 -13.51 19.01
CA ARG F 180 38.78 -12.10 19.45
C ARG F 180 37.54 -11.51 18.76
N ALA F 181 37.46 -11.63 17.43
CA ALA F 181 36.36 -11.12 16.59
C ALA F 181 35.02 -11.68 17.08
N VAL F 182 34.95 -12.99 17.34
CA VAL F 182 33.73 -13.69 17.86
C VAL F 182 33.39 -13.10 19.24
N ARG F 183 34.39 -13.03 20.13
CA ARG F 183 34.25 -12.52 21.53
C ARG F 183 33.78 -11.06 21.51
N GLN F 184 34.36 -10.24 20.62
CA GLN F 184 34.07 -8.78 20.50
C GLN F 184 32.63 -8.58 19.98
N SER F 185 32.18 -9.47 19.08
CA SER F 185 30.86 -9.40 18.41
C SER F 185 29.74 -9.95 19.31
N LEU F 186 30.06 -10.98 20.11
CA LEU F 186 29.09 -11.73 20.96
C LEU F 186 28.21 -10.78 21.78
N PRO F 187 28.78 -9.76 22.46
CA PRO F 187 27.99 -8.86 23.29
C PRO F 187 26.88 -8.10 22.56
N THR F 188 27.12 -7.71 21.30
CA THR F 188 26.17 -6.90 20.47
C THR F 188 24.99 -7.74 20.03
N LEU F 189 25.21 -9.03 19.74
CA LEU F 189 24.17 -9.97 19.23
C LEU F 189 23.12 -10.22 20.31
N THR F 190 21.92 -10.69 19.90
CA THR F 190 20.83 -11.11 20.81
C THR F 190 21.26 -12.37 21.55
N PRO F 191 20.59 -12.76 22.66
CA PRO F 191 20.94 -13.98 23.38
C PRO F 191 20.96 -15.21 22.46
N GLU F 192 19.88 -15.40 21.69
CA GLU F 192 19.71 -16.52 20.74
C GLU F 192 20.87 -16.53 19.74
N SER F 193 21.22 -15.37 19.18
CA SER F 193 22.35 -15.19 18.22
C SER F 193 23.68 -15.46 18.92
N HIS F 194 23.87 -14.86 20.11
CA HIS F 194 25.08 -15.01 20.96
C HIS F 194 25.44 -16.50 21.08
N THR F 195 24.48 -17.33 21.52
CA THR F 195 24.62 -18.80 21.69
C THR F 195 25.14 -19.42 20.39
N MET F 196 24.45 -19.16 19.27
CA MET F 196 24.75 -19.77 17.94
C MET F 196 26.17 -19.41 17.51
N LEU F 197 26.52 -18.11 17.48
CA LEU F 197 27.87 -17.65 17.02
C LEU F 197 28.96 -18.39 17.79
N LYS F 198 28.92 -18.31 19.13
CA LYS F 198 29.91 -18.99 20.01
C LYS F 198 30.00 -20.47 19.59
N SER F 199 28.84 -21.13 19.52
CA SER F 199 28.72 -22.56 19.12
C SER F 199 29.42 -22.78 17.76
N ALA F 200 29.07 -21.97 16.76
CA ALA F 200 29.63 -22.03 15.38
C ALA F 200 31.15 -21.84 15.41
N ALA F 201 31.61 -20.80 16.10
CA ALA F 201 33.05 -20.46 16.25
C ALA F 201 33.80 -21.67 16.81
N ILE F 202 33.31 -22.23 17.93
CA ILE F 202 33.93 -23.40 18.63
C ILE F 202 34.00 -24.59 17.66
N VAL F 203 32.88 -24.95 17.02
CA VAL F 203 32.77 -26.12 16.09
C VAL F 203 33.77 -25.96 14.94
N LEU F 204 33.83 -24.77 14.33
CA LEU F 204 34.68 -24.49 13.14
C LEU F 204 36.18 -24.60 13.48
N LEU F 205 36.59 -24.07 14.62
CA LEU F 205 38.02 -23.92 15.02
C LEU F 205 38.56 -25.21 15.67
N ALA F 206 37.75 -25.86 16.52
CA ALA F 206 38.14 -27.04 17.30
C ALA F 206 38.73 -28.14 16.40
N GLY F 207 37.98 -28.58 15.41
CA GLY F 207 38.34 -29.69 14.49
C GLY F 207 39.75 -29.57 13.93
N TRP F 208 40.21 -28.34 13.68
CA TRP F 208 41.52 -28.01 13.05
C TRP F 208 42.64 -28.91 13.59
N VAL F 209 42.59 -29.27 14.89
CA VAL F 209 43.65 -30.06 15.59
C VAL F 209 43.93 -31.37 14.83
N VAL F 210 42.90 -32.01 14.28
CA VAL F 210 43.02 -33.34 13.58
C VAL F 210 44.12 -33.27 12.51
N TYR F 211 44.12 -32.20 11.71
CA TYR F 211 45.04 -32.01 10.56
C TYR F 211 46.50 -32.08 11.04
N PRO F 212 46.92 -31.25 12.01
CA PRO F 212 48.29 -31.31 12.52
C PRO F 212 48.67 -32.72 13.02
N ILE F 213 47.73 -33.38 13.72
CA ILE F 213 47.92 -34.75 14.30
C ILE F 213 48.27 -35.72 13.16
N VAL F 214 47.48 -35.72 12.09
CA VAL F 214 47.65 -36.62 10.91
C VAL F 214 48.98 -36.33 10.23
N TYR F 215 49.40 -35.06 10.23
CA TYR F 215 50.65 -34.56 9.59
C TYR F 215 51.86 -35.30 10.16
N PHE F 216 51.92 -35.48 11.49
CA PHE F 216 53.06 -36.03 12.25
C PHE F 216 53.04 -37.57 12.30
N LEU F 217 52.02 -38.20 11.72
CA LEU F 217 51.85 -39.68 11.75
C LEU F 217 53.03 -40.37 11.05
N PRO F 218 53.46 -39.88 9.87
CA PRO F 218 54.58 -40.51 9.15
C PRO F 218 55.84 -40.74 9.99
N LEU F 219 56.06 -39.90 11.01
CA LEU F 219 57.25 -39.97 11.91
C LEU F 219 57.27 -41.32 12.64
N PHE F 220 56.08 -41.85 12.97
CA PHE F 220 55.91 -43.13 13.73
C PHE F 220 56.06 -44.32 12.79
N GLY F 221 56.63 -44.10 11.60
CA GLY F 221 56.91 -45.14 10.60
C GLY F 221 56.04 -44.99 9.36
N ALA F 222 56.11 -45.98 8.45
CA ALA F 222 55.33 -46.04 7.19
C ALA F 222 54.73 -47.44 7.04
N SER F 223 53.54 -47.53 6.42
CA SER F 223 52.81 -48.79 6.19
C SER F 223 51.58 -48.53 5.32
N GLY F 224 51.14 -49.54 4.56
CA GLY F 224 49.92 -49.48 3.73
C GLY F 224 48.73 -49.09 4.57
N GLY F 225 48.63 -49.63 5.78
CA GLY F 225 47.57 -49.35 6.76
C GLY F 225 47.61 -47.90 7.22
N LEU F 226 48.79 -47.43 7.65
CA LEU F 226 49.01 -46.03 8.12
C LEU F 226 48.61 -45.07 6.99
N THR F 227 49.23 -45.22 5.81
CA THR F 227 48.94 -44.40 4.61
C THR F 227 47.42 -44.32 4.43
N THR F 228 46.74 -45.47 4.48
CA THR F 228 45.25 -45.58 4.37
C THR F 228 44.59 -44.69 5.43
N THR F 229 44.99 -44.86 6.70
CA THR F 229 44.46 -44.11 7.87
C THR F 229 44.59 -42.60 7.59
N ILE F 230 45.79 -42.16 7.23
CA ILE F 230 46.13 -40.73 6.92
C ILE F 230 45.11 -40.18 5.91
N LEU F 231 45.02 -40.82 4.74
CA LEU F 231 44.14 -40.39 3.61
C LEU F 231 42.68 -40.34 4.05
N ILE F 232 42.13 -41.47 4.49
CA ILE F 232 40.70 -41.62 4.91
C ILE F 232 40.37 -40.58 5.98
N THR F 233 41.15 -40.55 7.07
CA THR F 233 40.95 -39.62 8.22
C THR F 233 40.80 -38.19 7.69
N LEU F 234 41.77 -37.73 6.88
CA LEU F 234 41.78 -36.37 6.29
C LEU F 234 40.50 -36.15 5.48
N THR F 235 40.13 -37.13 4.65
CA THR F 235 38.89 -37.08 3.82
C THR F 235 37.67 -36.88 4.72
N VAL F 236 37.49 -37.76 5.70
CA VAL F 236 36.36 -37.73 6.66
C VAL F 236 36.35 -36.35 7.35
N ALA F 237 37.54 -35.89 7.77
CA ALA F 237 37.74 -34.59 8.44
C ALA F 237 37.25 -33.45 7.53
N ASP F 238 37.72 -33.43 6.28
CA ASP F 238 37.36 -32.40 5.27
C ASP F 238 35.84 -32.35 5.12
N VAL F 239 35.19 -33.51 4.93
CA VAL F 239 33.72 -33.62 4.73
C VAL F 239 32.99 -33.12 5.98
N ILE F 240 33.34 -33.67 7.16
CA ILE F 240 32.70 -33.33 8.46
C ILE F 240 32.76 -31.81 8.69
N VAL F 241 33.94 -31.21 8.52
CA VAL F 241 34.18 -29.76 8.77
C VAL F 241 33.51 -28.94 7.67
N LYS F 242 33.98 -29.12 6.43
CA LYS F 242 33.56 -28.31 5.31
C LYS F 242 32.06 -28.47 5.02
N LEU F 243 31.45 -29.52 5.57
CA LEU F 243 30.02 -29.76 5.32
C LEU F 243 29.20 -29.47 6.59
N GLY F 244 29.25 -30.36 7.58
CA GLY F 244 28.46 -30.24 8.83
C GLY F 244 28.59 -28.87 9.45
N PHE F 245 29.81 -28.30 9.45
CA PHE F 245 30.17 -26.99 10.05
C PHE F 245 29.67 -25.84 9.17
N SER F 246 29.51 -26.09 7.87
CA SER F 246 29.03 -25.10 6.86
C SER F 246 27.65 -24.57 7.27
N THR F 247 26.75 -25.46 7.70
CA THR F 247 25.36 -25.12 8.13
C THR F 247 25.40 -24.11 9.28
N GLN F 248 26.29 -24.32 10.26
CA GLN F 248 26.45 -23.48 11.47
C GLN F 248 26.47 -22.01 11.08
N THR F 249 27.41 -21.61 10.21
CA THR F 249 27.58 -20.20 9.75
C THR F 249 26.28 -19.69 9.13
N HIS F 250 25.71 -20.47 8.20
CA HIS F 250 24.47 -20.15 7.46
C HIS F 250 23.34 -19.85 8.45
N ARG F 251 23.11 -20.73 9.43
CA ARG F 251 22.04 -20.58 10.44
C ARG F 251 22.14 -19.20 11.12
N VAL F 252 23.34 -18.85 11.61
CA VAL F 252 23.61 -17.54 12.29
C VAL F 252 23.08 -16.43 11.38
N ALA F 253 23.50 -16.44 10.11
CA ALA F 253 23.14 -15.45 9.08
C ALA F 253 21.61 -15.35 8.97
N LYS F 254 20.93 -16.49 8.85
CA LYS F 254 19.44 -16.57 8.70
C LYS F 254 18.77 -15.93 9.91
N LEU F 255 19.14 -16.33 11.12
CA LEU F 255 18.55 -15.80 12.38
C LEU F 255 18.78 -14.29 12.43
N ARG F 256 20.02 -13.87 12.24
CA ARG F 256 20.45 -12.45 12.23
C ARG F 256 19.62 -11.67 11.21
N THR F 257 19.25 -12.33 10.10
CA THR F 257 18.40 -11.76 9.02
C THR F 257 16.97 -11.57 9.56
N ALA F 258 16.40 -12.64 10.14
CA ALA F 258 15.05 -12.66 10.72
C ALA F 258 14.94 -11.59 11.82
N GLU F 259 15.96 -11.51 12.68
CA GLU F 259 16.04 -10.51 13.79
C GLU F 259 15.93 -9.10 13.20
N ASP F 260 16.72 -8.81 12.17
CA ASP F 260 16.73 -7.50 11.46
C ASP F 260 15.32 -7.21 10.93
N VAL F 261 14.60 -8.26 10.49
CA VAL F 261 13.21 -8.16 9.96
C VAL F 261 12.27 -7.83 11.12
N ARG F 262 12.25 -8.67 12.16
CA ARG F 262 11.38 -8.49 13.35
C ARG F 262 11.64 -7.11 13.97
N ALA F 263 12.92 -6.76 14.15
CA ALA F 263 13.37 -5.48 14.76
C ALA F 263 12.90 -4.30 13.90
N GLY F 264 12.56 -4.56 12.64
CA GLY F 264 12.08 -3.53 11.69
C GLY F 264 13.23 -2.79 11.03
N ASP F 265 14.46 -3.27 11.19
CA ASP F 265 15.68 -2.65 10.62
C ASP F 265 15.68 -2.82 9.10
N ASP F 266 15.26 -3.99 8.59
CA ASP F 266 15.25 -4.25 7.13
C ASP F 266 14.10 -5.20 6.79
N VAL F 267 13.81 -5.36 5.50
CA VAL F 267 12.68 -6.21 5.01
C VAL F 267 13.24 -7.32 4.12
N HIS F 268 12.75 -8.55 4.30
CA HIS F 268 13.17 -9.74 3.50
C HIS F 268 11.96 -10.24 2.72
N PRO F 269 12.14 -10.60 1.43
CA PRO F 269 11.03 -11.02 0.57
C PRO F 269 10.31 -12.29 1.03
N GLU F 270 11.01 -13.24 1.65
CA GLU F 270 10.44 -14.56 2.01
C GLU F 270 10.51 -14.81 3.52
N SER F 271 9.68 -15.72 4.01
CA SER F 271 9.68 -16.17 5.42
C SER F 271 10.94 -16.99 5.70
N ILE F 272 11.53 -16.79 6.86
CA ILE F 272 12.76 -17.51 7.30
C ILE F 272 12.37 -18.52 8.38
N TRP F 273 12.68 -19.80 8.16
CA TRP F 273 12.36 -20.89 9.11
C TRP F 273 13.66 -21.54 9.58
N ILE F 274 13.83 -21.71 10.89
CA ILE F 274 15.03 -22.37 11.48
C ILE F 274 14.55 -23.46 12.43
N SER F 275 15.03 -24.69 12.23
CA SER F 275 14.71 -25.83 13.11
C SER F 275 13.20 -26.07 13.12
N SER F 276 12.53 -25.82 11.99
CA SER F 276 11.09 -26.10 11.84
C SER F 276 10.24 -25.03 12.53
N VAL F 277 10.86 -23.93 12.96
CA VAL F 277 10.14 -22.82 13.66
C VAL F 277 10.28 -21.55 12.82
N LYS F 278 9.17 -20.86 12.52
CA LYS F 278 9.20 -19.58 11.76
C LYS F 278 9.95 -18.53 12.58
N GLN F 279 10.92 -17.86 11.95
CA GLN F 279 11.75 -16.81 12.61
C GLN F 279 11.39 -15.43 12.04
N SER F 280 10.88 -15.38 10.80
CA SER F 280 10.48 -14.08 10.18
C SER F 280 9.35 -14.31 9.17
N ASP F 281 8.59 -13.27 8.87
CA ASP F 281 7.46 -13.32 7.91
C ASP F 281 7.86 -12.53 6.66
N ALA F 282 7.21 -12.81 5.53
CA ALA F 282 7.47 -12.16 4.23
C ALA F 282 7.23 -10.65 4.35
N GLY F 283 8.14 -9.86 3.78
CA GLY F 283 8.03 -8.40 3.73
C GLY F 283 8.46 -7.87 2.37
N LEU F 284 7.76 -6.85 1.86
CA LEU F 284 8.12 -6.18 0.60
C LEU F 284 8.45 -4.72 0.89
N PRO F 285 9.50 -4.17 0.26
CA PRO F 285 9.89 -2.77 0.47
C PRO F 285 8.77 -1.83 0.00
N ARG F 286 8.65 -0.66 0.64
CA ARG F 286 7.66 0.39 0.31
C ARG F 286 7.91 0.91 -1.11
N GLU F 287 6.87 0.99 -1.94
CA GLU F 287 6.93 1.57 -3.31
C GLU F 287 7.38 3.03 -3.18
N VAL F 288 8.32 3.47 -4.04
CA VAL F 288 8.91 4.83 -3.97
C VAL F 288 8.62 5.59 -5.27
N TYR F 289 8.17 6.84 -5.14
CA TYR F 289 7.90 7.79 -6.26
C TYR F 289 9.14 8.69 -6.43
N LEU F 290 9.52 8.99 -7.68
CA LEU F 290 10.70 9.81 -8.01
C LEU F 290 10.26 11.02 -8.85
N THR G 4 42.70 -21.45 -62.86
CA THR G 4 43.62 -22.16 -61.93
C THR G 4 43.03 -23.52 -61.56
N ASN G 5 43.64 -24.20 -60.59
CA ASN G 5 43.20 -25.53 -60.06
C ASN G 5 43.13 -25.39 -58.54
N VAL G 6 42.33 -26.23 -57.87
CA VAL G 6 42.06 -26.16 -56.39
C VAL G 6 43.21 -26.82 -55.63
N SER G 7 43.83 -26.07 -54.71
CA SER G 7 44.93 -26.53 -53.83
C SER G 7 44.42 -26.54 -52.38
N VAL G 8 43.86 -27.68 -51.95
CA VAL G 8 43.27 -27.86 -50.59
C VAL G 8 44.23 -27.29 -49.55
N PRO G 9 43.73 -26.43 -48.62
CA PRO G 9 44.58 -25.81 -47.61
C PRO G 9 45.12 -26.77 -46.55
N TRP G 10 44.40 -27.87 -46.29
CA TRP G 10 44.74 -28.89 -45.26
C TRP G 10 45.85 -29.81 -45.77
N GLY G 11 46.41 -29.51 -46.95
CA GLY G 11 47.51 -30.28 -47.55
C GLY G 11 48.86 -29.62 -47.27
N ALA G 12 48.84 -28.30 -47.05
CA ALA G 12 50.05 -27.46 -46.81
C ALA G 12 50.60 -27.72 -45.41
N THR G 13 51.92 -27.82 -45.29
CA THR G 13 52.68 -28.02 -44.03
C THR G 13 52.85 -26.65 -43.35
N LEU G 14 52.74 -26.60 -42.02
CA LEU G 14 52.80 -25.34 -41.22
C LEU G 14 54.09 -25.28 -40.39
N SER G 15 54.65 -24.07 -40.27
CA SER G 15 55.84 -23.78 -39.43
C SER G 15 55.42 -23.78 -37.96
N ASN G 16 56.38 -23.93 -37.03
CA ASN G 16 56.12 -23.93 -35.57
C ASN G 16 55.46 -22.60 -35.19
N ALA G 17 55.96 -21.49 -35.76
CA ALA G 17 55.44 -20.12 -35.56
C ALA G 17 53.98 -20.06 -36.00
N GLU G 18 53.71 -20.50 -37.23
CA GLU G 18 52.35 -20.52 -37.85
C GLU G 18 51.42 -21.34 -36.94
N HIS G 19 51.83 -22.56 -36.58
CA HIS G 19 51.07 -23.51 -35.71
C HIS G 19 50.66 -22.80 -34.41
N GLN G 20 51.57 -22.04 -33.82
CA GLN G 20 51.37 -21.31 -32.54
C GLN G 20 50.31 -20.22 -32.73
N LEU G 21 50.48 -19.40 -33.77
CA LEU G 21 49.57 -18.27 -34.11
C LEU G 21 48.13 -18.78 -34.24
N ILE G 22 47.91 -19.79 -35.08
CA ILE G 22 46.57 -20.38 -35.33
C ILE G 22 45.93 -20.76 -33.99
N PHE G 23 46.67 -21.51 -33.16
CA PHE G 23 46.22 -21.96 -31.81
C PHE G 23 45.81 -20.74 -30.98
N TYR G 24 46.69 -19.74 -30.90
CA TYR G 24 46.50 -18.47 -30.16
C TYR G 24 45.12 -17.88 -30.47
N PHE G 25 44.88 -17.57 -31.76
CA PHE G 25 43.63 -16.92 -32.26
C PHE G 25 42.41 -17.80 -31.96
N LEU G 26 42.50 -19.10 -32.26
CA LEU G 26 41.38 -20.07 -32.05
C LEU G 26 40.92 -20.00 -30.59
N VAL G 27 41.84 -20.24 -29.64
CA VAL G 27 41.55 -20.25 -28.18
C VAL G 27 41.03 -18.87 -27.77
N VAL G 28 41.77 -17.80 -28.07
CA VAL G 28 41.38 -16.39 -27.76
C VAL G 28 39.92 -16.20 -28.15
N ALA G 29 39.58 -16.61 -29.39
CA ALA G 29 38.21 -16.53 -29.95
C ALA G 29 37.23 -17.23 -29.01
N ALA G 30 37.46 -18.52 -28.73
CA ALA G 30 36.64 -19.38 -27.85
C ALA G 30 36.39 -18.65 -26.52
N LEU G 31 37.47 -18.17 -25.88
CA LEU G 31 37.42 -17.44 -24.58
C LEU G 31 36.61 -16.16 -24.74
N ALA G 32 36.82 -15.43 -25.84
CA ALA G 32 36.10 -14.17 -26.17
C ALA G 32 34.59 -14.46 -26.19
N PHE G 33 34.20 -15.61 -26.72
CA PHE G 33 32.78 -16.06 -26.83
C PHE G 33 32.25 -16.35 -25.42
N VAL G 34 33.06 -17.01 -24.58
CA VAL G 34 32.70 -17.33 -23.17
C VAL G 34 32.35 -16.02 -22.45
N ALA G 35 33.23 -15.02 -22.60
CA ALA G 35 33.07 -13.65 -22.03
C ALA G 35 31.77 -13.04 -22.57
N GLY G 36 31.55 -13.16 -23.89
CA GLY G 36 30.34 -12.67 -24.57
C GLY G 36 29.08 -13.36 -24.08
N PHE G 37 29.12 -14.70 -24.04
CA PHE G 37 28.01 -15.56 -23.57
C PHE G 37 27.59 -15.15 -22.15
N ILE G 38 28.57 -14.99 -21.26
CA ILE G 38 28.36 -14.57 -19.85
C ILE G 38 27.68 -13.19 -19.84
N ARG G 39 28.21 -12.23 -20.59
CA ARG G 39 27.64 -10.86 -20.68
C ARG G 39 26.19 -10.94 -21.16
N THR G 40 25.94 -11.62 -22.28
CA THR G 40 24.59 -11.76 -22.89
C THR G 40 23.59 -12.28 -21.84
N TYR G 41 23.99 -13.31 -21.09
CA TYR G 41 23.15 -13.94 -20.04
C TYR G 41 22.81 -12.93 -18.94
N ILE G 42 23.82 -12.25 -18.38
CA ILE G 42 23.66 -11.21 -17.31
C ILE G 42 22.78 -10.07 -17.82
N THR G 43 22.96 -9.65 -19.08
CA THR G 43 22.19 -8.56 -19.74
C THR G 43 21.04 -9.17 -20.55
N ARG G 44 20.24 -10.06 -19.95
CA ARG G 44 19.11 -10.75 -20.64
C ARG G 44 17.78 -10.08 -20.25
N ASN G 45 17.68 -9.63 -18.99
CA ASN G 45 16.44 -9.02 -18.43
C ASN G 45 16.45 -7.50 -18.65
N GLU G 46 17.43 -6.99 -19.41
CA GLU G 46 17.53 -5.57 -19.78
C GLU G 46 16.56 -5.29 -20.93
N VAL G 47 15.97 -6.35 -21.48
CA VAL G 47 15.05 -6.30 -22.66
C VAL G 47 13.66 -6.79 -22.22
N GLY G 48 12.61 -6.30 -22.89
CA GLY G 48 11.21 -6.64 -22.64
C GLY G 48 10.86 -7.99 -23.24
N SER G 49 9.64 -8.47 -22.99
CA SER G 49 9.16 -9.81 -23.42
C SER G 49 9.06 -9.89 -24.94
N ARG G 50 8.60 -8.80 -25.57
CA ARG G 50 8.30 -8.70 -27.02
C ARG G 50 9.55 -9.03 -27.85
N TYR G 51 10.72 -8.56 -27.43
CA TYR G 51 11.99 -8.65 -28.19
C TYR G 51 12.96 -9.64 -27.53
N ARG G 52 12.45 -10.53 -26.67
CA ARG G 52 13.31 -11.51 -25.94
C ARG G 52 13.92 -12.51 -26.94
N THR G 53 13.23 -12.75 -28.06
CA THR G 53 13.70 -13.67 -29.13
C THR G 53 15.11 -13.26 -29.58
N ALA G 54 15.37 -11.96 -29.62
CA ALA G 54 16.68 -11.37 -30.01
C ALA G 54 17.77 -11.86 -29.04
N VAL G 55 17.49 -11.79 -27.73
CA VAL G 55 18.42 -12.22 -26.65
C VAL G 55 18.67 -13.73 -26.79
N SER G 56 17.59 -14.52 -26.86
CA SER G 56 17.65 -16.01 -26.99
C SER G 56 18.53 -16.41 -28.18
N ALA G 57 18.35 -15.75 -29.33
CA ALA G 57 19.09 -16.01 -30.58
C ALA G 57 20.59 -15.76 -30.37
N ARG G 58 20.95 -14.58 -29.87
CA ARG G 58 22.38 -14.18 -29.69
C ARG G 58 23.05 -15.15 -28.70
N LEU G 59 22.45 -15.39 -27.53
CA LEU G 59 22.99 -16.31 -26.50
C LEU G 59 23.23 -17.67 -27.14
N GLY G 60 22.28 -18.14 -27.96
CA GLY G 60 22.39 -19.40 -28.71
C GLY G 60 23.58 -19.39 -29.64
N MET G 61 23.69 -18.35 -30.48
CA MET G 61 24.79 -18.15 -31.45
C MET G 61 26.14 -18.25 -30.72
N LEU G 62 26.30 -17.48 -29.64
CA LEU G 62 27.53 -17.44 -28.81
C LEU G 62 27.82 -18.84 -28.26
N GLY G 63 26.80 -19.49 -27.68
CA GLY G 63 26.90 -20.87 -27.15
C GLY G 63 27.41 -21.83 -28.21
N VAL G 64 26.80 -21.81 -29.40
CA VAL G 64 27.18 -22.66 -30.57
C VAL G 64 28.65 -22.39 -30.92
N ALA G 65 29.01 -21.11 -31.07
CA ALA G 65 30.37 -20.65 -31.42
C ALA G 65 31.39 -21.22 -30.42
N LEU G 66 31.15 -21.04 -29.12
CA LEU G 66 32.03 -21.53 -28.02
C LEU G 66 32.33 -23.02 -28.24
N LEU G 67 31.28 -23.85 -28.24
CA LEU G 67 31.37 -25.33 -28.42
C LEU G 67 32.09 -25.65 -29.73
N ALA G 68 31.67 -25.00 -30.82
CA ALA G 68 32.21 -25.18 -32.18
C ALA G 68 33.73 -24.97 -32.15
N TYR G 69 34.17 -23.81 -31.64
CA TYR G 69 35.60 -23.41 -31.58
C TYR G 69 36.39 -24.40 -30.70
N ILE G 70 35.73 -25.02 -29.72
CA ILE G 70 36.35 -26.08 -28.87
C ILE G 70 36.68 -27.27 -29.78
N LEU G 71 35.73 -27.67 -30.63
CA LEU G 71 35.90 -28.78 -31.62
C LEU G 71 37.02 -28.40 -32.59
N ILE G 72 36.98 -27.19 -33.13
CA ILE G 72 38.00 -26.66 -34.09
C ILE G 72 39.38 -26.79 -33.44
N ILE G 73 39.52 -26.35 -32.19
CA ILE G 73 40.79 -26.42 -31.40
C ILE G 73 41.24 -27.89 -31.31
N VAL G 74 40.34 -28.78 -30.89
CA VAL G 74 40.60 -30.25 -30.74
C VAL G 74 41.13 -30.78 -32.08
N ALA G 75 40.37 -30.56 -33.17
CA ALA G 75 40.68 -31.00 -34.54
C ALA G 75 42.11 -30.53 -34.90
N PHE G 76 42.41 -29.27 -34.61
CA PHE G 76 43.72 -28.61 -34.88
C PHE G 76 44.84 -29.38 -34.16
N LEU G 77 44.58 -29.80 -32.92
CA LEU G 77 45.56 -30.52 -32.06
C LEU G 77 45.75 -31.96 -32.57
N LEU G 78 44.70 -32.58 -33.10
CA LEU G 78 44.71 -33.99 -33.58
C LEU G 78 44.87 -34.04 -35.11
N GLY G 79 44.87 -32.88 -35.77
CA GLY G 79 44.91 -32.79 -37.25
C GLY G 79 46.32 -32.64 -37.80
N TYR G 80 47.28 -32.27 -36.96
CA TYR G 80 48.70 -32.03 -37.35
C TYR G 80 49.66 -32.85 -36.49
N ASP G 81 50.80 -33.24 -37.07
CA ASP G 81 51.88 -34.00 -36.40
C ASP G 81 53.19 -33.21 -36.59
N SER G 82 53.99 -33.09 -35.53
CA SER G 82 55.28 -32.34 -35.53
C SER G 82 56.39 -33.19 -36.14
N THR G 83 57.13 -32.63 -37.09
CA THR G 83 58.26 -33.30 -37.80
C THR G 83 59.48 -32.37 -37.81
N ALA G 84 60.48 -32.69 -38.63
CA ALA G 84 61.73 -31.90 -38.80
C ALA G 84 61.44 -30.70 -39.71
N GLY G 85 60.41 -30.80 -40.56
CA GLY G 85 60.01 -29.78 -41.54
C GLY G 85 58.90 -28.88 -41.02
N GLY G 86 58.46 -29.08 -39.77
CA GLY G 86 57.40 -28.31 -39.12
C GLY G 86 56.25 -29.19 -38.67
N TRP G 87 55.01 -28.82 -38.99
CA TRP G 87 53.78 -29.57 -38.64
C TRP G 87 53.13 -30.12 -39.93
N VAL G 88 53.23 -31.43 -40.15
CA VAL G 88 52.71 -32.12 -41.36
C VAL G 88 51.24 -32.46 -41.16
N PRO G 89 50.35 -32.05 -42.09
CA PRO G 89 48.92 -32.36 -41.99
C PRO G 89 48.67 -33.87 -42.05
N ASN G 90 47.66 -34.36 -41.32
CA ASN G 90 47.24 -35.79 -41.35
C ASN G 90 45.88 -35.88 -42.02
N ASP G 91 45.18 -37.01 -41.86
CA ASP G 91 43.87 -37.30 -42.50
C ASP G 91 42.78 -36.43 -41.86
N GLY G 92 42.96 -36.05 -40.59
CA GLY G 92 41.97 -35.32 -39.79
C GLY G 92 42.04 -33.80 -39.94
N ALA G 93 43.11 -33.31 -40.59
CA ALA G 93 43.36 -31.86 -40.81
C ALA G 93 42.13 -31.20 -41.44
N ILE G 94 41.50 -31.87 -42.42
CA ILE G 94 40.31 -31.38 -43.17
C ILE G 94 39.19 -31.03 -42.19
N ASN G 95 39.09 -31.75 -41.07
CA ASN G 95 38.03 -31.59 -40.04
C ASN G 95 38.00 -30.14 -39.53
N ILE G 96 39.18 -29.53 -39.39
CA ILE G 96 39.33 -28.12 -38.87
C ILE G 96 38.43 -27.20 -39.70
N PHE G 97 38.57 -27.27 -41.03
CA PHE G 97 37.82 -26.45 -42.01
C PHE G 97 36.34 -26.85 -41.98
N SER G 98 36.08 -28.17 -41.98
CA SER G 98 34.72 -28.77 -41.94
C SER G 98 33.93 -28.21 -40.75
N THR G 99 34.53 -28.25 -39.56
CA THR G 99 33.89 -27.81 -38.28
C THR G 99 33.37 -26.38 -38.40
N ARG G 100 34.15 -25.48 -39.00
CA ARG G 100 33.78 -24.03 -39.11
C ARG G 100 32.47 -23.91 -39.89
N TYR G 101 32.31 -24.70 -40.97
CA TYR G 101 31.09 -24.74 -41.81
C TYR G 101 29.89 -25.08 -40.91
N ILE G 102 30.03 -26.15 -40.10
CA ILE G 102 29.00 -26.60 -39.14
C ILE G 102 28.58 -25.40 -38.30
N GLU G 103 29.54 -24.71 -37.69
CA GLU G 103 29.32 -23.48 -36.88
C GLU G 103 28.42 -22.53 -37.69
N TRP G 104 28.87 -22.14 -38.88
CA TRP G 104 28.16 -21.17 -39.77
C TRP G 104 26.75 -21.67 -40.06
N THR G 105 26.59 -22.95 -40.37
CA THR G 105 25.27 -23.56 -40.73
C THR G 105 24.23 -23.22 -39.66
N VAL G 106 24.60 -23.28 -38.38
CA VAL G 106 23.69 -23.03 -37.22
C VAL G 106 23.76 -21.55 -36.82
N SER G 107 24.96 -20.98 -36.76
CA SER G 107 25.20 -19.58 -36.28
C SER G 107 24.50 -18.56 -37.18
N VAL G 108 24.75 -18.61 -38.50
CA VAL G 108 24.20 -17.62 -39.48
C VAL G 108 22.68 -17.56 -39.36
N PRO G 109 21.96 -18.71 -39.44
CA PRO G 109 20.50 -18.70 -39.35
C PRO G 109 19.98 -17.95 -38.11
N LEU G 110 20.59 -18.19 -36.94
CA LEU G 110 20.23 -17.56 -35.65
C LEU G 110 20.35 -16.04 -35.79
N LEU G 111 21.42 -15.56 -36.41
CA LEU G 111 21.65 -14.11 -36.66
C LEU G 111 20.42 -13.53 -37.36
N THR G 112 20.00 -14.15 -38.46
CA THR G 112 18.80 -13.76 -39.25
C THR G 112 17.63 -13.50 -38.30
N ILE G 113 17.28 -14.51 -37.48
CA ILE G 113 16.16 -14.46 -36.49
C ILE G 113 16.34 -13.25 -35.58
N GLU G 114 17.58 -13.04 -35.10
CA GLU G 114 17.96 -11.94 -34.17
C GLU G 114 17.55 -10.59 -34.81
N LEU G 115 17.97 -10.35 -36.05
CA LEU G 115 17.65 -9.10 -36.79
C LEU G 115 16.14 -9.01 -37.01
N LEU G 116 15.52 -10.12 -37.45
CA LEU G 116 14.07 -10.21 -37.74
C LEU G 116 13.28 -9.97 -36.45
N ALA G 117 13.82 -10.38 -35.29
CA ALA G 117 13.21 -10.22 -33.96
C ALA G 117 13.08 -8.72 -33.64
N VAL G 118 14.15 -7.96 -33.80
CA VAL G 118 14.18 -6.49 -33.55
C VAL G 118 13.32 -5.81 -34.63
N CYS G 119 13.26 -6.39 -35.83
CA CYS G 119 12.42 -5.91 -36.95
C CYS G 119 10.94 -6.01 -36.54
N ALA G 120 10.12 -5.09 -37.07
CA ALA G 120 8.69 -4.89 -36.77
C ALA G 120 7.78 -5.84 -37.56
N THR G 121 8.33 -6.80 -38.31
CA THR G 121 7.54 -7.81 -39.08
C THR G 121 6.49 -8.43 -38.15
N LEU G 122 5.21 -8.29 -38.50
CA LEU G 122 4.06 -8.79 -37.68
C LEU G 122 3.35 -9.92 -38.43
N GLY G 123 2.69 -10.82 -37.69
CA GLY G 123 1.88 -11.94 -38.22
C GLY G 123 2.71 -12.90 -39.04
N VAL G 124 2.17 -13.35 -40.18
CA VAL G 124 2.82 -14.30 -41.14
C VAL G 124 4.02 -13.59 -41.79
N GLN G 125 3.85 -12.34 -42.20
CA GLN G 125 4.89 -11.52 -42.88
C GLN G 125 6.24 -11.78 -42.19
N ALA G 126 6.24 -11.75 -40.84
CA ALA G 126 7.43 -12.00 -39.99
C ALA G 126 7.84 -13.48 -40.11
N ARG G 127 6.87 -14.37 -39.86
CA ARG G 127 7.06 -15.83 -39.84
C ARG G 127 7.66 -16.29 -41.17
N ARG G 128 7.04 -15.88 -42.28
CA ARG G 128 7.46 -16.24 -43.67
C ARG G 128 8.92 -15.82 -43.85
N ASN G 129 9.23 -14.56 -43.51
CA ASN G 129 10.59 -13.97 -43.64
C ASN G 129 11.60 -14.87 -42.95
N THR G 130 11.33 -15.22 -41.68
CA THR G 130 12.22 -16.06 -40.84
C THR G 130 12.54 -17.37 -41.59
N ALA G 131 11.50 -18.08 -42.03
CA ALA G 131 11.61 -19.38 -42.75
C ALA G 131 12.57 -19.25 -43.94
N ILE G 132 12.37 -18.21 -44.76
CA ILE G 132 13.18 -17.96 -45.99
C ILE G 132 14.65 -17.73 -45.58
N ALA G 133 14.87 -16.78 -44.69
CA ALA G 133 16.22 -16.38 -44.20
C ALA G 133 16.97 -17.62 -43.66
N VAL G 134 16.36 -18.34 -42.72
CA VAL G 134 16.96 -19.54 -42.06
C VAL G 134 17.32 -20.57 -43.13
N THR G 135 16.34 -20.98 -43.95
CA THR G 135 16.53 -21.99 -45.02
C THR G 135 17.62 -21.52 -45.99
N ALA G 136 17.55 -20.26 -46.43
CA ALA G 136 18.51 -19.63 -47.37
C ALA G 136 19.91 -19.70 -46.77
N THR G 137 20.10 -19.11 -45.58
CA THR G 137 21.40 -19.06 -44.85
C THR G 137 21.94 -20.49 -44.67
N GLY G 138 21.08 -21.41 -44.19
CA GLY G 138 21.43 -22.82 -43.98
C GLY G 138 21.97 -23.44 -45.26
N ALA G 139 21.22 -23.30 -46.36
CA ALA G 139 21.58 -23.82 -47.70
C ALA G 139 22.89 -23.19 -48.17
N MET G 140 22.98 -21.86 -48.08
CA MET G 140 24.18 -21.10 -48.51
C MET G 140 25.43 -21.83 -48.04
N ILE G 141 25.56 -22.03 -46.72
CA ILE G 141 26.76 -22.65 -46.10
C ILE G 141 26.87 -24.10 -46.58
N PHE G 142 25.76 -24.84 -46.61
CA PHE G 142 25.77 -26.27 -47.02
C PHE G 142 26.36 -26.39 -48.43
N CYS G 143 25.90 -25.52 -49.35
CA CYS G 143 26.38 -25.57 -50.75
C CYS G 143 27.90 -25.41 -50.79
N GLY G 144 28.43 -24.43 -50.05
CA GLY G 144 29.88 -24.18 -49.95
C GLY G 144 30.60 -25.40 -49.40
N PHE G 145 30.05 -26.00 -48.34
CA PHE G 145 30.62 -27.23 -47.71
C PHE G 145 30.72 -28.33 -48.75
N LEU G 146 29.65 -28.54 -49.53
CA LEU G 146 29.61 -29.61 -50.56
C LEU G 146 30.78 -29.42 -51.54
N GLY G 147 30.92 -28.20 -52.09
CA GLY G 147 31.94 -27.90 -53.11
C GLY G 147 33.34 -27.94 -52.54
N ALA G 148 33.57 -27.30 -51.39
CA ALA G 148 34.92 -27.13 -50.79
C ALA G 148 35.41 -28.45 -50.17
N ILE G 149 34.54 -29.20 -49.50
CA ILE G 149 34.98 -30.40 -48.72
C ILE G 149 34.37 -31.70 -49.28
N VAL G 150 33.05 -31.77 -49.42
CA VAL G 150 32.34 -33.04 -49.77
C VAL G 150 32.73 -33.53 -51.17
N ILE G 151 32.73 -32.67 -52.19
CA ILE G 151 32.92 -33.11 -53.61
C ILE G 151 34.39 -33.37 -53.91
N ASP G 152 34.71 -34.60 -54.28
CA ASP G 152 36.07 -35.02 -54.72
C ASP G 152 37.08 -34.56 -53.67
N ASN G 153 36.69 -34.59 -52.39
CA ASN G 153 37.60 -34.25 -51.26
C ASN G 153 38.11 -32.82 -51.48
N GLY G 154 37.30 -31.96 -52.12
CA GLY G 154 37.62 -30.55 -52.37
C GLY G 154 38.72 -30.40 -53.41
N THR G 155 38.92 -31.40 -54.26
CA THR G 155 40.02 -31.40 -55.27
C THR G 155 39.48 -30.98 -56.65
N ASN G 156 38.16 -30.76 -56.77
CA ASN G 156 37.53 -30.42 -58.07
C ASN G 156 37.31 -28.91 -58.16
N THR G 157 37.98 -28.26 -59.11
CA THR G 157 37.89 -26.79 -59.32
C THR G 157 36.47 -26.39 -59.74
N GLY G 158 35.87 -27.16 -60.66
CA GLY G 158 34.53 -26.86 -61.21
C GLY G 158 33.47 -26.73 -60.13
N ALA G 159 33.34 -27.77 -59.29
CA ALA G 159 32.34 -27.80 -58.19
C ALA G 159 32.64 -26.68 -57.20
N PHE G 160 33.91 -26.54 -56.81
CA PHE G 160 34.39 -25.52 -55.84
C PHE G 160 33.81 -24.16 -56.24
N ILE G 161 33.63 -23.93 -57.54
CA ILE G 161 33.12 -22.62 -58.06
C ILE G 161 31.61 -22.69 -58.27
N LEU G 162 31.11 -23.69 -59.00
CA LEU G 162 29.67 -23.85 -59.30
C LEU G 162 28.85 -23.68 -58.02
N TRP G 163 29.12 -24.51 -57.01
CA TRP G 163 28.38 -24.53 -55.72
C TRP G 163 28.51 -23.18 -55.00
N ALA G 164 29.67 -22.53 -55.10
CA ALA G 164 29.93 -21.19 -54.54
C ALA G 164 28.92 -20.21 -55.15
N VAL G 165 28.69 -20.30 -56.46
CA VAL G 165 27.72 -19.46 -57.22
C VAL G 165 26.30 -19.76 -56.69
N ILE G 166 25.95 -21.04 -56.58
CA ILE G 166 24.62 -21.49 -56.06
C ILE G 166 24.42 -20.86 -54.68
N SER G 167 25.44 -20.94 -53.83
CA SER G 167 25.46 -20.35 -52.46
C SER G 167 25.16 -18.85 -52.56
N CYS G 168 25.90 -18.12 -53.40
CA CYS G 168 25.74 -16.65 -53.63
C CYS G 168 24.26 -16.34 -53.91
N VAL G 169 23.59 -17.20 -54.69
CA VAL G 169 22.15 -17.06 -55.02
C VAL G 169 21.37 -16.97 -53.71
N PHE G 170 21.60 -17.92 -52.80
CA PHE G 170 20.95 -17.99 -51.47
C PHE G 170 21.32 -16.74 -50.65
N TRP G 171 22.59 -16.34 -50.70
CA TRP G 171 23.12 -15.13 -50.00
C TRP G 171 22.27 -13.92 -50.39
N VAL G 172 21.99 -13.77 -51.68
CA VAL G 172 21.17 -12.66 -52.25
C VAL G 172 19.76 -12.74 -51.68
N ILE G 173 19.15 -13.94 -51.70
CA ILE G 173 17.76 -14.19 -51.20
C ILE G 173 17.67 -13.72 -49.74
N ALA G 174 18.63 -14.15 -48.91
CA ALA G 174 18.70 -13.83 -47.47
C ALA G 174 18.77 -12.30 -47.28
N ASN G 175 19.80 -11.67 -47.88
CA ASN G 175 20.04 -10.21 -47.78
C ASN G 175 18.79 -9.43 -48.20
N VAL G 176 18.12 -9.84 -49.29
CA VAL G 176 16.91 -9.17 -49.83
C VAL G 176 15.80 -9.18 -48.77
N VAL G 177 15.41 -10.35 -48.28
CA VAL G 177 14.33 -10.53 -47.26
C VAL G 177 14.63 -9.62 -46.05
N LEU G 178 15.84 -9.73 -45.50
CA LEU G 178 16.29 -8.95 -44.31
C LEU G 178 16.22 -7.45 -44.64
N ILE G 179 16.85 -7.02 -45.74
CA ILE G 179 16.88 -5.60 -46.20
C ILE G 179 15.45 -5.08 -46.30
N ARG G 180 14.53 -5.85 -46.90
CA ARG G 180 13.10 -5.50 -47.04
C ARG G 180 12.52 -5.23 -45.64
N ALA G 181 12.67 -6.21 -44.75
CA ALA G 181 12.18 -6.20 -43.35
C ALA G 181 12.68 -4.95 -42.63
N VAL G 182 13.98 -4.65 -42.74
CA VAL G 182 14.63 -3.47 -42.09
C VAL G 182 14.03 -2.19 -42.68
N ARG G 183 13.95 -2.11 -44.01
CA ARG G 183 13.44 -0.92 -44.73
C ARG G 183 11.96 -0.69 -44.39
N GLN G 184 11.18 -1.77 -44.32
CA GLN G 184 9.72 -1.73 -44.02
C GLN G 184 9.49 -1.28 -42.58
N SER G 185 10.38 -1.68 -41.66
CA SER G 185 10.28 -1.42 -40.20
C SER G 185 10.78 -0.01 -39.86
N LEU G 186 11.80 0.49 -40.58
CA LEU G 186 12.46 1.80 -40.31
C LEU G 186 11.43 2.92 -40.15
N PRO G 187 10.45 3.05 -41.07
CA PRO G 187 9.45 4.13 -40.98
C PRO G 187 8.61 4.14 -39.70
N THR G 188 8.26 2.96 -39.19
CA THR G 188 7.38 2.78 -38.01
C THR G 188 8.15 3.13 -36.73
N LEU G 189 9.44 2.79 -36.67
CA LEU G 189 10.31 3.02 -35.48
C LEU G 189 10.57 4.51 -35.29
N THR G 190 11.02 4.91 -34.09
CA THR G 190 11.44 6.30 -33.78
C THR G 190 12.74 6.59 -34.51
N PRO G 191 13.15 7.87 -34.66
CA PRO G 191 14.40 8.20 -35.33
C PRO G 191 15.59 7.45 -34.72
N GLU G 192 15.74 7.52 -33.41
CA GLU G 192 16.84 6.87 -32.63
C GLU G 192 16.84 5.37 -32.94
N SER G 193 15.68 4.71 -32.88
CA SER G 193 15.52 3.26 -33.16
C SER G 193 15.77 3.00 -34.66
N HIS G 194 15.13 3.81 -35.51
CA HIS G 194 15.25 3.75 -36.99
C HIS G 194 16.73 3.79 -37.36
N THR G 195 17.47 4.78 -36.85
CA THR G 195 18.94 4.92 -37.09
C THR G 195 19.66 3.64 -36.61
N MET G 196 19.37 3.20 -35.39
CA MET G 196 19.93 1.98 -34.75
C MET G 196 19.69 0.75 -35.63
N LEU G 197 18.44 0.45 -35.97
CA LEU G 197 18.07 -0.75 -36.79
C LEU G 197 18.88 -0.75 -38.09
N LYS G 198 18.79 0.33 -38.87
CA LYS G 198 19.53 0.50 -40.14
C LYS G 198 21.01 0.20 -39.88
N SER G 199 21.59 0.87 -38.87
CA SER G 199 23.00 0.70 -38.43
C SER G 199 23.29 -0.78 -38.21
N ALA G 200 22.48 -1.45 -37.38
CA ALA G 200 22.61 -2.88 -37.02
C ALA G 200 22.55 -3.74 -38.29
N ALA G 201 21.52 -3.53 -39.13
CA ALA G 201 21.30 -4.26 -40.40
C ALA G 201 22.56 -4.17 -41.27
N ILE G 202 23.04 -2.95 -41.51
CA ILE G 202 24.24 -2.66 -42.37
C ILE G 202 25.45 -3.41 -41.80
N VAL G 203 25.74 -3.23 -40.51
CA VAL G 203 26.92 -3.82 -39.82
C VAL G 203 26.87 -5.35 -39.92
N LEU G 204 25.70 -5.94 -39.65
CA LEU G 204 25.51 -7.42 -39.62
C LEU G 204 25.71 -8.05 -41.01
N LEU G 205 25.19 -7.42 -42.06
CA LEU G 205 25.16 -7.96 -43.45
C LEU G 205 26.48 -7.70 -44.18
N ALA G 206 27.05 -6.51 -44.00
CA ALA G 206 28.29 -6.06 -44.68
C ALA G 206 29.41 -7.10 -44.57
N GLY G 207 29.80 -7.45 -43.33
CA GLY G 207 30.94 -8.35 -43.03
C GLY G 207 30.92 -9.63 -43.84
N TRP G 208 29.72 -10.17 -44.12
CA TRP G 208 29.48 -11.46 -44.82
C TRP G 208 30.44 -11.64 -46.00
N VAL G 209 30.77 -10.56 -46.72
CA VAL G 209 31.60 -10.58 -47.95
C VAL G 209 32.94 -11.28 -47.69
N VAL G 210 33.54 -11.06 -46.52
CA VAL G 210 34.90 -11.59 -46.16
C VAL G 210 34.94 -13.11 -46.39
N TYR G 211 33.90 -13.82 -45.94
CA TYR G 211 33.81 -15.31 -45.99
C TYR G 211 33.96 -15.80 -47.43
N PRO G 212 33.12 -15.33 -48.38
CA PRO G 212 33.24 -15.75 -49.78
C PRO G 212 34.66 -15.48 -50.34
N ILE G 213 35.23 -14.32 -50.00
CA ILE G 213 36.59 -13.89 -50.46
C ILE G 213 37.62 -14.93 -50.02
N VAL G 214 37.61 -15.30 -48.74
CA VAL G 214 38.58 -16.27 -48.14
C VAL G 214 38.39 -17.65 -48.79
N TYR G 215 37.15 -17.99 -49.15
CA TYR G 215 36.76 -19.28 -49.75
C TYR G 215 37.55 -19.52 -51.05
N PHE G 216 37.68 -18.49 -51.89
CA PHE G 216 38.29 -18.56 -53.25
C PHE G 216 39.82 -18.39 -53.21
N LEU G 217 40.42 -18.18 -52.03
CA LEU G 217 41.88 -17.96 -51.89
C LEU G 217 42.66 -19.19 -52.35
N PRO G 218 42.24 -20.41 -51.95
CA PRO G 218 42.95 -21.63 -52.34
C PRO G 218 43.22 -21.77 -53.85
N LEU G 219 42.37 -21.16 -54.68
CA LEU G 219 42.48 -21.19 -56.16
C LEU G 219 43.82 -20.59 -56.61
N PHE G 220 44.30 -19.57 -55.88
CA PHE G 220 45.55 -18.84 -56.17
C PHE G 220 46.76 -19.61 -55.65
N GLY G 221 46.58 -20.91 -55.37
CA GLY G 221 47.65 -21.82 -54.93
C GLY G 221 47.47 -22.28 -53.48
N ALA G 222 48.47 -22.99 -52.95
CA ALA G 222 48.50 -23.51 -51.57
C ALA G 222 49.87 -23.23 -50.95
N SER G 223 49.91 -22.99 -49.63
CA SER G 223 51.16 -22.69 -48.87
C SER G 223 50.83 -22.60 -47.37
N GLY G 224 51.83 -22.88 -46.51
CA GLY G 224 51.71 -22.79 -45.05
C GLY G 224 51.22 -21.41 -44.63
N GLY G 225 51.73 -20.37 -45.30
CA GLY G 225 51.35 -18.97 -45.06
C GLY G 225 49.90 -18.70 -45.43
N LEU G 226 49.50 -19.12 -46.63
CA LEU G 226 48.10 -18.96 -47.14
C LEU G 226 47.15 -19.65 -46.18
N THR G 227 47.36 -20.95 -45.94
CA THR G 227 46.55 -21.78 -45.00
C THR G 227 46.36 -21.00 -43.70
N THR G 228 47.45 -20.47 -43.14
CA THR G 228 47.48 -19.65 -41.90
C THR G 228 46.54 -18.45 -42.08
N THR G 229 46.71 -17.68 -43.16
CA THR G 229 45.91 -16.48 -43.47
C THR G 229 44.42 -16.85 -43.46
N ILE G 230 44.05 -17.89 -44.22
CA ILE G 230 42.65 -18.38 -44.35
C ILE G 230 42.05 -18.60 -42.95
N LEU G 231 42.70 -19.44 -42.14
CA LEU G 231 42.23 -19.82 -40.78
C LEU G 231 42.08 -18.57 -39.89
N ILE G 232 43.18 -17.83 -39.69
CA ILE G 232 43.21 -16.62 -38.81
C ILE G 232 42.14 -15.62 -39.24
N THR G 233 42.14 -15.24 -40.52
CA THR G 233 41.18 -14.26 -41.10
C THR G 233 39.75 -14.65 -40.70
N LEU G 234 39.37 -15.90 -41.00
CA LEU G 234 38.02 -16.45 -40.70
C LEU G 234 37.74 -16.32 -39.20
N THR G 235 38.71 -16.71 -38.36
CA THR G 235 38.61 -16.65 -36.88
C THR G 235 38.31 -15.19 -36.45
N VAL G 236 39.16 -14.26 -36.87
CA VAL G 236 39.03 -12.80 -36.55
C VAL G 236 37.64 -12.34 -37.00
N ALA G 237 37.24 -12.73 -38.21
CA ALA G 237 35.94 -12.39 -38.83
C ALA G 237 34.80 -12.88 -37.93
N ASP G 238 34.84 -14.16 -37.54
CA ASP G 238 33.82 -14.81 -36.68
C ASP G 238 33.66 -14.02 -35.39
N VAL G 239 34.78 -13.70 -34.71
CA VAL G 239 34.80 -12.98 -33.41
C VAL G 239 34.23 -11.56 -33.62
N ILE G 240 34.77 -10.81 -34.57
CA ILE G 240 34.36 -9.41 -34.87
C ILE G 240 32.85 -9.35 -35.11
N VAL G 241 32.31 -10.22 -35.97
CA VAL G 241 30.87 -10.24 -36.36
C VAL G 241 30.03 -10.76 -35.20
N LYS G 242 30.28 -12.01 -34.81
CA LYS G 242 29.47 -12.71 -33.81
C LYS G 242 29.53 -12.02 -32.46
N LEU G 243 30.54 -11.14 -32.25
CA LEU G 243 30.68 -10.47 -30.98
C LEU G 243 30.30 -8.98 -31.10
N GLY G 244 31.18 -8.16 -31.70
CA GLY G 244 30.98 -6.71 -31.85
C GLY G 244 29.59 -6.37 -32.37
N PHE G 245 29.11 -7.14 -33.36
CA PHE G 245 27.82 -6.95 -34.06
C PHE G 245 26.66 -7.40 -33.17
N SER G 246 26.92 -8.33 -32.25
CA SER G 246 25.92 -8.89 -31.31
C SER G 246 25.26 -7.77 -30.49
N THR G 247 26.07 -6.84 -29.98
CA THR G 247 25.63 -5.69 -29.14
C THR G 247 24.57 -4.86 -29.90
N GLN G 248 24.83 -4.59 -31.18
CA GLN G 248 24.00 -3.73 -32.06
C GLN G 248 22.52 -4.15 -31.95
N THR G 249 22.22 -5.41 -32.22
CA THR G 249 20.84 -5.97 -32.18
C THR G 249 20.23 -5.76 -30.79
N HIS G 250 20.96 -6.14 -29.75
CA HIS G 250 20.54 -6.04 -28.33
C HIS G 250 20.12 -4.59 -28.02
N ARG G 251 20.97 -3.62 -28.35
CA ARG G 251 20.71 -2.18 -28.10
C ARG G 251 19.34 -1.79 -28.68
N VAL G 252 19.07 -2.11 -29.94
CA VAL G 252 17.78 -1.80 -30.62
C VAL G 252 16.63 -2.30 -29.74
N ALA G 253 16.70 -3.57 -29.33
CA ALA G 253 15.69 -4.23 -28.45
C ALA G 253 15.47 -3.41 -27.18
N LYS G 254 16.56 -3.02 -26.51
CA LYS G 254 16.54 -2.23 -25.25
C LYS G 254 15.82 -0.90 -25.48
N LEU G 255 16.20 -0.15 -26.51
CA LEU G 255 15.58 1.16 -26.85
C LEU G 255 14.08 0.94 -27.10
N ARG G 256 13.73 -0.01 -27.98
CA ARG G 256 12.31 -0.31 -28.32
C ARG G 256 11.56 -0.67 -27.04
N THR G 257 12.24 -1.28 -26.07
CA THR G 257 11.67 -1.62 -24.73
C THR G 257 11.40 -0.33 -23.95
N ALA G 258 12.42 0.53 -23.83
CA ALA G 258 12.36 1.83 -23.14
C ALA G 258 11.25 2.69 -23.76
N GLU G 259 11.18 2.73 -25.09
CA GLU G 259 10.16 3.50 -25.86
C GLU G 259 8.76 3.03 -25.43
N ASP G 260 8.53 1.72 -25.41
CA ASP G 260 7.25 1.10 -24.99
C ASP G 260 6.91 1.54 -23.56
N VAL G 261 7.94 1.69 -22.72
CA VAL G 261 7.81 2.14 -21.30
C VAL G 261 7.41 3.63 -21.28
N ARG G 262 8.22 4.48 -21.91
CA ARG G 262 7.97 5.95 -21.98
C ARG G 262 6.59 6.20 -22.58
N ALA G 263 6.28 5.54 -23.70
CA ALA G 263 5.00 5.66 -24.44
C ALA G 263 3.83 5.24 -23.55
N GLY G 264 4.11 4.48 -22.49
CA GLY G 264 3.10 4.01 -21.52
C GLY G 264 2.43 2.72 -21.98
N ASP G 265 2.94 2.12 -23.05
CA ASP G 265 2.36 0.88 -23.65
C ASP G 265 2.60 -0.31 -22.71
N ASP G 266 3.78 -0.40 -22.08
CA ASP G 266 4.12 -1.54 -21.20
C ASP G 266 5.01 -1.07 -20.05
N VAL G 267 5.19 -1.92 -19.02
CA VAL G 267 5.99 -1.60 -17.81
C VAL G 267 7.17 -2.58 -17.72
N HIS G 268 8.37 -2.06 -17.40
CA HIS G 268 9.59 -2.87 -17.20
C HIS G 268 10.06 -2.70 -15.74
N PRO G 269 10.47 -3.81 -15.08
CA PRO G 269 10.82 -3.76 -13.67
C PRO G 269 12.05 -2.91 -13.32
N GLU G 270 13.05 -2.89 -14.20
CA GLU G 270 14.33 -2.19 -13.92
C GLU G 270 14.51 -1.01 -14.86
N SER G 271 15.28 0.00 -14.42
CA SER G 271 15.63 1.18 -15.25
C SER G 271 16.51 0.72 -16.40
N ILE G 272 16.28 1.24 -17.61
CA ILE G 272 17.08 0.88 -18.82
C ILE G 272 17.98 2.06 -19.15
N TRP G 273 19.29 1.82 -19.18
CA TRP G 273 20.31 2.86 -19.49
C TRP G 273 21.03 2.46 -20.78
N ILE G 274 21.12 3.38 -21.73
CA ILE G 274 21.87 3.17 -23.00
C ILE G 274 22.90 4.29 -23.15
N SER G 275 24.16 3.93 -23.34
CA SER G 275 25.25 4.91 -23.53
C SER G 275 25.36 5.82 -22.30
N SER G 276 25.09 5.29 -21.11
CA SER G 276 25.25 6.05 -19.84
C SER G 276 24.12 7.07 -19.69
N VAL G 277 23.06 6.97 -20.51
CA VAL G 277 21.91 7.92 -20.49
C VAL G 277 20.66 7.12 -20.14
N LYS G 278 19.92 7.53 -19.12
CA LYS G 278 18.68 6.81 -18.70
C LYS G 278 17.64 6.95 -19.82
N GLN G 279 17.12 5.82 -20.32
CA GLN G 279 16.14 5.80 -21.43
C GLN G 279 14.74 5.54 -20.86
N SER G 280 14.66 4.70 -19.82
CA SER G 280 13.38 4.33 -19.17
C SER G 280 13.56 4.28 -17.66
N ASP G 281 12.46 4.49 -16.92
CA ASP G 281 12.45 4.45 -15.44
C ASP G 281 11.78 3.15 -14.99
N ALA G 282 12.21 2.63 -13.84
CA ALA G 282 11.70 1.36 -13.28
C ALA G 282 10.21 1.48 -12.99
N GLY G 283 9.44 0.45 -13.31
CA GLY G 283 7.99 0.40 -13.04
C GLY G 283 7.54 -1.01 -12.70
N LEU G 284 6.48 -1.13 -11.91
CA LEU G 284 5.89 -2.45 -11.54
C LEU G 284 4.46 -2.51 -12.06
N PRO G 285 4.01 -3.69 -12.55
CA PRO G 285 2.65 -3.86 -13.04
C PRO G 285 1.64 -3.63 -11.91
N ARG G 286 0.45 -3.11 -12.24
CA ARG G 286 -0.63 -2.81 -11.25
C ARG G 286 -1.11 -4.11 -10.59
N GLU G 287 -1.18 -4.13 -9.26
CA GLU G 287 -1.66 -5.28 -8.46
C GLU G 287 -3.10 -5.58 -8.88
N VAL G 288 -3.43 -6.87 -9.08
CA VAL G 288 -4.77 -7.31 -9.53
C VAL G 288 -5.39 -8.23 -8.47
N TYR G 289 -6.65 -7.99 -8.12
CA TYR G 289 -7.43 -8.80 -7.15
C TYR G 289 -8.33 -9.75 -7.93
N LEU G 290 -7.99 -11.05 -7.93
CA LEU G 290 -8.74 -12.10 -8.65
C LEU G 290 -9.81 -12.68 -7.71
N ALA G 291 -11.01 -12.95 -8.24
CA ALA G 291 -12.17 -13.49 -7.50
C ALA G 291 -11.76 -13.80 -6.05
N ASN H 5 72.08 -14.44 -27.76
CA ASN H 5 70.91 -15.35 -27.91
C ASN H 5 70.07 -15.26 -26.62
N VAL H 6 68.74 -15.26 -26.75
CA VAL H 6 67.76 -15.21 -25.62
C VAL H 6 67.60 -16.62 -25.04
N SER H 7 67.82 -16.75 -23.72
CA SER H 7 67.75 -18.04 -23.00
C SER H 7 66.29 -18.37 -22.65
N VAL H 8 65.58 -18.97 -23.61
CA VAL H 8 64.15 -19.38 -23.46
C VAL H 8 63.98 -20.11 -22.13
N PRO H 9 62.97 -19.74 -21.31
CA PRO H 9 62.76 -20.35 -20.00
C PRO H 9 62.29 -21.81 -20.04
N TRP H 10 61.61 -22.20 -21.13
CA TRP H 10 61.05 -23.56 -21.32
C TRP H 10 62.16 -24.55 -21.71
N GLY H 11 63.41 -24.10 -21.70
CA GLY H 11 64.58 -24.93 -22.01
C GLY H 11 65.26 -25.45 -20.75
N ALA H 12 65.06 -24.74 -19.63
CA ALA H 12 65.64 -25.07 -18.31
C ALA H 12 64.93 -26.27 -17.69
N THR H 13 65.70 -27.18 -17.09
CA THR H 13 65.20 -28.39 -16.37
C THR H 13 64.80 -27.98 -14.96
N LEU H 14 63.70 -28.55 -14.42
CA LEU H 14 63.14 -28.19 -13.09
C LEU H 14 63.34 -29.34 -12.10
N SER H 15 63.62 -29.01 -10.83
CA SER H 15 63.75 -29.97 -9.71
C SER H 15 62.35 -30.46 -9.31
N ASN H 16 62.25 -31.59 -8.61
CA ASN H 16 60.96 -32.16 -8.13
C ASN H 16 60.26 -31.11 -7.25
N ALA H 17 61.03 -30.45 -6.38
CA ALA H 17 60.55 -29.38 -5.47
C ALA H 17 59.95 -28.24 -6.30
N GLU H 18 60.72 -27.73 -7.27
CA GLU H 18 60.31 -26.62 -8.18
C GLU H 18 59.03 -27.01 -8.90
N HIS H 19 59.01 -28.20 -9.52
CA HIS H 19 57.85 -28.75 -10.29
C HIS H 19 56.60 -28.73 -9.41
N GLN H 20 56.74 -29.10 -8.13
CA GLN H 20 55.62 -29.19 -7.15
C GLN H 20 55.09 -27.78 -6.87
N LEU H 21 56.00 -26.84 -6.55
CA LEU H 21 55.68 -25.42 -6.23
C LEU H 21 54.84 -24.82 -7.36
N ILE H 22 55.33 -24.88 -8.59
CA ILE H 22 54.66 -24.32 -9.81
C ILE H 22 53.23 -24.86 -9.87
N PHE H 23 53.07 -26.17 -9.77
CA PHE H 23 51.75 -26.89 -9.80
C PHE H 23 50.85 -26.32 -8.70
N TYR H 24 51.37 -26.26 -7.47
CA TYR H 24 50.68 -25.74 -6.26
C TYR H 24 50.03 -24.38 -6.57
N PHE H 25 50.84 -23.39 -6.95
CA PHE H 25 50.42 -22.00 -7.24
C PHE H 25 49.41 -21.97 -8.39
N LEU H 26 49.70 -22.66 -9.50
CA LEU H 26 48.82 -22.71 -10.70
C LEU H 26 47.41 -23.15 -10.29
N VAL H 27 47.28 -24.31 -9.64
CA VAL H 27 45.98 -24.90 -9.21
C VAL H 27 45.32 -23.94 -8.21
N VAL H 28 46.04 -23.56 -7.14
CA VAL H 28 45.55 -22.61 -6.10
C VAL H 28 44.90 -21.41 -6.81
N ALA H 29 45.61 -20.83 -7.78
CA ALA H 29 45.16 -19.69 -8.60
C ALA H 29 43.80 -20.03 -9.24
N ALA H 30 43.76 -21.11 -10.02
CA ALA H 30 42.56 -21.60 -10.73
C ALA H 30 41.38 -21.69 -9.74
N LEU H 31 41.59 -22.36 -8.60
CA LEU H 31 40.58 -22.54 -7.53
C LEU H 31 40.16 -21.17 -6.98
N ALA H 32 41.12 -20.29 -6.74
CA ALA H 32 40.90 -18.92 -6.23
C ALA H 32 39.93 -18.19 -7.18
N PHE H 33 40.09 -18.40 -8.49
CA PHE H 33 39.24 -17.79 -9.56
C PHE H 33 37.83 -18.38 -9.47
N VAL H 34 37.73 -19.69 -9.27
CA VAL H 34 36.43 -20.42 -9.12
C VAL H 34 35.66 -19.76 -7.97
N ALA H 35 36.32 -19.59 -6.83
CA ALA H 35 35.79 -18.94 -5.61
C ALA H 35 35.35 -17.52 -5.95
N GLY H 36 36.20 -16.78 -6.67
CA GLY H 36 35.94 -15.40 -7.13
C GLY H 36 34.75 -15.35 -8.06
N PHE H 37 34.74 -16.21 -9.08
CA PHE H 37 33.66 -16.31 -10.11
C PHE H 37 32.32 -16.54 -9.41
N ILE H 38 32.28 -17.50 -8.47
CA ILE H 38 31.06 -17.86 -7.69
C ILE H 38 30.59 -16.62 -6.93
N ARG H 39 31.50 -15.96 -6.19
CA ARG H 39 31.19 -14.75 -5.38
C ARG H 39 30.59 -13.68 -6.31
N THR H 40 31.31 -13.33 -7.39
CA THR H 40 30.92 -12.29 -8.36
C THR H 40 29.49 -12.54 -8.86
N TYR H 41 29.18 -13.78 -9.23
CA TYR H 41 27.86 -14.20 -9.77
C TYR H 41 26.77 -13.96 -8.73
N ILE H 42 26.94 -14.49 -7.51
CA ILE H 42 25.97 -14.38 -6.39
C ILE H 42 25.77 -12.90 -6.04
N THR H 43 26.86 -12.11 -6.03
CA THR H 43 26.83 -10.66 -5.71
C THR H 43 26.80 -9.85 -7.01
N ARG H 44 25.85 -10.17 -7.90
CA ARG H 44 25.70 -9.48 -9.22
C ARG H 44 24.55 -8.49 -9.15
N ASN H 45 23.52 -8.79 -8.36
CA ASN H 45 22.29 -7.96 -8.22
C ASN H 45 22.48 -6.94 -7.07
N GLU H 46 23.68 -6.87 -6.51
CA GLU H 46 24.05 -5.86 -5.48
C GLU H 46 24.36 -4.54 -6.17
N VAL H 47 24.38 -4.55 -7.51
CA VAL H 47 24.70 -3.37 -8.37
C VAL H 47 23.47 -3.03 -9.23
N GLY H 48 23.34 -1.77 -9.62
CA GLY H 48 22.23 -1.27 -10.46
C GLY H 48 22.44 -1.61 -11.93
N SER H 49 21.44 -1.29 -12.77
CA SER H 49 21.45 -1.54 -14.23
C SER H 49 22.55 -0.70 -14.90
N ARG H 50 22.71 0.54 -14.42
CA ARG H 50 23.63 1.56 -15.01
C ARG H 50 25.07 1.04 -15.05
N TYR H 51 25.50 0.35 -14.00
CA TYR H 51 26.91 -0.10 -13.81
C TYR H 51 27.03 -1.62 -13.95
N ARG H 52 26.06 -2.26 -14.60
CA ARG H 52 26.03 -3.74 -14.78
C ARG H 52 27.20 -4.18 -15.66
N THR H 53 27.66 -3.33 -16.57
CA THR H 53 28.79 -3.64 -17.49
C THR H 53 30.02 -4.03 -16.67
N ALA H 54 30.20 -3.40 -15.51
CA ALA H 54 31.32 -3.67 -14.56
C ALA H 54 31.24 -5.13 -14.09
N VAL H 55 30.05 -5.57 -13.70
CA VAL H 55 29.78 -6.96 -13.21
C VAL H 55 30.06 -7.94 -14.34
N SER H 56 29.45 -7.71 -15.51
CA SER H 56 29.60 -8.57 -16.72
C SER H 56 31.09 -8.76 -17.06
N ALA H 57 31.86 -7.67 -17.04
CA ALA H 57 33.30 -7.65 -17.37
C ALA H 57 34.08 -8.52 -16.39
N ARG H 58 33.92 -8.28 -15.08
CA ARG H 58 34.70 -9.00 -14.03
C ARG H 58 34.36 -10.50 -14.11
N LEU H 59 33.06 -10.85 -14.13
CA LEU H 59 32.63 -12.27 -14.20
C LEU H 59 33.27 -12.93 -15.42
N GLY H 60 33.28 -12.21 -16.56
CA GLY H 60 33.92 -12.67 -17.81
C GLY H 60 35.41 -12.93 -17.60
N MET H 61 36.11 -11.94 -17.06
CA MET H 61 37.58 -12.00 -16.78
C MET H 61 37.87 -13.25 -15.93
N LEU H 62 37.15 -13.39 -14.81
CA LEU H 62 37.30 -14.54 -13.87
C LEU H 62 37.07 -15.85 -14.62
N GLY H 63 35.97 -15.93 -15.38
CA GLY H 63 35.62 -17.12 -16.18
C GLY H 63 36.75 -17.49 -17.12
N VAL H 64 37.25 -16.52 -17.89
CA VAL H 64 38.36 -16.68 -18.85
C VAL H 64 39.60 -17.20 -18.10
N ALA H 65 39.96 -16.54 -17.00
CA ALA H 65 41.13 -16.87 -16.14
C ALA H 65 41.05 -18.34 -15.71
N LEU H 66 39.91 -18.75 -15.13
CA LEU H 66 39.66 -20.14 -14.65
C LEU H 66 40.00 -21.13 -15.75
N LEU H 67 39.30 -21.05 -16.89
CA LEU H 67 39.48 -21.94 -18.06
C LEU H 67 40.92 -21.87 -18.57
N ALA H 68 41.47 -20.66 -18.70
CA ALA H 68 42.85 -20.40 -19.17
C ALA H 68 43.84 -21.16 -18.28
N TYR H 69 43.77 -20.95 -16.96
CA TYR H 69 44.66 -21.59 -15.96
C TYR H 69 44.51 -23.12 -16.00
N ILE H 70 43.33 -23.62 -16.40
CA ILE H 70 43.10 -25.08 -16.60
C ILE H 70 44.01 -25.55 -17.75
N LEU H 71 44.03 -24.80 -18.85
CA LEU H 71 44.89 -25.08 -20.03
C LEU H 71 46.36 -25.02 -19.61
N ILE H 72 46.74 -23.94 -18.89
CA ILE H 72 48.13 -23.72 -18.38
C ILE H 72 48.55 -24.95 -17.58
N ILE H 73 47.69 -25.41 -16.66
CA ILE H 73 47.93 -26.59 -15.79
C ILE H 73 48.15 -27.82 -16.68
N VAL H 74 47.26 -28.07 -17.64
CA VAL H 74 47.35 -29.21 -18.60
C VAL H 74 48.71 -29.16 -19.30
N ALA H 75 49.03 -28.02 -19.92
CA ALA H 75 50.30 -27.78 -20.65
C ALA H 75 51.48 -28.13 -19.74
N PHE H 76 51.43 -27.68 -18.48
CA PHE H 76 52.49 -27.91 -17.45
C PHE H 76 52.67 -29.41 -17.22
N LEU H 77 51.57 -30.16 -17.20
CA LEU H 77 51.56 -31.62 -16.94
C LEU H 77 52.09 -32.38 -18.17
N LEU H 78 51.84 -31.86 -19.37
CA LEU H 78 52.26 -32.49 -20.65
C LEU H 78 53.55 -31.85 -21.18
N GLY H 79 54.03 -30.79 -20.52
CA GLY H 79 55.20 -30.00 -20.96
C GLY H 79 56.52 -30.53 -20.43
N TYR H 80 56.50 -31.28 -19.33
CA TYR H 80 57.71 -31.81 -18.65
C TYR H 80 57.62 -33.33 -18.49
N ASP H 81 58.79 -33.99 -18.47
CA ASP H 81 58.95 -35.45 -18.29
C ASP H 81 59.90 -35.69 -17.10
N SER H 82 59.56 -36.63 -16.21
CA SER H 82 60.32 -36.92 -14.96
C SER H 82 61.55 -37.78 -15.27
N THR H 83 62.71 -37.37 -14.75
CA THR H 83 64.02 -38.06 -14.92
C THR H 83 64.72 -38.23 -13.56
N ALA H 84 64.08 -38.93 -12.63
CA ALA H 84 64.63 -39.33 -11.30
C ALA H 84 65.09 -38.09 -10.50
N GLY H 85 64.14 -37.27 -10.06
CA GLY H 85 64.41 -36.09 -9.21
C GLY H 85 64.42 -34.80 -10.02
N GLY H 86 64.45 -34.92 -11.36
CA GLY H 86 64.46 -33.78 -12.29
C GLY H 86 63.36 -33.91 -13.34
N TRP H 87 62.83 -32.78 -13.82
CA TRP H 87 61.78 -32.71 -14.87
C TRP H 87 62.35 -32.02 -16.11
N VAL H 88 62.62 -32.80 -17.17
CA VAL H 88 63.24 -32.32 -18.45
C VAL H 88 62.15 -31.76 -19.36
N PRO H 89 62.31 -30.50 -19.84
CA PRO H 89 61.33 -29.90 -20.76
C PRO H 89 61.22 -30.68 -22.07
N ASN H 90 60.00 -30.72 -22.64
CA ASN H 90 59.72 -31.38 -23.95
C ASN H 90 59.36 -30.28 -24.95
N ASP H 91 58.76 -30.65 -26.08
CA ASP H 91 58.38 -29.73 -27.19
C ASP H 91 57.20 -28.86 -26.76
N GLY H 92 56.37 -29.36 -25.86
CA GLY H 92 55.11 -28.71 -25.43
C GLY H 92 55.30 -27.73 -24.28
N ALA H 93 56.49 -27.70 -23.67
CA ALA H 93 56.82 -26.83 -22.51
C ALA H 93 56.49 -25.37 -22.84
N ILE H 94 56.82 -24.94 -24.06
CA ILE H 94 56.61 -23.55 -24.57
C ILE H 94 55.13 -23.16 -24.41
N ASN H 95 54.23 -24.13 -24.55
CA ASN H 95 52.75 -23.93 -24.51
C ASN H 95 52.36 -23.27 -23.18
N ILE H 96 53.02 -23.62 -22.08
CA ILE H 96 52.72 -23.09 -20.72
C ILE H 96 52.74 -21.56 -20.77
N PHE H 97 53.84 -21.01 -21.30
CA PHE H 97 54.08 -19.55 -21.43
C PHE H 97 53.09 -18.97 -22.44
N SER H 98 52.93 -19.64 -23.57
CA SER H 98 52.01 -19.25 -24.68
C SER H 98 50.59 -19.06 -24.13
N THR H 99 50.08 -20.04 -23.38
CA THR H 99 48.70 -20.05 -22.83
C THR H 99 48.44 -18.80 -21.98
N ARG H 100 49.42 -18.38 -21.16
CA ARG H 100 49.26 -17.21 -20.26
C ARG H 100 48.99 -15.96 -21.10
N TYR H 101 49.68 -15.81 -22.24
CA TYR H 101 49.50 -14.70 -23.19
C TYR H 101 48.03 -14.68 -23.64
N ILE H 102 47.51 -15.84 -24.06
CA ILE H 102 46.08 -16.00 -24.49
C ILE H 102 45.18 -15.41 -23.39
N GLU H 103 45.38 -15.86 -22.15
CA GLU H 103 44.65 -15.35 -20.96
C GLU H 103 44.68 -13.82 -20.97
N TRP H 104 45.89 -13.25 -20.95
CA TRP H 104 46.12 -11.78 -20.90
C TRP H 104 45.41 -11.09 -22.07
N THR H 105 45.52 -11.65 -23.28
CA THR H 105 44.93 -11.05 -24.51
C THR H 105 43.45 -10.72 -24.28
N VAL H 106 42.72 -11.63 -23.63
CA VAL H 106 41.25 -11.49 -23.38
C VAL H 106 41.01 -10.81 -22.03
N SER H 107 41.76 -11.22 -20.99
CA SER H 107 41.59 -10.74 -19.59
C SER H 107 41.83 -9.23 -19.48
N VAL H 108 42.99 -8.75 -19.95
CA VAL H 108 43.41 -7.33 -19.82
C VAL H 108 42.33 -6.43 -20.42
N PRO H 109 41.91 -6.64 -21.69
CA PRO H 109 40.91 -5.79 -22.33
C PRO H 109 39.64 -5.64 -21.48
N LEU H 110 39.14 -6.74 -20.92
CA LEU H 110 37.92 -6.78 -20.08
C LEU H 110 38.11 -5.88 -18.87
N LEU H 111 39.28 -5.92 -18.24
CA LEU H 111 39.64 -5.06 -17.08
C LEU H 111 39.38 -3.60 -17.45
N THR H 112 39.95 -3.16 -18.59
CA THR H 112 39.79 -1.79 -19.13
C THR H 112 38.31 -1.40 -19.07
N ILE H 113 37.45 -2.20 -19.71
CA ILE H 113 35.97 -1.99 -19.80
C ILE H 113 35.41 -1.85 -18.38
N GLU H 114 35.84 -2.71 -17.47
CA GLU H 114 35.37 -2.75 -16.06
C GLU H 114 35.61 -1.38 -15.41
N LEU H 115 36.83 -0.85 -15.51
CA LEU H 115 37.20 0.47 -14.92
C LEU H 115 36.38 1.56 -15.62
N LEU H 116 36.33 1.50 -16.96
CA LEU H 116 35.59 2.48 -17.79
C LEU H 116 34.10 2.45 -17.40
N ALA H 117 33.59 1.26 -17.09
CA ALA H 117 32.16 1.05 -16.73
C ALA H 117 31.82 1.80 -15.44
N VAL H 118 32.66 1.67 -14.40
CA VAL H 118 32.47 2.38 -13.10
C VAL H 118 32.67 3.88 -13.34
N CYS H 119 33.59 4.24 -14.25
CA CYS H 119 33.76 5.65 -14.66
C CYS H 119 32.48 6.12 -15.35
N ALA H 120 32.07 7.37 -15.15
CA ALA H 120 30.80 7.85 -15.74
C ALA H 120 30.87 7.67 -17.26
N THR H 121 32.01 8.02 -17.86
CA THR H 121 32.24 7.83 -19.32
C THR H 121 31.05 8.42 -20.07
N LEU H 122 30.61 9.62 -19.68
CA LEU H 122 29.43 10.28 -20.29
C LEU H 122 29.71 10.56 -21.76
N GLY H 123 28.73 10.30 -22.64
CA GLY H 123 28.83 10.59 -24.07
C GLY H 123 29.53 9.49 -24.87
N VAL H 124 29.62 9.68 -26.18
CA VAL H 124 30.26 8.72 -27.13
C VAL H 124 31.76 8.66 -26.86
N GLN H 125 32.33 9.75 -26.32
CA GLN H 125 33.78 9.84 -26.00
C GLN H 125 34.21 8.54 -25.32
N ALA H 126 33.38 8.02 -24.41
CA ALA H 126 33.61 6.75 -23.67
C ALA H 126 33.75 5.60 -24.65
N ARG H 127 32.89 5.53 -25.68
CA ARG H 127 32.91 4.42 -26.67
C ARG H 127 34.29 4.38 -27.35
N ARG H 128 34.78 5.54 -27.79
CA ARG H 128 36.12 5.65 -28.43
C ARG H 128 37.17 5.17 -27.43
N ASN H 129 37.06 5.63 -26.18
CA ASN H 129 38.01 5.28 -25.09
C ASN H 129 38.06 3.76 -24.93
N THR H 130 36.89 3.11 -24.87
CA THR H 130 36.81 1.63 -24.71
C THR H 130 37.58 0.97 -25.85
N ALA H 131 37.28 1.36 -27.09
CA ALA H 131 37.91 0.80 -28.31
C ALA H 131 39.43 0.97 -28.25
N ILE H 132 39.92 2.17 -27.88
CA ILE H 132 41.38 2.46 -27.83
C ILE H 132 42.01 1.53 -26.80
N ALA H 133 41.45 1.49 -25.58
CA ALA H 133 41.97 0.66 -24.47
C ALA H 133 42.00 -0.81 -24.88
N VAL H 134 40.88 -1.35 -25.38
CA VAL H 134 40.75 -2.79 -25.78
C VAL H 134 41.81 -3.10 -26.84
N THR H 135 41.85 -2.32 -27.92
CA THR H 135 42.79 -2.54 -29.05
C THR H 135 44.22 -2.40 -28.55
N ALA H 136 44.50 -1.36 -27.75
CA ALA H 136 45.83 -1.09 -27.17
C ALA H 136 46.28 -2.30 -26.34
N THR H 137 45.49 -2.65 -25.31
CA THR H 137 45.74 -3.79 -24.40
C THR H 137 45.90 -5.07 -25.21
N GLY H 138 44.97 -5.34 -26.14
CA GLY H 138 45.00 -6.52 -27.03
C GLY H 138 46.30 -6.60 -27.80
N ALA H 139 46.69 -5.51 -28.45
CA ALA H 139 47.92 -5.37 -29.25
C ALA H 139 49.13 -5.58 -28.34
N MET H 140 49.15 -4.88 -27.20
CA MET H 140 50.25 -4.97 -26.20
C MET H 140 50.63 -6.45 -26.01
N ILE H 141 49.67 -7.27 -25.59
CA ILE H 141 49.90 -8.72 -25.30
C ILE H 141 50.32 -9.44 -26.59
N PHE H 142 49.65 -9.17 -27.71
CA PHE H 142 49.95 -9.86 -28.99
C PHE H 142 51.39 -9.57 -29.39
N CYS H 143 51.82 -8.31 -29.28
CA CYS H 143 53.21 -7.92 -29.62
C CYS H 143 54.19 -8.73 -28.77
N GLY H 144 53.94 -8.83 -27.46
CA GLY H 144 54.75 -9.63 -26.53
C GLY H 144 54.79 -11.09 -26.95
N PHE H 145 53.63 -11.65 -27.28
CA PHE H 145 53.49 -13.07 -27.73
C PHE H 145 54.35 -13.27 -28.98
N LEU H 146 54.25 -12.36 -29.94
CA LEU H 146 55.00 -12.47 -31.22
C LEU H 146 56.50 -12.57 -30.93
N GLY H 147 57.02 -11.63 -30.14
CA GLY H 147 58.47 -11.54 -29.84
C GLY H 147 58.96 -12.70 -28.99
N ALA H 148 58.24 -13.01 -27.91
CA ALA H 148 58.66 -14.01 -26.91
C ALA H 148 58.50 -15.45 -27.45
N ILE H 149 57.41 -15.74 -28.18
CA ILE H 149 57.09 -17.15 -28.56
C ILE H 149 57.10 -17.33 -30.08
N VAL H 150 56.33 -16.52 -30.82
CA VAL H 150 56.09 -16.73 -32.28
C VAL H 150 57.39 -16.59 -33.08
N ILE H 151 58.17 -15.53 -32.88
CA ILE H 151 59.32 -15.20 -33.76
C ILE H 151 60.54 -16.04 -33.40
N ASP H 152 61.05 -16.81 -34.37
CA ASP H 152 62.29 -17.61 -34.22
C ASP H 152 62.17 -18.49 -32.97
N ASN H 153 60.94 -18.91 -32.64
CA ASN H 153 60.68 -19.77 -31.45
C ASN H 153 61.21 -19.06 -30.21
N GLY H 154 61.17 -17.72 -30.21
CA GLY H 154 61.58 -16.87 -29.08
C GLY H 154 63.08 -16.86 -28.88
N THR H 155 63.86 -17.25 -29.89
CA THR H 155 65.34 -17.33 -29.77
C THR H 155 66.04 -16.07 -30.33
N ASN H 156 65.29 -15.12 -30.89
CA ASN H 156 65.88 -13.89 -31.48
C ASN H 156 65.87 -12.76 -30.45
N THR H 157 67.06 -12.31 -30.01
CA THR H 157 67.17 -11.26 -28.96
C THR H 157 66.61 -9.92 -29.48
N GLY H 158 66.90 -9.55 -30.73
CA GLY H 158 66.46 -8.27 -31.30
C GLY H 158 64.94 -8.13 -31.25
N ALA H 159 64.21 -9.14 -31.75
CA ALA H 159 62.73 -9.15 -31.76
C ALA H 159 62.21 -9.14 -30.33
N PHE H 160 62.77 -10.02 -29.48
CA PHE H 160 62.40 -10.14 -28.04
C PHE H 160 62.34 -8.75 -27.43
N ILE H 161 63.20 -7.84 -27.91
CA ILE H 161 63.32 -6.45 -27.39
C ILE H 161 62.47 -5.50 -28.27
N LEU H 162 62.68 -5.50 -29.59
CA LEU H 162 61.96 -4.60 -30.53
C LEU H 162 60.46 -4.60 -30.20
N TRP H 163 59.83 -5.78 -30.29
CA TRP H 163 58.37 -5.97 -30.09
C TRP H 163 57.98 -5.58 -28.66
N ALA H 164 58.84 -5.83 -27.68
CA ALA H 164 58.63 -5.43 -26.27
C ALA H 164 58.46 -3.91 -26.20
N VAL H 165 59.31 -3.18 -26.93
CA VAL H 165 59.29 -1.69 -27.03
C VAL H 165 57.96 -1.27 -27.66
N ILE H 166 57.60 -1.89 -28.79
CA ILE H 166 56.33 -1.62 -29.51
C ILE H 166 55.18 -1.80 -28.52
N SER H 167 55.18 -2.91 -27.77
CA SER H 167 54.18 -3.23 -26.73
C SER H 167 54.10 -2.09 -25.71
N CYS H 168 55.25 -1.68 -25.15
CA CYS H 168 55.35 -0.58 -24.16
C CYS H 168 54.62 0.66 -24.69
N VAL H 169 54.76 0.94 -25.99
CA VAL H 169 54.09 2.07 -26.67
C VAL H 169 52.58 1.96 -26.41
N PHE H 170 52.01 0.78 -26.71
CA PHE H 170 50.57 0.46 -26.52
C PHE H 170 50.22 0.59 -25.02
N TRP H 171 51.08 0.08 -24.14
CA TRP H 171 50.89 0.12 -22.67
C TRP H 171 50.70 1.57 -22.23
N VAL H 172 51.51 2.49 -22.76
CA VAL H 172 51.46 3.94 -22.45
C VAL H 172 50.12 4.50 -22.94
N ILE H 173 49.72 4.16 -24.17
CA ILE H 173 48.44 4.61 -24.79
C ILE H 173 47.28 4.22 -23.88
N ALA H 174 47.24 2.95 -23.47
CA ALA H 174 46.20 2.37 -22.59
C ALA H 174 46.14 3.16 -21.27
N ASN H 175 47.25 3.20 -20.53
CA ASN H 175 47.37 3.90 -19.21
C ASN H 175 46.88 5.34 -19.33
N VAL H 176 47.29 6.05 -20.39
CA VAL H 176 46.95 7.48 -20.63
C VAL H 176 45.42 7.62 -20.72
N VAL H 177 44.79 6.90 -21.66
CA VAL H 177 43.31 6.96 -21.91
C VAL H 177 42.58 6.68 -20.60
N LEU H 178 42.92 5.59 -19.91
CA LEU H 178 42.29 5.18 -18.61
C LEU H 178 42.48 6.30 -17.58
N ILE H 179 43.73 6.74 -17.36
CA ILE H 179 44.07 7.82 -16.38
C ILE H 179 43.23 9.07 -16.69
N ARG H 180 43.16 9.45 -17.99
CA ARG H 180 42.36 10.62 -18.45
C ARG H 180 40.89 10.41 -18.05
N ALA H 181 40.33 9.25 -18.38
CA ALA H 181 38.92 8.86 -18.12
C ALA H 181 38.62 8.97 -16.62
N VAL H 182 39.52 8.43 -15.79
CA VAL H 182 39.40 8.48 -14.29
C VAL H 182 39.44 9.93 -13.85
N ARG H 183 40.42 10.70 -14.34
CA ARG H 183 40.60 12.14 -14.01
C ARG H 183 39.37 12.96 -14.42
N GLN H 184 38.82 12.70 -15.61
CA GLN H 184 37.64 13.42 -16.17
C GLN H 184 36.39 13.10 -15.33
N SER H 185 36.27 11.86 -14.87
CA SER H 185 35.07 11.37 -14.12
C SER H 185 35.15 11.74 -12.64
N LEU H 186 36.36 11.81 -12.05
CA LEU H 186 36.56 12.05 -10.60
C LEU H 186 35.82 13.30 -10.13
N PRO H 187 35.88 14.44 -10.86
CA PRO H 187 35.18 15.66 -10.46
C PRO H 187 33.65 15.53 -10.38
N THR H 188 33.05 14.73 -11.26
CA THR H 188 31.57 14.51 -11.35
C THR H 188 31.10 13.65 -10.17
N LEU H 189 31.91 12.66 -9.78
CA LEU H 189 31.62 11.72 -8.66
C LEU H 189 31.62 12.49 -7.34
N THR H 190 30.99 11.93 -6.31
CA THR H 190 30.99 12.48 -4.93
C THR H 190 32.38 12.28 -4.33
N PRO H 191 32.72 12.96 -3.22
CA PRO H 191 34.03 12.76 -2.58
C PRO H 191 34.29 11.29 -2.25
N GLU H 192 33.33 10.63 -1.61
CA GLU H 192 33.40 9.20 -1.24
C GLU H 192 33.67 8.34 -2.48
N SER H 193 32.92 8.59 -3.57
CA SER H 193 33.08 7.89 -4.88
C SER H 193 34.45 8.21 -5.48
N HIS H 194 34.81 9.50 -5.52
CA HIS H 194 36.11 10.02 -6.03
C HIS H 194 37.25 9.19 -5.46
N THR H 195 37.32 9.04 -4.14
CA THR H 195 38.40 8.27 -3.43
C THR H 195 38.46 6.84 -3.98
N MET H 196 37.33 6.14 -4.02
CA MET H 196 37.24 4.73 -4.47
C MET H 196 37.77 4.57 -5.89
N LEU H 197 37.23 5.35 -6.85
CA LEU H 197 37.61 5.26 -8.28
C LEU H 197 39.13 5.41 -8.41
N LYS H 198 39.67 6.52 -7.88
CA LYS H 198 41.13 6.81 -7.89
C LYS H 198 41.87 5.58 -7.36
N SER H 199 41.48 5.07 -6.18
CA SER H 199 42.07 3.86 -5.55
C SER H 199 42.07 2.71 -6.55
N ALA H 200 40.91 2.40 -7.14
CA ALA H 200 40.72 1.32 -8.13
C ALA H 200 41.66 1.54 -9.32
N ALA H 201 41.62 2.73 -9.92
CA ALA H 201 42.44 3.12 -11.09
C ALA H 201 43.93 2.87 -10.78
N ILE H 202 44.42 3.44 -9.67
CA ILE H 202 45.84 3.35 -9.23
C ILE H 202 46.21 1.87 -9.01
N VAL H 203 45.39 1.15 -8.23
CA VAL H 203 45.63 -0.28 -7.86
C VAL H 203 45.68 -1.12 -9.14
N LEU H 204 44.72 -0.92 -10.05
CA LEU H 204 44.56 -1.74 -11.29
C LEU H 204 45.76 -1.54 -12.23
N LEU H 205 46.25 -0.31 -12.38
CA LEU H 205 47.33 0.06 -13.35
C LEU H 205 48.73 -0.25 -12.79
N ALA H 206 48.98 0.04 -11.51
CA ALA H 206 50.30 -0.07 -10.85
C ALA H 206 50.94 -1.44 -11.12
N GLY H 207 50.26 -2.52 -10.71
CA GLY H 207 50.74 -3.92 -10.82
C GLY H 207 51.31 -4.25 -12.20
N TRP H 208 50.72 -3.69 -13.26
CA TRP H 208 51.06 -3.96 -14.68
C TRP H 208 52.59 -4.03 -14.88
N VAL H 209 53.36 -3.20 -14.17
CA VAL H 209 54.84 -3.09 -14.33
C VAL H 209 55.50 -4.46 -14.17
N VAL H 210 55.01 -5.27 -13.22
CA VAL H 210 55.57 -6.62 -12.88
C VAL H 210 55.72 -7.45 -14.16
N TYR H 211 54.69 -7.49 -15.00
CA TYR H 211 54.62 -8.32 -16.24
C TYR H 211 55.81 -8.00 -17.15
N PRO H 212 56.00 -6.72 -17.55
CA PRO H 212 57.15 -6.36 -18.41
C PRO H 212 58.49 -6.77 -17.78
N ILE H 213 58.64 -6.57 -16.47
CA ILE H 213 59.87 -6.88 -15.69
C ILE H 213 60.20 -8.37 -15.86
N VAL H 214 59.21 -9.23 -15.62
CA VAL H 214 59.34 -10.72 -15.68
C VAL H 214 59.70 -11.14 -17.11
N TYR H 215 59.15 -10.42 -18.10
CA TYR H 215 59.33 -10.67 -19.56
C TYR H 215 60.82 -10.65 -19.92
N PHE H 216 61.56 -9.66 -19.40
CA PHE H 216 62.99 -9.40 -19.74
C PHE H 216 63.96 -10.22 -18.88
N LEU H 217 63.46 -10.99 -17.91
CA LEU H 217 64.29 -11.78 -16.97
C LEU H 217 65.11 -12.83 -17.74
N PRO H 218 64.47 -13.58 -18.69
CA PRO H 218 65.18 -14.61 -19.44
C PRO H 218 66.50 -14.14 -20.07
N LEU H 219 66.61 -12.85 -20.41
CA LEU H 219 67.81 -12.24 -21.05
C LEU H 219 69.03 -12.42 -20.14
N PHE H 220 68.83 -12.36 -18.82
CA PHE H 220 69.91 -12.44 -17.79
C PHE H 220 70.36 -13.89 -17.61
N GLY H 221 69.88 -14.80 -18.45
CA GLY H 221 70.23 -16.23 -18.40
C GLY H 221 69.01 -17.11 -18.25
N ALA H 222 69.23 -18.44 -18.18
CA ALA H 222 68.19 -19.47 -18.03
C ALA H 222 68.62 -20.43 -16.91
N SER H 223 67.66 -20.86 -16.09
CA SER H 223 67.90 -21.80 -14.96
C SER H 223 66.55 -22.26 -14.38
N GLY H 224 66.55 -23.45 -13.78
CA GLY H 224 65.36 -24.06 -13.15
C GLY H 224 64.74 -23.11 -12.14
N GLY H 225 65.59 -22.44 -11.36
CA GLY H 225 65.18 -21.45 -10.34
C GLY H 225 64.51 -20.24 -10.96
N LEU H 226 65.16 -19.65 -11.97
CA LEU H 226 64.65 -18.47 -12.71
C LEU H 226 63.29 -18.82 -13.31
N THR H 227 63.23 -19.87 -14.14
CA THR H 227 62.00 -20.37 -14.79
C THR H 227 60.89 -20.44 -13.73
N THR H 228 61.18 -21.04 -12.58
CA THR H 228 60.24 -21.17 -11.43
C THR H 228 59.77 -19.78 -10.99
N THR H 229 60.71 -18.87 -10.75
CA THR H 229 60.43 -17.46 -10.32
C THR H 229 59.47 -16.81 -11.32
N ILE H 230 59.80 -16.87 -12.61
CA ILE H 230 59.00 -16.30 -13.73
C ILE H 230 57.55 -16.76 -13.59
N LEU H 231 57.32 -18.08 -13.61
CA LEU H 231 55.98 -18.71 -13.59
C LEU H 231 55.22 -18.30 -12.33
N ILE H 232 55.78 -18.59 -11.15
CA ILE H 232 55.13 -18.31 -9.82
C ILE H 232 54.78 -16.82 -9.73
N THR H 233 55.77 -15.95 -9.94
CA THR H 233 55.59 -14.47 -9.84
C THR H 233 54.38 -14.04 -10.68
N LEU H 234 54.37 -14.43 -11.95
CA LEU H 234 53.26 -14.12 -12.91
C LEU H 234 51.94 -14.63 -12.33
N THR H 235 51.90 -15.87 -11.85
CA THR H 235 50.70 -16.50 -11.24
C THR H 235 50.21 -15.65 -10.07
N VAL H 236 51.09 -15.38 -9.10
CA VAL H 236 50.79 -14.55 -7.89
C VAL H 236 50.23 -13.20 -8.35
N ALA H 237 50.89 -12.59 -9.35
CA ALA H 237 50.51 -11.29 -9.95
C ALA H 237 49.09 -11.37 -10.51
N ASP H 238 48.82 -12.38 -11.34
CA ASP H 238 47.50 -12.62 -11.98
C ASP H 238 46.41 -12.69 -10.90
N VAL H 239 46.63 -13.50 -9.86
CA VAL H 239 45.65 -13.72 -8.76
C VAL H 239 45.45 -12.41 -7.99
N ILE H 240 46.54 -11.79 -7.53
CA ILE H 240 46.52 -10.53 -6.73
C ILE H 240 45.72 -9.47 -7.48
N VAL H 241 46.02 -9.25 -8.75
CA VAL H 241 45.38 -8.21 -9.61
C VAL H 241 43.95 -8.61 -9.94
N LYS H 242 43.81 -9.73 -10.66
CA LYS H 242 42.53 -10.17 -11.18
C LYS H 242 41.54 -10.48 -10.05
N LEU H 243 42.04 -10.64 -8.82
CA LEU H 243 41.16 -10.98 -7.70
C LEU H 243 41.03 -9.79 -6.74
N GLY H 244 42.06 -9.50 -5.95
CA GLY H 244 42.05 -8.41 -4.95
C GLY H 244 41.54 -7.10 -5.53
N PHE H 245 41.96 -6.79 -6.77
CA PHE H 245 41.66 -5.54 -7.51
C PHE H 245 40.23 -5.59 -8.06
N SER H 246 39.70 -6.80 -8.30
CA SER H 246 38.32 -7.04 -8.81
C SER H 246 37.30 -6.38 -7.88
N THR H 247 37.47 -6.54 -6.57
CA THR H 247 36.56 -6.00 -5.52
C THR H 247 36.47 -4.48 -5.65
N GLN H 248 37.61 -3.80 -5.83
CA GLN H 248 37.70 -2.32 -5.90
C GLN H 248 36.65 -1.77 -6.87
N THR H 249 36.66 -2.25 -8.12
CA THR H 249 35.71 -1.81 -9.18
C THR H 249 34.27 -2.04 -8.73
N HIS H 250 33.97 -3.24 -8.24
CA HIS H 250 32.62 -3.66 -7.77
C HIS H 250 32.12 -2.67 -6.71
N ARG H 251 32.94 -2.39 -5.68
CA ARG H 251 32.60 -1.45 -4.58
C ARG H 251 32.13 -0.11 -5.15
N VAL H 252 32.90 0.49 -6.06
CA VAL H 252 32.58 1.80 -6.72
C VAL H 252 31.15 1.71 -7.25
N ALA H 253 30.87 0.68 -8.05
CA ALA H 253 29.56 0.40 -8.68
C ALA H 253 28.45 0.40 -7.61
N LYS H 254 28.66 -0.35 -6.53
CA LYS H 254 27.68 -0.50 -5.41
C LYS H 254 27.39 0.88 -4.80
N LEU H 255 28.42 1.62 -4.41
CA LEU H 255 28.28 2.97 -3.80
C LEU H 255 27.52 3.88 -4.77
N ARG H 256 27.99 3.94 -6.02
CA ARG H 256 27.38 4.77 -7.10
C ARG H 256 25.89 4.40 -7.24
N THR H 257 25.56 3.12 -7.02
CA THR H 257 24.18 2.59 -7.06
C THR H 257 23.40 3.14 -5.87
N ALA H 258 23.94 2.99 -4.66
CA ALA H 258 23.36 3.47 -3.38
C ALA H 258 23.13 4.98 -3.47
N GLU H 259 24.12 5.73 -3.98
CA GLU H 259 24.05 7.21 -4.15
C GLU H 259 22.84 7.55 -5.02
N ASP H 260 22.70 6.87 -6.17
CA ASP H 260 21.57 7.07 -7.13
C ASP H 260 20.25 6.79 -6.40
N VAL H 261 20.24 5.84 -5.47
CA VAL H 261 19.04 5.47 -4.65
C VAL H 261 18.75 6.61 -3.67
N ARG H 262 19.73 6.97 -2.84
CA ARG H 262 19.60 8.05 -1.83
C ARG H 262 19.19 9.35 -2.52
N ALA H 263 19.87 9.70 -3.62
CA ALA H 263 19.64 10.92 -4.42
C ALA H 263 18.23 10.92 -5.00
N GLY H 264 17.59 9.74 -5.07
CA GLY H 264 16.22 9.58 -5.60
C GLY H 264 16.22 9.46 -7.12
N ASP H 265 17.40 9.26 -7.71
CA ASP H 265 17.56 9.08 -9.18
C ASP H 265 16.93 7.76 -9.61
N ASP H 266 17.08 6.68 -8.82
CA ASP H 266 16.53 5.35 -9.16
C ASP H 266 16.24 4.57 -7.88
N VAL H 267 15.58 3.40 -7.99
CA VAL H 267 15.21 2.52 -6.84
C VAL H 267 15.89 1.15 -7.01
N HIS H 268 16.29 0.52 -5.91
CA HIS H 268 16.95 -0.81 -5.91
C HIS H 268 16.11 -1.76 -5.06
N PRO H 269 15.95 -3.04 -5.48
CA PRO H 269 15.13 -4.01 -4.75
C PRO H 269 15.59 -4.30 -3.32
N GLU H 270 16.91 -4.36 -3.09
CA GLU H 270 17.47 -4.80 -1.79
C GLU H 270 18.39 -3.73 -1.20
N SER H 271 18.63 -3.80 0.11
CA SER H 271 19.56 -2.89 0.83
C SER H 271 20.99 -3.19 0.37
N ILE H 272 21.80 -2.14 0.18
CA ILE H 272 23.23 -2.28 -0.23
C ILE H 272 24.09 -2.03 1.00
N TRP H 273 24.92 -3.00 1.37
CA TRP H 273 25.83 -2.91 2.55
C TRP H 273 27.28 -3.01 2.07
N ILE H 274 28.13 -2.09 2.54
CA ILE H 274 29.59 -2.12 2.24
C ILE H 274 30.35 -2.09 3.56
N SER H 275 31.17 -3.11 3.81
CA SER H 275 31.98 -3.23 5.04
C SER H 275 31.07 -3.18 6.28
N SER H 276 29.89 -3.79 6.18
CA SER H 276 28.94 -3.89 7.32
C SER H 276 28.34 -2.53 7.66
N VAL H 277 28.40 -1.58 6.73
CA VAL H 277 27.76 -0.24 6.90
C VAL H 277 26.70 -0.09 5.81
N LYS H 278 25.46 0.17 6.19
CA LYS H 278 24.34 0.30 5.22
C LYS H 278 24.58 1.55 4.36
N GLN H 279 24.51 1.38 3.04
CA GLN H 279 24.72 2.50 2.06
C GLN H 279 23.37 2.83 1.41
N SER H 280 22.43 1.88 1.39
CA SER H 280 21.14 2.05 0.69
C SER H 280 20.01 1.33 1.43
N ASP H 281 18.78 1.82 1.25
CA ASP H 281 17.57 1.18 1.81
C ASP H 281 16.81 0.51 0.67
N ALA H 282 16.22 -0.65 0.92
CA ALA H 282 15.46 -1.41 -0.10
C ALA H 282 14.26 -0.58 -0.56
N GLY H 283 14.00 -0.58 -1.87
CA GLY H 283 12.86 0.14 -2.46
C GLY H 283 12.29 -0.61 -3.65
N LEU H 284 11.00 -0.42 -3.91
CA LEU H 284 10.30 -1.06 -5.07
C LEU H 284 9.77 0.04 -5.98
N PRO H 285 9.80 -0.17 -7.31
CA PRO H 285 9.29 0.81 -8.26
C PRO H 285 7.77 1.00 -8.07
N ARG H 286 7.27 2.21 -8.29
CA ARG H 286 5.83 2.57 -8.14
C ARG H 286 5.02 1.82 -9.19
N GLU H 287 3.91 1.19 -8.78
CA GLU H 287 2.97 0.48 -9.68
C GLU H 287 2.43 1.50 -10.69
N VAL H 288 2.37 1.15 -11.98
CA VAL H 288 1.92 2.05 -13.08
C VAL H 288 0.71 1.42 -13.77
N TYR H 289 -0.33 2.22 -14.01
CA TYR H 289 -1.59 1.82 -14.67
C TYR H 289 -1.53 2.19 -16.15
N LEU H 290 -1.44 1.18 -17.02
CA LEU H 290 -1.39 1.35 -18.49
C LEU H 290 -2.83 1.59 -19.00
N ALA H 291 -3.00 2.46 -19.99
CA ALA H 291 -4.31 2.80 -20.60
C ALA H 291 -4.74 1.69 -21.56
N ASN I 5 31.59 -70.32 -1.60
CA ASN I 5 30.14 -70.33 -1.94
C ASN I 5 29.77 -69.01 -2.62
N VAL I 6 30.57 -67.95 -2.38
CA VAL I 6 30.39 -66.60 -3.03
C VAL I 6 31.03 -66.65 -4.42
N SER I 7 30.25 -66.35 -5.47
CA SER I 7 30.69 -66.32 -6.88
C SER I 7 30.61 -64.87 -7.38
N VAL I 8 31.68 -64.10 -7.17
CA VAL I 8 31.79 -62.65 -7.52
C VAL I 8 31.24 -62.46 -8.94
N PRO I 9 30.32 -61.48 -9.13
CA PRO I 9 29.70 -61.25 -10.44
C PRO I 9 30.66 -60.68 -11.49
N TRP I 10 31.69 -59.97 -11.06
CA TRP I 10 32.70 -59.31 -11.95
C TRP I 10 33.68 -60.34 -12.50
N GLY I 11 33.46 -61.63 -12.22
CA GLY I 11 34.31 -62.74 -12.70
C GLY I 11 33.71 -63.40 -13.93
N ALA I 12 32.38 -63.28 -14.09
CA ALA I 12 31.60 -63.87 -15.20
C ALA I 12 31.84 -63.07 -16.49
N THR I 13 32.02 -63.79 -17.60
CA THR I 13 32.21 -63.21 -18.97
C THR I 13 30.83 -62.88 -19.55
N LEU I 14 30.72 -61.76 -20.28
CA LEU I 14 29.44 -61.25 -20.84
C LEU I 14 29.41 -61.38 -22.36
N SER I 15 28.24 -61.71 -22.91
CA SER I 15 27.99 -61.80 -24.38
C SER I 15 27.89 -60.37 -24.94
N ASN I 16 28.07 -60.21 -26.26
CA ASN I 16 27.98 -58.90 -26.94
C ASN I 16 26.59 -58.30 -26.69
N ALA I 17 25.54 -59.13 -26.76
CA ALA I 17 24.14 -58.75 -26.49
C ALA I 17 24.02 -58.22 -25.06
N GLU I 18 24.49 -59.00 -24.09
CA GLU I 18 24.46 -58.66 -22.64
C GLU I 18 25.17 -57.32 -22.42
N HIS I 19 26.40 -57.20 -22.95
CA HIS I 19 27.27 -55.99 -22.85
C HIS I 19 26.49 -54.76 -23.33
N GLN I 20 25.74 -54.90 -24.44
CA GLN I 20 24.96 -53.82 -25.07
C GLN I 20 23.81 -53.41 -24.14
N LEU I 21 23.04 -54.39 -23.66
CA LEU I 21 21.87 -54.18 -22.75
C LEU I 21 22.31 -53.36 -21.54
N ILE I 22 23.34 -53.82 -20.82
CA ILE I 22 23.87 -53.16 -19.59
C ILE I 22 24.15 -51.68 -19.91
N PHE I 23 24.90 -51.43 -20.98
CA PHE I 23 25.28 -50.07 -21.44
C PHE I 23 24.00 -49.24 -21.67
N TYR I 24 23.05 -49.80 -22.43
CA TYR I 24 21.75 -49.17 -22.78
C TYR I 24 21.08 -48.62 -21.51
N PHE I 25 20.80 -49.49 -20.54
CA PHE I 25 20.10 -49.17 -19.26
C PHE I 25 20.90 -48.15 -18.46
N LEU I 26 22.21 -48.35 -18.31
CA LEU I 26 23.12 -47.44 -17.54
C LEU I 26 22.97 -46.00 -18.07
N VAL I 27 23.21 -45.81 -19.37
CA VAL I 27 23.15 -44.47 -20.04
C VAL I 27 21.73 -43.91 -19.91
N VAL I 28 20.73 -44.68 -20.33
CA VAL I 28 19.28 -44.30 -20.25
C VAL I 28 19.02 -43.73 -18.84
N ALA I 29 19.45 -44.46 -17.81
CA ALA I 29 19.32 -44.08 -16.39
C ALA I 29 19.94 -42.68 -16.17
N ALA I 30 21.22 -42.53 -16.51
CA ALA I 30 21.99 -41.27 -16.40
C ALA I 30 21.21 -40.12 -17.04
N LEU I 31 20.76 -40.32 -18.28
CA LEU I 31 19.97 -39.32 -19.06
C LEU I 31 18.65 -39.02 -18.34
N ALA I 32 17.98 -40.07 -17.84
CA ALA I 32 16.70 -39.97 -17.10
C ALA I 32 16.90 -39.04 -15.89
N PHE I 33 18.06 -39.14 -15.23
CA PHE I 33 18.43 -38.32 -14.04
C PHE I 33 18.63 -36.86 -14.49
N VAL I 34 19.30 -36.66 -15.63
CA VAL I 34 19.55 -35.31 -16.22
C VAL I 34 18.18 -34.63 -16.41
N ALA I 35 17.24 -35.34 -17.04
CA ALA I 35 15.85 -34.90 -17.29
C ALA I 35 15.18 -34.57 -15.94
N GLY I 36 15.35 -35.46 -14.96
CA GLY I 36 14.80 -35.29 -13.60
C GLY I 36 15.39 -34.07 -12.91
N PHE I 37 16.73 -33.97 -12.93
CA PHE I 37 17.50 -32.85 -12.32
C PHE I 37 16.99 -31.53 -12.87
N ILE I 38 16.87 -31.44 -14.20
CA ILE I 38 16.39 -30.22 -14.92
C ILE I 38 14.98 -29.88 -14.43
N ARG I 39 14.07 -30.86 -14.42
CA ARG I 39 12.66 -30.67 -13.97
C ARG I 39 12.65 -30.14 -12.54
N THR I 40 13.33 -30.84 -11.62
CA THR I 40 13.41 -30.50 -10.18
C THR I 40 13.84 -29.04 -10.00
N TYR I 41 14.88 -28.63 -10.72
CA TYR I 41 15.47 -27.26 -10.66
C TYR I 41 14.43 -26.22 -11.10
N ILE I 42 13.82 -26.42 -12.27
CA ILE I 42 12.81 -25.49 -12.86
C ILE I 42 11.59 -25.40 -11.92
N THR I 43 11.18 -26.54 -11.34
CA THR I 43 10.02 -26.62 -10.40
C THR I 43 10.54 -26.59 -8.96
N ARG I 44 11.36 -25.60 -8.61
CA ARG I 44 11.97 -25.46 -7.26
C ARG I 44 11.21 -24.39 -6.47
N ASN I 45 10.71 -23.36 -7.14
CA ASN I 45 10.01 -22.20 -6.53
C ASN I 45 8.51 -22.48 -6.42
N GLU I 46 8.09 -23.69 -6.75
CA GLU I 46 6.67 -24.14 -6.63
C GLU I 46 6.41 -24.53 -5.17
N VAL I 47 7.47 -24.53 -4.35
CA VAL I 47 7.43 -24.91 -2.91
C VAL I 47 7.82 -23.69 -2.05
N GLY I 48 7.29 -23.62 -0.84
CA GLY I 48 7.56 -22.54 0.14
C GLY I 48 8.93 -22.69 0.79
N SER I 49 9.32 -21.69 1.59
CA SER I 49 10.64 -21.63 2.29
C SER I 49 10.72 -22.74 3.33
N ARG I 50 9.60 -23.00 4.01
CA ARG I 50 9.49 -23.96 5.15
C ARG I 50 9.92 -25.37 4.72
N TYR I 51 9.57 -25.80 3.50
CA TYR I 51 9.81 -27.17 2.99
C TYR I 51 10.89 -27.18 1.90
N ARG I 52 11.72 -26.14 1.82
CA ARG I 52 12.75 -25.99 0.77
C ARG I 52 13.81 -27.10 0.89
N THR I 53 14.05 -27.59 2.12
CA THR I 53 15.07 -28.65 2.38
C THR I 53 14.73 -29.88 1.52
N ALA I 54 13.45 -30.16 1.32
CA ALA I 54 12.95 -31.28 0.50
C ALA I 54 13.46 -31.15 -0.94
N VAL I 55 13.33 -29.94 -1.51
CA VAL I 55 13.77 -29.61 -2.90
C VAL I 55 15.29 -29.77 -2.98
N SER I 56 16.02 -29.12 -2.07
CA SER I 56 17.50 -29.16 -1.99
C SER I 56 18.01 -30.62 -1.97
N ALA I 57 17.39 -31.47 -1.15
CA ALA I 57 17.76 -32.89 -0.97
C ALA I 57 17.58 -33.65 -2.29
N ARG I 58 16.40 -33.55 -2.90
CA ARG I 58 16.08 -34.31 -4.15
C ARG I 58 17.05 -33.87 -5.26
N LEU I 59 17.18 -32.56 -5.49
CA LEU I 59 18.08 -32.01 -6.54
C LEU I 59 19.50 -32.56 -6.31
N GLY I 60 19.93 -32.59 -5.05
CA GLY I 60 21.25 -33.14 -4.64
C GLY I 60 21.36 -34.61 -5.02
N MET I 61 20.37 -35.42 -4.60
CA MET I 61 20.29 -36.88 -4.89
C MET I 61 20.44 -37.09 -6.41
N LEU I 62 19.61 -36.41 -7.21
CA LEU I 62 19.60 -36.50 -8.69
C LEU I 62 20.99 -36.13 -9.23
N GLY I 63 21.55 -35.02 -8.77
CA GLY I 63 22.90 -34.55 -9.17
C GLY I 63 23.94 -35.62 -8.92
N VAL I 64 23.95 -36.18 -7.69
CA VAL I 64 24.88 -37.26 -7.26
C VAL I 64 24.71 -38.46 -8.19
N ALA I 65 23.46 -38.90 -8.40
CA ALA I 65 23.09 -40.06 -9.25
C ALA I 65 23.68 -39.87 -10.66
N LEU I 66 23.43 -38.72 -11.28
CA LEU I 66 23.91 -38.37 -12.65
C LEU I 66 25.41 -38.63 -12.73
N LEU I 67 26.19 -37.91 -11.91
CA LEU I 67 27.68 -38.00 -11.87
C LEU I 67 28.11 -39.44 -11.55
N ALA I 68 27.48 -40.07 -10.56
CA ALA I 68 27.77 -41.45 -10.13
C ALA I 68 27.64 -42.40 -11.32
N TYR I 69 26.48 -42.37 -12.00
CA TYR I 69 26.17 -43.24 -13.17
C TYR I 69 27.16 -42.97 -14.30
N ILE I 70 27.71 -41.76 -14.39
CA ILE I 70 28.76 -41.41 -15.38
C ILE I 70 30.00 -42.25 -15.06
N LEU I 71 30.39 -42.29 -13.78
CA LEU I 71 31.54 -43.09 -13.28
C LEU I 71 31.26 -44.58 -13.57
N ILE I 72 30.07 -45.06 -13.21
CA ILE I 72 29.63 -46.47 -13.41
C ILE I 72 29.81 -46.81 -14.90
N ILE I 73 29.33 -45.95 -15.79
CA ILE I 73 29.42 -46.12 -17.27
C ILE I 73 30.90 -46.23 -17.66
N VAL I 74 31.73 -45.30 -17.21
CA VAL I 74 33.21 -45.27 -17.48
C VAL I 74 33.81 -46.61 -17.05
N ALA I 75 33.60 -47.00 -15.79
CA ALA I 75 34.10 -48.26 -15.19
C ALA I 75 33.70 -49.44 -16.08
N PHE I 76 32.44 -49.46 -16.53
CA PHE I 76 31.86 -50.52 -17.40
C PHE I 76 32.65 -50.61 -18.70
N LEU I 77 33.03 -49.45 -19.26
CA LEU I 77 33.76 -49.34 -20.55
C LEU I 77 35.22 -49.79 -20.37
N LEU I 78 35.81 -49.54 -19.19
CA LEU I 78 37.22 -49.88 -18.88
C LEU I 78 37.31 -51.18 -18.09
N GLY I 79 36.16 -51.77 -17.71
CA GLY I 79 36.10 -52.98 -16.86
C GLY I 79 36.10 -54.27 -17.65
N TYR I 80 35.72 -54.22 -18.94
CA TYR I 80 35.63 -55.41 -19.82
C TYR I 80 36.45 -55.20 -21.09
N ASP I 81 36.96 -56.30 -21.64
CA ASP I 81 37.76 -56.36 -22.89
C ASP I 81 37.06 -57.32 -23.86
N SER I 82 36.94 -56.93 -25.14
CA SER I 82 36.27 -57.72 -26.20
C SER I 82 37.21 -58.81 -26.71
N THR I 83 36.74 -60.05 -26.75
CA THR I 83 37.52 -61.25 -27.20
C THR I 83 36.67 -62.06 -28.18
N ALA I 84 37.10 -63.30 -28.46
CA ALA I 84 36.40 -64.25 -29.34
C ALA I 84 35.23 -64.89 -28.57
N GLY I 85 35.32 -64.92 -27.24
CA GLY I 85 34.32 -65.54 -26.35
C GLY I 85 33.34 -64.53 -25.78
N GLY I 86 33.44 -63.26 -26.20
CA GLY I 86 32.57 -62.16 -25.74
C GLY I 86 33.36 -61.04 -25.10
N TRP I 87 32.92 -60.59 -23.92
CA TRP I 87 33.59 -59.52 -23.12
C TRP I 87 34.14 -60.11 -21.82
N VAL I 88 35.47 -60.28 -21.75
CA VAL I 88 36.18 -60.90 -20.59
C VAL I 88 36.45 -59.84 -19.53
N PRO I 89 36.03 -60.07 -18.27
CA PRO I 89 36.28 -59.12 -17.18
C PRO I 89 37.78 -58.91 -16.94
N ASN I 90 38.17 -57.68 -16.57
CA ASN I 90 39.57 -57.33 -16.25
C ASN I 90 39.64 -57.02 -14.74
N ASP I 91 40.72 -56.36 -14.31
CA ASP I 91 40.97 -56.04 -12.87
C ASP I 91 40.03 -54.93 -12.41
N GLY I 92 39.58 -54.08 -13.33
CA GLY I 92 38.75 -52.89 -13.05
C GLY I 92 37.26 -53.19 -13.02
N ALA I 93 36.85 -54.40 -13.45
CA ALA I 93 35.43 -54.83 -13.52
C ALA I 93 34.75 -54.61 -12.17
N ILE I 94 35.43 -54.95 -11.07
CA ILE I 94 34.92 -54.84 -9.67
C ILE I 94 34.47 -53.40 -9.41
N ASN I 95 35.15 -52.42 -10.02
CA ASN I 95 34.88 -50.98 -9.83
C ASN I 95 33.42 -50.65 -10.15
N ILE I 96 32.84 -51.31 -11.17
CA ILE I 96 31.44 -51.07 -11.63
C ILE I 96 30.49 -51.23 -10.42
N PHE I 97 30.62 -52.34 -9.71
CA PHE I 97 29.81 -52.69 -8.52
C PHE I 97 30.15 -51.73 -7.38
N SER I 98 31.44 -51.49 -7.16
CA SER I 98 31.98 -50.57 -6.12
C SER I 98 31.34 -49.18 -6.26
N THR I 99 31.35 -48.63 -7.48
CA THR I 99 30.83 -47.27 -7.80
C THR I 99 29.36 -47.13 -7.36
N ARG I 100 28.55 -48.15 -7.60
CA ARG I 100 27.09 -48.12 -7.27
C ARG I 100 26.94 -47.91 -5.76
N TYR I 101 27.75 -48.58 -4.95
CA TYR I 101 27.78 -48.45 -3.48
C TYR I 101 28.03 -46.98 -3.12
N ILE I 102 29.06 -46.37 -3.73
CA ILE I 102 29.41 -44.93 -3.53
C ILE I 102 28.14 -44.11 -3.74
N GLU I 103 27.47 -44.29 -4.87
CA GLU I 103 26.18 -43.63 -5.20
C GLU I 103 25.24 -43.75 -4.01
N TRP I 104 24.93 -45.00 -3.63
CA TRP I 104 23.98 -45.34 -2.52
C TRP I 104 24.42 -44.66 -1.23
N THR I 105 25.72 -44.70 -0.91
CA THR I 105 26.28 -44.13 0.35
C THR I 105 25.80 -42.68 0.53
N VAL I 106 25.80 -41.90 -0.56
CA VAL I 106 25.44 -40.45 -0.54
C VAL I 106 23.95 -40.30 -0.85
N SER I 107 23.45 -41.03 -1.85
CA SER I 107 22.04 -40.91 -2.36
C SER I 107 21.02 -41.28 -1.27
N VAL I 108 21.16 -42.46 -0.67
CA VAL I 108 20.20 -43.00 0.35
C VAL I 108 20.03 -41.99 1.48
N PRO I 109 21.13 -41.53 2.12
CA PRO I 109 21.02 -40.58 3.24
C PRO I 109 20.17 -39.36 2.90
N LEU I 110 20.40 -38.78 1.72
CA LEU I 110 19.69 -37.57 1.22
C LEU I 110 18.19 -37.85 1.15
N LEU I 111 17.80 -39.04 0.66
CA LEU I 111 16.39 -39.48 0.59
C LEU I 111 15.75 -39.32 1.97
N THR I 112 16.39 -39.91 2.99
CA THR I 112 15.94 -39.86 4.40
C THR I 112 15.58 -38.41 4.76
N ILE I 113 16.53 -37.50 4.56
CA ILE I 113 16.39 -36.04 4.88
C ILE I 113 15.15 -35.49 4.14
N GLU I 114 15.00 -35.88 2.87
CA GLU I 114 13.86 -35.43 2.00
C GLU I 114 12.54 -35.79 2.67
N LEU I 115 12.36 -37.05 3.08
CA LEU I 115 11.13 -37.54 3.78
C LEU I 115 10.98 -36.77 5.10
N LEU I 116 12.06 -36.68 5.88
CA LEU I 116 12.08 -36.00 7.21
C LEU I 116 11.74 -34.51 7.02
N ALA I 117 12.15 -33.91 5.90
CA ALA I 117 11.91 -32.50 5.56
C ALA I 117 10.41 -32.25 5.42
N VAL I 118 9.71 -33.09 4.63
CA VAL I 118 8.24 -33.00 4.42
C VAL I 118 7.53 -33.35 5.75
N CYS I 119 8.14 -34.23 6.54
CA CYS I 119 7.65 -34.59 7.91
C CYS I 119 7.66 -33.34 8.79
N ALA I 120 6.65 -33.16 9.63
CA ALA I 120 6.44 -31.92 10.41
C ALA I 120 7.07 -32.02 11.81
N THR I 121 7.87 -33.05 12.08
CA THR I 121 8.54 -33.22 13.40
C THR I 121 9.31 -31.93 13.71
N LEU I 122 9.02 -31.32 14.86
CA LEU I 122 9.57 -30.01 15.30
C LEU I 122 10.55 -30.21 16.45
N GLY I 123 11.45 -29.24 16.65
CA GLY I 123 12.44 -29.24 17.75
C GLY I 123 13.63 -30.14 17.46
N VAL I 124 14.42 -30.43 18.50
CA VAL I 124 15.67 -31.24 18.42
C VAL I 124 15.31 -32.71 18.13
N GLN I 125 14.26 -33.22 18.78
CA GLN I 125 13.77 -34.62 18.59
C GLN I 125 13.81 -34.99 17.11
N ALA I 126 13.35 -34.07 16.25
CA ALA I 126 13.34 -34.21 14.77
C ALA I 126 14.79 -34.21 14.25
N ARG I 127 15.60 -33.26 14.73
CA ARG I 127 17.05 -33.16 14.40
C ARG I 127 17.76 -34.47 14.76
N ARG I 128 17.50 -35.01 15.95
CA ARG I 128 18.11 -36.30 16.40
C ARG I 128 17.73 -37.40 15.40
N ASN I 129 16.45 -37.48 15.03
CA ASN I 129 15.91 -38.48 14.06
C ASN I 129 16.73 -38.41 12.76
N THR I 130 16.93 -37.21 12.23
CA THR I 130 17.75 -36.95 11.01
C THR I 130 19.10 -37.64 11.14
N ALA I 131 19.84 -37.32 12.22
CA ALA I 131 21.18 -37.86 12.53
C ALA I 131 21.16 -39.39 12.47
N ILE I 132 20.18 -40.02 13.13
CA ILE I 132 20.02 -41.51 13.17
C ILE I 132 19.86 -42.04 11.73
N ALA I 133 18.87 -41.54 11.00
CA ALA I 133 18.55 -41.96 9.62
C ALA I 133 19.79 -41.88 8.73
N VAL I 134 20.42 -40.70 8.67
CA VAL I 134 21.62 -40.43 7.83
C VAL I 134 22.74 -41.41 8.20
N THR I 135 23.13 -41.45 9.47
CA THR I 135 24.22 -42.33 9.99
C THR I 135 23.87 -43.79 9.69
N ALA I 136 22.63 -44.21 9.98
CA ALA I 136 22.12 -45.58 9.76
C ALA I 136 22.26 -45.94 8.28
N THR I 137 21.62 -45.16 7.40
CA THR I 137 21.65 -45.36 5.92
C THR I 137 23.09 -45.39 5.43
N GLY I 138 23.92 -44.42 5.85
CA GLY I 138 25.34 -44.34 5.49
C GLY I 138 26.07 -45.62 5.86
N ALA I 139 25.92 -46.06 7.10
CA ALA I 139 26.53 -47.30 7.65
C ALA I 139 26.03 -48.50 6.86
N MET I 140 24.71 -48.60 6.68
CA MET I 140 24.04 -49.71 5.94
C MET I 140 24.86 -50.01 4.68
N ILE I 141 25.01 -49.01 3.80
CA ILE I 141 25.72 -49.18 2.49
C ILE I 141 27.18 -49.54 2.76
N PHE I 142 27.84 -48.84 3.69
CA PHE I 142 29.29 -49.06 3.95
C PHE I 142 29.49 -50.52 4.36
N CYS I 143 28.66 -51.02 5.27
CA CYS I 143 28.79 -52.41 5.77
C CYS I 143 28.69 -53.39 4.59
N GLY I 144 27.71 -53.21 3.71
CA GLY I 144 27.52 -54.06 2.52
C GLY I 144 28.73 -53.98 1.62
N PHE I 145 29.26 -52.77 1.39
CA PHE I 145 30.46 -52.52 0.56
C PHE I 145 31.64 -53.28 1.18
N LEU I 146 31.81 -53.20 2.50
CA LEU I 146 32.93 -53.87 3.21
C LEU I 146 32.90 -55.37 2.91
N GLY I 147 31.74 -56.00 3.13
CA GLY I 147 31.56 -57.45 2.96
C GLY I 147 31.66 -57.87 1.51
N ALA I 148 30.95 -57.17 0.61
CA ALA I 148 30.85 -57.53 -0.82
C ALA I 148 32.16 -57.25 -1.57
N ILE I 149 32.83 -56.13 -1.31
CA ILE I 149 34.01 -55.70 -2.13
C ILE I 149 35.29 -55.64 -1.30
N VAL I 150 35.28 -54.90 -0.18
CA VAL I 150 36.53 -54.56 0.58
C VAL I 150 37.19 -55.82 1.15
N ILE I 151 36.44 -56.70 1.83
CA ILE I 151 37.05 -57.82 2.60
C ILE I 151 37.47 -58.97 1.69
N ASP I 152 38.76 -59.28 1.66
CA ASP I 152 39.33 -60.44 0.90
C ASP I 152 38.80 -60.41 -0.54
N ASN I 153 38.71 -59.20 -1.10
CA ASN I 153 38.26 -58.99 -2.50
C ASN I 153 36.86 -59.57 -2.65
N GLY I 154 36.07 -59.57 -1.58
CA GLY I 154 34.68 -60.04 -1.53
C GLY I 154 34.56 -61.52 -1.86
N THR I 155 35.56 -62.31 -1.48
CA THR I 155 35.56 -63.77 -1.76
C THR I 155 35.22 -64.57 -0.50
N ASN I 156 34.98 -63.90 0.64
CA ASN I 156 34.68 -64.59 1.92
C ASN I 156 33.16 -64.71 2.07
N THR I 157 32.63 -65.93 2.06
CA THR I 157 31.16 -66.18 2.14
C THR I 157 30.62 -65.69 3.49
N GLY I 158 31.31 -65.98 4.58
CA GLY I 158 30.84 -65.61 5.93
C GLY I 158 30.66 -64.11 6.07
N ALA I 159 31.67 -63.32 5.69
CA ALA I 159 31.64 -61.84 5.75
C ALA I 159 30.52 -61.32 4.85
N PHE I 160 30.44 -61.83 3.62
CA PHE I 160 29.40 -61.46 2.62
C PHE I 160 28.03 -61.51 3.31
N ILE I 161 27.87 -62.44 4.26
CA ILE I 161 26.59 -62.65 5.00
C ILE I 161 26.62 -61.85 6.31
N LEU I 162 27.63 -62.03 7.15
CA LEU I 162 27.76 -61.35 8.47
C LEU I 162 27.45 -59.86 8.30
N TRP I 163 28.23 -59.15 7.48
CA TRP I 163 28.11 -57.70 7.24
C TRP I 163 26.74 -57.34 6.67
N ALA I 164 26.17 -58.21 5.82
CA ALA I 164 24.82 -58.04 5.25
C ALA I 164 23.81 -57.98 6.41
N VAL I 165 23.97 -58.86 7.40
CA VAL I 165 23.11 -58.92 8.62
C VAL I 165 23.27 -57.61 9.41
N ILE I 166 24.53 -57.20 9.64
CA ILE I 166 24.86 -55.92 10.35
C ILE I 166 24.13 -54.78 9.62
N SER I 167 24.23 -54.74 8.30
CA SER I 167 23.56 -53.73 7.44
C SER I 167 22.05 -53.77 7.67
N CYS I 168 21.44 -54.96 7.61
CA CYS I 168 19.98 -55.17 7.84
C CYS I 168 19.57 -54.53 9.17
N VAL I 169 20.42 -54.66 10.20
CA VAL I 169 20.22 -54.04 11.55
C VAL I 169 19.99 -52.54 11.33
N PHE I 170 20.89 -51.88 10.60
CA PHE I 170 20.84 -50.43 10.29
C PHE I 170 19.58 -50.14 9.47
N TRP I 171 19.26 -50.99 8.49
CA TRP I 171 18.05 -50.85 7.63
C TRP I 171 16.81 -50.76 8.51
N VAL I 172 16.71 -51.63 9.52
CA VAL I 172 15.57 -51.68 10.48
C VAL I 172 15.55 -50.38 11.29
N ILE I 173 16.70 -49.94 11.79
CA ILE I 173 16.86 -48.69 12.60
C ILE I 173 16.31 -47.51 11.78
N ALA I 174 16.76 -47.39 10.53
CA ALA I 174 16.37 -46.32 9.58
C ALA I 174 14.85 -46.33 9.38
N ASN I 175 14.31 -47.45 8.91
CA ASN I 175 12.85 -47.63 8.66
C ASN I 175 12.04 -47.24 9.89
N VAL I 176 12.45 -47.72 11.07
CA VAL I 176 11.74 -47.46 12.37
C VAL I 176 11.65 -45.95 12.60
N VAL I 177 12.79 -45.26 12.66
CA VAL I 177 12.87 -43.81 12.96
C VAL I 177 11.97 -43.05 11.98
N LEU I 178 12.15 -43.28 10.67
CA LEU I 178 11.38 -42.63 9.58
C LEU I 178 9.89 -42.92 9.79
N ILE I 179 9.51 -44.19 9.87
CA ILE I 179 8.10 -44.66 10.04
C ILE I 179 7.49 -43.94 11.25
N ARG I 180 8.22 -43.90 12.38
CA ARG I 180 7.75 -43.24 13.62
C ARG I 180 7.49 -41.76 13.33
N ALA I 181 8.46 -41.07 12.73
CA ALA I 181 8.41 -39.62 12.41
C ALA I 181 7.20 -39.33 11.52
N VAL I 182 6.99 -40.15 10.48
CA VAL I 182 5.83 -40.04 9.54
C VAL I 182 4.54 -40.23 10.35
N ARG I 183 4.48 -41.31 11.14
CA ARG I 183 3.29 -41.68 11.97
C ARG I 183 2.98 -40.57 12.98
N GLN I 184 4.00 -40.01 13.64
CA GLN I 184 3.88 -38.94 14.66
C GLN I 184 3.33 -37.66 14.01
N SER I 185 3.79 -37.34 12.80
CA SER I 185 3.41 -36.07 12.11
C SER I 185 2.09 -36.22 11.33
N LEU I 186 1.73 -37.43 10.90
CA LEU I 186 0.49 -37.69 10.09
C LEU I 186 -0.74 -37.10 10.76
N PRO I 187 -0.96 -37.27 12.08
CA PRO I 187 -2.13 -36.72 12.75
C PRO I 187 -2.24 -35.19 12.71
N THR I 188 -1.10 -34.49 12.73
CA THR I 188 -1.00 -33.00 12.75
C THR I 188 -1.38 -32.43 11.37
N LEU I 189 -1.01 -33.13 10.30
CA LEU I 189 -1.30 -32.76 8.89
C LEU I 189 -2.82 -32.82 8.64
N THR I 190 -3.30 -32.17 7.57
CA THR I 190 -4.71 -32.20 7.12
C THR I 190 -5.00 -33.61 6.58
N PRO I 191 -6.27 -34.01 6.44
CA PRO I 191 -6.59 -35.35 5.92
C PRO I 191 -5.94 -35.61 4.56
N GLU I 192 -6.10 -34.67 3.62
CA GLU I 192 -5.55 -34.78 2.25
C GLU I 192 -4.02 -34.90 2.33
N SER I 193 -3.37 -34.09 3.17
CA SER I 193 -1.90 -34.13 3.39
C SER I 193 -1.49 -35.45 4.05
N HIS I 194 -2.22 -35.87 5.09
CA HIS I 194 -2.02 -37.16 5.82
C HIS I 194 -1.88 -38.30 4.81
N THR I 195 -2.86 -38.43 3.90
CA THR I 195 -2.90 -39.47 2.84
C THR I 195 -1.60 -39.44 2.02
N MET I 196 -1.21 -38.26 1.52
CA MET I 196 -0.03 -38.04 0.65
C MET I 196 1.25 -38.53 1.36
N LEU I 197 1.52 -38.02 2.56
CA LEU I 197 2.75 -38.35 3.34
C LEU I 197 2.86 -39.87 3.49
N LYS I 198 1.81 -40.52 4.02
CA LYS I 198 1.74 -41.99 4.20
C LYS I 198 2.13 -42.65 2.87
N SER I 199 1.47 -42.27 1.78
CA SER I 199 1.74 -42.78 0.41
C SER I 199 3.23 -42.66 0.09
N ALA I 200 3.79 -41.45 0.24
CA ALA I 200 5.22 -41.15 -0.02
C ALA I 200 6.12 -42.05 0.82
N ALA I 201 5.87 -42.10 2.13
CA ALA I 201 6.64 -42.91 3.12
C ALA I 201 6.67 -44.38 2.66
N ILE I 202 5.49 -44.96 2.40
CA ILE I 202 5.31 -46.38 1.96
C ILE I 202 6.09 -46.63 0.67
N VAL I 203 5.87 -45.79 -0.35
CA VAL I 203 6.49 -45.92 -1.70
C VAL I 203 8.02 -45.87 -1.58
N LEU I 204 8.54 -44.91 -0.81
CA LEU I 204 10.00 -44.66 -0.65
C LEU I 204 10.69 -45.84 0.03
N LEU I 205 10.07 -46.41 1.07
CA LEU I 205 10.67 -47.47 1.94
C LEU I 205 10.51 -48.87 1.33
N ALA I 206 9.34 -49.16 0.74
CA ALA I 206 8.98 -50.50 0.20
C ALA I 206 10.08 -51.02 -0.75
N GLY I 207 10.39 -50.27 -1.81
CA GLY I 207 11.35 -50.65 -2.85
C GLY I 207 12.67 -51.16 -2.30
N TRP I 208 13.13 -50.59 -1.18
CA TRP I 208 14.43 -50.89 -0.52
C TRP I 208 14.74 -52.38 -0.54
N VAL I 209 13.71 -53.23 -0.36
CA VAL I 209 13.87 -54.71 -0.23
C VAL I 209 14.65 -55.26 -1.43
N VAL I 210 14.39 -54.75 -2.64
CA VAL I 210 14.99 -55.23 -3.92
C VAL I 210 16.51 -55.29 -3.78
N TYR I 211 17.13 -54.23 -3.25
CA TYR I 211 18.60 -54.08 -3.12
C TYR I 211 19.19 -55.26 -2.35
N PRO I 212 18.74 -55.54 -1.11
CA PRO I 212 19.25 -56.67 -0.34
C PRO I 212 19.11 -57.99 -1.09
N ILE I 213 17.97 -58.18 -1.77
CA ILE I 213 17.64 -59.42 -2.54
C ILE I 213 18.71 -59.63 -3.62
N VAL I 214 19.00 -58.58 -4.40
CA VAL I 214 19.99 -58.61 -5.53
C VAL I 214 21.39 -58.88 -4.97
N TYR I 215 21.68 -58.38 -3.77
CA TYR I 215 22.98 -58.52 -3.06
C TYR I 215 23.34 -60.01 -2.89
N PHE I 216 22.36 -60.82 -2.49
CA PHE I 216 22.53 -62.26 -2.14
C PHE I 216 22.43 -63.17 -3.37
N LEU I 217 22.19 -62.62 -4.56
CA LEU I 217 22.03 -63.42 -5.81
C LEU I 217 23.32 -64.16 -6.13
N PRO I 218 24.51 -63.54 -6.02
CA PRO I 218 25.77 -64.21 -6.31
C PRO I 218 25.94 -65.57 -5.61
N LEU I 219 25.32 -65.75 -4.44
CA LEU I 219 25.40 -66.99 -3.62
C LEU I 219 24.81 -68.17 -4.42
N PHE I 220 23.80 -67.93 -5.25
CA PHE I 220 23.10 -68.94 -6.09
C PHE I 220 23.94 -69.28 -7.32
N GLY I 221 25.22 -68.89 -7.33
CA GLY I 221 26.17 -69.16 -8.42
C GLY I 221 26.56 -67.90 -9.17
N ALA I 222 27.31 -68.06 -10.28
CA ALA I 222 27.79 -66.97 -11.15
C ALA I 222 27.50 -67.30 -12.62
N SER I 223 27.24 -66.29 -13.45
CA SER I 223 26.91 -66.44 -14.89
C SER I 223 26.82 -65.06 -15.56
N GLY I 224 27.12 -65.00 -16.86
CA GLY I 224 26.99 -63.77 -17.67
C GLY I 224 25.57 -63.23 -17.59
N GLY I 225 24.58 -64.12 -17.61
CA GLY I 225 23.15 -63.80 -17.50
C GLY I 225 22.82 -63.21 -16.13
N LEU I 226 23.25 -63.88 -15.06
CA LEU I 226 23.03 -63.46 -13.65
C LEU I 226 23.64 -62.05 -13.48
N THR I 227 24.94 -61.91 -13.76
CA THR I 227 25.67 -60.62 -13.67
C THR I 227 24.84 -59.54 -14.34
N THR I 228 24.36 -59.81 -15.57
CA THR I 228 23.51 -58.88 -16.36
C THR I 228 22.25 -58.52 -15.55
N THR I 229 21.53 -59.54 -15.05
CA THR I 229 20.29 -59.38 -14.26
C THR I 229 20.57 -58.45 -13.07
N ILE I 230 21.62 -58.75 -12.29
CA ILE I 230 22.04 -57.98 -11.09
C ILE I 230 22.16 -56.50 -11.46
N LEU I 231 23.00 -56.18 -12.44
CA LEU I 231 23.30 -54.78 -12.88
C LEU I 231 22.02 -54.08 -13.35
N ILE I 232 21.34 -54.63 -14.36
CA ILE I 232 20.10 -54.03 -14.96
C ILE I 232 19.05 -53.80 -13.86
N THR I 233 18.73 -54.84 -13.10
CA THR I 233 17.69 -54.78 -12.03
C THR I 233 18.00 -53.61 -11.09
N LEU I 234 19.23 -53.53 -10.58
CA LEU I 234 19.70 -52.44 -9.68
C LEU I 234 19.48 -51.09 -10.38
N THR I 235 19.89 -50.97 -11.65
CA THR I 235 19.74 -49.73 -12.46
C THR I 235 18.26 -49.33 -12.51
N VAL I 236 17.39 -50.25 -12.94
CA VAL I 236 15.91 -50.03 -13.04
C VAL I 236 15.41 -49.58 -11.66
N ALA I 237 15.85 -50.25 -10.59
CA ALA I 237 15.47 -49.95 -9.19
C ALA I 237 15.87 -48.52 -8.85
N ASP I 238 17.13 -48.15 -9.10
CA ASP I 238 17.69 -46.79 -8.83
C ASP I 238 16.82 -45.73 -9.52
N VAL I 239 16.53 -45.92 -10.81
CA VAL I 239 15.73 -44.97 -11.64
C VAL I 239 14.30 -44.89 -11.08
N ILE I 240 13.64 -46.03 -10.91
CA ILE I 240 12.22 -46.13 -10.40
C ILE I 240 12.11 -45.36 -9.07
N VAL I 241 13.01 -45.64 -8.11
CA VAL I 241 12.99 -45.03 -6.75
C VAL I 241 13.38 -43.56 -6.82
N LYS I 242 14.62 -43.32 -7.26
CA LYS I 242 15.22 -41.99 -7.25
C LYS I 242 14.45 -41.04 -8.16
N LEU I 243 13.62 -41.56 -9.07
CA LEU I 243 12.87 -40.72 -9.99
C LEU I 243 11.39 -40.70 -9.63
N GLY I 244 10.66 -41.77 -9.94
CA GLY I 244 9.20 -41.88 -9.71
C GLY I 244 8.81 -41.47 -8.30
N PHE I 245 9.60 -41.88 -7.31
CA PHE I 245 9.38 -41.65 -5.86
C PHE I 245 9.74 -40.21 -5.48
N SER I 246 10.62 -39.58 -6.25
CA SER I 246 11.09 -38.18 -6.04
C SER I 246 9.89 -37.22 -6.06
N THR I 247 8.97 -37.41 -7.02
CA THR I 247 7.75 -36.57 -7.19
C THR I 247 6.90 -36.61 -5.92
N GLN I 248 6.71 -37.79 -5.33
CA GLN I 248 5.87 -38.02 -4.12
C GLN I 248 6.21 -37.00 -3.04
N THR I 249 7.47 -36.92 -2.62
CA THR I 249 7.95 -35.97 -1.56
C THR I 249 7.61 -34.53 -1.96
N HIS I 250 7.96 -34.14 -3.18
CA HIS I 250 7.75 -32.78 -3.76
C HIS I 250 6.26 -32.41 -3.64
N ARG I 251 5.37 -33.30 -4.10
CA ARG I 251 3.90 -33.07 -4.10
C ARG I 251 3.44 -32.68 -2.69
N VAL I 252 3.82 -33.47 -1.67
CA VAL I 252 3.47 -33.23 -0.24
C VAL I 252 3.82 -31.77 0.09
N ALA I 253 5.07 -31.38 -0.19
CA ALA I 253 5.62 -30.03 0.06
C ALA I 253 4.72 -28.97 -0.59
N LYS I 254 4.39 -29.16 -1.88
CA LYS I 254 3.56 -28.22 -2.68
C LYS I 254 2.19 -28.04 -2.00
N LEU I 255 1.50 -29.14 -1.71
CA LEU I 255 0.15 -29.11 -1.08
C LEU I 255 0.26 -28.39 0.27
N ARG I 256 1.22 -28.82 1.11
CA ARG I 256 1.49 -28.22 2.44
C ARG I 256 1.73 -26.72 2.29
N THR I 257 2.34 -26.30 1.18
CA THR I 257 2.60 -24.88 0.84
C THR I 257 1.27 -24.18 0.55
N ALA I 258 0.46 -24.76 -0.34
CA ALA I 258 -0.88 -24.24 -0.75
C ALA I 258 -1.77 -24.12 0.48
N GLU I 259 -1.76 -25.15 1.33
CA GLU I 259 -2.56 -25.20 2.59
C GLU I 259 -2.19 -24.00 3.47
N ASP I 260 -0.88 -23.78 3.67
CA ASP I 260 -0.35 -22.64 4.46
C ASP I 260 -0.85 -21.33 3.86
N VAL I 261 -0.98 -21.26 2.53
CA VAL I 261 -1.47 -20.06 1.79
C VAL I 261 -2.97 -19.89 2.08
N ARG I 262 -3.77 -20.93 1.79
CA ARG I 262 -5.25 -20.91 2.01
C ARG I 262 -5.55 -20.60 3.49
N ALA I 263 -4.85 -21.28 4.40
CA ALA I 263 -5.02 -21.13 5.87
C ALA I 263 -4.68 -19.71 6.30
N GLY I 264 -3.96 -18.96 5.45
CA GLY I 264 -3.54 -17.57 5.73
C GLY I 264 -2.28 -17.53 6.58
N ASP I 265 -1.62 -18.68 6.73
CA ASP I 265 -0.38 -18.83 7.53
C ASP I 265 0.77 -18.08 6.83
N ASP I 266 0.85 -18.16 5.49
CA ASP I 266 1.98 -17.54 4.74
C ASP I 266 1.52 -17.17 3.32
N VAL I 267 2.36 -16.41 2.61
CA VAL I 267 2.07 -15.94 1.22
C VAL I 267 3.10 -16.53 0.26
N HIS I 268 2.65 -17.04 -0.90
CA HIS I 268 3.52 -17.58 -1.98
C HIS I 268 3.34 -16.70 -3.22
N PRO I 269 4.43 -16.39 -3.95
CA PRO I 269 4.37 -15.47 -5.09
C PRO I 269 3.51 -15.95 -6.26
N GLU I 270 3.50 -17.25 -6.55
CA GLU I 270 2.79 -17.79 -7.74
C GLU I 270 1.71 -18.78 -7.32
N SER I 271 0.74 -19.02 -8.22
CA SER I 271 -0.35 -20.00 -7.99
C SER I 271 0.25 -21.40 -7.99
N ILE I 272 -0.21 -22.26 -7.09
CA ILE I 272 0.30 -23.65 -6.94
C ILE I 272 -0.75 -24.61 -7.53
N TRP I 273 -0.32 -25.44 -8.49
CA TRP I 273 -1.21 -26.40 -9.19
C TRP I 273 -0.74 -27.82 -8.92
N ILE I 274 -1.66 -28.70 -8.50
CA ILE I 274 -1.40 -30.16 -8.32
C ILE I 274 -2.43 -30.92 -9.12
N SER I 275 -1.99 -31.81 -10.02
CA SER I 275 -2.91 -32.62 -10.86
C SER I 275 -3.80 -31.70 -11.69
N SER I 276 -3.30 -30.52 -12.09
CA SER I 276 -4.03 -29.57 -12.95
C SER I 276 -5.22 -28.96 -12.19
N VAL I 277 -5.16 -28.94 -10.86
CA VAL I 277 -6.20 -28.33 -10.00
C VAL I 277 -5.55 -27.23 -9.17
N LYS I 278 -6.12 -26.02 -9.18
CA LYS I 278 -5.55 -24.86 -8.45
C LYS I 278 -5.68 -25.13 -6.94
N GLN I 279 -4.58 -25.05 -6.21
CA GLN I 279 -4.57 -25.29 -4.75
C GLN I 279 -4.49 -23.94 -4.03
N SER I 280 -3.64 -23.04 -4.51
CA SER I 280 -3.46 -21.70 -3.91
C SER I 280 -3.41 -20.64 -5.01
N ASP I 281 -4.04 -19.49 -4.78
CA ASP I 281 -3.98 -18.33 -5.70
C ASP I 281 -2.71 -17.55 -5.36
N ALA I 282 -2.14 -16.83 -6.34
CA ALA I 282 -0.89 -16.06 -6.17
C ALA I 282 -1.08 -14.96 -5.13
N GLY I 283 -0.08 -14.72 -4.29
CA GLY I 283 -0.10 -13.66 -3.27
C GLY I 283 1.25 -12.99 -3.09
N LEU I 284 1.25 -11.71 -2.71
CA LEU I 284 2.50 -10.93 -2.45
C LEU I 284 2.49 -10.42 -1.02
N PRO I 285 3.66 -10.39 -0.34
CA PRO I 285 3.76 -9.90 1.04
C PRO I 285 3.39 -8.41 1.12
N ARG I 286 2.81 -7.98 2.25
CA ARG I 286 2.39 -6.56 2.47
C ARG I 286 3.62 -5.65 2.52
N GLU I 287 3.59 -4.53 1.78
CA GLU I 287 4.67 -3.50 1.77
C GLU I 287 4.85 -2.99 3.20
N VAL I 288 6.10 -2.84 3.65
CA VAL I 288 6.44 -2.45 5.05
C VAL I 288 7.26 -1.16 5.04
N TYR I 289 6.93 -0.23 5.94
CA TYR I 289 7.70 1.02 6.24
C TYR I 289 8.68 0.72 7.38
N LEU I 290 9.94 1.11 7.24
CA LEU I 290 11.02 0.83 8.23
C LEU I 290 10.80 1.62 9.53
N ALA I 291 11.14 1.00 10.66
CA ALA I 291 10.97 1.52 12.04
C ALA I 291 11.57 2.93 12.15
N GLU I 292 12.80 3.11 11.69
CA GLU I 292 13.53 4.41 11.73
C GLU I 292 13.64 4.98 10.31
N GLY I 293 14.67 4.54 9.56
CA GLY I 293 14.93 4.99 8.18
C GLY I 293 16.26 4.48 7.65
N ALA I 294 16.83 5.20 6.68
CA ALA I 294 18.12 4.89 6.01
C ALA I 294 19.29 5.38 6.87
N ASN J 5 20.89 -62.81 -42.23
CA ASN J 5 19.93 -62.58 -43.35
C ASN J 5 19.72 -61.06 -43.51
N VAL J 6 19.62 -60.33 -42.40
CA VAL J 6 19.46 -58.85 -42.35
C VAL J 6 20.85 -58.20 -42.53
N SER J 7 20.97 -57.31 -43.52
CA SER J 7 22.24 -56.61 -43.87
C SER J 7 22.48 -55.43 -42.92
N VAL J 8 23.07 -55.70 -41.75
CA VAL J 8 23.39 -54.68 -40.71
C VAL J 8 24.07 -53.49 -41.38
N PRO J 9 23.61 -52.24 -41.09
CA PRO J 9 24.17 -51.05 -41.71
C PRO J 9 25.61 -50.71 -41.27
N TRP J 10 25.99 -51.13 -40.06
CA TRP J 10 27.33 -50.85 -39.46
C TRP J 10 28.39 -51.77 -40.07
N GLY J 11 28.01 -52.57 -41.07
CA GLY J 11 28.92 -53.48 -41.79
C GLY J 11 29.45 -52.85 -43.07
N ALA J 12 28.69 -51.90 -43.63
CA ALA J 12 28.99 -51.20 -44.89
C ALA J 12 30.12 -50.18 -44.68
N THR J 13 31.06 -50.13 -45.62
CA THR J 13 32.21 -49.18 -45.64
C THR J 13 31.73 -47.85 -46.22
N LEU J 14 32.22 -46.72 -45.67
CA LEU J 14 31.78 -45.36 -46.06
C LEU J 14 32.91 -44.62 -46.81
N SER J 15 32.53 -43.83 -47.82
CA SER J 15 33.44 -42.96 -48.60
C SER J 15 33.82 -41.75 -47.73
N ASN J 16 34.92 -41.06 -48.08
CA ASN J 16 35.40 -39.85 -47.35
C ASN J 16 34.30 -38.80 -47.37
N ALA J 17 33.62 -38.64 -48.52
CA ALA J 17 32.50 -37.70 -48.72
C ALA J 17 31.37 -38.06 -47.76
N GLU J 18 30.93 -39.33 -47.77
CA GLU J 18 29.84 -39.86 -46.92
C GLU J 18 30.20 -39.59 -45.44
N HIS J 19 31.41 -39.98 -45.03
CA HIS J 19 31.93 -39.83 -43.64
C HIS J 19 31.79 -38.37 -43.20
N GLN J 20 32.12 -37.44 -44.10
CA GLN J 20 32.10 -35.97 -43.82
C GLN J 20 30.64 -35.52 -43.62
N LEU J 21 29.76 -35.89 -44.54
CA LEU J 21 28.31 -35.54 -44.51
C LEU J 21 27.70 -35.95 -43.17
N ILE J 22 27.84 -37.23 -42.79
CA ILE J 22 27.30 -37.79 -41.52
C ILE J 22 27.74 -36.91 -40.36
N PHE J 23 29.05 -36.64 -40.27
CA PHE J 23 29.68 -35.80 -39.21
C PHE J 23 29.00 -34.43 -39.19
N TYR J 24 28.91 -33.79 -40.36
CA TYR J 24 28.31 -32.45 -40.58
C TYR J 24 26.93 -32.40 -39.89
N PHE J 25 26.01 -33.26 -40.31
CA PHE J 25 24.61 -33.32 -39.83
C PHE J 25 24.56 -33.61 -38.32
N LEU J 26 25.33 -34.60 -37.86
CA LEU J 26 25.38 -35.00 -36.42
C LEU J 26 25.71 -33.78 -35.56
N VAL J 27 26.84 -33.12 -35.83
CA VAL J 27 27.33 -31.93 -35.07
C VAL J 27 26.28 -30.81 -35.17
N VAL J 28 25.90 -30.44 -36.40
CA VAL J 28 24.88 -29.39 -36.68
C VAL J 28 23.68 -29.64 -35.76
N ALA J 29 23.19 -30.88 -35.73
CA ALA J 29 22.05 -31.32 -34.89
C ALA J 29 22.33 -30.96 -33.44
N ALA J 30 23.43 -31.49 -32.89
CA ALA J 30 23.88 -31.27 -31.50
C ALA J 30 23.86 -29.77 -31.17
N LEU J 31 24.48 -28.95 -32.03
CA LEU J 31 24.57 -27.48 -31.88
C LEU J 31 23.16 -26.87 -31.93
N ALA J 32 22.32 -27.34 -32.85
CA ALA J 32 20.92 -26.90 -33.02
C ALA J 32 20.17 -27.10 -31.69
N PHE J 33 20.44 -28.22 -31.01
CA PHE J 33 19.82 -28.57 -29.70
C PHE J 33 20.32 -27.60 -28.62
N VAL J 34 21.62 -27.30 -28.63
CA VAL J 34 22.25 -26.33 -27.69
C VAL J 34 21.50 -24.99 -27.80
N ALA J 35 21.33 -24.52 -29.04
CA ALA J 35 20.61 -23.26 -29.38
C ALA J 35 19.17 -23.37 -28.86
N GLY J 36 18.52 -24.51 -29.10
CA GLY J 36 17.15 -24.80 -28.64
C GLY J 36 17.06 -24.80 -27.12
N PHE J 37 17.96 -25.54 -26.48
CA PHE J 37 18.04 -25.68 -24.99
C PHE J 37 18.15 -24.28 -24.37
N ILE J 38 19.06 -23.47 -24.90
CA ILE J 38 19.31 -22.07 -24.42
C ILE J 38 18.01 -21.26 -24.55
N ARG J 39 17.39 -21.29 -25.74
CA ARG J 39 16.12 -20.57 -26.02
C ARG J 39 15.05 -21.00 -24.99
N THR J 40 14.81 -22.30 -24.89
CA THR J 40 13.78 -22.90 -23.99
C THR J 40 13.97 -22.38 -22.56
N TYR J 41 15.21 -22.40 -22.06
CA TYR J 41 15.58 -21.98 -20.69
C TYR J 41 15.23 -20.51 -20.48
N ILE J 42 15.72 -19.63 -21.37
CA ILE J 42 15.50 -18.15 -21.30
C ILE J 42 14.00 -17.86 -21.39
N THR J 43 13.27 -18.56 -22.25
CA THR J 43 11.81 -18.40 -22.46
C THR J 43 11.06 -19.45 -21.64
N ARG J 44 11.36 -19.55 -20.34
CA ARG J 44 10.72 -20.52 -19.43
C ARG J 44 9.65 -19.81 -18.58
N ASN J 45 9.86 -18.54 -18.27
CA ASN J 45 8.96 -17.72 -17.42
C ASN J 45 7.89 -17.03 -18.28
N GLU J 46 7.87 -17.32 -19.59
CA GLU J 46 6.84 -16.80 -20.53
C GLU J 46 5.56 -17.63 -20.37
N VAL J 47 5.64 -18.70 -19.56
CA VAL J 47 4.53 -19.67 -19.31
C VAL J 47 4.14 -19.61 -17.83
N GLY J 48 2.87 -19.94 -17.53
CA GLY J 48 2.32 -19.97 -16.16
C GLY J 48 2.76 -21.22 -15.41
N SER J 49 2.42 -21.31 -14.13
CA SER J 49 2.78 -22.43 -13.22
C SER J 49 2.06 -23.72 -13.66
N ARG J 50 0.81 -23.59 -14.10
CA ARG J 50 -0.08 -24.72 -14.47
C ARG J 50 0.54 -25.56 -15.59
N TYR J 51 1.18 -24.91 -16.58
CA TYR J 51 1.71 -25.56 -17.80
C TYR J 51 3.25 -25.62 -17.77
N ARG J 52 3.85 -25.47 -16.58
CA ARG J 52 5.32 -25.51 -16.39
C ARG J 52 5.85 -26.91 -16.74
N THR J 53 5.03 -27.95 -16.56
CA THR J 53 5.42 -29.36 -16.87
C THR J 53 5.87 -29.44 -18.33
N ALA J 54 5.21 -28.69 -19.21
CA ALA J 54 5.51 -28.62 -20.66
C ALA J 54 6.94 -28.10 -20.86
N VAL J 55 7.30 -27.02 -20.15
CA VAL J 55 8.65 -26.38 -20.21
C VAL J 55 9.69 -27.39 -19.71
N SER J 56 9.47 -27.96 -18.51
CA SER J 56 10.37 -28.96 -17.86
C SER J 56 10.67 -30.11 -18.82
N ALA J 57 9.62 -30.64 -19.47
CA ALA J 57 9.70 -31.79 -20.40
C ALA J 57 10.58 -31.43 -21.61
N ARG J 58 10.27 -30.32 -22.29
CA ARG J 58 11.00 -29.92 -23.53
C ARG J 58 12.47 -29.66 -23.18
N LEU J 59 12.74 -28.86 -22.15
CA LEU J 59 14.14 -28.54 -21.73
C LEU J 59 14.88 -29.86 -21.48
N GLY J 60 14.22 -30.81 -20.80
CA GLY J 60 14.77 -32.15 -20.52
C GLY J 60 15.11 -32.88 -21.81
N MET J 61 14.13 -32.96 -22.72
CA MET J 61 14.27 -33.62 -24.05
C MET J 61 15.50 -33.05 -24.77
N LEU J 62 15.56 -31.73 -24.90
CA LEU J 62 16.67 -30.99 -25.57
C LEU J 62 17.99 -31.34 -24.90
N GLY J 63 18.04 -31.26 -23.56
CA GLY J 63 19.23 -31.60 -22.76
C GLY J 63 19.72 -33.00 -23.06
N VAL J 64 18.81 -33.97 -23.01
CA VAL J 64 19.09 -35.42 -23.29
C VAL J 64 19.65 -35.53 -24.71
N ALA J 65 18.97 -34.93 -25.69
CA ALA J 65 19.34 -34.94 -27.13
C ALA J 65 20.78 -34.44 -27.30
N LEU J 66 21.08 -33.26 -26.74
CA LEU J 66 22.41 -32.61 -26.81
C LEU J 66 23.49 -33.62 -26.38
N LEU J 67 23.42 -34.10 -25.14
CA LEU J 67 24.37 -35.07 -24.54
C LEU J 67 24.43 -36.34 -25.39
N ALA J 68 23.26 -36.87 -25.75
CA ALA J 68 23.13 -38.11 -26.56
C ALA J 68 23.90 -37.96 -27.87
N TYR J 69 23.62 -36.89 -28.63
CA TYR J 69 24.25 -36.61 -29.95
C TYR J 69 25.76 -36.43 -29.78
N ILE J 70 26.21 -35.98 -28.61
CA ILE J 70 27.67 -35.86 -28.28
C ILE J 70 28.26 -37.28 -28.27
N LEU J 71 27.57 -38.21 -27.61
CA LEU J 71 27.96 -39.64 -27.52
C LEU J 71 27.97 -40.23 -28.94
N ILE J 72 26.89 -40.00 -29.70
CA ILE J 72 26.73 -40.48 -31.10
C ILE J 72 27.95 -40.01 -31.91
N ILE J 73 28.30 -38.73 -31.80
CA ILE J 73 29.46 -38.10 -32.51
C ILE J 73 30.74 -38.85 -32.11
N VAL J 74 30.97 -39.03 -30.81
CA VAL J 74 32.17 -39.74 -30.26
C VAL J 74 32.23 -41.14 -30.90
N ALA J 75 31.15 -41.91 -30.77
CA ALA J 75 31.01 -43.28 -31.31
C ALA J 75 31.40 -43.29 -32.80
N PHE J 76 30.88 -42.31 -33.54
CA PHE J 76 31.11 -42.14 -35.01
C PHE J 76 32.61 -41.97 -35.28
N LEU J 77 33.30 -41.20 -34.43
CA LEU J 77 34.75 -40.89 -34.56
C LEU J 77 35.57 -42.13 -34.22
N LEU J 78 35.11 -42.95 -33.28
CA LEU J 78 35.84 -44.16 -32.80
C LEU J 78 35.27 -45.43 -33.46
N GLY J 79 34.20 -45.30 -34.24
CA GLY J 79 33.48 -46.45 -34.85
C GLY J 79 34.00 -46.81 -36.23
N TYR J 80 34.70 -45.89 -36.89
CA TYR J 80 35.26 -46.09 -38.26
C TYR J 80 36.76 -45.80 -38.25
N ASP J 81 37.49 -46.49 -39.14
CA ASP J 81 38.96 -46.35 -39.34
C ASP J 81 39.21 -46.00 -40.81
N SER J 82 40.08 -45.02 -41.08
CA SER J 82 40.41 -44.53 -42.43
C SER J 82 41.40 -45.48 -43.10
N THR J 83 41.09 -45.93 -44.32
CA THR J 83 41.92 -46.89 -45.10
C THR J 83 42.05 -46.38 -46.54
N ALA J 84 42.51 -47.24 -47.44
CA ALA J 84 42.69 -46.97 -48.89
C ALA J 84 41.33 -47.05 -49.58
N GLY J 85 40.39 -47.81 -49.00
CA GLY J 85 39.04 -48.04 -49.55
C GLY J 85 37.99 -47.11 -48.97
N GLY J 86 38.40 -46.19 -48.09
CA GLY J 86 37.52 -45.22 -47.42
C GLY J 86 37.58 -45.34 -45.91
N TRP J 87 36.42 -45.43 -45.26
CA TRP J 87 36.29 -45.61 -43.78
C TRP J 87 35.68 -46.99 -43.48
N VAL J 88 36.50 -47.92 -43.00
CA VAL J 88 36.10 -49.33 -42.70
C VAL J 88 35.49 -49.40 -41.30
N PRO J 89 34.28 -49.95 -41.16
CA PRO J 89 33.64 -50.10 -39.84
C PRO J 89 34.46 -51.00 -38.91
N ASN J 90 34.48 -50.69 -37.61
CA ASN J 90 35.16 -51.51 -36.58
C ASN J 90 34.08 -52.15 -35.71
N ASP J 91 34.46 -52.65 -34.53
CA ASP J 91 33.55 -53.36 -33.59
C ASP J 91 32.60 -52.36 -32.93
N GLY J 92 33.03 -51.09 -32.82
CA GLY J 92 32.28 -50.01 -32.13
C GLY J 92 31.29 -49.30 -33.02
N ALA J 93 31.31 -49.56 -34.33
CA ALA J 93 30.42 -48.92 -35.33
C ALA J 93 28.96 -49.08 -34.91
N ILE J 94 28.59 -50.28 -34.43
CA ILE J 94 27.22 -50.63 -33.98
C ILE J 94 26.74 -49.63 -32.93
N ASN J 95 27.67 -49.13 -32.10
CA ASN J 95 27.38 -48.20 -30.97
C ASN J 95 26.66 -46.96 -31.48
N ILE J 96 27.02 -46.46 -32.66
CA ILE J 96 26.43 -45.24 -33.29
C ILE J 96 24.91 -45.40 -33.34
N PHE J 97 24.43 -46.52 -33.88
CA PHE J 97 22.99 -46.85 -34.03
C PHE J 97 22.39 -47.09 -32.64
N SER J 98 23.10 -47.84 -31.79
CA SER J 98 22.70 -48.16 -30.39
C SER J 98 22.40 -46.88 -29.62
N THR J 99 23.32 -45.92 -29.67
CA THR J 99 23.24 -44.63 -28.92
C THR J 99 21.93 -43.90 -29.25
N ARG J 100 21.54 -43.88 -30.53
CA ARG J 100 20.32 -43.16 -30.99
C ARG J 100 19.09 -43.74 -30.28
N TYR J 101 19.04 -45.07 -30.13
CA TYR J 101 17.95 -45.79 -29.42
C TYR J 101 17.87 -45.27 -27.98
N ILE J 102 19.01 -45.19 -27.30
CA ILE J 102 19.13 -44.66 -25.91
C ILE J 102 18.44 -43.29 -25.87
N GLU J 103 18.85 -42.39 -26.77
CA GLU J 103 18.26 -41.04 -26.93
C GLU J 103 16.74 -41.17 -26.96
N TRP J 104 16.22 -41.93 -27.95
CA TRP J 104 14.77 -42.13 -28.19
C TRP J 104 14.09 -42.67 -26.93
N THR J 105 14.70 -43.65 -26.26
CA THR J 105 14.12 -44.31 -25.05
C THR J 105 13.71 -43.24 -24.03
N VAL J 106 14.54 -42.22 -23.83
CA VAL J 106 14.30 -41.14 -22.82
C VAL J 106 13.56 -39.96 -23.49
N SER J 107 13.97 -39.58 -24.70
CA SER J 107 13.43 -38.40 -25.43
C SER J 107 11.94 -38.56 -25.74
N VAL J 108 11.56 -39.67 -26.39
CA VAL J 108 10.15 -39.94 -26.83
C VAL J 108 9.20 -39.81 -25.64
N PRO J 109 9.45 -40.53 -24.52
CA PRO J 109 8.56 -40.48 -23.36
C PRO J 109 8.27 -39.05 -22.90
N LEU J 110 9.32 -38.23 -22.82
CA LEU J 110 9.25 -36.81 -22.37
C LEU J 110 8.30 -36.04 -23.29
N LEU J 111 8.40 -36.27 -24.61
CA LEU J 111 7.51 -35.63 -25.63
C LEU J 111 6.05 -35.89 -25.22
N THR J 112 5.70 -37.15 -24.99
CA THR J 112 4.35 -37.60 -24.57
C THR J 112 3.85 -36.69 -23.43
N ILE J 113 4.63 -36.60 -22.36
CA ILE J 113 4.31 -35.79 -21.14
C ILE J 113 4.06 -34.33 -21.56
N GLU J 114 4.91 -33.81 -22.44
CA GLU J 114 4.84 -32.41 -22.95
C GLU J 114 3.47 -32.17 -23.58
N LEU J 115 3.05 -33.04 -24.49
CA LEU J 115 1.72 -32.94 -25.17
C LEU J 115 0.61 -33.09 -24.12
N LEU J 116 0.72 -34.09 -23.24
CA LEU J 116 -0.27 -34.38 -22.17
C LEU J 116 -0.37 -33.17 -21.23
N ALA J 117 0.75 -32.48 -20.99
CA ALA J 117 0.86 -31.29 -20.11
C ALA J 117 -0.02 -30.16 -20.67
N VAL J 118 0.15 -29.84 -21.96
CA VAL J 118 -0.62 -28.77 -22.66
C VAL J 118 -2.07 -29.24 -22.80
N CYS J 119 -2.27 -30.57 -22.93
CA CYS J 119 -3.61 -31.22 -22.98
C CYS J 119 -4.34 -30.92 -21.68
N ALA J 120 -5.65 -30.73 -21.80
CA ALA J 120 -6.59 -30.36 -20.72
C ALA J 120 -7.02 -31.58 -19.91
N THR J 121 -6.50 -32.78 -20.20
CA THR J 121 -6.80 -34.01 -19.40
C THR J 121 -6.53 -33.69 -17.92
N LEU J 122 -7.57 -33.80 -17.07
CA LEU J 122 -7.49 -33.49 -15.62
C LEU J 122 -7.73 -34.77 -14.81
N GLY J 123 -7.37 -34.76 -13.52
CA GLY J 123 -7.60 -35.87 -12.58
C GLY J 123 -6.62 -37.02 -12.78
N VAL J 124 -6.99 -38.22 -12.33
CA VAL J 124 -6.15 -39.46 -12.43
C VAL J 124 -6.12 -39.90 -13.91
N GLN J 125 -7.25 -39.79 -14.61
CA GLN J 125 -7.36 -40.13 -16.06
C GLN J 125 -6.11 -39.62 -16.79
N ALA J 126 -5.68 -38.39 -16.50
CA ALA J 126 -4.47 -37.76 -17.07
C ALA J 126 -3.22 -38.50 -16.54
N ARG J 127 -3.16 -38.77 -15.24
CA ARG J 127 -2.06 -39.55 -14.60
C ARG J 127 -1.93 -40.91 -15.30
N ARG J 128 -3.05 -41.64 -15.46
CA ARG J 128 -3.06 -42.97 -16.13
C ARG J 128 -2.53 -42.80 -17.56
N ASN J 129 -3.02 -41.80 -18.29
CA ASN J 129 -2.60 -41.48 -19.68
C ASN J 129 -1.07 -41.36 -19.73
N THR J 130 -0.50 -40.54 -18.84
CA THR J 130 0.96 -40.31 -18.78
C THR J 130 1.66 -41.66 -18.60
N ALA J 131 1.27 -42.45 -17.60
CA ALA J 131 1.89 -43.74 -17.27
C ALA J 131 1.86 -44.66 -18.50
N ILE J 132 0.70 -44.78 -19.16
CA ILE J 132 0.52 -45.68 -20.33
C ILE J 132 1.44 -45.20 -21.46
N ALA J 133 1.38 -43.92 -21.80
CA ALA J 133 2.15 -43.31 -22.90
C ALA J 133 3.64 -43.49 -22.66
N VAL J 134 4.11 -43.09 -21.47
CA VAL J 134 5.56 -43.16 -21.08
C VAL J 134 6.03 -44.62 -21.23
N THR J 135 5.32 -45.55 -20.59
CA THR J 135 5.69 -46.99 -20.62
C THR J 135 5.68 -47.50 -22.06
N ALA J 136 4.62 -47.18 -22.80
CA ALA J 136 4.45 -47.65 -24.20
C ALA J 136 5.62 -47.15 -25.04
N THR J 137 5.90 -45.85 -24.99
CA THR J 137 6.99 -45.22 -25.78
C THR J 137 8.32 -45.86 -25.41
N GLY J 138 8.60 -46.02 -24.11
CA GLY J 138 9.82 -46.67 -23.61
C GLY J 138 9.94 -48.08 -24.15
N ALA J 139 8.86 -48.86 -24.06
CA ALA J 139 8.79 -50.26 -24.55
C ALA J 139 9.02 -50.26 -26.08
N MET J 140 8.32 -49.39 -26.80
CA MET J 140 8.42 -49.31 -28.28
C MET J 140 9.89 -49.27 -28.69
N ILE J 141 10.65 -48.32 -28.14
CA ILE J 141 12.09 -48.14 -28.48
C ILE J 141 12.87 -49.38 -28.02
N PHE J 142 12.61 -49.87 -26.80
CA PHE J 142 13.33 -51.04 -26.25
C PHE J 142 13.13 -52.23 -27.17
N CYS J 143 11.89 -52.47 -27.60
CA CYS J 143 11.57 -53.62 -28.49
C CYS J 143 12.45 -53.52 -29.75
N GLY J 144 12.47 -52.35 -30.38
CA GLY J 144 13.28 -52.10 -31.59
C GLY J 144 14.76 -52.32 -31.33
N PHE J 145 15.26 -51.79 -30.21
CA PHE J 145 16.68 -51.91 -29.79
C PHE J 145 17.04 -53.39 -29.69
N LEU J 146 16.19 -54.17 -29.03
CA LEU J 146 16.44 -55.61 -28.80
C LEU J 146 16.61 -56.31 -30.16
N GLY J 147 15.67 -56.09 -31.08
CA GLY J 147 15.69 -56.76 -32.40
C GLY J 147 16.82 -56.27 -33.28
N ALA J 148 17.00 -54.95 -33.39
CA ALA J 148 17.96 -54.32 -34.32
C ALA J 148 19.41 -54.48 -33.84
N ILE J 149 19.68 -54.29 -32.55
CA ILE J 149 21.09 -54.20 -32.06
C ILE J 149 21.45 -55.39 -31.14
N VAL J 150 20.49 -55.94 -30.42
CA VAL J 150 20.80 -56.95 -29.36
C VAL J 150 20.69 -58.37 -29.91
N ILE J 151 19.52 -58.77 -30.43
CA ILE J 151 19.26 -60.19 -30.84
C ILE J 151 20.19 -60.58 -31.99
N ASP J 152 21.07 -61.53 -31.72
CA ASP J 152 22.01 -62.10 -32.73
C ASP J 152 22.73 -60.94 -33.44
N ASN J 153 23.04 -59.87 -32.70
CA ASN J 153 23.80 -58.72 -33.25
C ASN J 153 23.02 -58.15 -34.44
N GLY J 154 21.69 -58.24 -34.38
CA GLY J 154 20.78 -57.71 -35.42
C GLY J 154 20.88 -58.53 -36.71
N THR J 155 21.29 -59.80 -36.62
CA THR J 155 21.48 -60.66 -37.82
C THR J 155 20.26 -61.54 -38.06
N ASN J 156 19.28 -61.56 -37.17
CA ASN J 156 18.08 -62.42 -37.31
C ASN J 156 16.97 -61.62 -37.99
N THR J 157 16.56 -62.01 -39.20
CA THR J 157 15.48 -61.32 -39.95
C THR J 157 14.16 -61.45 -39.20
N GLY J 158 13.85 -62.62 -38.65
CA GLY J 158 12.59 -62.86 -37.91
C GLY J 158 12.44 -61.89 -36.76
N ALA J 159 13.45 -61.77 -35.90
CA ALA J 159 13.46 -60.84 -34.75
C ALA J 159 13.36 -59.41 -35.26
N PHE J 160 14.19 -59.05 -36.24
CA PHE J 160 14.24 -57.69 -36.84
C PHE J 160 12.81 -57.27 -37.19
N ILE J 161 11.96 -58.24 -37.56
CA ILE J 161 10.55 -57.99 -37.97
C ILE J 161 9.62 -58.21 -36.77
N LEU J 162 9.68 -59.37 -36.13
CA LEU J 162 8.79 -59.73 -34.98
C LEU J 162 8.74 -58.56 -33.99
N TRP J 163 9.89 -58.17 -33.45
CA TRP J 163 10.02 -57.09 -32.43
C TRP J 163 9.52 -55.76 -32.98
N ALA J 164 9.76 -55.49 -34.26
CA ALA J 164 9.27 -54.28 -34.96
C ALA J 164 7.75 -54.25 -34.87
N VAL J 165 7.09 -55.40 -35.11
CA VAL J 165 5.61 -55.58 -35.03
C VAL J 165 5.18 -55.29 -33.59
N ILE J 166 5.83 -55.91 -32.61
CA ILE J 166 5.54 -55.74 -31.15
C ILE J 166 5.59 -54.24 -30.86
N SER J 167 6.67 -53.58 -31.31
CA SER J 167 6.89 -52.12 -31.14
C SER J 167 5.70 -51.35 -31.74
N CYS J 168 5.33 -51.64 -32.99
CA CYS J 168 4.19 -51.01 -33.70
C CYS J 168 2.93 -51.08 -32.84
N VAL J 169 2.73 -52.20 -32.15
CA VAL J 169 1.58 -52.42 -31.22
C VAL J 169 1.61 -51.29 -30.19
N PHE J 170 2.76 -51.07 -29.55
CA PHE J 170 2.98 -50.01 -28.53
C PHE J 170 2.77 -48.63 -29.18
N TRP J 171 3.27 -48.44 -30.41
CA TRP J 171 3.14 -47.18 -31.17
C TRP J 171 1.66 -46.83 -31.31
N VAL J 172 0.82 -47.82 -31.62
CA VAL J 172 -0.66 -47.66 -31.77
C VAL J 172 -1.26 -47.26 -30.42
N ILE J 173 -0.86 -47.95 -29.35
CA ILE J 173 -1.33 -47.69 -27.95
C ILE J 173 -1.06 -46.23 -27.60
N ALA J 174 0.17 -45.78 -27.83
CA ALA J 174 0.64 -44.39 -27.55
C ALA J 174 -0.22 -43.39 -28.32
N ASN J 175 -0.26 -43.52 -29.65
CA ASN J 175 -1.01 -42.61 -30.57
C ASN J 175 -2.48 -42.50 -30.10
N VAL J 176 -3.10 -43.64 -29.77
CA VAL J 176 -4.53 -43.71 -29.35
C VAL J 176 -4.72 -42.85 -28.09
N VAL J 177 -4.00 -43.15 -27.02
CA VAL J 177 -4.09 -42.44 -25.70
C VAL J 177 -3.95 -40.93 -25.94
N LEU J 178 -2.87 -40.52 -26.62
CA LEU J 178 -2.56 -39.10 -26.91
C LEU J 178 -3.70 -38.48 -27.72
N ILE J 179 -4.08 -39.11 -28.84
CA ILE J 179 -5.17 -38.63 -29.74
C ILE J 179 -6.45 -38.44 -28.92
N ARG J 180 -6.79 -39.42 -28.07
CA ARG J 180 -7.99 -39.36 -27.18
C ARG J 180 -7.89 -38.11 -26.29
N ALA J 181 -6.75 -37.96 -25.60
CA ALA J 181 -6.44 -36.84 -24.68
C ALA J 181 -6.63 -35.50 -25.39
N VAL J 182 -6.07 -35.36 -26.61
CA VAL J 182 -6.16 -34.13 -27.45
C VAL J 182 -7.64 -33.89 -27.80
N ARG J 183 -8.32 -34.93 -28.29
CA ARG J 183 -9.74 -34.87 -28.70
C ARG J 183 -10.64 -34.49 -27.52
N GLN J 184 -10.39 -35.08 -26.35
CA GLN J 184 -11.17 -34.84 -25.10
C GLN J 184 -10.97 -33.40 -24.61
N SER J 185 -9.75 -32.87 -24.77
CA SER J 185 -9.35 -31.52 -24.29
C SER J 185 -9.79 -30.41 -25.26
N LEU J 186 -9.81 -30.71 -26.57
CA LEU J 186 -10.10 -29.74 -27.66
C LEU J 186 -11.39 -28.96 -27.37
N PRO J 187 -12.51 -29.64 -27.00
CA PRO J 187 -13.77 -28.95 -26.75
C PRO J 187 -13.73 -27.88 -25.65
N THR J 188 -12.93 -28.10 -24.59
CA THR J 188 -12.84 -27.19 -23.41
C THR J 188 -12.09 -25.90 -23.79
N LEU J 189 -11.08 -26.00 -24.65
CA LEU J 189 -10.22 -24.85 -25.07
C LEU J 189 -11.04 -23.84 -25.89
N THR J 190 -10.56 -22.60 -25.98
CA THR J 190 -11.12 -21.51 -26.83
C THR J 190 -10.86 -21.90 -28.28
N PRO J 191 -11.57 -21.31 -29.27
CA PRO J 191 -11.35 -21.66 -30.68
C PRO J 191 -9.87 -21.50 -31.08
N GLU J 192 -9.27 -20.34 -30.77
CA GLU J 192 -7.86 -20.00 -31.06
C GLU J 192 -6.94 -21.07 -30.45
N SER J 193 -7.17 -21.42 -29.18
CA SER J 193 -6.40 -22.45 -28.42
C SER J 193 -6.62 -23.84 -29.04
N HIS J 194 -7.89 -24.18 -29.30
CA HIS J 194 -8.32 -25.47 -29.91
C HIS J 194 -7.47 -25.76 -31.15
N THR J 195 -7.39 -24.80 -32.07
CA THR J 195 -6.63 -24.90 -33.34
C THR J 195 -5.17 -25.26 -33.06
N MET J 196 -4.51 -24.53 -32.15
CA MET J 196 -3.08 -24.71 -31.80
C MET J 196 -2.81 -26.15 -31.36
N LEU J 197 -3.54 -26.63 -30.33
CA LEU J 197 -3.33 -27.98 -29.75
C LEU J 197 -3.43 -29.03 -30.87
N LYS J 198 -4.54 -29.04 -31.62
CA LYS J 198 -4.76 -29.96 -32.75
C LYS J 198 -3.52 -29.93 -33.66
N SER J 199 -3.09 -28.74 -34.09
CA SER J 199 -1.89 -28.52 -34.94
C SER J 199 -0.68 -29.22 -34.31
N ALA J 200 -0.40 -28.91 -33.04
CA ALA J 200 0.73 -29.48 -32.26
C ALA J 200 0.63 -31.01 -32.23
N ALA J 201 -0.53 -31.55 -31.85
CA ALA J 201 -0.79 -33.01 -31.75
C ALA J 201 -0.47 -33.68 -33.08
N ILE J 202 -1.06 -33.17 -34.18
CA ILE J 202 -0.89 -33.72 -35.55
C ILE J 202 0.59 -33.67 -35.94
N VAL J 203 1.23 -32.50 -35.79
CA VAL J 203 2.65 -32.27 -36.17
C VAL J 203 3.56 -33.23 -35.41
N LEU J 204 3.35 -33.37 -34.09
CA LEU J 204 4.20 -34.19 -33.17
C LEU J 204 4.13 -35.67 -33.54
N LEU J 205 2.93 -36.18 -33.84
CA LEU J 205 2.65 -37.63 -34.08
C LEU J 205 2.99 -38.04 -35.51
N ALA J 206 2.68 -37.21 -36.50
CA ALA J 206 2.85 -37.48 -37.95
C ALA J 206 4.27 -37.98 -38.25
N GLY J 207 5.29 -37.18 -37.92
CA GLY J 207 6.71 -37.46 -38.20
C GLY J 207 7.13 -38.86 -37.81
N TRP J 208 6.58 -39.38 -36.71
CA TRP J 208 6.93 -40.70 -36.11
C TRP J 208 7.09 -41.78 -37.19
N VAL J 209 6.28 -41.74 -38.25
CA VAL J 209 6.24 -42.78 -39.32
C VAL J 209 7.64 -42.97 -39.92
N VAL J 210 8.39 -41.87 -40.09
CA VAL J 210 9.75 -41.86 -40.72
C VAL J 210 10.64 -42.93 -40.06
N TYR J 211 10.65 -42.97 -38.72
CA TYR J 211 11.51 -43.85 -37.90
C TYR J 211 11.29 -45.31 -38.29
N PRO J 212 10.05 -45.84 -38.21
CA PRO J 212 9.78 -47.22 -38.60
C PRO J 212 10.24 -47.52 -40.04
N ILE J 213 9.99 -46.59 -40.96
CA ILE J 213 10.33 -46.71 -42.42
C ILE J 213 11.83 -46.93 -42.55
N VAL J 214 12.64 -46.08 -41.90
CA VAL J 214 14.13 -46.11 -41.96
C VAL J 214 14.64 -47.41 -41.35
N TYR J 215 13.93 -47.92 -40.33
CA TYR J 215 14.28 -49.16 -39.58
C TYR J 215 14.35 -50.36 -40.54
N PHE J 216 13.39 -50.46 -41.46
CA PHE J 216 13.22 -51.61 -42.38
C PHE J 216 14.05 -51.46 -43.67
N LEU J 217 14.79 -50.36 -43.84
CA LEU J 217 15.59 -50.10 -45.06
C LEU J 217 16.67 -51.18 -45.22
N PRO J 218 17.40 -51.54 -44.14
CA PRO J 218 18.46 -52.55 -44.21
C PRO J 218 18.04 -53.86 -44.89
N LEU J 219 16.75 -54.21 -44.83
CA LEU J 219 16.19 -55.46 -45.42
C LEU J 219 16.42 -55.46 -46.94
N PHE J 220 16.37 -54.29 -47.57
CA PHE J 220 16.52 -54.10 -49.04
C PHE J 220 18.01 -54.13 -49.42
N GLY J 221 18.86 -54.61 -48.52
CA GLY J 221 20.32 -54.74 -48.75
C GLY J 221 21.13 -53.79 -47.86
N ALA J 222 22.45 -53.76 -48.07
CA ALA J 222 23.41 -52.91 -47.32
C ALA J 222 24.34 -52.21 -48.31
N SER J 223 24.75 -50.98 -47.99
CA SER J 223 25.63 -50.14 -48.85
C SER J 223 26.07 -48.88 -48.09
N GLY J 224 27.22 -48.33 -48.44
CA GLY J 224 27.76 -47.07 -47.86
C GLY J 224 26.75 -45.95 -48.02
N GLY J 225 26.10 -45.89 -49.18
CA GLY J 225 25.05 -44.89 -49.50
C GLY J 225 23.83 -45.06 -48.62
N LEU J 226 23.30 -46.29 -48.53
CA LEU J 226 22.13 -46.64 -47.69
C LEU J 226 22.42 -46.26 -46.24
N THR J 227 23.49 -46.80 -45.67
CA THR J 227 23.95 -46.51 -44.28
C THR J 227 23.91 -45.00 -44.06
N THR J 228 24.49 -44.23 -44.99
CA THR J 228 24.52 -42.75 -44.96
C THR J 228 23.09 -42.20 -44.88
N THR J 229 22.23 -42.64 -45.81
CA THR J 229 20.80 -42.23 -45.89
C THR J 229 20.13 -42.45 -44.53
N ILE J 230 20.24 -43.68 -43.99
CA ILE J 230 19.65 -44.10 -42.69
C ILE J 230 20.04 -43.08 -41.60
N LEU J 231 21.34 -42.88 -41.39
CA LEU J 231 21.90 -41.99 -40.34
C LEU J 231 21.39 -40.55 -40.52
N ILE J 232 21.68 -39.94 -41.68
CA ILE J 232 21.31 -38.52 -42.00
C ILE J 232 19.80 -38.32 -41.81
N THR J 233 18.99 -39.17 -42.47
CA THR J 233 17.50 -39.08 -42.43
C THR J 233 17.04 -39.01 -40.97
N LEU J 234 17.49 -39.98 -40.15
CA LEU J 234 17.14 -40.07 -38.70
C LEU J 234 17.54 -38.76 -38.01
N THR J 235 18.76 -38.29 -38.26
CA THR J 235 19.30 -37.03 -37.67
C THR J 235 18.38 -35.86 -38.02
N VAL J 236 18.12 -35.66 -39.31
CA VAL J 236 17.24 -34.55 -39.83
C VAL J 236 15.86 -34.68 -39.15
N ALA J 237 15.34 -35.91 -39.07
CA ALA J 237 14.05 -36.24 -38.44
C ALA J 237 14.07 -35.82 -36.97
N ASP J 238 15.10 -36.23 -36.21
CA ASP J 238 15.27 -35.90 -34.77
C ASP J 238 15.23 -34.38 -34.58
N VAL J 239 16.01 -33.64 -35.38
CA VAL J 239 16.13 -32.15 -35.29
C VAL J 239 14.77 -31.53 -35.64
N ILE J 240 14.19 -31.89 -36.80
CA ILE J 240 12.90 -31.32 -37.29
C ILE J 240 11.81 -31.50 -36.22
N VAL J 241 11.67 -32.72 -35.68
CA VAL J 241 10.65 -33.10 -34.66
C VAL J 241 10.98 -32.44 -33.33
N LYS J 242 12.11 -32.82 -32.75
CA LYS J 242 12.49 -32.39 -31.41
C LYS J 242 12.69 -30.88 -31.33
N LEU J 243 12.84 -30.21 -32.48
CA LEU J 243 13.07 -28.78 -32.48
C LEU J 243 11.85 -28.02 -32.99
N GLY J 244 11.58 -28.05 -34.30
CA GLY J 244 10.46 -27.33 -34.93
C GLY J 244 9.15 -27.57 -34.20
N PHE J 245 8.92 -28.83 -33.80
CA PHE J 245 7.69 -29.32 -33.12
C PHE J 245 7.67 -28.89 -31.65
N SER J 246 8.86 -28.65 -31.06
CA SER J 246 9.03 -28.20 -29.65
C SER J 246 8.27 -26.90 -29.43
N THR J 247 8.39 -25.95 -30.37
CA THR J 247 7.74 -24.61 -30.31
C THR J 247 6.22 -24.79 -30.22
N GLN J 248 5.65 -25.68 -31.01
CA GLN J 248 4.18 -25.92 -31.10
C GLN J 248 3.61 -26.10 -29.68
N THR J 249 4.11 -27.07 -28.91
CA THR J 249 3.64 -27.35 -27.52
C THR J 249 3.78 -26.10 -26.65
N HIS J 250 4.96 -25.47 -26.68
CA HIS J 250 5.30 -24.26 -25.88
C HIS J 250 4.27 -23.16 -26.16
N ARG J 251 4.02 -22.86 -27.44
CA ARG J 251 3.06 -21.82 -27.89
C ARG J 251 1.70 -22.05 -27.22
N VAL J 252 1.16 -23.28 -27.29
CA VAL J 252 -0.14 -23.66 -26.68
C VAL J 252 -0.13 -23.21 -25.22
N ALA J 253 0.90 -23.58 -24.46
CA ALA J 253 1.10 -23.25 -23.03
C ALA J 253 1.01 -21.72 -22.84
N LYS J 254 1.76 -20.97 -23.64
CA LYS J 254 1.83 -19.48 -23.58
C LYS J 254 0.43 -18.89 -23.80
N LEU J 255 -0.25 -19.29 -24.87
CA LEU J 255 -1.62 -18.79 -25.21
C LEU J 255 -2.56 -19.11 -24.05
N ARG J 256 -2.58 -20.37 -23.61
CA ARG J 256 -3.46 -20.84 -22.49
C ARG J 256 -3.14 -20.01 -21.24
N THR J 257 -1.88 -19.57 -21.08
CA THR J 257 -1.43 -18.69 -19.97
C THR J 257 -2.09 -17.30 -20.13
N ALA J 258 -1.94 -16.70 -21.32
CA ALA J 258 -2.48 -15.36 -21.67
C ALA J 258 -4.01 -15.38 -21.48
N GLU J 259 -4.66 -16.44 -21.95
CA GLU J 259 -6.13 -16.63 -21.87
C GLU J 259 -6.54 -16.60 -20.39
N ASP J 260 -5.85 -17.36 -19.54
CA ASP J 260 -6.09 -17.43 -18.08
C ASP J 260 -5.96 -16.03 -17.47
N VAL J 261 -5.03 -15.22 -18.01
CA VAL J 261 -4.79 -13.82 -17.57
C VAL J 261 -5.98 -12.96 -17.99
N ARG J 262 -6.29 -12.92 -19.29
CA ARG J 262 -7.42 -12.13 -19.85
C ARG J 262 -8.72 -12.53 -19.13
N ALA J 263 -8.97 -13.83 -19.02
CA ALA J 263 -10.19 -14.41 -18.40
C ALA J 263 -10.26 -14.02 -16.91
N GLY J 264 -9.13 -13.63 -16.32
CA GLY J 264 -9.07 -13.18 -14.91
C GLY J 264 -8.91 -14.33 -13.93
N ASP J 265 -8.61 -15.54 -14.41
CA ASP J 265 -8.43 -16.74 -13.54
C ASP J 265 -7.14 -16.61 -12.72
N ASP J 266 -6.06 -16.09 -13.31
CA ASP J 266 -4.74 -15.96 -12.61
C ASP J 266 -3.99 -14.75 -13.17
N VAL J 267 -2.88 -14.38 -12.52
CA VAL J 267 -2.06 -13.17 -12.89
C VAL J 267 -0.65 -13.61 -13.31
N HIS J 268 -0.09 -12.96 -14.32
CA HIS J 268 1.29 -13.22 -14.81
C HIS J 268 2.13 -11.96 -14.67
N PRO J 269 3.40 -12.06 -14.22
CA PRO J 269 4.25 -10.89 -13.97
C PRO J 269 4.56 -10.04 -15.20
N GLU J 270 4.76 -10.68 -16.36
CA GLU J 270 5.19 -9.97 -17.60
C GLU J 270 4.12 -10.14 -18.69
N SER J 271 4.10 -9.22 -19.64
CA SER J 271 3.19 -9.30 -20.82
C SER J 271 3.62 -10.50 -21.66
N ILE J 272 2.65 -11.28 -22.17
CA ILE J 272 2.93 -12.47 -23.00
C ILE J 272 2.65 -12.12 -24.46
N TRP J 273 3.66 -12.30 -25.31
CA TRP J 273 3.58 -11.95 -26.75
C TRP J 273 3.73 -13.21 -27.59
N ILE J 274 2.82 -13.41 -28.54
CA ILE J 274 2.92 -14.51 -29.54
C ILE J 274 2.86 -13.87 -30.93
N SER J 275 3.87 -14.14 -31.76
CA SER J 275 3.89 -13.66 -33.16
C SER J 275 3.88 -12.14 -33.20
N SER J 276 4.47 -11.48 -32.19
CA SER J 276 4.58 -9.99 -32.17
C SER J 276 3.23 -9.35 -31.87
N VAL J 277 2.28 -10.12 -31.36
CA VAL J 277 0.93 -9.62 -30.96
C VAL J 277 0.76 -9.86 -29.46
N LYS J 278 0.41 -8.80 -28.71
CA LYS J 278 0.27 -8.91 -27.23
C LYS J 278 -0.95 -9.78 -26.94
N GLN J 279 -0.78 -10.83 -26.14
CA GLN J 279 -1.89 -11.75 -25.76
C GLN J 279 -2.35 -11.41 -24.34
N SER J 280 -1.44 -10.96 -23.49
CA SER J 280 -1.76 -10.61 -22.08
C SER J 280 -0.95 -9.40 -21.64
N ASP J 281 -1.45 -8.66 -20.64
CA ASP J 281 -0.77 -7.47 -20.07
C ASP J 281 -0.16 -7.87 -18.73
N ALA J 282 0.92 -7.21 -18.33
CA ALA J 282 1.66 -7.51 -17.09
C ALA J 282 0.74 -7.29 -15.89
N GLY J 283 0.77 -8.22 -14.92
CA GLY J 283 -0.04 -8.13 -13.70
C GLY J 283 0.71 -8.66 -12.50
N LEU J 284 0.48 -8.08 -11.32
CA LEU J 284 1.12 -8.54 -10.06
C LEU J 284 0.03 -8.99 -9.10
N PRO J 285 0.27 -10.07 -8.32
CA PRO J 285 -0.71 -10.60 -7.38
C PRO J 285 -1.02 -9.57 -6.28
N ARG J 286 -2.25 -9.56 -5.78
CA ARG J 286 -2.71 -8.62 -4.72
C ARG J 286 -1.95 -8.90 -3.42
N GLU J 287 -1.41 -7.86 -2.77
CA GLU J 287 -0.72 -7.97 -1.47
C GLU J 287 -1.71 -8.52 -0.44
N VAL J 288 -1.27 -9.48 0.39
CA VAL J 288 -2.14 -10.20 1.37
C VAL J 288 -1.60 -9.98 2.79
N TYR J 289 -2.50 -9.72 3.75
CA TYR J 289 -2.22 -9.58 5.21
C TYR J 289 -2.42 -10.93 5.89
N LEU J 290 -1.57 -11.26 6.88
CA LEU J 290 -1.62 -12.53 7.64
C LEU J 290 -1.98 -12.26 9.11
C1 LFA K . -32.76 31.81 52.60
C2 LFA K . -33.80 30.74 52.75
C3 LFA K . -33.70 29.64 51.72
C4 LFA K . -32.47 28.78 51.83
C5 LFA K . -32.65 27.35 51.36
C6 LFA K . -31.55 26.84 50.46
C7 LFA K . -31.25 25.38 50.62
C8 LFA K . -30.08 24.89 49.78
C9 LFA K . -29.87 23.40 49.80
C10 LFA K . -28.82 22.91 48.82
C11 LFA K . -28.41 21.47 49.01
C1 LFA L . -30.70 30.13 55.99
C2 LFA L . -29.57 29.64 55.13
C3 LFA L . -29.43 28.13 55.08
C4 LFA L . -28.42 27.63 54.07
C5 LFA L . -28.05 26.17 54.21
C6 LFA L . -26.92 25.73 53.30
C7 LFA L . -26.87 24.24 53.03
C1 LFA M . -29.28 29.37 28.39
C2 LFA M . -30.46 29.80 29.23
C3 LFA M . -31.08 31.10 28.82
C4 LFA M . -32.56 31.23 29.13
C5 LFA M . -33.21 32.49 28.60
C6 LFA M . -34.58 32.76 29.18
C7 LFA M . -35.12 34.15 28.87
C8 LFA M . -34.54 35.24 29.73
C9 LFA M . -34.98 36.64 29.34
C10 LFA M . -34.71 37.00 27.91
C14 LFA N . -39.45 33.53 25.39
C15 LFA N . -38.04 33.05 25.64
C16 LFA N . -37.30 32.60 24.41
C17 LFA N . -36.26 31.54 24.66
C18 LFA N . -34.84 31.97 24.38
C19 LFA N . -33.81 30.88 24.49
C20 LFA N . -33.68 30.01 23.27
P PO4 O . -11.11 11.92 32.51
O1 PO4 O . -11.99 12.43 33.64
O2 PO4 O . -10.48 13.10 31.78
O3 PO4 O . -10.01 11.02 33.07
O4 PO4 O . -11.97 11.12 31.53
C1 RET P . -40.95 11.01 42.54
C2 RET P . -42.31 11.05 43.25
C3 RET P . -42.24 10.60 44.66
C4 RET P . -41.71 9.18 44.76
C5 RET P . -40.59 8.88 43.81
C6 RET P . -40.14 9.78 42.91
C7 RET P . -38.88 9.56 42.23
C8 RET P . -38.18 10.47 41.53
C9 RET P . -36.88 10.31 41.01
C10 RET P . -36.28 11.30 40.21
C11 RET P . -35.08 11.26 39.52
C12 RET P . -34.52 12.24 38.72
C13 RET P . -33.36 12.16 37.92
C14 RET P . -32.98 13.23 37.17
C15 RET P . -31.86 13.20 36.14
C16 RET P . -41.22 11.02 41.03
C17 RET P . -40.17 12.29 42.91
C18 RET P . -40.00 7.51 44.00
C19 RET P . -36.09 9.08 41.30
C20 RET P . -32.66 10.86 37.89
C1 LFA Q . -28.41 31.40 51.64
C2 LFA Q . -28.62 30.15 50.81
C3 LFA Q . -27.37 29.33 50.61
C4 LFA Q . -27.55 28.07 49.79
C5 LFA Q . -26.27 27.30 49.55
C6 LFA Q . -26.43 26.02 48.76
C7 LFA Q . -25.14 25.38 48.32
C1 LFA R . -11.71 50.65 31.69
C2 LFA R . -12.50 51.75 31.02
C3 LFA R . -13.34 52.57 31.97
C4 LFA R . -14.08 53.72 31.32
C5 LFA R . -14.91 54.54 32.27
C6 LFA R . -15.68 55.66 31.61
C7 LFA R . -16.42 56.57 32.58
C8 LFA R . -17.61 57.29 31.99
C9 LFA R . -17.41 58.78 31.81
C10 LFA R . -18.55 59.63 32.31
C11 LFA R . -18.51 59.93 33.80
C1 LFA S . -11.20 44.47 19.11
C2 LFA S . -12.12 43.59 19.92
C3 LFA S . -12.50 42.30 19.23
C4 LFA S . -11.34 41.49 18.72
C5 LFA S . -11.64 40.03 18.52
C6 LFA S . -10.56 39.26 17.78
C7 LFA S . -10.74 37.76 17.80
C8 LFA S . -10.28 37.10 19.08
C9 LFA S . -10.10 35.61 18.97
C10 LFA S . -9.48 34.98 20.20
C11 LFA S . -9.46 33.46 20.18
C12 LFA S . -9.09 32.83 21.50
C1 LFA T . -22.41 20.64 13.77
C2 LFA T . -21.26 20.38 12.82
C3 LFA T . -20.50 19.11 13.11
C4 LFA T . -19.60 18.64 11.99
C5 LFA T . -18.85 17.36 12.28
C6 LFA T . -17.69 17.10 11.34
C7 LFA T . -17.00 15.77 11.55
C8 LFA T . -15.49 15.87 11.70
P PO4 U . -1.39 30.38 16.55
O1 PO4 U . -1.82 31.64 15.80
O2 PO4 U . -0.63 30.78 17.80
O3 PO4 U . -0.49 29.55 15.64
O4 PO4 U . -2.62 29.57 16.93
C1 RET V . -15.48 38.49 43.89
C2 RET V . -16.10 39.08 45.15
C3 RET V . -15.18 39.93 45.93
C4 RET V . -13.92 39.17 46.34
C5 RET V . -13.42 38.23 45.29
C6 RET V . -14.03 38.05 44.10
C7 RET V . -13.36 37.40 43.01
C8 RET V . -13.76 37.34 41.71
C9 RET V . -13.05 36.83 40.63
C10 RET V . -13.56 36.81 39.31
C11 RET V . -13.03 36.25 38.17
C12 RET V . -13.63 36.25 36.92
C13 RET V . -13.25 35.59 35.72
C14 RET V . -14.06 35.77 34.64
C15 RET V . -14.06 35.07 33.31
C16 RET V . -16.33 37.29 43.46
C17 RET V . -15.54 39.56 42.79
C18 RET V . -12.14 37.54 45.70
C19 RET V . -11.69 36.25 40.81
C20 RET V . -12.08 34.72 35.74
C1 LFA W . -31.12 48.55 20.73
C2 LFA W . -31.34 47.29 19.92
C3 LFA W . -32.22 46.27 20.60
C4 LFA W . -31.81 44.83 20.39
C5 LFA W . -32.70 43.82 21.06
C6 LFA W . -32.27 42.38 20.88
C1 LFA X . -33.86 36.52 16.79
C2 LFA X . -34.05 37.44 17.97
C3 LFA X . -35.32 38.25 17.91
C4 LFA X . -35.51 39.21 19.08
C5 LFA X . -36.79 40.02 19.01
C6 LFA X . -36.94 41.03 20.13
P PO4 Y . -12.80 29.94 -7.21
O1 PO4 Y . -13.99 30.85 -6.91
O2 PO4 Y . -13.24 28.83 -8.16
O3 PO4 Y . -12.29 29.33 -5.91
O4 PO4 Y . -11.69 30.74 -7.85
C1 RET Z . -14.49 55.90 10.72
C2 RET Z . -14.65 57.28 11.34
C3 RET Z . -14.23 58.40 10.44
C4 RET Z . -12.77 58.24 10.05
C5 RET Z . -12.36 56.82 9.77
C6 RET Z . -13.19 55.77 9.92
C7 RET Z . -12.87 54.48 9.37
C8 RET Z . -13.72 53.42 9.19
C9 RET Z . -13.47 52.23 8.52
C10 RET Z . -14.42 51.19 8.46
C11 RET Z . -14.27 49.90 7.95
C12 RET Z . -15.19 48.87 7.94
C13 RET Z . -15.01 47.54 7.53
C14 RET Z . -16.04 46.64 7.62
C15 RET Z . -15.89 45.15 7.36
C16 RET Z . -14.51 54.86 11.85
C17 RET Z . -15.70 55.64 9.80
C18 RET Z . -10.94 56.72 9.26
C19 RET Z . -12.15 51.99 7.87
C20 RET Z . -13.67 47.16 7.06
C8 OLA AA . -47.73 30.39 16.37
C9 OLA AA . -46.30 30.68 16.72
C10 OLA AA . -45.64 31.77 16.42
C11 OLA AA . -44.22 32.06 16.80
C12 OLA AA . -43.34 32.39 15.64
C13 OLA AA . -43.13 31.23 14.68
C14 OLA AA . -42.21 31.54 13.52
C15 OLA AA . -42.08 30.43 12.51
C16 OLA AA . -41.30 29.23 13.00
C17 OLA AA . -41.01 28.20 11.93
C18 OLA AA . -40.10 27.09 12.39
C1 LFA BA . -41.36 38.31 21.69
C2 LFA BA . -40.96 36.93 21.23
C3 LFA BA . -39.50 36.61 21.45
C4 LFA BA . -39.04 35.32 20.82
C5 LFA BA . -37.54 35.08 20.89
C6 LFA BA . -37.05 33.91 20.07
C7 LFA BA . -35.55 33.70 20.11
C8 LFA BA . -35.07 32.45 19.42
C9 LFA BA . -33.60 32.19 19.58
C10 LFA BA . -33.04 31.13 18.65
C2 LFA CA . -39.55 37.61 16.25
C3 LFA CA . -39.56 36.25 16.89
C4 LFA CA . -38.85 35.18 16.09
C5 LFA CA . -39.05 33.77 16.61
C6 LFA CA . -38.41 32.70 15.76
C7 LFA CA . -38.59 31.30 16.30
C8 LFA CA . -38.34 30.21 15.29
C9 LFA CA . -38.53 28.80 15.82
C10 LFA CA . -39.95 28.47 16.22
P PO4 DA . -30.93 9.42 -5.60
O1 PO4 DA . -32.44 9.49 -5.85
O2 PO4 DA . -30.34 10.82 -5.66
O3 PO4 DA . -30.29 8.55 -6.66
O4 PO4 DA . -30.68 8.82 -4.22
C1 RET EA . -40.33 39.42 -11.23
C2 RET EA . -40.97 40.77 -11.60
C3 RET EA . -41.80 40.70 -12.84
C4 RET EA . -40.96 40.25 -14.03
C5 RET EA . -39.96 39.18 -13.70
C6 RET EA . -39.79 38.70 -12.45
C7 RET EA . -39.03 37.49 -12.24
C8 RET EA . -38.99 36.74 -11.11
C9 RET EA . -38.42 35.47 -10.97
C10 RET EA . -38.34 34.82 -9.73
C11 RET EA . -37.69 33.65 -9.39
C12 RET EA . -37.62 33.04 -8.15
C13 RET EA . -36.87 31.90 -7.76
C14 RET EA . -36.91 31.46 -6.48
C15 RET EA . -36.11 30.31 -5.94
C16 RET EA . -39.20 39.72 -10.24
C17 RET EA . -41.38 38.56 -10.52
C18 RET EA . -39.22 38.66 -14.91
C19 RET EA . -37.84 34.77 -12.15
C20 RET EA . -36.04 31.28 -8.80
C1 LFA FA . -58.75 13.24 32.20
C2 LFA FA . -59.48 12.52 31.09
C3 LFA FA . -58.71 12.48 29.80
C4 LFA FA . -57.64 11.43 29.72
C5 LFA FA . -57.44 10.82 28.35
C6 LFA FA . -56.26 9.89 28.24
C7 LFA FA . -56.07 9.30 26.86
C8 LFA FA . -54.75 8.55 26.68
C9 LFA FA . -54.64 7.81 25.37
C10 LFA FA . -53.36 7.02 25.21
C11 LFA FA . -53.26 6.26 23.91
C9 LFA GA . -36.65 27.02 24.01
C10 LFA GA . -36.76 27.82 22.74
C11 LFA GA . -38.09 28.51 22.55
C12 LFA GA . -38.22 29.25 21.24
C13 LFA GA . -39.57 29.90 21.04
C14 LFA GA . -39.71 30.63 19.73
C15 LFA GA . -41.09 31.21 19.49
C16 LFA GA . -41.58 32.11 20.60
C17 LFA GA . -42.91 32.78 20.30
C18 LFA GA . -43.41 33.69 21.39
C19 LFA GA . -44.70 34.39 21.06
C20 LFA GA . -45.20 35.33 22.15
P PO4 HA . -29.39 -1.36 18.92
O1 PO4 HA . -29.81 -0.59 20.16
O2 PO4 HA . -29.63 -0.52 17.68
O3 PO4 HA . -27.91 -1.71 19.02
O4 PO4 HA . -30.20 -2.66 18.82
C1 RET IA . -56.54 11.89 8.30
C2 RET IA . -57.95 12.39 7.98
C3 RET IA . -59.00 11.34 8.14
C4 RET IA . -58.70 10.16 7.22
C5 RET IA . -57.25 9.80 7.14
C6 RET IA . -56.27 10.50 7.77
C7 RET IA . -54.96 9.95 7.90
C8 RET IA . -53.96 10.40 8.71
C9 RET IA . -52.76 9.75 9.00
C10 RET IA . -51.74 10.34 9.79
C11 RET IA . -50.47 9.88 10.03
C12 RET IA . -49.49 10.46 10.83
C13 RET IA . -48.14 10.10 10.99
C14 RET IA . -47.31 10.83 11.80
C15 RET IA . -45.83 10.61 11.91
C16 RET IA . -55.55 12.89 7.69
C17 RET IA . -56.37 11.91 9.83
C18 RET IA . -56.99 8.57 6.32
C19 RET IA . -52.51 8.38 8.48
C20 RET IA . -47.67 8.94 10.22
C1 LFA JA . 48.63 -34.58 -10.94
C2 LFA JA . 47.15 -34.80 -11.14
C3 LFA JA . 46.72 -34.84 -12.60
C4 LFA JA . 45.40 -34.15 -12.86
C5 LFA JA . 44.92 -34.26 -14.30
C6 LFA JA . 43.56 -33.65 -14.56
C1 LFA KA . 37.39 -34.51 -15.33
C2 LFA KA . 38.88 -34.74 -15.40
C3 LFA KA . 39.30 -35.77 -16.43
C4 LFA KA . 40.80 -36.01 -16.51
C5 LFA KA . 41.19 -37.09 -17.48
C6 LFA KA . 42.68 -37.28 -17.64
P PO4 LA . 17.93 -25.76 9.56
O1 PO4 LA . 17.53 -24.58 10.43
O2 PO4 LA . 16.67 -26.45 9.02
O3 PO4 LA . 18.73 -26.76 10.38
O4 PO4 LA . 18.76 -25.27 8.38
C1 RET MA . 49.26 -28.21 8.90
C2 RET MA . 50.75 -28.55 9.02
C3 RET MA . 51.13 -29.02 10.38
C4 RET MA . 50.82 -27.95 11.43
C5 RET MA . 49.51 -27.26 11.20
C6 RET MA . 48.72 -27.50 10.14
C7 RET MA . 47.35 -27.04 10.11
C8 RET MA . 46.37 -27.44 9.25
C9 RET MA . 45.02 -27.10 9.30
C10 RET MA . 44.10 -27.53 8.32
C11 RET MA . 42.77 -27.21 8.15
C12 RET MA . 41.91 -27.60 7.14
C13 RET MA . 40.58 -27.16 6.89
C14 RET MA . 39.90 -27.65 5.82
C15 RET MA . 38.53 -27.14 5.39
C16 RET MA . 49.07 -27.33 7.66
C17 RET MA . 48.50 -29.52 8.68
C18 RET MA . 49.17 -26.29 12.31
C19 RET MA . 44.50 -26.19 10.35
C20 RET MA . 40.05 -26.13 7.79
C1 LFA NA . 53.28 -15.34 -41.08
C2 LFA NA . 52.44 -15.80 -42.26
C3 LFA NA . 50.97 -15.83 -41.98
C4 LFA NA . 50.35 -14.47 -41.72
C5 LFA NA . 48.92 -14.34 -42.21
C6 LFA NA . 47.99 -13.70 -41.20
C7 LFA NA . 46.82 -12.97 -41.82
C8 LFA NA . 45.94 -12.23 -40.82
C9 LFA NA . 44.80 -11.46 -41.43
C10 LFA NA . 43.88 -10.82 -40.42
C11 LFA NA . 42.71 -10.08 -41.03
C1 LFA OA . 52.55 -12.22 -38.04
C2 LFA OA . 51.05 -12.39 -38.18
C3 LFA OA . 50.26 -11.21 -37.67
C4 LFA OA . 48.75 -11.34 -37.81
C5 LFA OA . 47.98 -10.16 -37.26
C6 LFA OA . 46.48 -10.29 -37.39
C7 LFA OA . 45.70 -9.28 -36.57
C1 LFA PA . 53.84 -11.74 -43.05
C2 LFA PA . 52.94 -11.12 -42.00
C3 LFA PA . 51.70 -10.45 -42.55
C4 LFA PA . 50.79 -9.84 -41.51
C5 LFA PA . 49.68 -8.99 -42.06
C6 LFA PA . 48.80 -8.36 -41.01
C7 LFA PA . 47.36 -8.18 -41.43
C9 LFA QA . 32.57 -29.82 -26.59
C10 LFA QA . 32.47 -30.65 -25.33
C11 LFA QA . 32.87 -32.10 -25.51
C12 LFA QA . 32.76 -32.93 -24.26
C13 LFA QA . 33.14 -34.38 -24.46
C14 LFA QA . 33.05 -35.22 -23.21
C15 LFA QA . 33.48 -36.67 -23.41
C16 LFA QA . 34.79 -36.83 -24.12
C17 LFA QA . 35.23 -38.27 -24.30
C18 LFA QA . 36.46 -38.44 -25.16
C1 LFA RA . 37.44 -22.49 -23.58
C2 LFA RA . 38.25 -23.18 -24.64
C3 LFA RA . 38.95 -24.42 -24.17
C4 LFA RA . 39.53 -25.27 -25.28
C5 LFA RA . 40.14 -26.58 -24.81
C6 LFA RA . 40.52 -27.53 -25.92
C7 LFA RA . 41.24 -28.77 -25.46
C8 LFA RA . 42.62 -28.52 -24.87
C9 LFA RA . 43.39 -29.78 -24.54
C10 LFA RA . 42.72 -30.70 -23.56
C14 LFA SA . 39.14 -34.49 -25.50
C15 LFA SA . 38.72 -33.12 -25.04
C16 LFA SA . 37.22 -32.93 -24.91
C17 LFA SA . 36.79 -31.49 -24.71
C18 LFA SA . 37.13 -30.93 -23.36
C19 LFA SA . 36.58 -29.54 -23.10
C20 LFA SA . 35.06 -29.50 -22.98
P PO4 TA . 26.31 -0.05 -23.94
O1 PO4 TA . 25.11 0.74 -24.46
O2 PO4 TA . 25.84 -1.34 -23.29
O3 PO4 TA . 27.06 0.80 -22.91
O4 PO4 TA . 27.25 -0.38 -25.10
C1 RET UA . 30.31 -19.40 -48.45
C2 RET UA . 30.73 -20.19 -49.69
C3 RET UA . 31.19 -19.34 -50.80
C4 RET UA . 30.09 -18.37 -51.23
C5 RET UA . 29.32 -17.78 -50.08
C6 RET UA . 29.53 -18.14 -48.81
C7 RET UA . 28.99 -17.36 -47.72
C8 RET UA . 29.35 -17.41 -46.42
C9 RET UA . 28.97 -16.53 -45.40
C10 RET UA . 29.33 -16.75 -44.06
C11 RET UA . 28.93 -16.07 -42.92
C12 RET UA . 29.29 -16.36 -41.61
C13 RET UA . 28.83 -15.72 -40.42
C14 RET UA . 29.22 -16.19 -39.20
C15 RET UA . 28.64 -15.70 -37.89
C16 RET UA . 29.44 -20.33 -47.58
C17 RET UA . 31.58 -19.04 -47.67
C18 RET UA . 28.32 -16.73 -50.52
C19 RET UA . 28.12 -15.35 -45.71
C20 RET UA . 27.99 -14.53 -40.58
C1 LFA VA . 22.07 -20.85 -14.07
C2 LFA VA . 21.33 -20.40 -12.83
C3 LFA VA . 20.36 -19.26 -13.06
C4 LFA VA . 19.50 -18.89 -11.88
C5 LFA VA . 18.61 -17.69 -12.12
C6 LFA VA . 17.78 -17.28 -10.92
C7 LFA VA . 16.91 -16.06 -11.14
C8 LFA VA . 17.61 -14.73 -10.95
C1 LFA WA . 57.22 -14.25 -6.19
C2 LFA WA . 57.73 -15.57 -5.65
C3 LFA WA . 58.94 -16.10 -6.37
C4 LFA WA . 59.47 -17.41 -5.83
C5 LFA WA . 60.61 -18.01 -6.63
C6 LFA WA . 61.09 -19.35 -6.13
C7 LFA WA . 62.39 -19.80 -6.74
C8 LFA WA . 62.62 -21.30 -6.70
C9 LFA WA . 63.77 -21.73 -5.83
C10 LFA WA . 64.83 -22.54 -6.54
C11 LFA WA . 66.03 -21.74 -7.00
C1 LFA XA . 45.46 -17.48 0.00
C2 LFA XA . 44.76 -17.84 -1.29
C3 LFA XA . 43.27 -17.97 -1.15
C4 LFA XA . 42.48 -16.95 -1.93
C5 LFA XA . 40.99 -16.97 -1.67
C6 LFA XA . 40.29 -15.65 -1.90
C7 LFA XA . 38.83 -15.76 -2.27
C8 LFA XA . 38.44 -14.98 -3.50
C9 LFA XA . 37.25 -14.07 -3.30
C10 LFA XA . 37.46 -12.66 -3.82
C11 LFA XA . 36.27 -12.08 -4.54
C12 LFA XA . 36.61 -11.32 -5.80
P PO4 YA . 32.36 -5.67 1.06
O1 PO4 YA . 31.21 -5.21 1.94
O2 PO4 YA . 33.08 -6.84 1.75
O3 PO4 YA . 33.35 -4.52 0.86
O4 PO4 YA . 31.83 -6.13 -0.29
C1 RET ZA . 54.10 -7.57 -22.04
C2 RET ZA . 55.30 -7.70 -22.98
C3 RET ZA . 56.47 -6.88 -22.55
C4 RET ZA . 56.10 -5.40 -22.48
C5 RET ZA . 54.73 -5.15 -21.92
C6 RET ZA . 53.89 -6.14 -21.56
C7 RET ZA . 52.75 -5.87 -20.73
C8 RET ZA . 51.95 -6.78 -20.11
C9 RET ZA . 50.93 -6.54 -19.20
C10 RET ZA . 50.16 -7.58 -18.64
C11 RET ZA . 49.04 -7.49 -17.84
C12 RET ZA . 48.28 -8.51 -17.32
C13 RET ZA . 47.05 -8.46 -16.60
C14 RET ZA . 46.43 -9.60 -16.19
C15 RET ZA . 45.08 -9.63 -15.54
C16 RET ZA . 52.85 -8.04 -22.81
C17 RET ZA . 54.33 -8.50 -20.85
C18 RET ZA . 54.43 -3.68 -21.76
C19 RET ZA . 50.57 -5.15 -18.81
C20 RET ZA . 46.48 -7.12 -16.39
C7 OLA AB . 31.96 -44.20 -26.84
C8 OLA AB . 31.33 -43.98 -25.50
C9 OLA AB . 31.70 -42.67 -24.88
C10 OLA AB . 32.35 -42.51 -23.75
C11 OLA AB . 32.71 -41.20 -23.12
C12 OLA AB . 32.27 -41.09 -21.69
C13 OLA AB . 30.76 -41.12 -21.50
C14 OLA AB . 30.31 -40.94 -20.07
C15 OLA AB . 28.81 -41.04 -19.86
C16 OLA AB . 28.05 -39.80 -20.24
C17 OLA AB . 26.59 -39.83 -19.85
C18 OLA AB . 25.84 -38.56 -20.17
C1 LFA BB . 40.42 -38.61 -21.95
C2 LFA BB . 39.02 -38.04 -22.07
C3 LFA BB . 38.89 -36.64 -21.52
C4 LFA BB . 37.47 -36.13 -21.48
C5 LFA BB . 37.31 -34.79 -20.79
C6 LFA BB . 35.88 -34.35 -20.60
C7 LFA BB . 35.72 -33.05 -19.83
C8 LFA BB . 34.29 -32.64 -19.58
C9 LFA BB . 34.14 -31.34 -18.83
C10 LFA BB . 32.74 -31.07 -18.34
P PO4 CB . 1.92 -33.27 -10.87
O1 PO4 CB . 0.66 -32.43 -10.83
O2 PO4 CB . 1.59 -34.70 -10.48
O3 PO4 CB . 2.94 -32.70 -9.89
O4 PO4 CB . 2.50 -33.25 -12.27
C1 RET DB . 22.68 -53.57 1.18
C2 RET DB . 23.57 -54.72 1.65
C3 RET DB . 22.81 -55.96 1.98
C4 RET DB . 21.77 -55.70 3.05
C5 RET DB . 21.08 -54.36 2.94
C6 RET DB . 21.40 -53.46 1.98
C7 RET DB . 20.54 -52.33 1.75
C8 RET DB . 20.56 -51.50 0.65
C9 RET DB . 19.60 -50.55 0.32
C10 RET DB . 19.78 -49.69 -0.77
C11 RET DB . 19.02 -48.61 -1.17
C12 RET DB . 19.28 -47.78 -2.26
C13 RET DB . 18.55 -46.62 -2.68
C14 RET DB . 19.01 -45.85 -3.70
C15 RET DB . 18.40 -44.52 -4.08
C16 RET DB . 23.50 -52.28 1.31
C17 RET DB . 22.35 -53.79 -0.30
C18 RET DB . 20.00 -54.16 3.96
C19 RET DB . 18.35 -50.38 1.12
C20 RET DB . 17.27 -46.36 -2.00
C1 LFA EB . 25.49 -39.77 -50.48
C2 LFA EB . 24.46 -40.85 -50.61
C3 LFA EB . 23.45 -40.88 -49.47
C4 LFA EB . 22.69 -39.58 -49.27
C5 LFA EB . 21.56 -39.67 -48.27
C6 LFA EB . 20.72 -38.42 -48.18
C7 LFA EB . 19.53 -38.55 -47.25
C8 LFA EB . 18.80 -37.26 -46.98
C9 LFA EB . 17.60 -37.40 -46.08
C10 LFA EB . 16.73 -36.17 -46.00
C11 LFA EB . 15.35 -36.42 -45.42
C2 LFA FB . 36.56 -40.41 -19.52
C3 LFA FB . 36.62 -39.28 -18.53
C4 LFA FB . 35.28 -38.73 -18.11
C5 LFA FB . 34.42 -38.27 -19.26
C6 LFA FB . 33.07 -37.72 -18.84
C7 LFA FB . 32.24 -37.19 -19.99
C8 LFA FB . 30.87 -36.68 -19.58
C9 LFA FB . 30.08 -36.06 -20.71
C10 LFA FB . 29.78 -37.01 -21.85
C11 LFA FB . 28.82 -36.47 -22.89
P PO4 GB . 6.78 -16.27 -30.73
O1 PO4 GB . 6.21 -16.05 -29.32
O2 PO4 GB . 7.54 -17.59 -30.77
O3 PO4 GB . 7.74 -15.12 -31.07
O4 PO4 GB . 5.64 -16.29 -31.74
C1 RET HB . 10.99 -48.21 -33.97
C2 RET HB . 11.18 -49.67 -34.38
C3 RET HB . 10.39 -50.05 -35.58
C4 RET HB . 8.90 -49.87 -35.30
C5 RET HB . 8.59 -48.60 -34.56
C6 RET HB . 9.54 -47.76 -34.11
C7 RET HB . 9.19 -46.43 -33.69
C8 RET HB . 10.06 -45.41 -33.41
C9 RET HB . 9.71 -44.07 -33.18
C10 RET HB . 10.69 -43.11 -32.86
C11 RET HB . 10.50 -41.79 -32.49
C12 RET HB . 11.47 -40.85 -32.18
C13 RET HB . 11.30 -39.54 -31.66
C14 RET HB . 12.39 -38.76 -31.39
C15 RET HB . 12.32 -37.42 -30.71
C16 RET HB . 11.47 -48.04 -32.52
C17 RET HB . 11.89 -47.35 -34.89
C18 RET HB . 7.11 -48.34 -34.44
C19 RET HB . 8.29 -43.62 -33.25
C20 RET HB . 9.93 -39.11 -31.37
#